data_3Q6F
#
_entry.id   3Q6F
#
_cell.length_a   178.504
_cell.length_b   178.504
_cell.length_c   218.900
_cell.angle_alpha   90.00
_cell.angle_beta   90.00
_cell.angle_gamma   120.00
#
_symmetry.space_group_name_H-M   'P 32 2 1'
#
loop_
_entity.id
_entity.type
_entity.pdbx_description
1 polymer 'Light chain of Fab of human mAb 2909'
2 polymer 'Heavy chain of Fab of human mAb 2909'
3 non-polymer DI(HYDROXYETHYL)ETHER
#
loop_
_entity_poly.entity_id
_entity_poly.type
_entity_poly.pdbx_seq_one_letter_code
_entity_poly.pdbx_strand_id
1 'polypeptide(L)'
;SYVLTQPPSVSVAPGKTARITCGGNNIANKNVHWYQQKPGQAPVLVIYYDDDRPSGIPDRFSGSNSGNTATLTISRVEAG
DEADYYCQVWDSNSDHVVFGGGTQLTVLGQPKAAPSVTLFPPSSEELQANKATLVCLISDFYPGAVTVAWKADGSPVKAG
VETTKPSKQSNNKYAASSYLSLTPEQWKSHRSYSCQVTHEGSTVEKTVAPTEC
;
A,C,E,G,I,K
2 'polypeptide(L)'
;EVQLVESGGNVVQPGGSLRLSCTASGFSFDDSTMHWVRQAPGKGLQWVSLISWNGGRTYYADSVKGRFTISRDNSKNSLY
LQMNSLKTEDTAFYFCAKDKGDSD(TYS)D(TYS)NLGYSYFYYMDGWGKGTTVTVSSASTKGPSVFPLAPSSKSTSGGT
AALGCLVKDYFPEPVTVSWNSGALTSGVHTFPAVLQSSGLYSLSSVVTVPSSSLGTQTYICNVNHKPSNTKVDKKVEPKS
C
;
B,D,F,H,J,L
#
loop_
_chem_comp.id
_chem_comp.type
_chem_comp.name
_chem_comp.formula
PEG non-polymer DI(HYDROXYETHYL)ETHER 'C4 H10 O3'
#
# COMPACT_ATOMS: atom_id res chain seq x y z
N TYR A 2 -19.98 -17.90 -48.41
CA TYR A 2 -19.76 -16.61 -47.79
C TYR A 2 -19.71 -16.85 -46.28
N VAL A 3 -19.02 -15.99 -45.52
CA VAL A 3 -18.87 -16.27 -44.08
C VAL A 3 -19.18 -15.09 -43.13
N LEU A 4 -19.98 -15.40 -42.11
CA LEU A 4 -20.33 -14.46 -41.05
C LEU A 4 -19.69 -14.93 -39.76
N THR A 5 -18.98 -14.01 -39.10
CA THR A 5 -18.27 -14.32 -37.86
C THR A 5 -18.68 -13.43 -36.69
N GLN A 6 -19.07 -14.07 -35.61
CA GLN A 6 -19.46 -13.36 -34.38
C GLN A 6 -18.58 -13.82 -33.22
N PRO A 7 -18.27 -12.89 -32.31
CA PRO A 7 -17.64 -13.19 -31.03
C PRO A 7 -18.46 -14.22 -30.28
N PRO A 8 -17.81 -15.27 -29.77
CA PRO A 8 -18.54 -16.35 -29.10
C PRO A 8 -19.24 -15.87 -27.85
N SER A 9 -18.56 -15.06 -27.04
CA SER A 9 -19.17 -14.56 -25.83
C SER A 9 -19.19 -13.04 -25.80
N VAL A 10 -20.09 -12.51 -24.97
CA VAL A 10 -20.14 -11.09 -24.65
C VAL A 10 -20.97 -10.85 -23.36
N SER A 11 -20.37 -10.13 -22.42
CA SER A 11 -20.98 -9.90 -21.12
C SER A 11 -21.18 -8.43 -20.86
N VAL A 12 -22.19 -8.13 -20.05
CA VAL A 12 -22.45 -6.76 -19.62
C VAL A 12 -23.16 -6.75 -18.27
N ALA A 13 -23.01 -5.64 -17.55
CA ALA A 13 -23.67 -5.47 -16.27
C ALA A 13 -25.04 -4.85 -16.53
N PRO A 14 -26.05 -5.24 -15.73
CA PRO A 14 -27.45 -4.81 -15.93
C PRO A 14 -27.55 -3.30 -16.10
N GLY A 15 -28.49 -2.84 -16.91
CA GLY A 15 -28.66 -1.42 -17.13
C GLY A 15 -27.66 -0.81 -18.08
N LYS A 16 -26.51 -1.46 -18.25
CA LYS A 16 -25.51 -0.96 -19.21
C LYS A 16 -25.96 -1.23 -20.65
N THR A 17 -25.06 -1.00 -21.58
CA THR A 17 -25.35 -1.20 -22.99
C THR A 17 -24.44 -2.26 -23.64
N ALA A 18 -25.04 -3.18 -24.39
CA ALA A 18 -24.32 -4.31 -25.00
C ALA A 18 -24.17 -4.19 -26.51
N ARG A 19 -23.04 -4.63 -27.03
CA ARG A 19 -22.80 -4.60 -28.46
C ARG A 19 -22.36 -5.96 -29.00
N ILE A 20 -23.04 -6.40 -30.07
CA ILE A 20 -22.70 -7.65 -30.72
C ILE A 20 -22.35 -7.40 -32.17
N THR A 21 -21.18 -7.86 -32.57
CA THR A 21 -20.66 -7.54 -33.88
C THR A 21 -20.92 -8.71 -34.82
N CYS A 22 -20.99 -8.41 -36.11
CA CYS A 22 -21.14 -9.45 -37.12
C CYS A 22 -20.17 -9.17 -38.27
N GLY A 23 -19.11 -9.96 -38.33
CA GLY A 23 -18.09 -9.76 -39.34
C GLY A 23 -18.33 -10.50 -40.65
N GLY A 24 -18.54 -9.72 -41.71
CA GLY A 24 -18.60 -10.26 -43.06
C GLY A 24 -18.01 -9.26 -44.01
N ASN A 25 -17.31 -9.73 -45.03
CA ASN A 25 -16.63 -8.80 -45.92
C ASN A 25 -17.59 -8.15 -46.91
N ASN A 26 -17.55 -6.83 -46.99
CA ASN A 26 -18.47 -6.10 -47.83
C ASN A 26 -19.90 -6.48 -47.48
N ILE A 27 -20.13 -6.59 -46.18
CA ILE A 27 -21.41 -6.97 -45.63
C ILE A 27 -22.40 -5.81 -45.69
N ALA A 28 -21.90 -4.60 -45.89
CA ALA A 28 -22.78 -3.44 -45.97
C ALA A 28 -23.60 -3.53 -47.23
N ASN A 29 -23.14 -4.33 -48.19
CA ASN A 29 -23.88 -4.53 -49.42
C ASN A 29 -25.11 -5.42 -49.27
N LYS A 30 -25.17 -6.16 -48.17
CA LYS A 30 -26.23 -7.13 -47.95
C LYS A 30 -27.15 -6.68 -46.81
N ASN A 31 -28.37 -7.18 -46.81
CA ASN A 31 -29.29 -6.92 -45.71
C ASN A 31 -29.06 -7.86 -44.55
N VAL A 32 -28.81 -7.31 -43.37
CA VAL A 32 -28.53 -8.16 -42.21
C VAL A 32 -29.71 -8.26 -41.26
N HIS A 33 -30.02 -9.46 -40.80
CA HIS A 33 -31.12 -9.65 -39.87
C HIS A 33 -30.59 -10.31 -38.58
N TRP A 34 -31.30 -10.12 -37.47
CA TRP A 34 -30.82 -10.63 -36.20
C TRP A 34 -31.87 -11.44 -35.45
N TYR A 35 -31.49 -12.62 -34.98
CA TYR A 35 -32.43 -13.43 -34.20
C TYR A 35 -31.94 -13.66 -32.77
N GLN A 36 -32.89 -13.75 -31.86
CA GLN A 36 -32.58 -14.05 -30.47
C GLN A 36 -33.15 -15.40 -30.09
N GLN A 37 -32.32 -16.23 -29.48
CA GLN A 37 -32.75 -17.58 -29.11
C GLN A 37 -32.42 -17.89 -27.65
N LYS A 38 -33.46 -18.04 -26.83
CA LYS A 38 -33.27 -18.44 -25.45
C LYS A 38 -33.28 -19.95 -25.34
N PRO A 39 -32.35 -20.51 -24.56
CA PRO A 39 -32.15 -21.96 -24.42
C PRO A 39 -33.45 -22.78 -24.43
N GLY A 40 -33.48 -23.79 -25.29
CA GLY A 40 -34.66 -24.63 -25.51
C GLY A 40 -35.87 -23.84 -26.02
N GLN A 41 -35.73 -23.20 -27.17
CA GLN A 41 -36.80 -22.35 -27.67
C GLN A 41 -36.64 -21.83 -29.10
N ALA A 42 -37.76 -21.32 -29.62
CA ALA A 42 -37.83 -20.79 -30.96
C ALA A 42 -37.05 -19.50 -31.07
N PRO A 43 -36.15 -19.42 -32.07
CA PRO A 43 -35.45 -18.17 -32.41
C PRO A 43 -36.48 -17.06 -32.61
N VAL A 44 -36.06 -15.80 -32.55
CA VAL A 44 -37.04 -14.71 -32.65
C VAL A 44 -36.47 -13.48 -33.35
N LEU A 45 -37.17 -13.02 -34.38
CA LEU A 45 -36.65 -11.90 -35.13
C LEU A 45 -36.62 -10.68 -34.23
N VAL A 46 -35.51 -9.94 -34.24
CA VAL A 46 -35.42 -8.68 -33.49
C VAL A 46 -35.03 -7.48 -34.34
N ILE A 47 -34.21 -7.69 -35.33
CA ILE A 47 -33.86 -6.61 -36.23
C ILE A 47 -33.80 -7.18 -37.64
N TYR A 48 -34.53 -6.55 -38.56
CA TYR A 48 -34.45 -6.94 -39.96
C TYR A 48 -34.07 -5.76 -40.82
N TYR A 49 -33.68 -6.03 -42.05
CA TYR A 49 -33.21 -5.00 -42.96
C TYR A 49 -32.26 -4.00 -42.28
N ASP A 50 -31.30 -4.54 -41.53
CA ASP A 50 -30.22 -3.76 -40.94
C ASP A 50 -30.60 -3.02 -39.65
N ASP A 51 -31.38 -1.95 -39.78
CA ASP A 51 -31.74 -1.11 -38.62
C ASP A 51 -33.21 -1.12 -38.23
N ASP A 52 -34.05 -1.72 -39.09
CA ASP A 52 -35.49 -1.84 -38.82
C ASP A 52 -35.77 -2.78 -37.66
N ARG A 53 -36.93 -2.62 -37.04
CA ARG A 53 -37.28 -3.42 -35.88
C ARG A 53 -38.75 -3.78 -35.92
N PRO A 54 -39.09 -5.06 -35.70
CA PRO A 54 -40.51 -5.46 -35.71
C PRO A 54 -41.27 -4.97 -34.48
N SER A 55 -42.51 -4.54 -34.69
CA SER A 55 -43.35 -4.08 -33.60
C SER A 55 -43.69 -5.26 -32.70
N GLY A 56 -43.48 -5.09 -31.41
CA GLY A 56 -43.67 -6.18 -30.46
C GLY A 56 -42.39 -6.45 -29.69
N ILE A 57 -41.32 -5.76 -30.07
CA ILE A 57 -40.05 -5.85 -29.35
C ILE A 57 -39.50 -4.46 -29.02
N PRO A 58 -38.96 -4.30 -27.81
CA PRO A 58 -38.52 -3.04 -27.19
C PRO A 58 -37.65 -2.13 -28.06
N ASP A 59 -37.79 -0.82 -27.85
CA ASP A 59 -37.03 0.19 -28.59
C ASP A 59 -35.55 0.17 -28.25
N ARG A 60 -35.18 -0.74 -27.34
CA ARG A 60 -33.80 -0.84 -26.86
C ARG A 60 -32.90 -1.51 -27.90
N PHE A 61 -33.48 -2.38 -28.71
CA PHE A 61 -32.75 -3.05 -29.78
C PHE A 61 -32.62 -2.14 -31.00
N SER A 62 -31.40 -2.02 -31.53
CA SER A 62 -31.15 -1.12 -32.65
C SER A 62 -30.03 -1.65 -33.55
N GLY A 63 -30.08 -1.31 -34.83
CA GLY A 63 -29.14 -1.93 -35.75
C GLY A 63 -28.21 -1.01 -36.52
N SER A 64 -27.01 -1.49 -36.78
CA SER A 64 -26.05 -0.76 -37.61
C SER A 64 -25.52 -1.67 -38.72
N ASN A 65 -24.97 -1.08 -39.77
CA ASN A 65 -24.29 -1.87 -40.77
C ASN A 65 -23.38 -1.02 -41.63
N SER A 66 -22.09 -1.08 -41.36
CA SER A 66 -21.11 -0.23 -42.03
C SER A 66 -19.91 -0.97 -42.57
N GLY A 67 -19.71 -0.87 -43.89
CA GLY A 67 -18.54 -1.41 -44.55
C GLY A 67 -18.27 -2.89 -44.35
N ASN A 68 -17.64 -3.24 -43.23
CA ASN A 68 -17.24 -4.62 -42.99
C ASN A 68 -17.80 -5.22 -41.72
N THR A 69 -18.69 -4.48 -41.06
CA THR A 69 -19.18 -4.95 -39.77
C THR A 69 -20.60 -4.42 -39.42
N ALA A 70 -21.50 -5.35 -39.18
CA ALA A 70 -22.86 -5.04 -38.76
C ALA A 70 -22.98 -5.19 -37.24
N THR A 71 -23.90 -4.43 -36.63
CA THR A 71 -23.97 -4.44 -35.18
C THR A 71 -25.36 -4.37 -34.58
N LEU A 72 -25.67 -5.37 -33.76
CA LEU A 72 -26.86 -5.37 -32.93
C LEU A 72 -26.52 -4.70 -31.60
N THR A 73 -27.25 -3.64 -31.24
CA THR A 73 -26.94 -2.88 -30.03
C THR A 73 -28.13 -2.88 -29.06
N ILE A 74 -28.01 -3.62 -27.97
CA ILE A 74 -29.06 -3.61 -26.96
C ILE A 74 -28.69 -2.66 -25.83
N SER A 75 -29.57 -1.70 -25.54
CA SER A 75 -29.32 -0.73 -24.46
C SER A 75 -30.19 -1.02 -23.25
N ARG A 76 -29.77 -0.48 -22.10
CA ARG A 76 -30.45 -0.72 -20.83
C ARG A 76 -30.78 -2.20 -20.66
N VAL A 77 -29.74 -3.01 -20.84
CA VAL A 77 -29.85 -4.46 -20.79
C VAL A 77 -30.57 -4.96 -19.53
N GLU A 78 -31.46 -5.91 -19.69
CA GLU A 78 -32.13 -6.50 -18.55
C GLU A 78 -31.68 -7.94 -18.37
N ALA A 79 -32.15 -8.58 -17.30
CA ALA A 79 -31.80 -9.96 -17.03
C ALA A 79 -32.46 -10.87 -18.06
N GLY A 80 -33.59 -10.42 -18.58
CA GLY A 80 -34.33 -11.19 -19.57
C GLY A 80 -33.72 -11.19 -20.96
N ASP A 81 -32.71 -10.33 -21.19
CA ASP A 81 -32.07 -10.24 -22.50
C ASP A 81 -30.95 -11.26 -22.67
N GLU A 82 -30.75 -12.07 -21.63
CA GLU A 82 -29.76 -13.14 -21.67
C GLU A 82 -30.23 -14.19 -22.66
N ALA A 83 -29.48 -14.36 -23.74
CA ALA A 83 -29.74 -15.41 -24.73
C ALA A 83 -28.62 -15.49 -25.76
N ASP A 84 -28.87 -16.23 -26.83
CA ASP A 84 -27.90 -16.34 -27.92
C ASP A 84 -28.41 -15.48 -29.07
N TYR A 85 -27.52 -14.78 -29.76
CA TYR A 85 -27.92 -13.88 -30.83
C TYR A 85 -27.22 -14.21 -32.12
N TYR A 86 -27.98 -14.44 -33.18
CA TYR A 86 -27.40 -14.77 -34.47
C TYR A 86 -27.71 -13.68 -35.48
N CYS A 87 -26.72 -13.35 -36.30
CA CYS A 87 -26.97 -12.52 -37.46
C CYS A 87 -27.11 -13.39 -38.70
N GLN A 88 -27.79 -12.88 -39.73
CA GLN A 88 -28.11 -13.69 -40.91
C GLN A 88 -28.15 -12.86 -42.18
N VAL A 89 -27.65 -13.42 -43.27
CA VAL A 89 -27.80 -12.78 -44.57
C VAL A 89 -28.18 -13.77 -45.66
N TRP A 90 -28.34 -13.24 -46.87
CA TRP A 90 -28.63 -14.07 -48.03
C TRP A 90 -27.55 -13.90 -49.08
N ASP A 91 -26.84 -14.97 -49.40
CA ASP A 91 -25.81 -14.83 -50.41
C ASP A 91 -26.40 -15.14 -51.77
N SER A 92 -26.65 -14.09 -52.53
CA SER A 92 -27.18 -14.20 -53.88
C SER A 92 -26.21 -14.93 -54.78
N ASN A 93 -24.94 -14.95 -54.37
CA ASN A 93 -23.87 -15.57 -55.15
C ASN A 93 -23.85 -17.07 -55.07
N SER A 94 -24.01 -17.59 -53.87
CA SER A 94 -23.93 -19.02 -53.64
C SER A 94 -25.30 -19.65 -53.41
N ASP A 95 -26.34 -18.82 -53.44
CA ASP A 95 -27.70 -19.26 -53.13
C ASP A 95 -27.72 -19.97 -51.78
N HIS A 96 -27.33 -19.22 -50.75
CA HIS A 96 -27.29 -19.74 -49.41
C HIS A 96 -27.79 -18.71 -48.43
N VAL A 97 -28.64 -19.14 -47.50
CA VAL A 97 -28.89 -18.36 -46.30
C VAL A 97 -27.69 -18.63 -45.41
N VAL A 98 -27.17 -17.60 -44.78
CA VAL A 98 -26.01 -17.79 -43.91
C VAL A 98 -26.23 -17.22 -42.52
N PHE A 99 -26.03 -18.04 -41.50
CA PHE A 99 -26.08 -17.58 -40.12
C PHE A 99 -24.64 -17.43 -39.60
N GLY A 100 -24.44 -16.56 -38.62
CA GLY A 100 -23.14 -16.44 -37.99
C GLY A 100 -23.03 -17.45 -36.88
N GLY A 101 -21.91 -17.42 -36.16
CA GLY A 101 -21.64 -18.40 -35.14
C GLY A 101 -22.60 -18.33 -33.98
N GLY A 102 -23.11 -17.14 -33.74
CA GLY A 102 -23.91 -16.91 -32.56
C GLY A 102 -23.06 -16.35 -31.44
N THR A 103 -23.68 -15.49 -30.64
CA THR A 103 -23.04 -14.85 -29.50
C THR A 103 -23.91 -15.06 -28.26
N GLN A 104 -23.32 -15.66 -27.24
CA GLN A 104 -24.03 -15.86 -26.00
C GLN A 104 -23.83 -14.64 -25.13
N LEU A 105 -24.91 -13.90 -24.94
CA LEU A 105 -24.90 -12.67 -24.15
C LEU A 105 -25.18 -12.96 -22.68
N THR A 106 -24.19 -12.73 -21.83
CA THR A 106 -24.32 -12.97 -20.40
C THR A 106 -24.58 -11.67 -19.68
N VAL A 107 -25.58 -11.67 -18.82
CA VAL A 107 -25.89 -10.51 -18.01
C VAL A 107 -25.51 -10.81 -16.58
N LEU A 108 -24.49 -10.08 -16.09
CA LEU A 108 -23.83 -10.38 -14.83
C LEU A 108 -24.75 -10.01 -13.71
N GLY A 109 -25.80 -10.81 -13.64
CA GLY A 109 -26.90 -10.49 -12.79
C GLY A 109 -26.79 -11.21 -11.47
N GLN A 110 -25.58 -11.66 -11.12
CA GLN A 110 -25.36 -12.18 -9.76
C GLN A 110 -23.90 -12.22 -9.34
N PRO A 111 -23.67 -12.36 -8.03
CA PRO A 111 -22.31 -12.36 -7.50
C PRO A 111 -21.46 -13.50 -8.07
N LYS A 112 -20.20 -13.24 -8.37
CA LYS A 112 -19.27 -14.31 -8.69
C LYS A 112 -19.28 -15.37 -7.57
N ALA A 113 -18.82 -16.57 -7.91
CA ALA A 113 -18.86 -17.71 -7.01
C ALA A 113 -17.82 -18.73 -7.42
N ALA A 114 -17.02 -19.18 -6.47
CA ALA A 114 -15.98 -20.15 -6.78
C ALA A 114 -16.58 -21.53 -6.79
N PRO A 115 -16.06 -22.38 -7.69
CA PRO A 115 -16.53 -23.73 -7.96
C PRO A 115 -16.19 -24.63 -6.82
N SER A 116 -17.11 -25.50 -6.41
CA SER A 116 -16.79 -26.53 -5.42
C SER A 116 -16.66 -27.90 -6.08
N VAL A 117 -15.53 -28.55 -5.85
CA VAL A 117 -15.12 -29.71 -6.62
C VAL A 117 -15.11 -30.98 -5.79
N THR A 118 -15.71 -32.04 -6.34
CA THR A 118 -15.78 -33.32 -5.67
C THR A 118 -15.33 -34.40 -6.62
N LEU A 119 -14.40 -35.25 -6.19
CA LEU A 119 -13.83 -36.22 -7.10
C LEU A 119 -13.99 -37.65 -6.58
N PHE A 120 -14.76 -38.45 -7.31
CA PHE A 120 -15.00 -39.84 -6.93
C PHE A 120 -14.07 -40.78 -7.69
N PRO A 121 -13.54 -41.77 -6.97
CA PRO A 121 -12.74 -42.86 -7.55
C PRO A 121 -13.69 -43.95 -8.04
N PRO A 122 -13.17 -44.90 -8.83
CA PRO A 122 -13.98 -45.99 -9.39
C PRO A 122 -14.61 -46.81 -8.29
N SER A 123 -15.91 -47.11 -8.33
CA SER A 123 -16.54 -47.90 -7.26
C SER A 123 -16.07 -49.35 -7.36
N SER A 124 -16.10 -50.06 -6.24
CA SER A 124 -15.68 -51.46 -6.21
C SER A 124 -16.47 -52.21 -7.28
N GLU A 125 -17.74 -51.82 -7.39
CA GLU A 125 -18.70 -52.44 -8.28
C GLU A 125 -18.30 -52.30 -9.75
N GLU A 126 -18.00 -51.08 -10.17
CA GLU A 126 -17.59 -50.84 -11.55
C GLU A 126 -16.31 -51.59 -11.86
N LEU A 127 -15.41 -51.59 -10.88
CA LEU A 127 -14.12 -52.26 -11.04
C LEU A 127 -14.31 -53.75 -11.27
N GLN A 128 -15.28 -54.32 -10.54
CA GLN A 128 -15.61 -55.73 -10.62
C GLN A 128 -16.12 -56.07 -12.00
N ALA A 129 -16.54 -55.04 -12.73
CA ALA A 129 -17.04 -55.20 -14.10
C ALA A 129 -15.92 -54.88 -15.10
N ASN A 130 -14.69 -54.78 -14.60
CA ASN A 130 -13.52 -54.54 -15.43
C ASN A 130 -13.51 -53.23 -16.21
N LYS A 131 -13.98 -52.15 -15.59
CA LYS A 131 -13.87 -50.81 -16.15
C LYS A 131 -13.58 -49.91 -14.99
N ALA A 132 -12.94 -48.79 -15.25
CA ALA A 132 -12.62 -47.84 -14.18
C ALA A 132 -12.94 -46.43 -14.64
N THR A 133 -13.72 -45.72 -13.84
CA THR A 133 -14.10 -44.35 -14.19
C THR A 133 -13.95 -43.38 -13.02
N LEU A 134 -13.15 -42.33 -13.23
CA LEU A 134 -13.04 -41.21 -12.28
C LEU A 134 -14.08 -40.15 -12.62
N VAL A 135 -14.82 -39.70 -11.62
CA VAL A 135 -15.86 -38.69 -11.87
C VAL A 135 -15.62 -37.39 -11.14
N CYS A 136 -15.40 -36.32 -11.89
CA CYS A 136 -15.13 -35.02 -11.30
C CYS A 136 -16.35 -34.12 -11.39
N LEU A 137 -16.93 -33.81 -10.24
CA LEU A 137 -18.15 -33.02 -10.22
C LEU A 137 -17.92 -31.60 -9.69
N ILE A 138 -18.16 -30.63 -10.56
CA ILE A 138 -17.90 -29.23 -10.28
C ILE A 138 -19.22 -28.49 -10.20
N SER A 139 -19.48 -27.77 -9.10
CA SER A 139 -20.77 -27.10 -8.96
C SER A 139 -20.75 -25.70 -8.30
N ASP A 140 -21.88 -25.02 -8.35
CA ASP A 140 -22.10 -23.76 -7.65
C ASP A 140 -21.10 -22.68 -8.01
N PHE A 141 -20.80 -22.53 -9.28
CA PHE A 141 -19.88 -21.48 -9.69
C PHE A 141 -20.54 -20.45 -10.60
N TYR A 142 -19.88 -19.31 -10.78
CA TYR A 142 -20.39 -18.23 -11.63
C TYR A 142 -19.25 -17.28 -11.91
N PRO A 143 -19.11 -16.83 -13.17
CA PRO A 143 -19.99 -17.18 -14.29
C PRO A 143 -19.75 -18.60 -14.74
N GLY A 144 -20.49 -19.05 -15.76
CA GLY A 144 -20.45 -20.43 -16.21
C GLY A 144 -19.40 -20.72 -17.27
N ALA A 145 -18.14 -20.72 -16.87
CA ALA A 145 -17.04 -21.08 -17.76
C ALA A 145 -15.84 -21.60 -16.97
N VAL A 146 -15.53 -22.89 -17.13
CA VAL A 146 -14.42 -23.48 -16.39
C VAL A 146 -13.46 -24.21 -17.31
N THR A 147 -12.37 -24.70 -16.75
CA THR A 147 -11.38 -25.48 -17.49
C THR A 147 -10.95 -26.70 -16.67
N VAL A 148 -11.08 -27.89 -17.24
CA VAL A 148 -10.63 -29.05 -16.51
C VAL A 148 -9.39 -29.66 -17.12
N ALA A 149 -8.51 -30.16 -16.26
CA ALA A 149 -7.32 -30.84 -16.73
C ALA A 149 -7.00 -31.97 -15.76
N TRP A 150 -6.68 -33.14 -16.30
CA TRP A 150 -6.41 -34.30 -15.47
C TRP A 150 -4.93 -34.61 -15.47
N LYS A 151 -4.43 -34.95 -14.28
CA LYS A 151 -3.04 -35.37 -14.11
C LYS A 151 -2.98 -36.76 -13.50
N ALA A 152 -2.04 -37.57 -13.98
CA ALA A 152 -1.70 -38.83 -13.32
C ALA A 152 -0.35 -38.69 -12.61
N ASP A 153 -0.35 -38.78 -11.28
CA ASP A 153 0.89 -38.75 -10.49
C ASP A 153 1.59 -37.40 -10.44
N GLY A 154 1.75 -36.78 -11.60
CA GLY A 154 2.41 -35.49 -11.71
C GLY A 154 2.37 -34.96 -13.13
N SER A 155 1.94 -35.82 -14.07
CA SER A 155 1.98 -35.50 -15.50
C SER A 155 0.59 -35.54 -16.15
N PRO A 156 0.30 -34.62 -17.08
CA PRO A 156 -1.11 -34.64 -17.51
C PRO A 156 -1.37 -35.76 -18.52
N VAL A 157 -2.64 -36.04 -18.79
CA VAL A 157 -3.02 -36.86 -19.95
C VAL A 157 -4.43 -36.49 -20.40
N LYS A 158 -4.63 -36.42 -21.71
CA LYS A 158 -5.95 -36.09 -22.26
C LYS A 158 -6.63 -37.29 -22.91
N ALA A 159 -5.98 -38.45 -22.82
CA ALA A 159 -6.52 -39.67 -23.39
C ALA A 159 -7.67 -40.24 -22.55
N GLY A 160 -8.88 -40.25 -23.10
CA GLY A 160 -10.03 -40.85 -22.43
C GLY A 160 -10.87 -39.92 -21.55
N VAL A 161 -10.69 -38.61 -21.70
CA VAL A 161 -11.40 -37.61 -20.93
C VAL A 161 -12.62 -37.08 -21.65
N GLU A 162 -13.70 -36.87 -20.92
CA GLU A 162 -14.87 -36.22 -21.50
C GLU A 162 -15.29 -35.17 -20.51
N THR A 163 -15.78 -34.03 -20.99
CA THR A 163 -16.21 -32.96 -20.10
C THR A 163 -17.48 -32.30 -20.60
N THR A 164 -18.45 -32.13 -19.72
CA THR A 164 -19.70 -31.51 -20.14
C THR A 164 -19.56 -29.99 -20.27
N LYS A 165 -20.49 -29.38 -21.00
CA LYS A 165 -20.56 -27.93 -21.05
C LYS A 165 -21.39 -27.42 -19.89
N PRO A 166 -20.87 -26.40 -19.19
CA PRO A 166 -21.51 -25.88 -17.98
C PRO A 166 -22.99 -25.63 -18.21
N SER A 167 -23.79 -25.66 -17.16
CA SER A 167 -25.24 -25.61 -17.31
C SER A 167 -25.87 -25.09 -16.02
N LYS A 168 -26.79 -24.13 -16.08
CA LYS A 168 -27.49 -23.69 -14.86
C LYS A 168 -28.14 -24.83 -14.00
N GLN A 169 -28.25 -24.58 -12.69
CA GLN A 169 -28.86 -25.51 -11.76
C GLN A 169 -30.05 -24.86 -11.07
N SER A 170 -30.51 -25.48 -9.98
CA SER A 170 -31.68 -24.99 -9.26
C SER A 170 -31.42 -23.71 -8.45
N ASN A 171 -30.54 -22.84 -8.96
CA ASN A 171 -30.18 -21.59 -8.28
C ASN A 171 -29.36 -20.66 -9.18
N ASN A 172 -29.61 -20.74 -10.48
CA ASN A 172 -28.88 -19.98 -11.48
C ASN A 172 -27.33 -20.07 -11.48
N LYS A 173 -26.75 -20.74 -10.49
CA LYS A 173 -25.30 -20.95 -10.55
C LYS A 173 -25.02 -22.07 -11.54
N TYR A 174 -23.76 -22.26 -11.87
CA TYR A 174 -23.38 -23.27 -12.86
C TYR A 174 -22.70 -24.52 -12.28
N ALA A 175 -22.70 -25.58 -13.07
CA ALA A 175 -22.12 -26.87 -12.69
C ALA A 175 -21.68 -27.61 -13.95
N ALA A 176 -20.59 -28.34 -13.86
CA ALA A 176 -20.10 -29.15 -14.98
C ALA A 176 -19.45 -30.42 -14.45
N SER A 177 -19.24 -31.38 -15.33
CA SER A 177 -18.66 -32.66 -14.93
C SER A 177 -17.62 -33.09 -15.93
N SER A 178 -16.69 -33.89 -15.46
CA SER A 178 -15.64 -34.43 -16.31
C SER A 178 -15.30 -35.84 -15.86
N TYR A 179 -15.39 -36.79 -16.79
CA TYR A 179 -15.04 -38.14 -16.48
C TYR A 179 -13.69 -38.50 -17.10
N LEU A 180 -12.87 -39.23 -16.33
CA LEU A 180 -11.65 -39.84 -16.86
C LEU A 180 -11.79 -41.35 -16.87
N SER A 181 -11.67 -41.95 -18.06
CA SER A 181 -11.83 -43.40 -18.21
C SER A 181 -10.51 -44.18 -18.27
N LEU A 182 -10.35 -45.11 -17.34
CA LEU A 182 -9.19 -45.97 -17.31
C LEU A 182 -9.59 -47.42 -17.42
N THR A 183 -8.56 -48.27 -17.44
CA THR A 183 -8.72 -49.71 -17.25
C THR A 183 -8.31 -49.97 -15.81
N PRO A 184 -8.87 -51.03 -15.20
CA PRO A 184 -8.54 -51.26 -13.79
C PRO A 184 -7.04 -51.38 -13.59
N GLU A 185 -6.35 -51.88 -14.60
CA GLU A 185 -4.90 -52.00 -14.53
C GLU A 185 -4.25 -50.63 -14.35
N GLN A 186 -4.54 -49.70 -15.27
CA GLN A 186 -4.02 -48.35 -15.15
C GLN A 186 -4.38 -47.74 -13.81
N TRP A 187 -5.61 -47.97 -13.36
CA TRP A 187 -6.06 -47.37 -12.10
C TRP A 187 -5.15 -47.70 -10.91
N LYS A 188 -4.81 -48.97 -10.73
CA LYS A 188 -4.00 -49.34 -9.56
C LYS A 188 -2.50 -49.33 -9.81
N SER A 189 -2.09 -48.90 -11.01
CA SER A 189 -0.68 -48.84 -11.36
C SER A 189 -0.04 -47.45 -11.14
N HIS A 190 -0.85 -46.45 -10.77
CA HIS A 190 -0.31 -45.13 -10.45
C HIS A 190 -0.51 -44.84 -8.96
N ARG A 191 0.23 -43.86 -8.44
CA ARG A 191 0.17 -43.55 -7.02
C ARG A 191 -1.09 -42.73 -6.69
N SER A 192 -1.47 -41.87 -7.63
CA SER A 192 -2.64 -41.00 -7.46
C SER A 192 -3.07 -40.34 -8.79
N TYR A 193 -4.34 -39.99 -8.88
CA TYR A 193 -4.86 -39.25 -10.02
C TYR A 193 -5.41 -37.92 -9.54
N SER A 194 -5.39 -36.91 -10.41
CA SER A 194 -5.90 -35.60 -10.01
C SER A 194 -6.78 -34.85 -11.00
N CYS A 195 -7.74 -34.13 -10.43
CA CYS A 195 -8.68 -33.33 -11.18
C CYS A 195 -8.34 -31.88 -10.89
N GLN A 196 -8.23 -31.06 -11.93
CA GLN A 196 -7.84 -29.66 -11.76
C GLN A 196 -8.76 -28.68 -12.47
N VAL A 197 -9.62 -28.03 -11.69
CA VAL A 197 -10.55 -27.06 -12.25
C VAL A 197 -10.01 -25.65 -12.13
N THR A 198 -10.09 -24.91 -13.23
CA THR A 198 -9.65 -23.52 -13.26
C THR A 198 -10.84 -22.63 -13.59
N HIS A 199 -11.08 -21.65 -12.72
CA HIS A 199 -12.23 -20.76 -12.85
C HIS A 199 -11.81 -19.31 -12.67
N GLU A 200 -11.86 -18.55 -13.76
CA GLU A 200 -11.50 -17.15 -13.72
C GLU A 200 -10.20 -16.96 -12.96
N GLY A 201 -9.12 -17.55 -13.46
CA GLY A 201 -7.80 -17.27 -12.91
C GLY A 201 -7.37 -18.19 -11.78
N SER A 202 -8.30 -18.60 -10.94
CA SER A 202 -7.92 -19.44 -9.81
C SER A 202 -8.09 -20.91 -10.12
N THR A 203 -7.28 -21.73 -9.47
CA THR A 203 -7.28 -23.17 -9.71
C THR A 203 -7.48 -24.02 -8.44
N VAL A 204 -8.57 -24.79 -8.41
CA VAL A 204 -8.81 -25.77 -7.36
C VAL A 204 -8.37 -27.14 -7.87
N GLU A 205 -8.01 -28.02 -6.94
CA GLU A 205 -7.55 -29.35 -7.32
C GLU A 205 -7.81 -30.38 -6.25
N LYS A 206 -8.44 -31.48 -6.64
CA LYS A 206 -8.66 -32.61 -5.75
C LYS A 206 -7.94 -33.83 -6.28
N THR A 207 -7.60 -34.75 -5.37
CA THR A 207 -6.85 -35.93 -5.73
C THR A 207 -7.43 -37.16 -5.07
N VAL A 208 -7.37 -38.28 -5.79
CA VAL A 208 -7.67 -39.58 -5.22
C VAL A 208 -6.54 -40.56 -5.50
N ALA A 209 -6.38 -41.55 -4.63
CA ALA A 209 -5.40 -42.62 -4.85
C ALA A 209 -6.11 -43.96 -4.71
N PRO A 210 -5.74 -44.93 -5.57
CA PRO A 210 -6.38 -46.25 -5.68
C PRO A 210 -6.42 -46.89 -4.31
N THR A 211 -5.25 -46.88 -3.71
CA THR A 211 -5.03 -47.29 -2.35
C THR A 211 -5.67 -46.28 -1.40
N GLU A 212 -6.94 -46.49 -1.04
CA GLU A 212 -7.62 -45.64 -0.04
C GLU A 212 -9.15 -45.55 -0.15
N CYS A 213 -9.66 -44.38 0.26
CA CYS A 213 -11.09 -44.09 0.32
C CYS A 213 -11.43 -42.94 -0.63
N GLU B 1 -52.27 -15.95 -36.12
CA GLU B 1 -51.03 -16.19 -35.39
C GLU B 1 -50.30 -17.45 -35.86
N VAL B 2 -49.06 -17.26 -36.29
CA VAL B 2 -48.29 -18.30 -36.98
C VAL B 2 -47.96 -19.50 -36.11
N GLN B 3 -48.15 -20.68 -36.67
CA GLN B 3 -47.90 -21.88 -35.91
C GLN B 3 -47.35 -22.98 -36.77
N LEU B 4 -46.22 -23.54 -36.36
CA LEU B 4 -45.53 -24.57 -37.13
C LEU B 4 -45.15 -25.77 -36.27
N VAL B 5 -45.51 -26.96 -36.73
CA VAL B 5 -45.31 -28.15 -35.93
C VAL B 5 -44.52 -29.24 -36.64
N GLU B 6 -43.23 -29.33 -36.33
CA GLU B 6 -42.38 -30.38 -36.87
C GLU B 6 -42.71 -31.72 -36.25
N SER B 7 -42.38 -32.79 -36.96
CA SER B 7 -42.65 -34.14 -36.50
C SER B 7 -41.81 -35.14 -37.28
N GLY B 8 -41.64 -36.33 -36.72
CA GLY B 8 -41.00 -37.42 -37.44
C GLY B 8 -39.53 -37.53 -37.16
N GLY B 9 -39.03 -36.66 -36.30
CA GLY B 9 -37.67 -36.82 -35.82
C GLY B 9 -37.53 -38.17 -35.15
N ASN B 10 -36.37 -38.79 -35.29
CA ASN B 10 -36.13 -40.06 -34.62
C ASN B 10 -34.67 -40.44 -34.55
N VAL B 11 -34.41 -41.74 -34.44
CA VAL B 11 -33.05 -42.24 -34.37
C VAL B 11 -32.82 -43.21 -35.52
N VAL B 12 -31.70 -43.06 -36.22
CA VAL B 12 -31.43 -43.90 -37.37
C VAL B 12 -29.93 -44.14 -37.48
N GLN B 13 -29.60 -45.22 -38.17
CA GLN B 13 -28.21 -45.60 -38.35
C GLN B 13 -27.66 -44.81 -39.51
N PRO B 14 -26.35 -44.58 -39.54
CA PRO B 14 -25.74 -43.94 -40.71
C PRO B 14 -26.10 -44.69 -41.98
N GLY B 15 -26.28 -43.94 -43.07
CA GLY B 15 -26.73 -44.50 -44.33
C GLY B 15 -28.24 -44.52 -44.44
N GLY B 16 -28.93 -44.50 -43.30
CA GLY B 16 -30.38 -44.61 -43.27
C GLY B 16 -31.13 -43.39 -43.79
N SER B 17 -32.46 -43.44 -43.68
CA SER B 17 -33.30 -42.38 -44.21
C SER B 17 -34.36 -41.98 -43.22
N LEU B 18 -34.88 -40.77 -43.39
CA LEU B 18 -35.87 -40.24 -42.47
C LEU B 18 -36.65 -39.12 -43.14
N ARG B 19 -37.91 -38.96 -42.78
CA ARG B 19 -38.74 -37.96 -43.42
C ARG B 19 -39.47 -37.04 -42.44
N LEU B 20 -38.90 -35.85 -42.21
CA LEU B 20 -39.50 -34.84 -41.35
C LEU B 20 -40.66 -34.13 -42.05
N SER B 21 -41.67 -33.74 -41.27
CA SER B 21 -42.85 -33.06 -41.78
C SER B 21 -43.13 -31.88 -40.88
N CYS B 22 -43.83 -30.89 -41.40
CA CYS B 22 -44.09 -29.67 -40.66
C CYS B 22 -45.46 -29.13 -41.03
N THR B 23 -46.22 -28.67 -40.06
CA THR B 23 -47.61 -28.34 -40.32
C THR B 23 -47.95 -26.92 -39.94
N ALA B 24 -48.44 -26.16 -40.91
CA ALA B 24 -48.61 -24.72 -40.73
C ALA B 24 -50.06 -24.32 -40.54
N SER B 25 -50.24 -23.12 -40.00
CA SER B 25 -51.55 -22.51 -39.83
C SER B 25 -51.36 -21.09 -39.30
N GLY B 26 -52.34 -20.23 -39.55
CA GLY B 26 -52.30 -18.88 -39.02
C GLY B 26 -51.72 -17.88 -40.00
N PHE B 27 -51.38 -18.35 -41.19
CA PHE B 27 -50.89 -17.51 -42.26
C PHE B 27 -51.16 -18.23 -43.56
N SER B 28 -51.04 -17.53 -44.69
CA SER B 28 -51.26 -18.14 -45.98
C SER B 28 -50.10 -19.02 -46.45
N PHE B 29 -50.21 -20.32 -46.19
CA PHE B 29 -49.12 -21.22 -46.55
C PHE B 29 -48.86 -21.14 -48.04
N ASP B 30 -49.94 -21.00 -48.80
CA ASP B 30 -49.90 -21.01 -50.25
C ASP B 30 -49.05 -19.90 -50.84
N ASP B 31 -48.96 -18.78 -50.13
CA ASP B 31 -48.19 -17.66 -50.63
C ASP B 31 -46.75 -17.65 -50.13
N SER B 32 -46.43 -18.55 -49.21
CA SER B 32 -45.20 -18.40 -48.42
C SER B 32 -44.03 -19.28 -48.83
N THR B 33 -42.82 -18.75 -48.69
CA THR B 33 -41.62 -19.54 -48.89
C THR B 33 -41.25 -20.17 -47.56
N MET B 34 -40.83 -21.44 -47.56
CA MET B 34 -40.46 -22.11 -46.30
C MET B 34 -38.98 -22.49 -46.21
N HIS B 35 -38.50 -22.72 -45.00
CA HIS B 35 -37.10 -23.13 -44.75
C HIS B 35 -36.97 -24.33 -43.83
N TRP B 36 -35.87 -25.06 -43.98
CA TRP B 36 -35.40 -25.95 -42.90
C TRP B 36 -34.09 -25.43 -42.36
N VAL B 37 -34.05 -25.20 -41.06
CA VAL B 37 -32.83 -24.82 -40.38
C VAL B 37 -32.58 -25.85 -39.29
N ARG B 38 -31.34 -26.33 -39.19
CA ARG B 38 -31.00 -27.32 -38.16
C ARG B 38 -29.98 -26.75 -37.17
N GLN B 39 -29.92 -27.37 -35.99
CA GLN B 39 -29.06 -26.91 -34.90
C GLN B 39 -28.47 -28.07 -34.13
N ALA B 40 -27.18 -28.30 -34.34
CA ALA B 40 -26.46 -29.32 -33.60
C ALA B 40 -26.68 -29.02 -32.13
N PRO B 41 -26.90 -30.06 -31.31
CA PRO B 41 -27.19 -29.79 -29.89
C PRO B 41 -26.04 -28.99 -29.27
N GLY B 42 -26.35 -27.89 -28.60
CA GLY B 42 -25.34 -27.02 -28.03
C GLY B 42 -24.71 -26.03 -28.99
N LYS B 43 -24.52 -26.44 -30.24
CA LYS B 43 -23.95 -25.55 -31.26
C LYS B 43 -24.96 -24.54 -31.84
N GLY B 44 -24.57 -23.85 -32.92
CA GLY B 44 -25.36 -22.79 -33.51
C GLY B 44 -26.38 -23.19 -34.58
N LEU B 45 -26.98 -22.19 -35.22
CA LEU B 45 -27.97 -22.42 -36.27
C LEU B 45 -27.27 -22.65 -37.61
N GLN B 46 -27.80 -23.58 -38.39
CA GLN B 46 -27.28 -23.89 -39.71
C GLN B 46 -28.44 -24.00 -40.71
N TRP B 47 -28.39 -23.18 -41.74
CA TRP B 47 -29.46 -23.21 -42.71
C TRP B 47 -29.31 -24.49 -43.53
N VAL B 48 -30.43 -25.16 -43.81
CA VAL B 48 -30.45 -26.42 -44.56
C VAL B 48 -31.01 -26.29 -45.99
N SER B 49 -32.17 -25.66 -46.15
CA SER B 49 -32.84 -25.61 -47.44
C SER B 49 -34.02 -24.66 -47.41
N LEU B 50 -34.36 -24.09 -48.59
CA LEU B 50 -35.58 -23.27 -48.75
C LEU B 50 -36.36 -23.68 -49.99
N ILE B 51 -37.61 -23.24 -50.07
CA ILE B 51 -38.48 -23.65 -51.16
C ILE B 51 -39.66 -22.69 -51.30
N SER B 52 -39.81 -22.15 -52.51
CA SER B 52 -40.84 -21.16 -52.78
C SER B 52 -42.20 -21.79 -52.89
N TRP B 53 -43.21 -20.93 -52.96
CA TRP B 53 -44.58 -21.38 -52.84
C TRP B 53 -45.00 -22.54 -53.75
N ASN B 54 -44.49 -22.54 -54.97
CA ASN B 54 -44.91 -23.56 -55.92
C ASN B 54 -43.79 -24.56 -56.20
N GLY B 55 -42.63 -24.30 -55.67
CA GLY B 55 -41.52 -25.19 -55.90
C GLY B 55 -40.60 -24.60 -56.91
N GLY B 56 -41.00 -23.44 -57.43
CA GLY B 56 -40.21 -22.69 -58.39
C GLY B 56 -38.75 -22.63 -58.03
N ARG B 57 -38.41 -21.76 -57.08
CA ARG B 57 -37.06 -21.74 -56.54
C ARG B 57 -36.91 -22.75 -55.40
N THR B 58 -35.86 -23.57 -55.46
CA THR B 58 -35.48 -24.34 -54.28
C THR B 58 -33.95 -24.47 -54.22
N TYR B 59 -33.36 -24.22 -53.05
CA TYR B 59 -31.92 -24.29 -52.93
C TYR B 59 -31.57 -25.17 -51.73
N TYR B 60 -30.37 -25.74 -51.75
CA TYR B 60 -29.88 -26.55 -50.65
C TYR B 60 -28.50 -26.08 -50.19
N ALA B 61 -28.16 -26.39 -48.94
CA ALA B 61 -26.84 -26.10 -48.40
C ALA B 61 -25.82 -27.12 -48.89
N ASP B 62 -24.59 -26.71 -49.10
CA ASP B 62 -23.58 -27.60 -49.61
C ASP B 62 -23.52 -28.91 -48.83
N SER B 63 -23.57 -28.80 -47.51
CA SER B 63 -23.56 -29.96 -46.64
C SER B 63 -24.50 -31.10 -47.03
N VAL B 64 -25.75 -30.77 -47.30
CA VAL B 64 -26.76 -31.78 -47.61
C VAL B 64 -27.01 -31.96 -49.12
N LYS B 65 -26.23 -31.25 -49.93
CA LYS B 65 -26.49 -31.26 -51.37
C LYS B 65 -26.48 -32.68 -51.89
N GLY B 66 -27.57 -33.07 -52.53
CA GLY B 66 -27.65 -34.38 -53.14
C GLY B 66 -28.18 -35.47 -52.23
N ARG B 67 -28.26 -35.20 -50.93
CA ARG B 67 -28.77 -36.21 -49.99
C ARG B 67 -30.14 -35.82 -49.48
N PHE B 68 -30.39 -34.53 -49.33
CA PHE B 68 -31.65 -34.04 -48.81
C PHE B 68 -32.59 -33.54 -49.94
N THR B 69 -33.89 -33.61 -49.69
CA THR B 69 -34.88 -33.19 -50.66
C THR B 69 -36.05 -32.47 -50.00
N ILE B 70 -36.23 -31.19 -50.32
CA ILE B 70 -37.32 -30.43 -49.72
C ILE B 70 -38.55 -30.48 -50.64
N SER B 71 -39.75 -30.42 -50.04
CA SER B 71 -41.02 -30.56 -50.79
C SER B 71 -42.19 -29.99 -50.02
N ARG B 72 -43.32 -29.79 -50.71
CA ARG B 72 -44.49 -29.29 -50.00
C ARG B 72 -45.77 -29.80 -50.62
N ASP B 73 -46.89 -29.53 -49.95
CA ASP B 73 -48.21 -29.89 -50.45
C ASP B 73 -49.18 -28.85 -49.95
N ASN B 74 -49.39 -27.81 -50.75
CA ASN B 74 -50.13 -26.66 -50.25
C ASN B 74 -51.57 -26.94 -49.84
N SER B 75 -52.09 -28.06 -50.34
CA SER B 75 -53.45 -28.48 -50.00
C SER B 75 -53.53 -28.96 -48.57
N LYS B 76 -52.38 -29.23 -47.98
CA LYS B 76 -52.28 -29.77 -46.63
C LYS B 76 -51.50 -28.87 -45.66
N ASN B 77 -51.13 -27.68 -46.10
CA ASN B 77 -50.27 -26.82 -45.29
C ASN B 77 -49.08 -27.58 -44.72
N SER B 78 -48.35 -28.27 -45.58
CA SER B 78 -47.31 -29.17 -45.13
C SER B 78 -45.99 -28.97 -45.85
N LEU B 79 -44.91 -29.01 -45.07
CA LEU B 79 -43.58 -28.89 -45.59
C LEU B 79 -42.91 -30.22 -45.29
N TYR B 80 -42.08 -30.73 -46.19
CA TYR B 80 -41.44 -32.02 -45.96
C TYR B 80 -39.95 -31.91 -46.14
N LEU B 81 -39.22 -32.78 -45.46
CA LEU B 81 -37.78 -32.89 -45.67
C LEU B 81 -37.36 -34.38 -45.76
N GLN B 82 -36.78 -34.76 -46.89
CA GLN B 82 -36.36 -36.13 -47.10
C GLN B 82 -34.86 -36.25 -46.96
N MET B 83 -34.43 -36.81 -45.82
CA MET B 83 -33.01 -37.02 -45.56
C MET B 83 -32.64 -38.45 -45.92
N ASN B 84 -31.72 -38.59 -46.87
CA ASN B 84 -31.23 -39.91 -47.28
C ASN B 84 -29.74 -39.96 -47.08
N SER B 85 -29.21 -41.17 -46.97
CA SER B 85 -27.77 -41.32 -46.84
C SER B 85 -27.24 -40.48 -45.68
N LEU B 86 -27.95 -40.60 -44.56
CA LEU B 86 -27.64 -39.82 -43.36
C LEU B 86 -26.21 -40.00 -42.83
N LYS B 87 -25.68 -38.97 -42.17
CA LYS B 87 -24.38 -39.10 -41.51
C LYS B 87 -24.58 -38.75 -40.05
N THR B 88 -23.58 -38.98 -39.21
CA THR B 88 -23.70 -38.56 -37.84
C THR B 88 -23.71 -37.03 -37.74
N GLU B 89 -22.98 -36.36 -38.63
CA GLU B 89 -22.94 -34.89 -38.70
C GLU B 89 -24.33 -34.29 -38.89
N ASP B 90 -25.28 -35.10 -39.33
CA ASP B 90 -26.64 -34.63 -39.53
C ASP B 90 -27.46 -34.69 -38.26
N THR B 91 -26.88 -35.23 -37.19
CA THR B 91 -27.58 -35.29 -35.92
C THR B 91 -27.78 -33.88 -35.41
N ALA B 92 -29.05 -33.52 -35.18
CA ALA B 92 -29.35 -32.16 -34.72
C ALA B 92 -30.83 -31.92 -34.44
N PHE B 93 -31.13 -30.65 -34.16
CA PHE B 93 -32.49 -30.21 -34.01
C PHE B 93 -32.95 -29.62 -35.33
N TYR B 94 -34.06 -30.11 -35.85
CA TYR B 94 -34.54 -29.62 -37.14
C TYR B 94 -35.75 -28.73 -36.96
N PHE B 95 -35.57 -27.48 -37.40
CA PHE B 95 -36.57 -26.42 -37.34
C PHE B 95 -37.13 -26.16 -38.70
N CYS B 96 -38.43 -25.95 -38.76
CA CYS B 96 -38.99 -25.44 -39.99
C CYS B 96 -39.39 -23.99 -39.77
N ALA B 97 -39.17 -23.14 -40.76
CA ALA B 97 -39.45 -21.72 -40.58
C ALA B 97 -40.09 -21.09 -41.80
N LYS B 98 -40.97 -20.10 -41.55
CA LYS B 98 -41.64 -19.36 -42.62
C LYS B 98 -40.84 -18.11 -42.96
N ASP B 99 -40.93 -17.63 -44.18
CA ASP B 99 -40.18 -16.47 -44.64
C ASP B 99 -41.17 -15.35 -44.92
N LYS B 100 -40.84 -14.12 -44.53
CA LYS B 100 -41.75 -12.99 -44.79
C LYS B 100 -42.14 -12.89 -46.27
N GLY B 101 -41.23 -13.29 -47.14
CA GLY B 101 -41.49 -13.36 -48.57
C GLY B 101 -41.29 -12.05 -49.28
N ASP B 102 -40.37 -11.25 -48.80
CA ASP B 102 -40.21 -9.94 -49.39
C ASP B 102 -39.48 -10.06 -50.71
N SER B 103 -40.06 -9.48 -51.76
CA SER B 103 -39.42 -9.49 -53.08
C SER B 103 -39.32 -8.09 -53.71
N ASP B 104 -39.20 -8.03 -55.04
CA ASP B 104 -38.80 -6.82 -55.74
C ASP B 104 -38.64 -7.11 -57.24
N TYS B 105 -39.23 -6.28 -58.08
CA TYS B 105 -39.13 -6.48 -59.54
CB TYS B 105 -40.51 -6.80 -60.15
CG TYS B 105 -40.52 -7.12 -61.64
CD1 TYS B 105 -39.40 -7.61 -62.27
CD2 TYS B 105 -41.66 -6.92 -62.42
CE1 TYS B 105 -39.40 -7.89 -63.63
CE2 TYS B 105 -41.66 -7.20 -63.78
CZ TYS B 105 -40.52 -7.69 -64.38
OH TYS B 105 -40.44 -7.99 -65.74
S TYS B 105 -41.83 -8.34 -66.49
O1 TYS B 105 -42.66 -7.08 -66.74
O2 TYS B 105 -41.60 -8.90 -67.88
O3 TYS B 105 -42.57 -9.39 -65.66
C TYS B 105 -38.50 -5.25 -60.22
O TYS B 105 -38.46 -4.15 -59.67
N ASP B 106 -37.95 -5.49 -61.41
CA ASP B 106 -37.32 -4.44 -62.23
C ASP B 106 -37.22 -4.96 -63.66
N TYS B 107 -38.04 -4.43 -64.56
CA TYS B 107 -38.28 -5.12 -65.82
CB TYS B 107 -39.32 -4.42 -66.73
CG TYS B 107 -38.84 -3.32 -67.66
CD1 TYS B 107 -38.67 -3.55 -69.03
CD2 TYS B 107 -38.61 -2.03 -67.18
CE1 TYS B 107 -38.25 -2.52 -69.88
CE2 TYS B 107 -38.20 -1.00 -68.01
CZ TYS B 107 -38.02 -1.25 -69.36
OH TYS B 107 -37.59 -0.23 -70.23
S TYS B 107 -37.39 1.27 -69.63
O1 TYS B 107 -36.60 2.11 -70.64
O2 TYS B 107 -38.76 1.90 -69.36
O3 TYS B 107 -36.59 1.27 -68.32
C TYS B 107 -37.10 -5.69 -66.62
O TYS B 107 -37.30 -6.63 -67.37
N ASN B 108 -35.89 -5.17 -66.43
CA ASN B 108 -34.72 -5.73 -67.12
C ASN B 108 -33.66 -6.41 -66.24
N LEU B 109 -33.79 -6.28 -64.92
CA LEU B 109 -32.88 -6.96 -63.99
C LEU B 109 -33.46 -8.26 -63.40
N GLY B 110 -34.72 -8.57 -63.71
CA GLY B 110 -35.39 -9.75 -63.19
C GLY B 110 -35.96 -9.55 -61.80
N TYR B 111 -36.24 -10.65 -61.11
CA TYR B 111 -36.72 -10.58 -59.74
C TYR B 111 -35.57 -10.59 -58.74
N SER B 112 -35.82 -10.10 -57.53
CA SER B 112 -34.83 -10.17 -56.45
C SER B 112 -35.51 -10.50 -55.13
N TYR B 113 -35.06 -11.57 -54.46
CA TYR B 113 -35.69 -11.98 -53.21
C TYR B 113 -34.82 -11.71 -51.99
N PHE B 114 -35.45 -11.38 -50.86
CA PHE B 114 -34.70 -11.02 -49.66
C PHE B 114 -35.13 -11.91 -48.54
N TYR B 115 -34.53 -13.10 -48.48
CA TYR B 115 -35.01 -14.10 -47.56
C TYR B 115 -34.59 -13.80 -46.12
N TYR B 116 -35.45 -14.17 -45.19
CA TYR B 116 -35.18 -14.12 -43.75
C TYR B 116 -36.42 -14.58 -43.01
N MET B 117 -36.26 -15.04 -41.78
CA MET B 117 -37.32 -15.81 -41.09
C MET B 117 -38.31 -14.95 -40.33
N ASP B 118 -39.57 -15.42 -40.32
CA ASP B 118 -40.74 -14.66 -39.90
C ASP B 118 -41.44 -15.38 -38.78
N GLY B 119 -41.25 -16.69 -38.74
CA GLY B 119 -41.81 -17.52 -37.69
C GLY B 119 -41.06 -18.83 -37.64
N TRP B 120 -40.97 -19.43 -36.45
CA TRP B 120 -40.29 -20.74 -36.28
C TRP B 120 -41.19 -21.74 -35.60
N GLY B 121 -40.86 -23.01 -35.79
CA GLY B 121 -41.54 -24.09 -35.07
C GLY B 121 -40.79 -24.42 -33.80
N LYS B 122 -41.24 -25.45 -33.10
CA LYS B 122 -40.63 -25.85 -31.84
C LYS B 122 -39.36 -26.69 -32.07
N GLY B 123 -39.35 -27.46 -33.15
CA GLY B 123 -38.23 -28.33 -33.46
C GLY B 123 -38.63 -29.79 -33.46
N THR B 124 -37.76 -30.63 -33.99
CA THR B 124 -37.93 -32.08 -33.86
C THR B 124 -36.54 -32.67 -33.88
N THR B 125 -36.34 -33.76 -33.13
CA THR B 125 -34.99 -34.26 -32.90
C THR B 125 -34.58 -35.42 -33.79
N VAL B 126 -33.44 -35.26 -34.42
CA VAL B 126 -32.91 -36.30 -35.27
C VAL B 126 -31.55 -36.74 -34.77
N THR B 127 -31.45 -38.04 -34.44
CA THR B 127 -30.22 -38.66 -33.98
C THR B 127 -29.73 -39.74 -34.93
N VAL B 128 -28.49 -39.60 -35.37
CA VAL B 128 -27.90 -40.59 -36.26
C VAL B 128 -26.78 -41.29 -35.52
N SER B 129 -27.02 -42.55 -35.16
CA SER B 129 -26.05 -43.33 -34.38
C SER B 129 -25.97 -44.80 -34.78
N SER B 130 -24.74 -45.31 -34.79
CA SER B 130 -24.48 -46.71 -35.06
C SER B 130 -25.03 -47.62 -33.95
N ALA B 131 -25.18 -47.08 -32.76
CA ALA B 131 -25.69 -47.83 -31.62
C ALA B 131 -27.21 -48.02 -31.64
N SER B 132 -27.70 -48.92 -30.79
CA SER B 132 -29.13 -49.21 -30.68
C SER B 132 -29.57 -49.21 -29.21
N THR B 133 -30.88 -49.21 -29.01
CA THR B 133 -31.42 -49.08 -27.65
C THR B 133 -30.72 -49.99 -26.66
N LYS B 134 -30.42 -49.44 -25.48
CA LYS B 134 -29.75 -50.16 -24.41
C LYS B 134 -30.01 -49.45 -23.09
N GLY B 135 -30.47 -50.18 -22.09
CA GLY B 135 -30.65 -49.59 -20.78
C GLY B 135 -29.33 -49.29 -20.08
N PRO B 136 -29.37 -48.44 -19.04
CA PRO B 136 -28.15 -47.99 -18.37
C PRO B 136 -27.68 -48.95 -17.29
N SER B 137 -26.37 -48.94 -17.00
CA SER B 137 -25.82 -49.57 -15.79
C SER B 137 -25.73 -48.48 -14.73
N VAL B 138 -26.01 -48.83 -13.48
CA VAL B 138 -26.02 -47.82 -12.44
C VAL B 138 -25.02 -48.13 -11.32
N PHE B 139 -24.07 -47.21 -11.12
CA PHE B 139 -23.05 -47.38 -10.09
C PHE B 139 -23.11 -46.31 -9.02
N PRO B 140 -22.84 -46.72 -7.78
CA PRO B 140 -22.81 -45.84 -6.62
C PRO B 140 -21.58 -44.95 -6.59
N LEU B 141 -21.83 -43.65 -6.41
CA LEU B 141 -20.79 -42.69 -6.08
C LEU B 141 -20.83 -42.50 -4.57
N ALA B 142 -20.11 -43.36 -3.86
CA ALA B 142 -20.16 -43.38 -2.40
C ALA B 142 -19.40 -42.20 -1.81
N PRO B 143 -19.96 -41.57 -0.76
CA PRO B 143 -19.35 -40.43 -0.09
C PRO B 143 -18.12 -40.89 0.72
N SER B 144 -17.08 -40.07 0.83
CA SER B 144 -15.80 -40.53 1.42
C SER B 144 -15.39 -39.86 2.73
N SER B 145 -15.93 -40.35 3.84
CA SER B 145 -15.63 -39.77 5.16
C SER B 145 -14.25 -40.17 5.67
N GLY B 151 -19.47 -29.71 8.66
CA GLY B 151 -19.49 -29.71 7.21
C GLY B 151 -20.43 -30.75 6.61
N THR B 152 -20.52 -30.80 5.29
CA THR B 152 -21.40 -31.73 4.57
C THR B 152 -20.64 -32.72 3.68
N ALA B 153 -21.38 -33.62 3.03
CA ALA B 153 -20.81 -34.63 2.15
C ALA B 153 -21.60 -34.74 0.85
N ALA B 154 -20.95 -35.23 -0.19
CA ALA B 154 -21.60 -35.45 -1.48
C ALA B 154 -21.59 -36.93 -1.86
N LEU B 155 -22.73 -37.40 -2.35
CA LEU B 155 -22.86 -38.76 -2.86
C LEU B 155 -23.70 -38.74 -4.13
N GLY B 156 -23.60 -39.80 -4.94
CA GLY B 156 -24.26 -39.83 -6.22
C GLY B 156 -24.38 -41.15 -6.96
N CYS B 157 -24.80 -41.02 -8.21
CA CYS B 157 -25.02 -42.15 -9.12
C CYS B 157 -24.29 -41.91 -10.41
N LEU B 158 -23.50 -42.89 -10.82
CA LEU B 158 -22.97 -42.93 -12.17
C LEU B 158 -23.94 -43.76 -13.02
N VAL B 159 -24.56 -43.11 -13.99
CA VAL B 159 -25.47 -43.79 -14.90
C VAL B 159 -24.75 -44.05 -16.22
N LYS B 160 -24.29 -45.28 -16.41
CA LYS B 160 -23.35 -45.60 -17.48
C LYS B 160 -23.95 -46.30 -18.71
N ASP B 161 -23.34 -46.00 -19.86
CA ASP B 161 -23.54 -46.69 -21.12
C ASP B 161 -24.98 -47.02 -21.47
N TYR B 162 -25.73 -45.99 -21.89
CA TYR B 162 -27.09 -46.17 -22.36
C TYR B 162 -27.32 -45.47 -23.70
N PHE B 163 -28.53 -45.63 -24.25
CA PHE B 163 -28.90 -45.08 -25.55
C PHE B 163 -30.33 -45.51 -25.86
N PRO B 164 -31.13 -44.61 -26.44
CA PRO B 164 -30.76 -43.23 -26.76
C PRO B 164 -31.06 -42.38 -25.54
N GLU B 165 -31.05 -41.06 -25.68
CA GLU B 165 -31.48 -40.20 -24.57
C GLU B 165 -33.00 -40.20 -24.44
N PRO B 166 -33.52 -39.72 -23.31
CA PRO B 166 -32.83 -39.26 -22.11
C PRO B 166 -33.05 -40.19 -20.91
N VAL B 167 -32.21 -40.00 -19.90
CA VAL B 167 -32.41 -40.63 -18.60
C VAL B 167 -32.95 -39.58 -17.65
N THR B 168 -33.73 -40.01 -16.67
CA THR B 168 -34.16 -39.09 -15.62
C THR B 168 -33.83 -39.70 -14.27
N VAL B 169 -33.37 -38.87 -13.34
CA VAL B 169 -33.00 -39.36 -12.02
C VAL B 169 -33.70 -38.60 -10.91
N SER B 170 -34.19 -39.35 -9.92
CA SER B 170 -34.74 -38.72 -8.72
C SER B 170 -34.08 -39.38 -7.54
N TRP B 171 -34.30 -38.83 -6.35
CA TRP B 171 -33.80 -39.47 -5.14
C TRP B 171 -34.92 -39.75 -4.15
N ASN B 172 -34.79 -40.85 -3.41
CA ASN B 172 -35.82 -41.28 -2.46
C ASN B 172 -37.23 -41.14 -3.01
N SER B 173 -37.40 -41.63 -4.24
CA SER B 173 -38.67 -41.67 -4.96
C SER B 173 -39.34 -40.29 -5.02
N GLY B 174 -38.53 -39.26 -5.17
CA GLY B 174 -39.03 -37.91 -5.35
C GLY B 174 -39.03 -37.04 -4.11
N ALA B 175 -38.86 -37.66 -2.94
CA ALA B 175 -38.96 -36.95 -1.66
C ALA B 175 -37.68 -36.21 -1.24
N LEU B 176 -36.67 -36.24 -2.10
CA LEU B 176 -35.44 -35.50 -1.85
C LEU B 176 -35.14 -34.65 -3.06
N THR B 177 -35.19 -33.33 -2.88
CA THR B 177 -34.94 -32.44 -3.98
C THR B 177 -33.91 -31.40 -3.55
N SER B 178 -33.83 -31.17 -2.24
CA SER B 178 -32.90 -30.21 -1.68
C SER B 178 -31.46 -30.71 -1.77
N GLY B 179 -30.68 -30.10 -2.65
CA GLY B 179 -29.26 -30.40 -2.76
C GLY B 179 -28.92 -31.26 -3.96
N VAL B 180 -29.94 -31.55 -4.76
CA VAL B 180 -29.83 -32.49 -5.87
C VAL B 180 -29.48 -31.82 -7.19
N HIS B 181 -28.49 -32.37 -7.87
CA HIS B 181 -28.23 -31.95 -9.24
C HIS B 181 -27.90 -33.11 -10.15
N THR B 182 -28.64 -33.17 -11.25
CA THR B 182 -28.44 -34.17 -12.28
C THR B 182 -27.80 -33.51 -13.49
N PHE B 183 -26.61 -33.96 -13.86
CA PHE B 183 -25.84 -33.32 -14.92
C PHE B 183 -26.34 -33.66 -16.31
N PRO B 184 -25.78 -32.98 -17.31
CA PRO B 184 -26.02 -33.39 -18.70
C PRO B 184 -25.22 -34.64 -18.99
N ALA B 185 -25.60 -35.32 -20.06
CA ALA B 185 -24.92 -36.54 -20.45
C ALA B 185 -23.76 -36.21 -21.36
N VAL B 186 -22.71 -36.99 -21.25
CA VAL B 186 -21.65 -36.95 -22.25
C VAL B 186 -21.88 -38.12 -23.19
N LEU B 187 -21.45 -37.99 -24.43
CA LEU B 187 -21.56 -39.07 -25.38
C LEU B 187 -20.15 -39.62 -25.64
N GLN B 188 -19.92 -40.88 -25.29
CA GLN B 188 -18.58 -41.46 -25.38
C GLN B 188 -18.29 -42.03 -26.78
N SER B 189 -17.04 -42.45 -26.98
CA SER B 189 -16.58 -43.02 -28.24
C SER B 189 -17.45 -44.18 -28.70
N SER B 190 -17.94 -44.93 -27.72
CA SER B 190 -18.78 -46.10 -27.95
C SER B 190 -20.13 -45.75 -28.57
N GLY B 191 -20.45 -44.47 -28.65
CA GLY B 191 -21.73 -44.04 -29.17
C GLY B 191 -22.79 -44.13 -28.10
N LEU B 192 -22.35 -44.44 -26.88
CA LEU B 192 -23.23 -44.58 -25.71
C LEU B 192 -23.17 -43.39 -24.75
N TYR B 193 -24.29 -43.08 -24.11
CA TYR B 193 -24.36 -41.94 -23.19
C TYR B 193 -24.10 -42.34 -21.75
N SER B 194 -23.60 -41.38 -20.97
CA SER B 194 -23.35 -41.55 -19.54
C SER B 194 -23.60 -40.22 -18.83
N LEU B 195 -24.19 -40.26 -17.64
CA LEU B 195 -24.40 -39.03 -16.89
C LEU B 195 -24.28 -39.35 -15.42
N SER B 196 -24.22 -38.31 -14.58
CA SER B 196 -24.21 -38.51 -13.13
C SER B 196 -25.27 -37.69 -12.41
N SER B 197 -25.51 -38.05 -11.15
CA SER B 197 -26.39 -37.25 -10.32
C SER B 197 -25.82 -37.20 -8.92
N VAL B 198 -25.75 -35.99 -8.36
CA VAL B 198 -25.28 -35.86 -6.99
C VAL B 198 -26.29 -35.17 -6.12
N VAL B 199 -26.15 -35.43 -4.83
CA VAL B 199 -26.90 -34.72 -3.84
C VAL B 199 -25.96 -34.50 -2.66
N THR B 200 -25.98 -33.27 -2.14
CA THR B 200 -25.17 -32.91 -0.97
C THR B 200 -26.05 -32.98 0.28
N VAL B 201 -25.51 -33.57 1.33
CA VAL B 201 -26.31 -33.91 2.49
C VAL B 201 -25.58 -33.72 3.81
N PRO B 202 -26.36 -33.41 4.87
CA PRO B 202 -25.86 -33.35 6.24
C PRO B 202 -24.86 -34.47 6.51
N SER B 203 -23.60 -34.09 6.62
CA SER B 203 -22.51 -35.05 6.83
C SER B 203 -22.78 -36.01 7.98
N SER B 204 -23.43 -35.50 9.03
CA SER B 204 -23.73 -36.28 10.23
C SER B 204 -24.71 -37.41 9.97
N SER B 205 -25.84 -37.05 9.33
CA SER B 205 -26.92 -37.98 9.05
C SER B 205 -26.56 -38.92 7.89
N LEU B 206 -25.55 -39.74 8.09
CA LEU B 206 -25.05 -40.59 7.02
C LEU B 206 -25.12 -42.06 7.39
N GLY B 207 -25.18 -42.33 8.69
CA GLY B 207 -25.33 -43.69 9.15
C GLY B 207 -26.79 -43.97 9.47
N THR B 208 -27.59 -42.90 9.45
CA THR B 208 -28.99 -42.99 9.83
C THR B 208 -29.90 -42.84 8.61
N GLN B 209 -30.01 -41.61 8.10
CA GLN B 209 -30.82 -41.34 6.92
C GLN B 209 -30.33 -42.18 5.72
N THR B 210 -31.27 -42.67 4.91
CA THR B 210 -30.95 -43.61 3.83
C THR B 210 -31.23 -43.05 2.42
N TYR B 211 -30.21 -43.05 1.56
CA TYR B 211 -30.28 -42.42 0.24
C TYR B 211 -30.33 -43.41 -0.93
N ILE B 212 -31.38 -43.30 -1.73
CA ILE B 212 -31.61 -44.17 -2.86
C ILE B 212 -31.89 -43.32 -4.09
N CYS B 213 -31.23 -43.62 -5.19
CA CYS B 213 -31.53 -42.90 -6.41
C CYS B 213 -32.31 -43.79 -7.33
N ASN B 214 -33.28 -43.18 -8.01
CA ASN B 214 -34.11 -43.90 -8.95
C ASN B 214 -33.85 -43.37 -10.36
N VAL B 215 -33.33 -44.26 -11.19
CA VAL B 215 -33.03 -43.96 -12.58
C VAL B 215 -34.17 -44.46 -13.43
N ASN B 216 -34.56 -43.69 -14.44
CA ASN B 216 -35.58 -44.13 -15.39
C ASN B 216 -35.11 -43.88 -16.82
N HIS B 217 -35.22 -44.91 -17.66
CA HIS B 217 -34.84 -44.79 -19.06
C HIS B 217 -35.97 -45.33 -19.93
N LYS B 218 -36.92 -44.47 -20.30
CA LYS B 218 -38.12 -44.92 -21.02
C LYS B 218 -37.87 -45.58 -22.39
N PRO B 219 -36.86 -45.11 -23.14
CA PRO B 219 -36.54 -45.73 -24.44
C PRO B 219 -36.30 -47.25 -24.39
N SER B 220 -35.90 -47.78 -23.24
CA SER B 220 -35.67 -49.21 -23.11
C SER B 220 -36.56 -49.82 -22.04
N ASN B 221 -37.49 -49.03 -21.52
CA ASN B 221 -38.41 -49.48 -20.49
C ASN B 221 -37.69 -50.10 -19.31
N THR B 222 -36.57 -49.50 -18.94
CA THR B 222 -35.79 -49.92 -17.78
C THR B 222 -36.01 -48.91 -16.67
N LYS B 223 -36.01 -49.40 -15.44
CA LYS B 223 -36.09 -48.55 -14.26
C LYS B 223 -35.23 -49.21 -13.18
N VAL B 224 -34.34 -48.43 -12.57
CA VAL B 224 -33.39 -49.00 -11.62
C VAL B 224 -33.47 -48.20 -10.34
N ASP B 225 -33.35 -48.91 -9.22
CA ASP B 225 -33.20 -48.28 -7.92
C ASP B 225 -31.92 -48.77 -7.28
N LYS B 226 -31.12 -47.85 -6.76
CA LYS B 226 -29.84 -48.21 -6.17
C LYS B 226 -29.68 -47.42 -4.89
N LYS B 227 -29.34 -48.13 -3.83
CA LYS B 227 -29.05 -47.47 -2.57
C LYS B 227 -27.56 -47.17 -2.51
N VAL B 228 -27.26 -45.93 -2.17
CA VAL B 228 -25.89 -45.48 -2.10
C VAL B 228 -25.48 -45.40 -0.63
N GLU B 229 -24.57 -46.29 -0.25
CA GLU B 229 -24.10 -46.33 1.13
C GLU B 229 -22.65 -45.96 1.15
N PRO B 230 -22.22 -45.29 2.23
CA PRO B 230 -20.81 -44.98 2.45
C PRO B 230 -19.99 -46.27 2.39
N LYS B 231 -18.75 -46.15 1.93
CA LYS B 231 -17.88 -47.31 1.68
C LYS B 231 -17.54 -48.05 2.97
N SER B 232 -16.51 -48.88 2.94
CA SER B 232 -16.12 -49.64 4.14
C SER B 232 -14.63 -49.54 4.53
N CYS B 233 -13.76 -49.41 3.54
CA CYS B 233 -12.32 -49.28 3.78
C CYS B 233 -11.70 -50.54 4.37
N TYR C 2 6.34 3.99 -11.08
CA TYR C 2 5.83 5.32 -11.43
C TYR C 2 5.92 6.24 -10.22
N VAL C 3 6.09 7.54 -10.44
CA VAL C 3 6.07 8.48 -9.33
C VAL C 3 5.11 9.64 -9.53
N LEU C 4 4.28 9.86 -8.50
CA LEU C 4 3.38 11.00 -8.44
C LEU C 4 3.90 12.02 -7.42
N THR C 5 3.95 13.28 -7.81
CA THR C 5 4.48 14.31 -6.92
C THR C 5 3.47 15.44 -6.72
N GLN C 6 3.21 15.75 -5.45
CA GLN C 6 2.33 16.86 -5.10
C GLN C 6 3.04 17.87 -4.21
N PRO C 7 2.68 19.14 -4.37
CA PRO C 7 3.15 20.21 -3.48
C PRO C 7 2.76 19.85 -2.06
N PRO C 8 3.68 20.02 -1.10
CA PRO C 8 3.40 19.65 0.28
C PRO C 8 2.29 20.51 0.88
N SER C 9 2.40 21.81 0.71
CA SER C 9 1.40 22.69 1.25
C SER C 9 0.68 23.51 0.15
N VAL C 10 -0.49 24.02 0.49
CA VAL C 10 -1.23 24.97 -0.34
C VAL C 10 -2.27 25.68 0.50
N SER C 11 -2.25 27.00 0.47
CA SER C 11 -3.17 27.81 1.26
C SER C 11 -4.10 28.66 0.40
N VAL C 12 -5.28 28.98 0.93
CA VAL C 12 -6.22 29.87 0.27
C VAL C 12 -7.08 30.57 1.30
N ALA C 13 -7.61 31.72 0.90
CA ALA C 13 -8.52 32.46 1.76
C ALA C 13 -9.94 32.00 1.45
N PRO C 14 -10.81 31.97 2.49
CA PRO C 14 -12.16 31.41 2.36
C PRO C 14 -12.88 32.01 1.18
N GLY C 15 -13.72 31.24 0.52
CA GLY C 15 -14.47 31.75 -0.60
C GLY C 15 -13.70 31.80 -1.91
N LYS C 16 -12.37 31.87 -1.82
CA LYS C 16 -11.53 31.86 -3.01
C LYS C 16 -11.53 30.47 -3.63
N THR C 17 -10.63 30.27 -4.59
CA THR C 17 -10.55 28.98 -5.27
C THR C 17 -9.17 28.37 -5.14
N ALA C 18 -9.14 27.07 -4.85
CA ALA C 18 -7.89 26.34 -4.58
C ALA C 18 -7.51 25.33 -5.69
N ARG C 19 -6.22 25.22 -5.95
CA ARG C 19 -5.74 24.28 -6.94
C ARG C 19 -4.63 23.38 -6.40
N ILE C 20 -4.79 22.08 -6.62
CA ILE C 20 -3.82 21.09 -6.17
C ILE C 20 -3.34 20.29 -7.37
N THR C 21 -2.04 20.32 -7.58
CA THR C 21 -1.45 19.73 -8.76
C THR C 21 -0.95 18.33 -8.46
N CYS C 22 -0.92 17.49 -9.48
CA CYS C 22 -0.37 16.15 -9.34
C CYS C 22 0.56 15.85 -10.50
N GLY C 23 1.86 15.87 -10.22
CA GLY C 23 2.86 15.69 -11.27
C GLY C 23 3.26 14.24 -11.51
N GLY C 24 2.97 13.78 -12.72
CA GLY C 24 3.40 12.46 -13.16
C GLY C 24 3.65 12.55 -14.65
N ASN C 25 4.69 11.88 -15.13
CA ASN C 25 5.06 11.98 -16.55
C ASN C 25 4.14 11.17 -17.45
N ASN C 26 3.58 11.83 -18.45
CA ASN C 26 2.60 11.18 -19.31
C ASN C 26 1.46 10.60 -18.49
N ILE C 27 1.03 11.40 -17.53
CA ILE C 27 -0.03 11.06 -16.58
C ILE C 27 -1.40 11.16 -17.22
N ALA C 28 -1.47 11.89 -18.34
CA ALA C 28 -2.73 12.04 -19.05
C ALA C 28 -3.17 10.69 -19.63
N ASN C 29 -2.20 9.77 -19.76
CA ASN C 29 -2.48 8.43 -20.25
C ASN C 29 -3.20 7.56 -19.22
N LYS C 30 -3.13 7.96 -17.97
CA LYS C 30 -3.66 7.18 -16.87
C LYS C 30 -4.89 7.84 -16.26
N ASN C 31 -5.73 7.04 -15.61
CA ASN C 31 -6.87 7.57 -14.87
C ASN C 31 -6.46 8.03 -13.48
N VAL C 32 -6.74 9.29 -13.17
CA VAL C 32 -6.34 9.83 -11.88
C VAL C 32 -7.52 10.00 -10.93
N HIS C 33 -7.36 9.58 -9.69
CA HIS C 33 -8.41 9.68 -8.69
C HIS C 33 -7.92 10.53 -7.51
N TRP C 34 -8.83 11.16 -6.79
CA TRP C 34 -8.42 12.02 -5.70
C TRP C 34 -9.13 11.67 -4.39
N TYR C 35 -8.38 11.57 -3.30
CA TYR C 35 -8.99 11.33 -2.00
C TYR C 35 -8.73 12.47 -1.02
N GLN C 36 -9.68 12.69 -0.12
CA GLN C 36 -9.58 13.71 0.90
C GLN C 36 -9.56 13.04 2.24
N GLN C 37 -8.60 13.42 3.08
CA GLN C 37 -8.41 12.79 4.41
C GLN C 37 -8.25 13.83 5.50
N LYS C 38 -9.25 13.94 6.36
CA LYS C 38 -9.20 14.86 7.49
C LYS C 38 -8.57 14.12 8.65
N PRO C 39 -7.68 14.82 9.39
CA PRO C 39 -6.88 14.26 10.48
C PRO C 39 -7.65 13.26 11.35
N GLY C 40 -7.06 12.08 11.52
CA GLY C 40 -7.68 10.98 12.25
C GLY C 40 -8.98 10.51 11.63
N GLN C 41 -8.90 10.04 10.39
CA GLN C 41 -10.14 9.65 9.71
C GLN C 41 -9.96 8.94 8.37
N ALA C 42 -11.06 8.36 7.90
CA ALA C 42 -11.05 7.58 6.69
C ALA C 42 -10.91 8.51 5.50
N PRO C 43 -9.98 8.18 4.59
CA PRO C 43 -9.86 8.88 3.30
C PRO C 43 -11.21 8.84 2.59
N VAL C 44 -11.45 9.74 1.64
CA VAL C 44 -12.75 9.79 0.99
C VAL C 44 -12.65 10.16 -0.49
N LEU C 45 -13.21 9.31 -1.36
CA LEU C 45 -13.15 9.59 -2.79
C LEU C 45 -13.83 10.91 -3.10
N VAL C 46 -13.19 11.77 -3.89
CA VAL C 46 -13.86 13.00 -4.33
C VAL C 46 -13.92 13.13 -5.83
N ILE C 47 -12.89 12.68 -6.52
CA ILE C 47 -12.87 12.74 -7.97
C ILE C 47 -12.28 11.45 -8.48
N TYR C 48 -13.02 10.76 -9.35
CA TYR C 48 -12.52 9.57 -9.99
C TYR C 48 -12.56 9.71 -11.51
N TYR C 49 -11.82 8.84 -12.20
CA TYR C 49 -11.69 8.90 -13.64
C TYR C 49 -11.45 10.32 -14.13
N ASP C 50 -10.53 11.02 -13.46
CA ASP C 50 -10.04 12.33 -13.88
C ASP C 50 -10.96 13.51 -13.50
N ASP C 51 -12.11 13.63 -14.18
CA ASP C 51 -13.03 14.76 -14.00
C ASP C 51 -14.40 14.39 -13.42
N ASP C 52 -14.69 13.08 -13.34
CA ASP C 52 -15.93 12.59 -12.76
C ASP C 52 -15.99 12.82 -11.25
N ARG C 53 -17.19 12.86 -10.70
CA ARG C 53 -17.38 13.15 -9.28
C ARG C 53 -18.49 12.29 -8.70
N PRO C 54 -18.25 11.65 -7.56
CA PRO C 54 -19.30 10.82 -6.95
C PRO C 54 -20.43 11.64 -6.35
N SER C 55 -21.66 11.18 -6.52
CA SER C 55 -22.81 11.87 -5.97
C SER C 55 -22.78 11.77 -4.45
N GLY C 56 -22.93 12.90 -3.78
CA GLY C 56 -22.81 12.96 -2.35
C GLY C 56 -21.72 13.92 -1.93
N ILE C 57 -21.01 14.47 -2.92
CA ILE C 57 -20.00 15.50 -2.69
C ILE C 57 -20.21 16.71 -3.62
N PRO C 58 -20.05 17.93 -3.06
CA PRO C 58 -20.37 19.23 -3.69
C PRO C 58 -19.84 19.43 -5.10
N ASP C 59 -20.58 20.21 -5.88
CA ASP C 59 -20.22 20.51 -7.27
C ASP C 59 -18.99 21.41 -7.37
N ARG C 60 -18.46 21.80 -6.21
CA ARG C 60 -17.29 22.67 -6.16
C ARG C 60 -16.00 21.95 -6.53
N PHE C 61 -15.94 20.65 -6.28
CA PHE C 61 -14.81 19.81 -6.65
C PHE C 61 -14.84 19.43 -8.14
N SER C 62 -13.73 19.62 -8.83
CA SER C 62 -13.68 19.37 -10.26
C SER C 62 -12.29 18.93 -10.69
N GLY C 63 -12.22 18.10 -11.73
CA GLY C 63 -10.96 17.52 -12.13
C GLY C 63 -10.43 17.82 -13.52
N SER C 64 -9.12 17.95 -13.61
CA SER C 64 -8.43 18.13 -14.88
C SER C 64 -7.35 17.07 -15.05
N ASN C 65 -6.90 16.87 -16.27
CA ASN C 65 -5.74 16.01 -16.51
C ASN C 65 -5.16 16.21 -17.90
N SER C 66 -4.05 16.94 -17.95
CA SER C 66 -3.47 17.30 -19.23
C SER C 66 -1.98 17.03 -19.32
N GLY C 67 -1.60 16.17 -20.25
CA GLY C 67 -0.20 15.96 -20.59
C GLY C 67 0.64 15.47 -19.44
N ASN C 68 1.12 16.40 -18.61
CA ASN C 68 2.06 16.03 -17.55
C ASN C 68 1.57 16.41 -16.14
N THR C 69 0.34 16.88 -16.07
CA THR C 69 -0.15 17.39 -14.79
C THR C 69 -1.68 17.31 -14.63
N ALA C 70 -2.09 16.60 -13.57
CA ALA C 70 -3.50 16.46 -13.22
C ALA C 70 -3.85 17.45 -12.12
N THR C 71 -5.10 17.88 -12.07
CA THR C 71 -5.47 18.92 -11.11
C THR C 71 -6.83 18.78 -10.46
N LEU C 72 -6.81 18.75 -9.14
CA LEU C 72 -8.02 18.87 -8.34
C LEU C 72 -8.27 20.35 -8.06
N THR C 73 -9.46 20.84 -8.40
CA THR C 73 -9.76 22.27 -8.25
C THR C 73 -10.99 22.46 -7.36
N ILE C 74 -10.76 22.96 -6.15
CA ILE C 74 -11.88 23.24 -5.25
C ILE C 74 -12.21 24.73 -5.31
N SER C 75 -13.47 25.06 -5.62
CA SER C 75 -13.90 26.45 -5.70
C SER C 75 -14.81 26.81 -4.52
N ARG C 76 -14.90 28.12 -4.27
CA ARG C 76 -15.63 28.64 -3.11
C ARG C 76 -15.28 27.85 -1.85
N VAL C 77 -13.98 27.78 -1.57
CA VAL C 77 -13.44 26.99 -0.47
C VAL C 77 -14.05 27.35 0.87
N GLU C 78 -14.36 26.33 1.65
CA GLU C 78 -14.92 26.55 2.98
C GLU C 78 -13.92 26.13 4.03
N ALA C 79 -14.24 26.45 5.28
CA ALA C 79 -13.39 26.07 6.40
C ALA C 79 -13.36 24.55 6.52
N GLY C 80 -14.45 23.92 6.12
CA GLY C 80 -14.56 22.48 6.23
C GLY C 80 -13.75 21.73 5.20
N ASP C 81 -13.23 22.44 4.20
CA ASP C 81 -12.44 21.80 3.14
C ASP C 81 -10.98 21.61 3.51
N GLU C 82 -10.62 22.11 4.68
CA GLU C 82 -9.31 21.92 5.24
C GLU C 82 -9.06 20.42 5.49
N ALA C 83 -8.13 19.86 4.73
CA ALA C 83 -7.68 18.47 4.90
C ALA C 83 -6.43 18.16 4.06
N ASP C 84 -6.08 16.88 3.97
CA ASP C 84 -4.97 16.43 3.14
C ASP C 84 -5.58 15.77 1.91
N TYR C 85 -4.98 15.99 0.75
CA TYR C 85 -5.56 15.50 -0.52
C TYR C 85 -4.53 14.65 -1.25
N TYR C 86 -4.90 13.44 -1.62
CA TYR C 86 -3.95 12.60 -2.33
C TYR C 86 -4.48 12.27 -3.70
N CYS C 87 -3.61 12.30 -4.70
CA CYS C 87 -3.97 11.76 -6.01
C CYS C 87 -3.44 10.33 -6.14
N GLN C 88 -4.06 9.54 -7.03
CA GLN C 88 -3.79 8.11 -7.11
C GLN C 88 -3.95 7.57 -8.52
N VAL C 89 -3.07 6.66 -8.93
CA VAL C 89 -3.20 6.02 -10.22
C VAL C 89 -2.86 4.56 -10.10
N TRP C 90 -3.01 3.85 -11.23
CA TRP C 90 -2.61 2.44 -11.33
C TRP C 90 -1.55 2.26 -12.38
N ASP C 91 -0.38 1.81 -11.98
CA ASP C 91 0.66 1.58 -12.97
C ASP C 91 0.59 0.15 -13.50
N SER C 92 0.03 0.01 -14.70
CA SER C 92 -0.13 -1.29 -15.36
C SER C 92 1.23 -1.91 -15.62
N ASN C 93 2.25 -1.07 -15.64
CA ASN C 93 3.62 -1.50 -15.90
C ASN C 93 4.30 -2.21 -14.75
N SER C 94 4.16 -1.65 -13.55
CA SER C 94 4.81 -2.21 -12.37
C SER C 94 3.85 -2.93 -11.45
N ASP C 95 2.57 -2.95 -11.83
CA ASP C 95 1.52 -3.56 -11.02
C ASP C 95 1.53 -2.96 -9.64
N HIS C 96 1.35 -1.65 -9.61
CA HIS C 96 1.34 -0.89 -8.37
C HIS C 96 0.24 0.14 -8.36
N VAL C 97 -0.52 0.22 -7.27
CA VAL C 97 -1.30 1.40 -7.03
C VAL C 97 -0.32 2.45 -6.53
N VAL C 98 -0.46 3.69 -6.98
CA VAL C 98 0.48 4.71 -6.52
C VAL C 98 -0.24 5.92 -5.99
N PHE C 99 0.10 6.34 -4.78
CA PHE C 99 -0.42 7.59 -4.23
C PHE C 99 0.65 8.65 -4.33
N GLY C 100 0.23 9.91 -4.35
CA GLY C 100 1.15 11.04 -4.32
C GLY C 100 1.54 11.37 -2.90
N GLY C 101 2.38 12.39 -2.73
CA GLY C 101 2.83 12.75 -1.40
C GLY C 101 1.72 13.25 -0.50
N GLY C 102 0.67 13.78 -1.11
CA GLY C 102 -0.37 14.44 -0.36
C GLY C 102 -0.10 15.93 -0.26
N THR C 103 -1.18 16.71 -0.22
CA THR C 103 -1.10 18.14 -0.10
C THR C 103 -2.00 18.56 1.06
N GLN C 104 -1.43 19.28 2.02
CA GLN C 104 -2.21 19.79 3.13
C GLN C 104 -2.75 21.15 2.75
N LEU C 105 -4.07 21.22 2.55
CA LEU C 105 -4.79 22.44 2.21
C LEU C 105 -5.21 23.24 3.44
N THR C 106 -4.63 24.42 3.59
CA THR C 106 -4.92 25.28 4.73
C THR C 106 -5.85 26.38 4.30
N VAL C 107 -6.90 26.59 5.10
CA VAL C 107 -7.85 27.66 4.82
C VAL C 107 -7.70 28.73 5.88
N LEU C 108 -7.33 29.91 5.45
CA LEU C 108 -6.87 30.95 6.36
C LEU C 108 -8.00 31.67 7.09
N GLY C 109 -8.46 31.13 8.24
CA GLY C 109 -9.53 31.72 9.04
C GLY C 109 -9.06 32.48 10.26
N GLN C 110 -7.80 32.93 10.24
CA GLN C 110 -7.35 33.87 11.24
C GLN C 110 -6.12 34.65 10.80
N PRO C 111 -5.83 35.76 11.48
CA PRO C 111 -4.67 36.60 11.14
C PRO C 111 -3.35 35.84 11.24
N LYS C 112 -2.44 36.09 10.30
CA LYS C 112 -1.09 35.55 10.39
C LYS C 112 -0.45 35.94 11.73
N ALA C 113 0.55 35.17 12.15
CA ALA C 113 1.20 35.38 13.44
C ALA C 113 2.61 34.87 13.38
N ALA C 114 3.56 35.68 13.81
CA ALA C 114 4.96 35.27 13.82
C ALA C 114 5.25 34.40 15.03
N PRO C 115 6.07 33.36 14.83
CA PRO C 115 6.44 32.37 15.85
C PRO C 115 7.30 32.99 16.93
N SER C 116 7.06 32.63 18.18
CA SER C 116 7.94 33.05 19.25
C SER C 116 8.76 31.86 19.76
N VAL C 117 10.08 32.07 19.78
CA VAL C 117 11.04 30.98 19.93
C VAL C 117 11.82 31.05 21.24
N THR C 118 11.88 29.92 21.92
CA THR C 118 12.55 29.82 23.22
C THR C 118 13.48 28.62 23.23
N LEU C 119 14.72 28.84 23.63
CA LEU C 119 15.72 27.79 23.47
C LEU C 119 16.39 27.48 24.79
N PHE C 120 16.20 26.27 25.27
CA PHE C 120 16.77 25.85 26.54
C PHE C 120 18.03 25.03 26.31
N PRO C 121 19.08 25.33 27.08
CA PRO C 121 20.32 24.56 27.13
C PRO C 121 20.13 23.37 28.05
N PRO C 122 21.03 22.39 28.00
CA PRO C 122 20.95 21.19 28.85
C PRO C 122 20.89 21.57 30.32
N SER C 123 20.04 20.93 31.11
CA SER C 123 19.99 21.29 32.53
C SER C 123 21.17 20.63 33.21
N SER C 124 21.60 21.20 34.33
CA SER C 124 22.74 20.64 35.08
C SER C 124 22.45 19.17 35.38
N GLU C 125 21.18 18.90 35.66
CA GLU C 125 20.71 17.60 36.05
C GLU C 125 20.92 16.58 34.94
N GLU C 126 20.46 16.90 33.74
CA GLU C 126 20.60 15.98 32.61
C GLU C 126 22.06 15.75 32.31
N LEU C 127 22.86 16.80 32.44
CA LEU C 127 24.28 16.72 32.19
C LEU C 127 24.94 15.76 33.16
N GLN C 128 24.48 15.82 34.41
CA GLN C 128 24.99 14.96 35.46
C GLN C 128 24.71 13.51 35.16
N ALA C 129 23.79 13.29 34.25
CA ALA C 129 23.40 11.96 33.82
C ALA C 129 24.10 11.62 32.51
N ASN C 130 25.10 12.43 32.14
CA ASN C 130 25.91 12.19 30.97
C ASN C 130 25.14 12.17 29.64
N LYS C 131 24.16 13.06 29.50
CA LYS C 131 23.49 13.28 28.23
C LYS C 131 23.30 14.78 28.12
N ALA C 132 23.20 15.29 26.89
CA ALA C 132 22.99 16.72 26.70
C ALA C 132 21.92 16.99 25.63
N THR C 133 20.88 17.72 26.01
CA THR C 133 19.79 17.97 25.07
C THR C 133 19.39 19.43 25.01
N LEU C 134 19.46 20.01 23.81
CA LEU C 134 18.97 21.35 23.53
C LEU C 134 17.52 21.28 23.14
N VAL C 135 16.68 22.11 23.77
CA VAL C 135 15.27 22.12 23.45
C VAL C 135 14.78 23.43 22.83
N CYS C 136 14.38 23.38 21.56
CA CYS C 136 13.84 24.56 20.90
C CYS C 136 12.33 24.54 20.83
N LEU C 137 11.70 25.44 21.59
CA LEU C 137 10.23 25.50 21.64
C LEU C 137 9.65 26.68 20.87
N ILE C 138 8.82 26.37 19.86
CA ILE C 138 8.30 27.35 18.93
C ILE C 138 6.79 27.42 19.10
N SER C 139 6.23 28.60 19.37
CA SER C 139 4.79 28.68 19.58
C SER C 139 4.06 29.92 19.03
N ASP C 140 2.73 29.85 19.02
CA ASP C 140 1.87 30.98 18.68
C ASP C 140 2.09 31.49 17.28
N PHE C 141 2.19 30.60 16.32
CA PHE C 141 2.37 31.06 14.95
C PHE C 141 1.23 30.56 14.02
N TYR C 142 1.07 31.24 12.88
CA TYR C 142 0.06 30.87 11.92
C TYR C 142 0.47 31.44 10.58
N PRO C 143 0.30 30.66 9.50
CA PRO C 143 -0.27 29.31 9.53
C PRO C 143 0.70 28.31 10.13
N GLY C 144 0.31 27.04 10.18
CA GLY C 144 1.08 26.03 10.86
C GLY C 144 2.06 25.32 9.95
N ALA C 145 3.15 26.00 9.62
CA ALA C 145 4.21 25.42 8.81
C ALA C 145 5.53 26.16 9.03
N VAL C 146 6.50 25.51 9.69
CA VAL C 146 7.80 26.14 9.93
C VAL C 146 8.96 25.30 9.42
N THR C 147 10.16 25.83 9.55
CA THR C 147 11.37 25.11 9.17
C THR C 147 12.42 25.32 10.27
N VAL C 148 12.97 24.23 10.80
CA VAL C 148 14.01 24.41 11.80
C VAL C 148 15.36 23.98 11.29
N ALA C 149 16.40 24.69 11.70
CA ALA C 149 17.76 24.35 11.31
C ALA C 149 18.68 24.72 12.45
N TRP C 150 19.59 23.79 12.78
CA TRP C 150 20.49 24.01 13.91
C TRP C 150 21.89 24.29 13.41
N LYS C 151 22.54 25.26 14.05
CA LYS C 151 23.92 25.55 13.75
C LYS C 151 24.76 25.35 14.99
N ALA C 152 25.99 24.88 14.80
CA ALA C 152 27.00 24.94 15.85
C ALA C 152 28.07 26.00 15.52
N ASP C 153 28.16 27.04 16.33
CA ASP C 153 29.20 28.05 16.19
C ASP C 153 29.04 28.94 14.96
N GLY C 154 28.79 28.32 13.81
CA GLY C 154 28.67 29.08 12.59
C GLY C 154 28.25 28.15 11.48
N SER C 155 28.28 26.85 11.76
CA SER C 155 28.12 25.85 10.71
C SER C 155 26.93 24.95 10.95
N PRO C 156 26.09 24.80 9.90
CA PRO C 156 24.86 24.02 9.83
C PRO C 156 25.14 22.60 10.22
N VAL C 157 24.34 22.06 11.15
CA VAL C 157 24.51 20.73 11.74
C VAL C 157 23.17 19.97 11.68
N LYS C 158 23.20 18.73 11.21
CA LYS C 158 21.95 18.03 10.92
C LYS C 158 21.78 16.80 11.80
N ALA C 159 22.88 16.35 12.40
CA ALA C 159 22.86 15.11 13.16
C ALA C 159 22.40 15.22 14.65
N GLY C 160 21.44 14.35 14.99
CA GLY C 160 20.92 14.27 16.34
C GLY C 160 19.81 15.26 16.55
N VAL C 161 19.12 15.55 15.45
CA VAL C 161 17.99 16.47 15.48
C VAL C 161 16.66 15.75 15.32
N GLU C 162 15.66 16.14 16.09
CA GLU C 162 14.33 15.63 15.85
C GLU C 162 13.43 16.84 15.90
N THR C 163 12.38 16.84 15.07
CA THR C 163 11.48 17.98 15.08
C THR C 163 10.05 17.51 14.98
N THR C 164 9.16 18.06 15.80
CA THR C 164 7.76 17.65 15.74
C THR C 164 6.98 18.34 14.59
N LYS C 165 5.86 17.73 14.20
CA LYS C 165 4.99 18.37 13.21
C LYS C 165 4.07 19.32 13.92
N PRO C 166 3.98 20.55 13.41
CA PRO C 166 3.22 21.61 14.07
C PRO C 166 1.84 21.10 14.46
N SER C 167 1.23 21.72 15.46
CA SER C 167 -0.02 21.20 16.04
C SER C 167 -0.81 22.31 16.71
N LYS C 168 -2.14 22.24 16.64
CA LYS C 168 -3.00 23.27 17.22
C LYS C 168 -2.80 23.43 18.71
N GLN C 169 -2.90 24.67 19.17
CA GLN C 169 -2.82 24.99 20.58
C GLN C 169 -4.22 25.25 21.10
N SER C 170 -4.26 25.67 22.37
CA SER C 170 -5.48 26.04 23.06
C SER C 170 -6.08 27.31 22.46
N ASN C 171 -5.25 28.09 21.75
CA ASN C 171 -5.71 29.31 21.07
C ASN C 171 -5.76 29.20 19.55
N ASN C 172 -5.90 27.98 19.06
CA ASN C 172 -5.98 27.71 17.65
C ASN C 172 -4.80 28.17 16.75
N LYS C 173 -3.78 28.76 17.36
CA LYS C 173 -2.49 29.03 16.69
C LYS C 173 -1.65 27.75 16.76
N TYR C 174 -0.49 27.73 16.12
CA TYR C 174 0.33 26.53 16.08
C TYR C 174 1.60 26.61 16.91
N ALA C 175 2.16 25.44 17.22
CA ALA C 175 3.41 25.33 17.96
C ALA C 175 4.16 24.05 17.57
N ALA C 176 5.48 24.13 17.57
CA ALA C 176 6.31 22.98 17.26
C ALA C 176 7.56 22.96 18.14
N SER C 177 8.22 21.81 18.20
CA SER C 177 9.44 21.67 18.98
C SER C 177 10.51 20.94 18.20
N SER C 178 11.75 21.24 18.53
CA SER C 178 12.87 20.56 17.92
C SER C 178 13.97 20.36 18.95
N TYR C 179 14.40 19.11 19.10
CA TYR C 179 15.47 18.80 20.03
C TYR C 179 16.77 18.54 19.27
N LEU C 180 17.89 19.02 19.82
CA LEU C 180 19.21 18.64 19.35
C LEU C 180 19.99 17.88 20.42
N SER C 181 20.37 16.63 20.11
CA SER C 181 21.00 15.77 21.09
C SER C 181 22.50 15.70 20.94
N LEU C 182 23.19 16.10 22.00
CA LEU C 182 24.65 16.03 22.04
C LEU C 182 25.13 15.14 23.17
N THR C 183 26.45 14.99 23.23
CA THR C 183 27.13 14.41 24.38
C THR C 183 27.66 15.59 25.19
N PRO C 184 27.81 15.41 26.51
CA PRO C 184 28.26 16.56 27.30
C PRO C 184 29.57 17.08 26.78
N GLU C 185 30.39 16.20 26.21
CA GLU C 185 31.66 16.61 25.64
C GLU C 185 31.43 17.63 24.52
N GLN C 186 30.65 17.24 23.51
CA GLN C 186 30.31 18.15 22.42
C GLN C 186 29.72 19.46 22.93
N TRP C 187 28.86 19.36 23.93
CA TRP C 187 28.20 20.55 24.44
C TRP C 187 29.19 21.61 24.91
N LYS C 188 30.19 21.25 25.69
CA LYS C 188 31.09 22.28 26.21
C LYS C 188 32.32 22.54 25.34
N SER C 189 32.39 21.87 24.20
CA SER C 189 33.50 22.04 23.25
C SER C 189 33.24 23.07 22.14
N HIS C 190 32.04 23.62 22.07
CA HIS C 190 31.77 24.67 21.10
C HIS C 190 31.48 25.98 21.81
N ARG C 191 31.57 27.09 21.09
CA ARG C 191 31.42 28.40 21.72
C ARG C 191 29.94 28.71 21.95
N SER C 192 29.11 28.25 21.02
CA SER C 192 27.65 28.45 21.08
C SER C 192 26.89 27.57 20.08
N TYR C 193 25.64 27.29 20.41
CA TYR C 193 24.75 26.55 19.52
C TYR C 193 23.57 27.42 19.17
N SER C 194 23.02 27.23 17.98
CA SER C 194 21.87 28.02 17.56
C SER C 194 20.68 27.30 16.93
N CYS C 195 19.50 27.85 17.25
CA CYS C 195 18.22 27.38 16.75
C CYS C 195 17.68 28.43 15.78
N GLN C 196 17.27 27.99 14.58
CA GLN C 196 16.83 28.89 13.54
C GLN C 196 15.51 28.49 12.94
N VAL C 197 14.46 29.21 13.33
CA VAL C 197 13.12 28.95 12.80
C VAL C 197 12.75 29.90 11.68
N THR C 198 12.25 29.33 10.60
CA THR C 198 11.85 30.09 9.42
C THR C 198 10.37 29.91 9.22
N HIS C 199 9.64 31.02 9.17
CA HIS C 199 8.19 31.01 9.03
C HIS C 199 7.74 31.97 7.95
N GLU C 200 7.21 31.43 6.86
CA GLU C 200 6.75 32.27 5.76
C GLU C 200 7.76 33.36 5.43
N GLY C 201 8.96 33.00 5.01
CA GLY C 201 9.89 34.00 4.53
C GLY C 201 10.81 34.61 5.58
N SER C 202 10.31 34.78 6.78
CA SER C 202 11.15 35.43 7.77
C SER C 202 11.82 34.41 8.65
N THR C 203 12.98 34.78 9.20
CA THR C 203 13.76 33.89 10.05
C THR C 203 14.11 34.45 11.43
N VAL C 204 13.63 33.79 12.48
CA VAL C 204 14.04 34.11 13.85
C VAL C 204 15.14 33.14 14.29
N GLU C 205 15.98 33.58 15.22
CA GLU C 205 17.07 32.75 15.66
C GLU C 205 17.45 33.04 17.10
N LYS C 206 17.53 32.00 17.92
CA LYS C 206 18.04 32.16 19.28
C LYS C 206 19.30 31.33 19.45
N THR C 207 20.11 31.74 20.41
CA THR C 207 21.39 31.09 20.66
C THR C 207 21.63 30.88 22.13
N VAL C 208 22.28 29.76 22.46
CA VAL C 208 22.78 29.52 23.81
C VAL C 208 24.25 29.13 23.77
N ALA C 209 24.95 29.43 24.86
CA ALA C 209 26.35 29.06 24.98
C ALA C 209 26.57 28.34 26.27
N PRO C 210 27.47 27.34 26.22
CA PRO C 210 27.79 26.48 27.37
C PRO C 210 28.32 27.37 28.46
N THR C 211 29.40 28.07 28.11
CA THR C 211 30.09 28.99 28.99
C THR C 211 29.15 30.10 29.45
N GLU C 212 28.04 29.71 30.07
CA GLU C 212 27.00 30.63 30.54
C GLU C 212 26.26 31.34 29.39
N CYS C 213 24.98 31.64 29.58
CA CYS C 213 24.23 31.26 30.79
C CYS C 213 22.80 30.81 30.44
N GLU D 1 -24.19 1.30 5.57
CA GLU D 1 -23.60 1.00 4.26
C GLU D 1 -22.20 0.43 4.43
N VAL D 2 -21.33 0.58 3.42
CA VAL D 2 -20.04 -0.10 3.44
C VAL D 2 -19.35 0.03 4.79
N GLN D 3 -18.89 -1.09 5.33
CA GLN D 3 -18.27 -1.05 6.64
C GLN D 3 -17.13 -2.04 6.75
N LEU D 4 -15.97 -1.55 7.14
CA LEU D 4 -14.77 -2.37 7.22
C LEU D 4 -14.07 -2.21 8.56
N VAL D 5 -13.75 -3.32 9.21
CA VAL D 5 -13.20 -3.27 10.56
C VAL D 5 -11.89 -4.02 10.73
N GLU D 6 -10.78 -3.28 10.70
CA GLU D 6 -9.46 -3.87 10.89
C GLU D 6 -9.25 -4.25 12.34
N SER D 7 -8.36 -5.21 12.56
CA SER D 7 -8.07 -5.72 13.89
C SER D 7 -6.76 -6.50 13.91
N GLY D 8 -6.18 -6.64 15.08
CA GLY D 8 -4.99 -7.46 15.23
C GLY D 8 -3.69 -6.68 15.16
N GLY D 9 -3.81 -5.36 14.99
CA GLY D 9 -2.64 -4.52 15.12
C GLY D 9 -2.02 -4.67 16.51
N ASN D 10 -0.71 -4.63 16.58
CA ASN D 10 -0.07 -4.68 17.88
C ASN D 10 1.36 -4.18 17.88
N VAL D 11 2.14 -4.67 18.82
CA VAL D 11 3.56 -4.30 18.89
C VAL D 11 4.40 -5.54 18.76
N VAL D 12 5.44 -5.49 17.95
CA VAL D 12 6.26 -6.68 17.76
C VAL D 12 7.68 -6.27 17.52
N GLN D 13 8.61 -7.18 17.78
CA GLN D 13 10.02 -6.92 17.63
C GLN D 13 10.36 -7.12 16.18
N PRO D 14 11.42 -6.47 15.69
CA PRO D 14 11.88 -6.72 14.32
C PRO D 14 12.14 -8.21 14.10
N GLY D 15 11.84 -8.71 12.90
CA GLY D 15 11.95 -10.13 12.60
C GLY D 15 10.67 -10.89 12.88
N GLY D 16 9.84 -10.35 13.78
CA GLY D 16 8.60 -11.00 14.20
C GLY D 16 7.49 -11.05 13.16
N SER D 17 6.33 -11.54 13.60
CA SER D 17 5.23 -11.74 12.69
C SER D 17 3.93 -11.27 13.28
N LEU D 18 2.98 -10.93 12.41
CA LEU D 18 1.71 -10.40 12.86
C LEU D 18 0.67 -10.66 11.77
N ARG D 19 -0.60 -10.85 12.19
CA ARG D 19 -1.66 -11.15 11.23
C ARG D 19 -2.92 -10.27 11.37
N LEU D 20 -2.99 -9.24 10.52
CA LEU D 20 -4.12 -8.31 10.52
C LEU D 20 -5.32 -8.95 9.83
N SER D 21 -6.52 -8.59 10.29
CA SER D 21 -7.75 -9.11 9.72
C SER D 21 -8.70 -7.95 9.53
N CYS D 22 -9.63 -8.09 8.59
CA CYS D 22 -10.56 -7.02 8.29
C CYS D 22 -11.92 -7.63 8.01
N THR D 23 -12.97 -6.99 8.47
CA THR D 23 -14.30 -7.59 8.38
C THR D 23 -15.32 -6.72 7.68
N ALA D 24 -15.91 -7.24 6.62
CA ALA D 24 -16.73 -6.42 5.76
C ALA D 24 -18.22 -6.66 5.95
N SER D 25 -19.02 -5.72 5.44
CA SER D 25 -20.47 -5.83 5.40
C SER D 25 -21.04 -4.61 4.67
N GLY D 26 -22.25 -4.77 4.13
CA GLY D 26 -22.92 -3.67 3.47
C GLY D 26 -22.65 -3.59 1.96
N PHE D 27 -21.92 -4.58 1.47
CA PHE D 27 -21.66 -4.72 0.04
C PHE D 27 -21.35 -6.20 -0.23
N SER D 28 -21.33 -6.59 -1.50
CA SER D 28 -21.01 -7.96 -1.84
C SER D 28 -19.51 -8.21 -1.76
N PHE D 29 -19.05 -8.75 -0.64
CA PHE D 29 -17.63 -9.06 -0.46
C PHE D 29 -17.16 -10.00 -1.55
N ASP D 30 -18.04 -10.94 -1.92
CA ASP D 30 -17.74 -12.01 -2.87
C ASP D 30 -17.37 -11.48 -4.24
N ASP D 31 -17.95 -10.34 -4.63
CA ASP D 31 -17.68 -9.77 -5.93
C ASP D 31 -16.51 -8.79 -5.96
N SER D 32 -15.99 -8.45 -4.78
CA SER D 32 -15.12 -7.27 -4.66
C SER D 32 -13.63 -7.54 -4.55
N THR D 33 -12.85 -6.65 -5.14
CA THR D 33 -11.41 -6.68 -4.96
C THR D 33 -11.04 -5.87 -3.73
N MET D 34 -10.14 -6.40 -2.90
CA MET D 34 -9.72 -5.71 -1.68
C MET D 34 -8.27 -5.22 -1.70
N HIS D 35 -7.96 -4.25 -0.83
CA HIS D 35 -6.63 -3.66 -0.71
C HIS D 35 -6.16 -3.56 0.73
N TRP D 36 -4.85 -3.59 0.92
CA TRP D 36 -4.24 -3.05 2.12
C TRP D 36 -3.43 -1.78 1.78
N VAL D 37 -3.75 -0.70 2.49
CA VAL D 37 -2.97 0.52 2.38
C VAL D 37 -2.48 0.87 3.77
N ARG D 38 -1.21 1.22 3.90
CA ARG D 38 -0.67 1.62 5.20
C ARG D 38 -0.24 3.08 5.18
N GLN D 39 -0.10 3.65 6.38
CA GLN D 39 0.23 5.07 6.54
C GLN D 39 1.14 5.30 7.75
N ALA D 40 2.42 5.55 7.48
CA ALA D 40 3.37 5.88 8.54
C ALA D 40 2.76 7.02 9.33
N PRO D 41 2.88 7.00 10.66
CA PRO D 41 2.24 8.06 11.45
C PRO D 41 2.78 9.42 11.05
N GLY D 42 1.90 10.38 10.79
CA GLY D 42 2.31 11.67 10.28
C GLY D 42 2.59 11.75 8.78
N LYS D 43 3.18 10.71 8.20
CA LYS D 43 3.43 10.63 6.75
C LYS D 43 2.20 10.29 5.85
N GLY D 44 2.45 10.05 4.56
CA GLY D 44 1.39 9.85 3.58
C GLY D 44 0.87 8.43 3.39
N LEU D 45 0.02 8.23 2.40
CA LEU D 45 -0.56 6.90 2.15
C LEU D 45 0.39 6.08 1.29
N GLN D 46 0.48 4.78 1.57
CA GLN D 46 1.33 3.86 0.81
C GLN D 46 0.55 2.59 0.58
N TRP D 47 0.35 2.27 -0.70
CA TRP D 47 -0.38 1.08 -1.08
C TRP D 47 0.49 -0.14 -0.76
N VAL D 48 -0.12 -1.18 -0.21
CA VAL D 48 0.60 -2.37 0.21
C VAL D 48 0.36 -3.60 -0.68
N SER D 49 -0.90 -3.89 -0.96
CA SER D 49 -1.28 -5.10 -1.69
C SER D 49 -2.76 -5.08 -2.10
N LEU D 50 -3.09 -5.77 -3.19
CA LEU D 50 -4.49 -6.01 -3.57
C LEU D 50 -4.75 -7.48 -3.89
N ILE D 51 -6.02 -7.85 -3.93
CA ILE D 51 -6.40 -9.22 -4.18
C ILE D 51 -7.81 -9.31 -4.74
N SER D 52 -7.95 -10.00 -5.88
CA SER D 52 -9.25 -10.12 -6.54
C SER D 52 -10.15 -11.13 -5.83
N TRP D 53 -11.41 -11.15 -6.25
CA TRP D 53 -12.45 -11.85 -5.53
C TRP D 53 -12.16 -13.31 -5.19
N ASN D 54 -11.45 -13.99 -6.07
CA ASN D 54 -11.17 -15.40 -5.86
C ASN D 54 -9.70 -15.66 -5.54
N GLY D 55 -8.90 -14.63 -5.64
CA GLY D 55 -7.48 -14.83 -5.43
C GLY D 55 -6.77 -14.88 -6.77
N GLY D 56 -7.55 -14.79 -7.84
CA GLY D 56 -7.01 -14.78 -9.19
C GLY D 56 -5.82 -13.85 -9.34
N ARG D 57 -6.09 -12.55 -9.42
CA ARG D 57 -5.02 -11.58 -9.43
C ARG D 57 -4.65 -11.25 -7.98
N THR D 58 -3.35 -11.24 -7.68
CA THR D 58 -2.89 -10.59 -6.47
C THR D 58 -1.51 -9.96 -6.72
N TYR D 59 -1.35 -8.71 -6.27
CA TYR D 59 -0.07 -8.04 -6.41
C TYR D 59 0.41 -7.46 -5.07
N TYR D 60 1.71 -7.27 -4.97
CA TYR D 60 2.31 -6.67 -3.78
C TYR D 60 3.24 -5.52 -4.14
N ALA D 61 3.44 -4.62 -3.19
CA ALA D 61 4.35 -3.50 -3.38
C ALA D 61 5.79 -3.96 -3.18
N ASP D 62 6.72 -3.38 -3.91
CA ASP D 62 8.12 -3.79 -3.80
C ASP D 62 8.62 -3.88 -2.36
N SER D 63 8.27 -2.88 -1.56
CA SER D 63 8.64 -2.84 -0.15
C SER D 63 8.38 -4.14 0.62
N VAL D 64 7.18 -4.68 0.49
CA VAL D 64 6.82 -5.85 1.24
C VAL D 64 6.92 -7.13 0.44
N LYS D 65 7.48 -7.05 -0.78
CA LYS D 65 7.55 -8.24 -1.65
C LYS D 65 8.30 -9.37 -0.96
N GLY D 66 7.65 -10.51 -0.85
CA GLY D 66 8.28 -11.67 -0.28
C GLY D 66 8.14 -11.80 1.22
N ARG D 67 7.68 -10.76 1.90
CA ARG D 67 7.51 -10.84 3.34
C ARG D 67 6.01 -10.84 3.72
N PHE D 68 5.20 -10.15 2.93
CA PHE D 68 3.78 -10.03 3.22
C PHE D 68 2.96 -10.97 2.34
N THR D 69 1.80 -11.37 2.85
CA THR D 69 0.93 -12.31 2.16
C THR D 69 -0.54 -11.95 2.35
N ILE D 70 -1.20 -11.59 1.25
CA ILE D 70 -2.62 -11.22 1.33
C ILE D 70 -3.54 -12.43 1.06
N SER D 71 -4.70 -12.49 1.72
CA SER D 71 -5.59 -13.65 1.62
C SER D 71 -7.02 -13.28 1.97
N ARG D 72 -7.96 -14.16 1.64
CA ARG D 72 -9.35 -13.90 2.00
C ARG D 72 -10.14 -15.17 2.27
N ASP D 73 -11.36 -15.02 2.77
CA ASP D 73 -12.24 -16.14 3.02
C ASP D 73 -13.66 -15.65 2.82
N ASN D 74 -14.14 -15.72 1.58
CA ASN D 74 -15.41 -15.08 1.26
C ASN D 74 -16.61 -15.56 2.07
N SER D 75 -16.47 -16.73 2.69
CA SER D 75 -17.54 -17.28 3.52
C SER D 75 -17.65 -16.51 4.82
N LYS D 76 -16.62 -15.73 5.12
CA LYS D 76 -16.55 -14.98 6.37
C LYS D 76 -16.47 -13.46 6.19
N ASN D 77 -16.61 -12.98 4.95
CA ASN D 77 -16.39 -11.58 4.65
C ASN D 77 -15.11 -11.03 5.30
N SER D 78 -14.00 -11.73 5.08
CA SER D 78 -12.76 -11.42 5.78
C SER D 78 -11.57 -11.28 4.88
N LEU D 79 -10.75 -10.29 5.16
CA LEU D 79 -9.55 -10.06 4.41
C LEU D 79 -8.42 -10.26 5.41
N TYR D 80 -7.29 -10.79 4.97
CA TYR D 80 -6.20 -11.04 5.90
C TYR D 80 -4.92 -10.48 5.34
N LEU D 81 -4.00 -10.14 6.24
CA LEU D 81 -2.66 -9.74 5.84
C LEU D 81 -1.63 -10.40 6.77
N GLN D 82 -0.72 -11.17 6.16
CA GLN D 82 0.30 -11.87 6.92
C GLN D 82 1.65 -11.20 6.78
N MET D 83 2.06 -10.51 7.84
CA MET D 83 3.32 -9.78 7.85
C MET D 83 4.34 -10.65 8.57
N ASN D 84 5.39 -11.05 7.85
CA ASN D 84 6.49 -11.83 8.40
C ASN D 84 7.78 -11.05 8.24
N SER D 85 8.77 -11.37 9.04
CA SER D 85 10.09 -10.73 8.89
C SER D 85 9.93 -9.20 8.89
N LEU D 86 9.14 -8.72 9.85
CA LEU D 86 8.84 -7.29 10.03
C LEU D 86 10.08 -6.41 10.17
N LYS D 87 9.97 -5.18 9.74
CA LYS D 87 11.04 -4.21 9.96
C LYS D 87 10.44 -3.04 10.72
N THR D 88 11.28 -2.12 11.21
CA THR D 88 10.72 -0.91 11.81
C THR D 88 9.98 -0.09 10.75
N GLU D 89 10.49 -0.08 9.52
CA GLU D 89 9.89 0.66 8.42
C GLU D 89 8.44 0.26 8.21
N ASP D 90 8.06 -0.89 8.72
CA ASP D 90 6.68 -1.36 8.53
C ASP D 90 5.74 -0.79 9.58
N THR D 91 6.30 -0.05 10.53
CA THR D 91 5.49 0.54 11.58
C THR D 91 4.57 1.55 10.93
N ALA D 92 3.27 1.35 11.09
CA ALA D 92 2.31 2.29 10.51
C ALA D 92 0.86 2.00 10.85
N PHE D 93 -0.01 2.76 10.22
CA PHE D 93 -1.43 2.51 10.34
C PHE D 93 -1.82 1.64 9.16
N TYR D 94 -2.49 0.53 9.42
CA TYR D 94 -2.91 -0.35 8.34
C TYR D 94 -4.40 -0.25 8.09
N PHE D 95 -4.72 0.14 6.86
CA PHE D 95 -6.08 0.32 6.40
C PHE D 95 -6.43 -0.80 5.45
N CYS D 96 -7.67 -1.27 5.52
CA CYS D 96 -8.16 -2.13 4.46
C CYS D 96 -9.20 -1.37 3.66
N ALA D 97 -9.19 -1.54 2.35
CA ALA D 97 -10.12 -0.81 1.50
C ALA D 97 -10.72 -1.68 0.40
N LYS D 98 -11.96 -1.38 0.04
CA LYS D 98 -12.67 -2.07 -1.02
C LYS D 98 -12.47 -1.31 -2.33
N ASP D 99 -12.49 -2.00 -3.45
CA ASP D 99 -12.30 -1.40 -4.77
C ASP D 99 -13.63 -1.40 -5.54
N LYS D 100 -13.95 -0.32 -6.26
CA LYS D 100 -15.22 -0.29 -7.01
C LYS D 100 -15.35 -1.50 -7.94
N GLY D 101 -14.20 -1.97 -8.44
CA GLY D 101 -14.14 -3.17 -9.27
C GLY D 101 -14.42 -2.88 -10.73
N ASP D 102 -14.03 -1.69 -11.16
CA ASP D 102 -14.36 -1.26 -12.50
C ASP D 102 -13.40 -1.84 -13.52
N SER D 103 -13.95 -2.50 -14.54
CA SER D 103 -13.16 -3.13 -15.60
C SER D 103 -13.58 -2.71 -17.00
N ASP D 104 -13.23 -3.53 -17.99
CA ASP D 104 -13.35 -3.15 -19.40
C ASP D 104 -12.76 -4.26 -20.27
N TYS D 105 -13.49 -4.62 -21.33
CA TYS D 105 -13.04 -5.70 -22.20
CB TYS D 105 -13.92 -6.96 -22.00
CG TYS D 105 -13.68 -8.13 -22.93
CD1 TYS D 105 -12.81 -8.03 -23.99
CD2 TYS D 105 -14.35 -9.33 -22.76
CE1 TYS D 105 -12.60 -9.06 -24.87
CE2 TYS D 105 -14.15 -10.40 -23.65
CZ TYS D 105 -13.25 -10.25 -24.69
OH TYS D 105 -12.98 -11.22 -25.66
S TYS D 105 -12.55 -12.71 -25.21
O1 TYS D 105 -13.34 -13.17 -23.98
O2 TYS D 105 -12.84 -13.64 -26.38
O3 TYS D 105 -11.06 -12.71 -24.92
C TYS D 105 -12.91 -5.19 -23.66
O TYS D 105 -13.49 -4.17 -24.03
N ASP D 106 -12.07 -5.87 -24.44
CA ASP D 106 -11.76 -5.52 -25.83
C ASP D 106 -11.20 -6.78 -26.49
N TYS D 107 -12.02 -7.45 -27.30
CA TYS D 107 -11.70 -8.72 -27.95
CB TYS D 107 -12.28 -8.70 -29.35
CG TYS D 107 -12.48 -10.09 -29.83
CD1 TYS D 107 -12.15 -10.49 -31.10
CD2 TYS D 107 -13.00 -11.03 -28.94
CE1 TYS D 107 -12.34 -11.78 -31.51
CE2 TYS D 107 -13.20 -12.31 -29.32
CZ TYS D 107 -12.87 -12.70 -30.60
OH TYS D 107 -13.08 -14.02 -30.92
S TYS D 107 -13.79 -14.24 -32.35
O1 TYS D 107 -15.06 -13.37 -32.42
O2 TYS D 107 -14.19 -15.71 -32.44
O3 TYS D 107 -12.80 -13.88 -33.46
C TYS D 107 -10.24 -9.14 -28.11
O TYS D 107 -9.87 -10.30 -27.83
N ASN D 108 -9.43 -8.22 -28.62
CA ASN D 108 -8.03 -8.51 -28.94
C ASN D 108 -6.98 -7.85 -28.03
N LEU D 109 -7.42 -6.93 -27.17
CA LEU D 109 -6.50 -6.25 -26.24
C LEU D 109 -6.55 -6.84 -24.81
N GLY D 110 -7.47 -7.80 -24.59
CA GLY D 110 -7.64 -8.45 -23.29
C GLY D 110 -8.48 -7.63 -22.33
N TYR D 111 -8.33 -7.90 -21.03
CA TYR D 111 -9.03 -7.11 -20.01
C TYR D 111 -8.21 -5.92 -19.54
N SER D 112 -8.89 -4.92 -19.00
CA SER D 112 -8.23 -3.77 -18.40
C SER D 112 -8.93 -3.39 -17.10
N TYR D 113 -8.16 -3.32 -16.01
CA TYR D 113 -8.70 -3.02 -14.69
C TYR D 113 -8.34 -1.60 -14.23
N PHE D 114 -9.26 -0.95 -13.54
CA PHE D 114 -9.04 0.43 -13.12
C PHE D 114 -9.20 0.53 -11.61
N TYR D 115 -8.13 0.18 -10.91
CA TYR D 115 -8.22 0.03 -9.48
C TYR D 115 -8.37 1.40 -8.79
N TYR D 116 -9.16 1.44 -7.71
CA TYR D 116 -9.20 2.59 -6.83
C TYR D 116 -10.19 2.29 -5.68
N MET D 117 -10.03 2.96 -4.54
CA MET D 117 -10.77 2.55 -3.35
C MET D 117 -12.14 3.24 -3.18
N ASP D 118 -13.13 2.47 -2.77
CA ASP D 118 -14.54 2.81 -2.82
C ASP D 118 -15.04 2.99 -1.41
N GLY D 119 -14.29 2.41 -0.49
CA GLY D 119 -14.58 2.53 0.93
C GLY D 119 -13.34 2.18 1.73
N TRP D 120 -13.20 2.77 2.92
CA TRP D 120 -12.07 2.47 3.79
C TRP D 120 -12.50 2.08 5.18
N GLY D 121 -11.62 1.39 5.90
CA GLY D 121 -11.87 1.06 7.29
C GLY D 121 -11.33 2.16 8.19
N LYS D 122 -11.37 1.93 9.50
CA LYS D 122 -10.88 2.91 10.48
C LYS D 122 -9.36 2.85 10.66
N GLY D 123 -8.81 1.67 10.50
CA GLY D 123 -7.37 1.49 10.66
C GLY D 123 -7.09 0.54 11.81
N THR D 124 -5.86 0.06 11.87
CA THR D 124 -5.39 -0.69 13.04
C THR D 124 -3.89 -0.42 13.14
N THR D 125 -3.38 -0.34 14.38
CA THR D 125 -2.03 0.16 14.53
C THR D 125 -0.98 -0.92 14.69
N VAL D 126 0.07 -0.84 13.88
CA VAL D 126 1.17 -1.77 13.97
C VAL D 126 2.46 -1.06 14.35
N THR D 127 3.07 -1.49 15.45
CA THR D 127 4.35 -0.93 15.90
C THR D 127 5.43 -1.96 15.93
N VAL D 128 6.54 -1.64 15.28
CA VAL D 128 7.66 -2.57 15.26
C VAL D 128 8.80 -1.92 16.01
N SER D 129 9.08 -2.42 17.22
CA SER D 129 10.13 -1.86 18.07
C SER D 129 10.94 -2.90 18.84
N SER D 130 12.24 -2.64 18.93
CA SER D 130 13.11 -3.44 19.77
C SER D 130 12.81 -3.20 21.28
N ALA D 131 12.06 -2.13 21.61
CA ALA D 131 11.90 -1.57 22.99
C ALA D 131 10.71 -2.07 23.82
N SER D 132 10.80 -1.92 25.14
CA SER D 132 9.77 -2.40 26.06
C SER D 132 9.44 -1.32 27.08
N THR D 133 8.33 -1.51 27.80
CA THR D 133 7.88 -0.50 28.74
C THR D 133 9.01 0.08 29.59
N LYS D 134 9.01 1.41 29.73
CA LYS D 134 10.00 2.15 30.51
C LYS D 134 9.41 3.50 30.91
N GLY D 135 9.46 3.83 32.20
CA GLY D 135 9.02 5.14 32.65
C GLY D 135 9.95 6.25 32.19
N PRO D 136 9.48 7.51 32.27
CA PRO D 136 10.25 8.63 31.76
C PRO D 136 11.19 9.21 32.81
N SER D 137 12.29 9.83 32.36
CA SER D 137 13.11 10.71 33.19
C SER D 137 12.61 12.13 32.96
N VAL D 138 12.61 12.93 34.01
CA VAL D 138 12.05 14.26 33.96
C VAL D 138 13.07 15.35 34.32
N PHE D 139 13.36 16.23 33.37
CA PHE D 139 14.33 17.29 33.59
C PHE D 139 13.71 18.66 33.50
N PRO D 140 14.18 19.57 34.34
CA PRO D 140 13.76 20.96 34.38
C PRO D 140 14.27 21.78 33.19
N LEU D 141 13.33 22.45 32.53
CA LEU D 141 13.67 23.51 31.59
C LEU D 141 13.57 24.85 32.33
N ALA D 142 14.67 25.25 32.97
CA ALA D 142 14.72 26.43 33.82
C ALA D 142 14.69 27.71 33.01
N PRO D 143 13.91 28.72 33.46
CA PRO D 143 13.78 30.01 32.77
C PRO D 143 15.00 30.89 33.03
N SER D 144 15.27 31.92 32.21
CA SER D 144 16.39 32.84 32.55
C SER D 144 16.22 34.28 32.06
N SER D 145 16.42 35.23 32.98
CA SER D 145 16.45 36.68 32.66
C SER D 145 15.09 37.23 32.19
N GLY D 151 9.14 41.16 29.44
CA GLY D 151 7.76 41.07 29.91
C GLY D 151 7.40 39.77 30.61
N THR D 152 7.53 38.65 29.91
CA THR D 152 7.30 37.34 30.52
C THR D 152 8.48 36.38 30.31
N ALA D 153 8.36 35.20 30.91
CA ALA D 153 9.39 34.15 30.83
C ALA D 153 8.75 32.79 30.57
N ALA D 154 9.54 31.89 29.99
CA ALA D 154 9.06 30.53 29.70
C ALA D 154 9.87 29.52 30.49
N LEU D 155 9.17 28.56 31.08
CA LEU D 155 9.83 27.47 31.76
C LEU D 155 9.11 26.15 31.45
N GLY D 156 9.78 25.01 31.68
CA GLY D 156 9.23 23.73 31.28
C GLY D 156 9.83 22.46 31.82
N CYS D 157 9.39 21.35 31.23
CA CYS D 157 9.84 20.01 31.58
C CYS D 157 10.27 19.28 30.32
N LEU D 158 11.47 18.71 30.37
CA LEU D 158 11.86 17.73 29.38
C LEU D 158 11.48 16.35 29.92
N VAL D 159 10.60 15.66 29.20
CA VAL D 159 10.19 14.31 29.58
C VAL D 159 10.88 13.29 28.66
N LYS D 160 11.94 12.68 29.19
CA LYS D 160 12.91 11.94 28.36
C LYS D 160 12.77 10.43 28.42
N ASP D 161 13.06 9.79 27.28
CA ASP D 161 13.25 8.35 27.13
C ASP D 161 12.22 7.46 27.83
N TYR D 162 11.04 7.39 27.25
CA TYR D 162 10.00 6.51 27.77
C TYR D 162 9.38 5.69 26.63
N PHE D 163 8.43 4.84 26.99
CA PHE D 163 7.79 3.90 26.06
C PHE D 163 6.85 3.02 26.87
N PRO D 164 5.66 2.74 26.33
CA PRO D 164 5.20 3.24 25.04
C PRO D 164 4.48 4.53 25.34
N GLU D 165 3.72 5.05 24.37
CA GLU D 165 2.95 6.26 24.60
C GLU D 165 1.70 5.93 25.37
N PRO D 166 1.03 6.94 25.91
CA PRO D 166 1.39 8.35 25.95
C PRO D 166 1.77 8.83 27.36
N VAL D 167 2.39 10.00 27.41
CA VAL D 167 2.61 10.71 28.66
C VAL D 167 1.58 11.84 28.78
N THR D 168 1.23 12.24 29.99
CA THR D 168 0.39 13.40 30.15
C THR D 168 1.03 14.33 31.18
N VAL D 169 0.96 15.63 30.92
CA VAL D 169 1.56 16.59 31.82
C VAL D 169 0.57 17.64 32.28
N SER D 170 0.63 17.99 33.55
CA SER D 170 -0.15 19.10 34.06
C SER D 170 0.79 19.95 34.87
N TRP D 171 0.32 21.10 35.32
CA TRP D 171 1.16 21.95 36.16
C TRP D 171 0.43 22.31 37.43
N ASN D 172 1.17 22.43 38.54
CA ASN D 172 0.58 22.72 39.83
C ASN D 172 -0.68 21.90 40.13
N SER D 173 -0.56 20.60 39.83
CA SER D 173 -1.61 19.62 40.05
C SER D 173 -2.93 20.01 39.39
N GLY D 174 -2.84 20.59 38.19
CA GLY D 174 -4.02 20.98 37.43
C GLY D 174 -4.47 22.43 37.56
N ALA D 175 -3.96 23.13 38.58
CA ALA D 175 -4.41 24.50 38.87
C ALA D 175 -3.77 25.57 38.01
N LEU D 176 -2.97 25.16 37.03
CA LEU D 176 -2.36 26.09 36.10
C LEU D 176 -2.63 25.59 34.70
N THR D 177 -3.40 26.35 33.95
CA THR D 177 -3.73 25.95 32.59
C THR D 177 -3.47 27.11 31.64
N SER D 178 -3.49 28.32 32.20
CA SER D 178 -3.24 29.51 31.41
C SER D 178 -1.75 29.63 31.00
N GLY D 179 -1.48 29.40 29.72
CA GLY D 179 -0.14 29.62 29.20
C GLY D 179 0.61 28.33 28.95
N VAL D 180 -0.09 27.22 29.18
CA VAL D 180 0.50 25.89 29.14
C VAL D 180 0.37 25.21 27.79
N HIS D 181 1.47 24.65 27.32
CA HIS D 181 1.42 23.82 26.13
C HIS D 181 2.31 22.60 26.25
N THR D 182 1.71 21.46 25.98
CA THR D 182 2.41 20.20 25.97
C THR D 182 2.52 19.70 24.55
N PHE D 183 3.75 19.55 24.06
CA PHE D 183 3.98 19.21 22.68
C PHE D 183 3.74 17.75 22.39
N PRO D 184 3.79 17.39 21.11
CA PRO D 184 3.81 15.99 20.69
C PRO D 184 5.17 15.38 20.97
N ALA D 185 5.21 14.06 21.02
CA ALA D 185 6.44 13.37 21.31
C ALA D 185 7.19 13.12 20.03
N VAL D 186 8.50 13.15 20.12
CA VAL D 186 9.33 12.66 19.02
C VAL D 186 9.79 11.26 19.38
N LEU D 187 10.01 10.42 18.39
CA LEU D 187 10.50 9.09 18.64
C LEU D 187 11.97 9.04 18.20
N GLN D 188 12.88 8.78 19.14
CA GLN D 188 14.30 8.83 18.82
C GLN D 188 14.82 7.50 18.26
N SER D 189 16.10 7.50 17.87
CA SER D 189 16.77 6.32 17.33
C SER D 189 16.70 5.14 18.28
N SER D 190 16.77 5.44 19.57
CA SER D 190 16.71 4.42 20.61
C SER D 190 15.37 3.68 20.66
N GLY D 191 14.39 4.13 19.89
CA GLY D 191 13.09 3.51 19.92
C GLY D 191 12.28 4.03 21.08
N LEU D 192 12.83 5.04 21.77
CA LEU D 192 12.20 5.66 22.94
C LEU D 192 11.60 7.04 22.66
N TYR D 193 10.52 7.38 23.35
CA TYR D 193 9.86 8.67 23.14
C TYR D 193 10.36 9.77 24.09
N SER D 194 10.23 11.02 23.67
CA SER D 194 10.56 12.19 24.49
C SER D 194 9.61 13.31 24.13
N LEU D 195 9.19 14.10 25.10
CA LEU D 195 8.37 15.24 24.79
C LEU D 195 8.67 16.37 25.76
N SER D 196 8.15 17.56 25.50
CA SER D 196 8.31 18.68 26.43
C SER D 196 6.98 19.32 26.83
N SER D 197 7.01 20.12 27.87
CA SER D 197 5.85 20.93 28.20
C SER D 197 6.33 22.29 28.70
N VAL D 198 5.72 23.36 28.20
CA VAL D 198 6.10 24.69 28.66
C VAL D 198 4.93 25.42 29.17
N VAL D 199 5.24 26.41 29.98
CA VAL D 199 4.24 27.34 30.38
C VAL D 199 4.91 28.73 30.46
N THR D 200 4.22 29.74 29.94
CA THR D 200 4.70 31.11 29.97
C THR D 200 4.03 31.85 31.12
N VAL D 201 4.83 32.62 31.84
CA VAL D 201 4.40 33.17 33.11
C VAL D 201 4.93 34.57 33.36
N PRO D 202 4.16 35.36 34.13
CA PRO D 202 4.58 36.66 34.65
C PRO D 202 6.04 36.65 35.09
N SER D 203 6.88 37.27 34.27
CA SER D 203 8.32 37.34 34.52
C SER D 203 8.66 37.73 35.96
N SER D 204 7.86 38.64 36.52
CA SER D 204 8.09 39.19 37.85
C SER D 204 7.89 38.13 38.93
N SER D 205 6.76 37.44 38.85
CA SER D 205 6.38 36.43 39.83
C SER D 205 7.18 35.14 39.64
N LEU D 206 8.48 35.21 39.85
CA LEU D 206 9.34 34.08 39.58
C LEU D 206 10.14 33.68 40.81
N GLY D 207 10.25 34.59 41.76
CA GLY D 207 10.91 34.30 43.02
C GLY D 207 9.87 33.99 44.08
N THR D 208 8.62 34.24 43.72
CA THR D 208 7.51 34.07 44.65
C THR D 208 6.64 32.87 44.31
N GLN D 209 5.84 32.99 43.25
CA GLN D 209 4.98 31.90 42.78
C GLN D 209 5.82 30.66 42.43
N THR D 210 5.31 29.48 42.76
CA THR D 210 6.08 28.22 42.64
C THR D 210 5.50 27.24 41.60
N TYR D 211 6.35 26.85 40.64
CA TYR D 211 5.90 26.04 39.51
C TYR D 211 6.39 24.58 39.54
N ILE D 212 5.42 23.67 39.48
CA ILE D 212 5.70 22.25 39.54
C ILE D 212 4.95 21.57 38.42
N CYS D 213 5.64 20.70 37.70
CA CYS D 213 4.94 19.96 36.68
C CYS D 213 4.76 18.53 37.12
N ASN D 214 3.61 17.97 36.77
CA ASN D 214 3.28 16.60 37.13
C ASN D 214 3.17 15.76 35.87
N VAL D 215 4.09 14.82 35.75
CA VAL D 215 4.13 13.90 34.64
C VAL D 215 3.43 12.59 35.04
N ASN D 216 2.65 12.03 34.12
CA ASN D 216 2.02 10.74 34.35
C ASN D 216 2.22 9.82 33.14
N HIS D 217 2.68 8.60 33.41
CA HIS D 217 2.91 7.59 32.37
C HIS D 217 2.24 6.28 32.77
N LYS D 218 0.95 6.11 32.46
CA LYS D 218 0.21 4.94 32.93
C LYS D 218 0.75 3.59 32.48
N PRO D 219 1.28 3.51 31.26
CA PRO D 219 1.86 2.23 30.81
C PRO D 219 2.93 1.63 31.74
N SER D 220 3.56 2.45 32.58
CA SER D 220 4.59 1.93 33.50
C SER D 220 4.22 2.25 34.94
N ASN D 221 3.02 2.79 35.12
CA ASN D 221 2.53 3.13 36.46
C ASN D 221 3.51 4.01 37.18
N THR D 222 4.11 4.94 36.44
CA THR D 222 5.01 5.94 37.00
C THR D 222 4.30 7.30 37.06
N LYS D 223 4.66 8.09 38.04
CA LYS D 223 4.13 9.43 38.17
C LYS D 223 5.24 10.24 38.84
N VAL D 224 5.56 11.38 38.24
CA VAL D 224 6.67 12.17 38.72
C VAL D 224 6.23 13.60 38.97
N ASP D 225 6.72 14.21 40.03
CA ASP D 225 6.52 15.64 40.24
C ASP D 225 7.88 16.28 40.30
N LYS D 226 8.05 17.39 39.59
CA LYS D 226 9.31 18.09 39.56
C LYS D 226 9.04 19.58 39.68
N LYS D 227 9.76 20.23 40.58
CA LYS D 227 9.65 21.67 40.73
C LYS D 227 10.71 22.31 39.85
N VAL D 228 10.28 23.28 39.06
CA VAL D 228 11.16 23.96 38.14
C VAL D 228 11.49 25.33 38.72
N GLU D 229 12.74 25.49 39.10
CA GLU D 229 13.19 26.75 39.67
C GLU D 229 14.19 27.38 38.75
N PRO D 230 14.20 28.71 38.69
CA PRO D 230 15.21 29.47 37.94
C PRO D 230 16.58 29.16 38.54
N LYS D 231 17.69 29.54 37.92
CA LYS D 231 19.01 29.40 38.56
C LYS D 231 20.02 29.01 37.50
N SER D 232 21.29 28.84 37.90
CA SER D 232 21.78 29.18 39.24
C SER D 232 21.99 30.68 39.31
N CYS D 233 22.93 31.16 38.48
CA CYS D 233 23.17 32.59 38.30
C CYS D 233 21.88 33.35 38.01
N TYR E 2 -34.98 14.45 51.41
CA TYR E 2 -34.39 15.71 50.98
C TYR E 2 -34.29 15.84 49.46
N VAL E 3 -34.62 17.03 48.94
CA VAL E 3 -34.64 17.25 47.49
C VAL E 3 -33.72 18.36 46.99
N LEU E 4 -32.94 18.01 45.97
CA LEU E 4 -32.05 18.92 45.26
C LEU E 4 -32.61 19.18 43.87
N THR E 5 -32.72 20.46 43.51
CA THR E 5 -33.29 20.86 42.22
C THR E 5 -32.33 21.74 41.42
N GLN E 6 -32.10 21.34 40.17
CA GLN E 6 -31.25 22.09 39.28
C GLN E 6 -32.01 22.44 38.01
N PRO E 7 -31.74 23.62 37.44
CA PRO E 7 -32.23 24.01 36.12
C PRO E 7 -31.85 22.96 35.08
N PRO E 8 -32.80 22.52 34.25
CA PRO E 8 -32.51 21.44 33.29
C PRO E 8 -31.47 21.87 32.26
N SER E 9 -31.59 23.08 31.75
CA SER E 9 -30.62 23.55 30.77
C SER E 9 -29.93 24.85 31.22
N VAL E 10 -28.77 25.12 30.63
CA VAL E 10 -28.04 26.37 30.79
C VAL E 10 -27.01 26.54 29.66
N SER E 11 -27.07 27.67 28.98
CA SER E 11 -26.21 27.93 27.84
C SER E 11 -25.33 29.15 28.07
N VAL E 12 -24.17 29.16 27.42
CA VAL E 12 -23.25 30.28 27.46
C VAL E 12 -22.43 30.33 26.19
N ALA E 13 -21.94 31.52 25.86
CA ALA E 13 -21.07 31.70 24.73
C ALA E 13 -19.63 31.53 25.21
N PRO E 14 -18.77 30.94 24.34
CA PRO E 14 -17.38 30.60 24.70
C PRO E 14 -16.66 31.79 25.33
N GLY E 15 -15.79 31.52 26.30
CA GLY E 15 -15.05 32.58 26.94
C GLY E 15 -15.83 33.30 28.02
N LYS E 16 -17.16 33.26 27.95
CA LYS E 16 -17.99 33.86 28.98
C LYS E 16 -17.95 33.04 30.27
N THR E 17 -18.81 33.39 31.21
CA THR E 17 -18.85 32.69 32.48
C THR E 17 -20.21 32.04 32.73
N ALA E 18 -20.20 30.78 33.18
CA ALA E 18 -21.43 30.01 33.39
C ALA E 18 -21.76 29.79 34.86
N ARG E 19 -23.05 29.77 35.18
CA ARG E 19 -23.49 29.52 36.55
C ARG E 19 -24.55 28.42 36.61
N ILE E 20 -24.33 27.45 37.51
CA ILE E 20 -25.26 26.36 37.72
C ILE E 20 -25.71 26.34 39.17
N THR E 21 -27.02 26.38 39.37
CA THR E 21 -27.59 26.53 40.69
C THR E 21 -28.03 25.18 41.21
N CYS E 22 -28.04 25.04 42.53
CA CYS E 22 -28.52 23.83 43.16
C CYS E 22 -29.43 24.19 44.31
N GLY E 23 -30.73 24.01 44.09
CA GLY E 23 -31.72 24.40 45.08
C GLY E 23 -32.06 23.33 46.09
N GLY E 24 -31.73 23.59 47.35
CA GLY E 24 -32.11 22.73 48.45
C GLY E 24 -32.35 23.60 49.66
N ASN E 25 -33.35 23.26 50.46
CA ASN E 25 -33.69 24.11 51.61
C ASN E 25 -32.74 23.94 52.78
N ASN E 26 -32.20 25.05 53.26
CA ASN E 26 -31.19 25.00 54.31
C ASN E 26 -30.04 24.10 53.89
N ILE E 27 -29.65 24.27 52.62
CA ILE E 27 -28.60 23.48 52.00
C ILE E 27 -27.23 23.98 52.44
N ALA E 28 -27.18 25.17 53.03
CA ALA E 28 -25.91 25.72 53.49
C ALA E 28 -25.42 24.91 54.68
N ASN E 29 -26.34 24.19 55.31
CA ASN E 29 -26.01 23.33 56.44
C ASN E 29 -25.27 22.06 56.05
N LYS E 30 -25.38 21.70 54.77
CA LYS E 30 -24.82 20.45 54.26
C LYS E 30 -23.62 20.71 53.35
N ASN E 31 -22.74 19.72 53.21
CA ASN E 31 -21.63 19.80 52.27
C ASN E 31 -22.08 19.43 50.86
N VAL E 32 -21.86 20.33 49.91
CA VAL E 32 -22.27 20.07 48.53
C VAL E 32 -21.10 19.71 47.63
N HIS E 33 -21.28 18.68 46.81
CA HIS E 33 -20.22 18.27 45.92
C HIS E 33 -20.72 18.32 44.48
N TRP E 34 -19.83 18.43 43.51
CA TRP E 34 -20.27 18.57 42.13
C TRP E 34 -19.57 17.60 41.19
N TYR E 35 -20.34 16.94 40.32
CA TYR E 35 -19.74 16.01 39.35
C TYR E 35 -20.06 16.47 37.94
N GLN E 36 -19.13 16.19 37.03
CA GLN E 36 -19.30 16.48 35.62
C GLN E 36 -19.33 15.17 34.85
N GLN E 37 -20.31 15.02 33.97
CA GLN E 37 -20.45 13.78 33.21
C GLN E 37 -20.64 14.06 31.72
N LYS E 38 -19.65 13.67 30.93
CA LYS E 38 -19.76 13.83 29.49
C LYS E 38 -20.39 12.57 28.92
N PRO E 39 -21.32 12.75 27.96
CA PRO E 39 -22.09 11.66 27.34
C PRO E 39 -21.30 10.37 27.14
N GLY E 40 -21.86 9.26 27.64
CA GLY E 40 -21.23 7.96 27.59
C GLY E 40 -19.91 7.91 28.34
N GLN E 41 -19.94 8.21 29.63
CA GLN E 41 -18.69 8.29 30.40
C GLN E 41 -18.84 8.41 31.93
N ALA E 42 -17.73 8.17 32.61
CA ALA E 42 -17.67 8.20 34.05
C ALA E 42 -17.82 9.63 34.55
N PRO E 43 -18.77 9.85 35.47
CA PRO E 43 -18.88 11.14 36.19
C PRO E 43 -17.51 11.52 36.78
N VAL E 44 -17.31 12.79 37.13
CA VAL E 44 -16.00 13.23 37.59
C VAL E 44 -16.09 14.31 38.63
N LEU E 45 -15.47 14.10 39.78
CA LEU E 45 -15.55 15.09 40.84
C LEU E 45 -14.88 16.38 40.39
N VAL E 46 -15.55 17.52 40.58
CA VAL E 46 -14.95 18.83 40.26
C VAL E 46 -14.89 19.78 41.45
N ILE E 47 -15.89 19.73 42.31
CA ILE E 47 -15.89 20.55 43.49
C ILE E 47 -16.41 19.70 44.62
N TYR E 48 -15.66 19.66 45.72
CA TYR E 48 -16.12 18.98 46.92
C TYR E 48 -16.07 19.92 48.13
N TYR E 49 -16.76 19.54 49.19
CA TYR E 49 -16.87 20.38 50.38
C TYR E 49 -17.16 21.84 50.02
N ASP E 50 -18.12 22.02 49.12
CA ASP E 50 -18.64 23.34 48.79
C ASP E 50 -17.77 24.16 47.81
N ASP E 51 -16.61 24.63 48.28
CA ASP E 51 -15.75 25.50 47.48
C ASP E 51 -14.37 24.91 47.17
N ASP E 52 -14.03 23.80 47.80
CA ASP E 52 -12.78 23.10 47.53
C ASP E 52 -12.76 22.48 46.13
N ARG E 53 -11.56 22.22 45.62
CA ARG E 53 -11.40 21.70 44.27
C ARG E 53 -10.27 20.67 44.24
N PRO E 54 -10.51 19.52 43.62
CA PRO E 54 -9.42 18.53 43.54
C PRO E 54 -8.34 18.91 42.55
N SER E 55 -7.09 18.62 42.91
CA SER E 55 -5.97 18.92 42.03
C SER E 55 -6.04 18.01 40.81
N GLY E 56 -5.95 18.60 39.61
CA GLY E 56 -6.07 17.87 38.37
C GLY E 56 -7.17 18.49 37.52
N ILE E 57 -7.87 19.46 38.09
CA ILE E 57 -8.92 20.19 37.37
C ILE E 57 -8.75 21.71 37.49
N PRO E 58 -8.96 22.41 36.36
CA PRO E 58 -8.67 23.85 36.17
C PRO E 58 -9.19 24.77 37.28
N ASP E 59 -8.47 25.87 37.51
CA ASP E 59 -8.84 26.87 38.51
C ASP E 59 -10.08 27.64 38.14
N ARG E 60 -10.65 27.32 36.96
CA ARG E 60 -11.84 28.00 36.45
C ARG E 60 -13.11 27.57 37.20
N PHE E 61 -13.11 26.33 37.70
CA PHE E 61 -14.22 25.81 38.51
C PHE E 61 -14.16 26.31 39.95
N SER E 62 -15.26 26.84 40.46
CA SER E 62 -15.29 27.41 41.79
C SER E 62 -16.66 27.23 42.45
N GLY E 63 -16.69 27.11 43.78
CA GLY E 63 -17.92 26.78 44.45
C GLY E 63 -18.46 27.79 45.44
N SER E 64 -19.78 27.90 45.48
CA SER E 64 -20.46 28.73 46.48
C SER E 64 -21.53 27.91 47.21
N ASN E 65 -21.93 28.38 48.39
CA ASN E 65 -23.04 27.76 49.10
C ASN E 65 -23.61 28.67 50.16
N SER E 66 -24.76 29.27 49.86
CA SER E 66 -25.34 30.26 50.74
C SER E 66 -26.83 30.03 51.00
N GLY E 67 -27.17 29.83 52.27
CA GLY E 67 -28.55 29.78 52.72
C GLY E 67 -29.41 28.73 52.05
N ASN E 68 -29.93 29.04 50.86
CA ASN E 68 -30.85 28.13 50.18
C ASN E 68 -30.40 27.71 48.79
N THR E 69 -29.18 28.10 48.42
CA THR E 69 -28.72 27.82 47.07
C THR E 69 -27.19 27.71 46.94
N ALA E 70 -26.76 26.57 46.41
CA ALA E 70 -25.36 26.30 46.15
C ALA E 70 -25.08 26.58 44.68
N THR E 71 -23.82 26.92 44.36
CA THR E 71 -23.50 27.29 42.98
C THR E 71 -22.12 26.88 42.48
N LEU E 72 -22.14 26.13 41.38
CA LEU E 72 -20.94 25.78 40.63
C LEU E 72 -20.74 26.87 39.58
N THR E 73 -19.58 27.52 39.59
CA THR E 73 -19.31 28.62 38.68
C THR E 73 -18.10 28.35 37.78
N ILE E 74 -18.36 28.05 36.50
CA ILE E 74 -17.27 27.85 35.55
C ILE E 74 -16.98 29.13 34.77
N SER E 75 -15.75 29.62 34.84
CA SER E 75 -15.38 30.85 34.13
C SER E 75 -14.54 30.53 32.90
N ARG E 76 -14.47 31.49 31.99
CA ARG E 76 -13.76 31.31 30.72
C ARG E 76 -14.10 29.95 30.11
N VAL E 77 -15.40 29.69 30.01
CA VAL E 77 -15.92 28.44 29.49
C VAL E 77 -15.29 28.04 28.17
N GLU E 78 -14.95 26.76 28.01
CA GLU E 78 -14.44 26.29 26.74
C GLU E 78 -15.43 25.33 26.11
N ALA E 79 -15.10 24.88 24.90
CA ALA E 79 -15.94 23.94 24.18
C ALA E 79 -15.93 22.59 24.89
N GLY E 80 -14.82 22.30 25.55
CA GLY E 80 -14.66 21.05 26.26
C GLY E 80 -15.45 20.96 27.56
N ASP E 81 -16.01 22.08 28.01
CA ASP E 81 -16.77 22.10 29.26
C ASP E 81 -18.23 21.72 29.08
N GLU E 82 -18.59 21.44 27.84
CA GLU E 82 -19.93 20.98 27.51
C GLU E 82 -20.14 19.59 28.11
N ALA E 83 -21.04 19.51 29.09
CA ALA E 83 -21.43 18.24 29.70
C ALA E 83 -22.63 18.40 30.62
N ASP E 84 -22.94 17.36 31.40
CA ASP E 84 -24.01 17.42 32.37
C ASP E 84 -23.39 17.57 33.74
N TYR E 85 -23.98 18.42 34.59
CA TYR E 85 -23.41 18.69 35.91
C TYR E 85 -24.39 18.37 37.03
N TYR E 86 -23.99 17.53 37.98
CA TYR E 86 -24.87 17.16 39.09
C TYR E 86 -24.31 17.68 40.41
N CYS E 87 -25.18 18.18 41.27
CA CYS E 87 -24.77 18.47 42.64
C CYS E 87 -25.23 17.31 43.52
N GLN E 88 -24.58 17.13 44.68
CA GLN E 88 -24.83 15.97 45.53
C GLN E 88 -24.62 16.28 47.01
N VAL E 89 -25.49 15.72 47.86
CA VAL E 89 -25.31 15.86 49.30
C VAL E 89 -25.58 14.56 50.02
N TRP E 90 -25.41 14.59 51.33
CA TRP E 90 -25.72 13.45 52.18
C TRP E 90 -26.77 13.84 53.20
N ASP E 91 -27.92 13.20 53.13
CA ASP E 91 -28.94 13.50 54.12
C ASP E 91 -28.79 12.59 55.32
N SER E 92 -28.22 13.15 56.38
CA SER E 92 -28.03 12.44 57.65
C SER E 92 -29.37 12.02 58.26
N ASN E 93 -30.43 12.72 57.85
CA ASN E 93 -31.77 12.47 58.36
C ASN E 93 -32.42 11.24 57.79
N SER E 94 -32.30 11.07 56.47
CA SER E 94 -32.95 9.96 55.79
C SER E 94 -31.97 8.88 55.39
N ASP E 95 -30.69 9.10 55.71
CA ASP E 95 -29.64 8.16 55.32
C ASP E 95 -29.69 7.92 53.82
N HIS E 96 -29.56 9.00 53.07
CA HIS E 96 -29.60 8.95 51.62
C HIS E 96 -28.54 9.85 51.03
N VAL E 97 -27.84 9.35 50.03
CA VAL E 97 -27.08 10.22 49.17
C VAL E 97 -28.10 10.79 48.20
N VAL E 98 -28.00 12.08 47.93
CA VAL E 98 -28.95 12.71 47.03
C VAL E 98 -28.28 13.48 45.91
N PHE E 99 -28.63 13.14 44.68
CA PHE E 99 -28.19 13.88 43.50
C PHE E 99 -29.31 14.83 43.04
N GLY E 100 -28.93 15.91 42.37
CA GLY E 100 -29.89 16.79 41.76
C GLY E 100 -30.27 16.25 40.39
N GLY E 101 -31.14 16.99 39.70
CA GLY E 101 -31.65 16.57 38.40
C GLY E 101 -30.57 16.53 37.33
N GLY E 102 -29.55 17.35 37.52
CA GLY E 102 -28.54 17.50 36.51
C GLY E 102 -28.86 18.67 35.60
N THR E 103 -27.81 19.34 35.14
CA THR E 103 -27.92 20.50 34.27
C THR E 103 -27.05 20.26 33.04
N GLN E 104 -27.66 20.32 31.87
CA GLN E 104 -26.92 20.17 30.64
C GLN E 104 -26.42 21.53 30.19
N LEU E 105 -25.10 21.73 30.27
CA LEU E 105 -24.45 22.98 29.90
C LEU E 105 -24.08 22.98 28.43
N THR E 106 -24.72 23.87 27.67
CA THR E 106 -24.46 23.98 26.25
C THR E 106 -23.53 25.15 25.99
N VAL E 107 -22.51 24.92 25.20
CA VAL E 107 -21.59 25.98 24.82
C VAL E 107 -21.81 26.28 23.35
N LEU E 108 -22.27 27.49 23.08
CA LEU E 108 -22.79 27.83 21.77
C LEU E 108 -21.71 27.83 20.67
N GLY E 109 -21.44 26.57 20.12
CA GLY E 109 -20.38 26.18 19.17
C GLY E 109 -20.77 26.00 17.70
N GLN E 110 -21.99 26.40 17.37
CA GLN E 110 -22.38 26.55 15.97
C GLN E 110 -23.59 27.46 15.83
N PRO E 111 -23.85 27.94 14.61
CA PRO E 111 -24.96 28.86 14.35
C PRO E 111 -26.32 28.23 14.67
N LYS E 112 -27.25 29.01 15.24
CA LYS E 112 -28.63 28.56 15.39
C LYS E 112 -29.22 28.12 14.06
N ALA E 113 -30.26 27.30 14.13
CA ALA E 113 -30.83 26.67 12.94
C ALA E 113 -32.26 26.31 13.23
N ALA E 114 -33.17 26.74 12.35
CA ALA E 114 -34.58 26.44 12.54
C ALA E 114 -34.87 25.02 12.06
N PRO E 115 -35.79 24.35 12.75
CA PRO E 115 -36.16 22.95 12.51
C PRO E 115 -36.94 22.81 11.22
N SER E 116 -36.65 21.78 10.43
CA SER E 116 -37.50 21.48 9.28
C SER E 116 -38.37 20.23 9.53
N VAL E 117 -39.67 20.43 9.36
CA VAL E 117 -40.67 19.47 9.80
C VAL E 117 -41.36 18.78 8.65
N THR E 118 -41.45 17.47 8.76
CA THR E 118 -42.09 16.64 7.77
C THR E 118 -43.12 15.71 8.41
N LEU E 119 -44.36 15.72 7.93
CA LEU E 119 -45.39 14.97 8.61
C LEU E 119 -46.02 13.95 7.68
N PHE E 120 -45.87 12.67 8.00
CA PHE E 120 -46.47 11.62 7.20
C PHE E 120 -47.78 11.15 7.81
N PRO E 121 -48.77 10.90 6.95
CA PRO E 121 -50.04 10.27 7.31
C PRO E 121 -49.90 8.75 7.29
N PRO E 122 -50.86 8.03 7.88
CA PRO E 122 -50.85 6.56 7.91
C PRO E 122 -50.76 5.98 6.51
N SER E 123 -49.88 5.02 6.26
CA SER E 123 -49.79 4.45 4.92
C SER E 123 -50.99 3.56 4.70
N SER E 124 -51.38 3.37 3.44
CA SER E 124 -52.50 2.51 3.11
C SER E 124 -52.28 1.14 3.72
N GLU E 125 -51.02 0.72 3.75
CA GLU E 125 -50.62 -0.59 4.21
C GLU E 125 -50.88 -0.75 5.70
N GLU E 126 -50.46 0.23 6.50
CA GLU E 126 -50.64 0.16 7.95
C GLU E 126 -52.12 0.17 8.26
N LEU E 127 -52.87 0.97 7.52
CA LEU E 127 -54.31 1.09 7.71
C LEU E 127 -55.00 -0.23 7.46
N GLN E 128 -54.53 -0.94 6.44
CA GLN E 128 -55.06 -2.23 6.05
C GLN E 128 -54.84 -3.23 7.18
N ALA E 129 -53.92 -2.90 8.07
CA ALA E 129 -53.59 -3.72 9.22
C ALA E 129 -54.35 -3.24 10.45
N ASN E 130 -55.30 -2.34 10.23
CA ASN E 130 -56.15 -1.82 11.29
C ASN E 130 -55.42 -1.07 12.41
N LYS E 131 -54.42 -0.28 12.04
CA LYS E 131 -53.77 0.64 12.96
C LYS E 131 -53.47 1.89 12.17
N ALA E 132 -53.35 3.01 12.85
CA ALA E 132 -53.09 4.28 12.17
C ALA E 132 -52.06 5.07 12.95
N THR E 133 -50.98 5.45 12.26
CA THR E 133 -49.91 6.19 12.91
C THR E 133 -49.46 7.41 12.11
N LEU E 134 -49.52 8.58 12.75
CA LEU E 134 -48.98 9.81 12.18
C LEU E 134 -47.53 9.95 12.62
N VAL E 135 -46.64 10.23 11.68
CA VAL E 135 -45.22 10.37 12.01
C VAL E 135 -44.70 11.77 11.73
N CYS E 136 -44.33 12.48 12.79
CA CYS E 136 -43.77 13.83 12.68
C CYS E 136 -42.24 13.84 12.81
N LEU E 137 -41.55 14.12 11.72
CA LEU E 137 -40.09 14.10 11.72
C LEU E 137 -39.49 15.50 11.67
N ILE E 138 -38.73 15.83 12.71
CA ILE E 138 -38.15 17.15 12.92
C ILE E 138 -36.64 17.06 12.80
N SER E 139 -36.01 17.85 11.94
CA SER E 139 -34.56 17.73 11.76
C SER E 139 -33.79 19.04 11.52
N ASP E 140 -32.47 18.93 11.55
CA ASP E 140 -31.58 20.03 11.22
C ASP E 140 -31.81 21.28 12.04
N PHE E 141 -31.98 21.14 13.34
CA PHE E 141 -32.15 22.31 14.18
C PHE E 141 -31.02 22.44 15.22
N TYR E 142 -30.91 23.63 15.81
CA TYR E 142 -29.93 23.90 16.84
C TYR E 142 -30.34 25.17 17.61
N PRO E 143 -30.21 25.16 18.94
CA PRO E 143 -29.71 24.05 19.74
C PRO E 143 -30.73 22.90 19.79
N GLY E 144 -30.38 21.81 20.48
CA GLY E 144 -31.20 20.60 20.53
C GLY E 144 -32.26 20.59 21.63
N ALA E 145 -33.31 21.38 21.46
CA ALA E 145 -34.42 21.42 22.40
C ALA E 145 -35.70 21.94 21.72
N VAL E 146 -36.67 21.05 21.54
CA VAL E 146 -37.93 21.41 20.88
C VAL E 146 -39.14 21.03 21.71
N THR E 147 -40.32 21.46 21.26
CA THR E 147 -41.58 21.15 21.92
C THR E 147 -42.59 20.70 20.87
N VAL E 148 -43.16 19.51 21.02
CA VAL E 148 -44.18 19.08 20.07
C VAL E 148 -45.57 19.05 20.69
N ALA E 149 -46.56 19.45 19.89
CA ALA E 149 -47.94 19.43 20.33
C ALA E 149 -48.82 19.08 19.15
N TRP E 150 -49.73 18.13 19.38
CA TRP E 150 -50.60 17.66 18.31
C TRP E 150 -52.00 18.23 18.47
N LYS E 151 -52.57 18.62 17.34
CA LYS E 151 -53.95 19.09 17.32
C LYS E 151 -54.80 18.25 16.36
N ALA E 152 -56.04 17.98 16.77
CA ALA E 152 -57.02 17.40 15.86
C ALA E 152 -58.05 18.46 15.47
N ASP E 153 -58.07 18.84 14.19
CA ASP E 153 -59.06 19.79 13.67
C ASP E 153 -58.89 21.23 14.14
N GLY E 154 -58.70 21.40 15.45
CA GLY E 154 -58.53 22.73 16.02
C GLY E 154 -58.20 22.62 17.48
N SER E 155 -58.33 21.42 18.03
CA SER E 155 -58.21 21.22 19.48
C SER E 155 -57.08 20.27 19.85
N PRO E 156 -56.37 20.58 20.94
CA PRO E 156 -55.18 19.81 21.34
C PRO E 156 -55.56 18.36 21.56
N VAL E 157 -54.61 17.43 21.47
CA VAL E 157 -55.00 16.03 21.64
C VAL E 157 -54.30 15.31 22.80
N LYS E 158 -55.09 14.51 23.50
CA LYS E 158 -54.68 13.87 24.73
C LYS E 158 -54.37 12.38 24.53
N ALA E 159 -53.11 12.01 24.79
CA ALA E 159 -52.65 10.62 24.75
C ALA E 159 -52.31 10.07 23.37
N GLY E 160 -51.69 8.89 23.36
CA GLY E 160 -51.31 8.23 22.13
C GLY E 160 -50.10 8.86 21.50
N VAL E 161 -49.61 9.92 22.13
CA VAL E 161 -48.43 10.62 21.63
C VAL E 161 -47.14 10.13 22.27
N GLU E 162 -46.12 9.91 21.46
CA GLU E 162 -44.80 9.60 21.98
C GLU E 162 -43.84 10.54 21.27
N THR E 163 -42.81 11.00 21.97
CA THR E 163 -41.84 11.91 21.37
C THR E 163 -40.43 11.56 21.81
N THR E 164 -39.50 11.48 20.87
CA THR E 164 -38.13 11.14 21.22
C THR E 164 -37.39 12.35 21.78
N LYS E 165 -36.29 12.07 22.48
CA LYS E 165 -35.42 13.14 22.94
C LYS E 165 -34.43 13.48 21.85
N PRO E 166 -34.26 14.78 21.60
CA PRO E 166 -33.44 15.24 20.49
C PRO E 166 -32.08 14.56 20.52
N SER E 167 -31.44 14.41 19.37
CA SER E 167 -30.20 13.64 19.27
C SER E 167 -29.34 14.24 18.17
N LYS E 168 -28.15 14.71 18.53
CA LYS E 168 -27.23 15.26 17.56
C LYS E 168 -27.14 14.28 16.41
N GLN E 169 -27.18 14.81 15.18
CA GLN E 169 -27.02 13.97 14.00
C GLN E 169 -25.54 13.99 13.63
N SER E 170 -25.28 13.78 12.34
CA SER E 170 -23.94 13.79 11.77
C SER E 170 -23.35 15.21 11.78
N ASN E 171 -23.93 16.09 10.97
CA ASN E 171 -23.50 17.49 10.83
C ASN E 171 -23.55 18.31 12.12
N ASN E 172 -23.74 17.63 13.24
CA ASN E 172 -23.78 18.27 14.54
C ASN E 172 -25.07 19.03 14.83
N LYS E 173 -26.05 18.93 13.92
CA LYS E 173 -27.37 19.50 14.19
C LYS E 173 -28.26 18.45 14.88
N TYR E 174 -29.43 18.86 15.35
CA TYR E 174 -30.31 17.95 16.07
C TYR E 174 -31.54 17.53 15.27
N ALA E 175 -32.14 16.43 15.70
CA ALA E 175 -33.36 15.89 15.08
C ALA E 175 -34.19 15.15 16.12
N ALA E 176 -35.51 15.24 16.01
CA ALA E 176 -36.40 14.52 16.91
C ALA E 176 -37.63 14.01 16.14
N SER E 177 -38.35 13.08 16.76
CA SER E 177 -39.55 12.52 16.15
C SER E 177 -40.69 12.41 17.16
N SER E 178 -41.91 12.46 16.66
CA SER E 178 -43.08 12.34 17.49
C SER E 178 -44.15 11.59 16.74
N TYR E 179 -44.61 10.49 17.33
CA TYR E 179 -45.67 9.71 16.72
C TYR E 179 -47.02 9.96 17.41
N LEU E 180 -48.08 10.10 16.62
CA LEU E 180 -49.42 10.10 17.15
C LEU E 180 -50.16 8.85 16.69
N SER E 181 -50.60 8.04 17.66
CA SER E 181 -51.29 6.79 17.38
C SER E 181 -52.82 6.87 17.45
N LEU E 182 -53.46 6.56 16.33
CA LEU E 182 -54.92 6.53 16.25
C LEU E 182 -55.41 5.13 15.88
N THR E 183 -56.73 5.01 15.85
CA THR E 183 -57.40 3.88 15.23
C THR E 183 -57.87 4.37 13.87
N PRO E 184 -58.00 3.46 12.90
CA PRO E 184 -58.36 3.94 11.56
C PRO E 184 -59.68 4.72 11.59
N GLU E 185 -60.55 4.37 12.53
CA GLU E 185 -61.82 5.06 12.69
C GLU E 185 -61.57 6.53 13.00
N GLN E 186 -60.82 6.79 14.07
CA GLN E 186 -60.46 8.16 14.45
C GLN E 186 -59.81 8.91 13.31
N TRP E 187 -58.92 8.24 12.59
CA TRP E 187 -58.20 8.88 11.50
C TRP E 187 -59.11 9.47 10.44
N LYS E 188 -60.13 8.74 9.99
CA LYS E 188 -60.97 9.25 8.91
C LYS E 188 -62.21 10.00 9.40
N SER E 189 -62.31 10.16 10.72
CA SER E 189 -63.45 10.86 11.33
C SER E 189 -63.20 12.35 11.64
N HIS E 190 -61.98 12.82 11.40
CA HIS E 190 -61.67 14.23 11.58
C HIS E 190 -61.32 14.84 10.23
N ARG E 191 -61.35 16.16 10.15
CA ARG E 191 -61.09 16.85 8.89
C ARG E 191 -59.60 16.91 8.59
N SER E 192 -58.80 17.07 9.65
CA SER E 192 -57.35 17.17 9.53
C SER E 192 -56.65 17.02 10.88
N TYR E 193 -55.40 16.57 10.84
CA TYR E 193 -54.58 16.48 12.03
C TYR E 193 -53.37 17.39 11.85
N SER E 194 -52.84 17.90 12.97
CA SER E 194 -51.67 18.77 12.89
C SER E 194 -50.55 18.54 13.90
N CYS E 195 -49.34 18.73 13.38
CA CYS E 195 -48.11 18.63 14.14
C CYS E 195 -47.55 20.04 14.35
N GLN E 196 -47.21 20.38 15.59
CA GLN E 196 -46.75 21.73 15.91
C GLN E 196 -45.45 21.73 16.69
N VAL E 197 -44.35 22.03 16.01
CA VAL E 197 -43.05 22.10 16.66
C VAL E 197 -42.68 23.53 17.03
N THR E 198 -42.24 23.71 18.27
CA THR E 198 -41.82 25.01 18.77
C THR E 198 -40.33 24.95 19.12
N HIS E 199 -39.56 25.86 18.54
CA HIS E 199 -38.11 25.88 18.73
C HIS E 199 -37.66 27.30 19.07
N GLU E 200 -37.20 27.50 20.30
CA GLU E 200 -36.72 28.81 20.74
C GLU E 200 -37.66 29.90 20.32
N GLY E 201 -38.90 29.86 20.81
CA GLY E 201 -39.83 30.95 20.58
C GLY E 201 -40.70 30.86 19.33
N SER E 202 -40.15 30.32 18.24
CA SER E 202 -40.90 30.26 16.99
C SER E 202 -41.60 28.92 16.84
N THR E 203 -42.72 28.93 16.13
CA THR E 203 -43.52 27.72 15.94
C THR E 203 -43.83 27.37 14.47
N VAL E 204 -43.36 26.21 14.04
CA VAL E 204 -43.70 25.70 12.73
C VAL E 204 -44.85 24.71 12.89
N GLU E 205 -45.60 24.51 11.82
CA GLU E 205 -46.74 23.60 11.89
C GLU E 205 -47.09 23.01 10.53
N LYS E 206 -47.18 21.69 10.46
CA LYS E 206 -47.63 21.02 9.26
C LYS E 206 -48.93 20.28 9.54
N THR E 207 -49.70 20.05 8.49
CA THR E 207 -50.99 19.42 8.61
C THR E 207 -51.20 18.38 7.53
N VAL E 208 -51.92 17.32 7.90
CA VAL E 208 -52.38 16.32 6.95
C VAL E 208 -53.87 16.06 7.17
N ALA E 209 -54.53 15.67 6.08
CA ALA E 209 -55.94 15.31 6.13
C ALA E 209 -56.17 13.96 5.47
N PRO E 210 -57.19 13.22 5.95
CA PRO E 210 -57.51 11.87 5.49
C PRO E 210 -57.41 11.75 3.97
N THR E 211 -58.57 11.82 3.31
CA THR E 211 -58.65 11.77 1.85
C THR E 211 -57.40 11.19 1.18
N GLU E 212 -56.75 11.98 0.32
CA GLU E 212 -55.60 11.55 -0.46
C GLU E 212 -54.91 12.81 -1.01
N CYS E 213 -53.72 12.67 -1.61
CA CYS E 213 -53.00 11.41 -1.78
C CYS E 213 -52.03 11.12 -0.63
N GLU F 1 -5.37 4.45 37.35
CA GLU F 1 -5.38 4.47 38.81
C GLU F 1 -6.50 3.59 39.37
N VAL F 2 -7.41 4.19 40.13
CA VAL F 2 -8.68 3.51 40.51
C VAL F 2 -9.44 2.90 39.32
N GLN F 3 -9.85 1.64 39.44
CA GLN F 3 -10.52 1.01 38.33
C GLN F 3 -11.64 0.11 38.80
N LEU F 4 -12.83 0.35 38.27
CA LEU F 4 -14.04 -0.39 38.65
C LEU F 4 -14.80 -0.96 37.45
N VAL F 5 -15.08 -2.26 37.49
CA VAL F 5 -15.70 -2.93 36.35
C VAL F 5 -17.00 -3.64 36.68
N GLU F 6 -18.12 -3.00 36.36
CA GLU F 6 -19.43 -3.62 36.55
C GLU F 6 -19.69 -4.70 35.51
N SER F 7 -20.58 -5.63 35.84
CA SER F 7 -20.88 -6.78 34.98
C SER F 7 -22.17 -7.43 35.43
N GLY F 8 -22.77 -8.21 34.53
CA GLY F 8 -23.96 -8.96 34.87
C GLY F 8 -25.28 -8.26 34.58
N GLY F 9 -25.19 -7.04 34.03
CA GLY F 9 -26.36 -6.37 33.52
C GLY F 9 -27.00 -7.23 32.45
N ASN F 10 -28.33 -7.22 32.40
CA ASN F 10 -29.03 -7.98 31.37
C ASN F 10 -30.48 -7.56 31.20
N VAL F 11 -31.28 -8.47 30.65
CA VAL F 11 -32.68 -8.20 30.45
C VAL F 11 -33.48 -9.20 31.24
N VAL F 12 -34.51 -8.73 31.95
CA VAL F 12 -35.31 -9.62 32.76
C VAL F 12 -36.75 -9.13 32.79
N GLN F 13 -37.66 -10.06 33.05
CA GLN F 13 -39.08 -9.74 33.12
C GLN F 13 -39.36 -9.17 34.49
N PRO F 14 -40.40 -8.33 34.60
CA PRO F 14 -40.80 -7.81 35.92
C PRO F 14 -41.04 -8.96 36.91
N GLY F 15 -40.72 -8.75 38.19
CA GLY F 15 -40.77 -9.80 39.18
C GLY F 15 -39.48 -10.60 39.28
N GLY F 16 -38.70 -10.62 38.20
CA GLY F 16 -37.45 -11.38 38.13
C GLY F 16 -36.32 -10.88 39.01
N SER F 17 -35.16 -11.52 38.86
CA SER F 17 -34.02 -11.21 39.71
C SER F 17 -32.75 -11.12 38.88
N LEU F 18 -31.78 -10.41 39.42
CA LEU F 18 -30.52 -10.20 38.72
C LEU F 18 -29.44 -9.82 39.73
N ARG F 19 -28.20 -10.20 39.43
CA ARG F 19 -27.10 -9.96 40.38
C ARG F 19 -25.88 -9.28 39.73
N LEU F 20 -25.81 -7.96 39.91
CA LEU F 20 -24.68 -7.18 39.41
C LEU F 20 -23.45 -7.36 40.29
N SER F 21 -22.28 -7.32 39.65
CA SER F 21 -21.01 -7.46 40.34
C SER F 21 -20.09 -6.35 39.86
N CYS F 22 -19.08 -6.01 40.67
CA CYS F 22 -18.19 -4.92 40.37
C CYS F 22 -16.82 -5.28 40.87
N THR F 23 -15.79 -4.98 40.08
CA THR F 23 -14.46 -5.43 40.43
C THR F 23 -13.48 -4.29 40.55
N ALA F 24 -12.84 -4.17 41.71
CA ALA F 24 -11.99 -3.03 41.99
C ALA F 24 -10.50 -3.36 41.92
N SER F 25 -9.69 -2.31 41.75
CA SER F 25 -8.23 -2.39 41.83
C SER F 25 -7.65 -1.00 41.84
N GLY F 26 -6.42 -0.87 42.33
CA GLY F 26 -5.72 0.40 42.28
C GLY F 26 -5.95 1.28 43.50
N PHE F 27 -6.70 0.74 44.45
CA PHE F 27 -6.88 1.39 45.73
C PHE F 27 -7.18 0.27 46.73
N SER F 28 -7.13 0.61 48.02
CA SER F 28 -7.43 -0.37 49.08
C SER F 28 -8.92 -0.64 49.21
N PHE F 29 -9.39 -1.69 48.55
CA PHE F 29 -10.80 -2.04 48.62
C PHE F 29 -11.23 -2.25 50.06
N ASP F 30 -10.36 -2.92 50.81
CA ASP F 30 -10.61 -3.29 52.19
C ASP F 30 -10.93 -2.11 53.09
N ASP F 31 -10.36 -0.94 52.79
CA ASP F 31 -10.56 0.21 53.64
C ASP F 31 -11.74 1.04 53.19
N SER F 32 -12.30 0.73 52.02
CA SER F 32 -13.19 1.66 51.35
C SER F 32 -14.69 1.40 51.45
N THR F 33 -15.46 2.48 51.51
CA THR F 33 -16.92 2.40 51.39
C THR F 33 -17.33 2.41 49.90
N MET F 34 -18.27 1.56 49.52
CA MET F 34 -18.71 1.51 48.13
C MET F 34 -20.16 1.92 47.97
N HIS F 35 -20.54 2.24 46.72
CA HIS F 35 -21.89 2.70 46.36
C HIS F 35 -22.40 2.06 45.09
N TRP F 36 -23.72 1.91 44.99
CA TRP F 36 -24.37 1.72 43.69
C TRP F 36 -25.17 2.97 43.36
N VAL F 37 -24.91 3.52 42.18
CA VAL F 37 -25.72 4.61 41.67
C VAL F 37 -26.25 4.17 40.32
N ARG F 38 -27.54 4.41 40.08
CA ARG F 38 -28.12 4.04 38.79
C ARG F 38 -28.59 5.29 38.04
N GLN F 39 -28.77 5.14 36.73
CA GLN F 39 -29.16 6.24 35.87
C GLN F 39 -30.11 5.79 34.76
N ALA F 40 -31.38 6.17 34.89
CA ALA F 40 -32.36 5.91 33.85
C ALA F 40 -31.83 6.47 32.55
N PRO F 41 -31.97 5.73 31.42
CA PRO F 41 -31.37 6.21 30.18
C PRO F 41 -31.92 7.60 29.85
N GLY F 42 -31.03 8.54 29.54
CA GLY F 42 -31.44 9.91 29.29
C GLY F 42 -31.65 10.76 30.54
N LYS F 43 -32.22 10.16 31.59
CA LYS F 43 -32.46 10.87 32.85
C LYS F 43 -31.20 11.07 33.74
N GLY F 44 -31.40 11.54 34.97
CA GLY F 44 -30.29 11.88 35.86
C GLY F 44 -29.73 10.77 36.74
N LEU F 45 -28.85 11.14 37.67
CA LEU F 45 -28.26 10.18 38.59
C LEU F 45 -29.18 9.93 39.80
N GLN F 46 -29.26 8.68 40.21
CA GLN F 46 -30.03 8.28 41.38
C GLN F 46 -29.20 7.34 42.23
N TRP F 47 -28.97 7.74 43.48
CA TRP F 47 -28.21 6.90 44.38
C TRP F 47 -29.06 5.71 44.76
N VAL F 48 -28.45 4.54 44.84
CA VAL F 48 -29.17 3.30 45.14
C VAL F 48 -28.88 2.73 46.54
N SER F 49 -27.59 2.61 46.87
CA SER F 49 -27.16 1.98 48.12
C SER F 49 -25.68 2.24 48.39
N LEU F 50 -25.32 2.23 49.69
CA LEU F 50 -23.91 2.23 50.11
C LEU F 50 -23.59 1.14 51.17
N ILE F 51 -22.31 0.88 51.39
CA ILE F 51 -21.90 -0.18 52.31
C ILE F 51 -20.48 0.04 52.76
N SER F 52 -20.28 0.07 54.08
CA SER F 52 -18.95 0.30 54.64
C SER F 52 -18.07 -0.93 54.52
N TRP F 53 -16.81 -0.76 54.89
CA TRP F 53 -15.76 -1.73 54.57
C TRP F 53 -16.04 -3.15 55.05
N ASN F 54 -16.67 -3.25 56.21
CA ASN F 54 -16.96 -4.54 56.80
C ASN F 54 -18.44 -4.93 56.74
N GLY F 55 -19.27 -3.99 56.33
CA GLY F 55 -20.68 -4.27 56.26
C GLY F 55 -21.35 -3.59 57.42
N GLY F 56 -20.53 -2.94 58.24
CA GLY F 56 -21.00 -2.24 59.42
C GLY F 56 -22.22 -1.38 59.13
N ARG F 57 -21.98 -0.24 58.47
CA ARG F 57 -23.07 0.60 57.99
C ARG F 57 -23.49 0.16 56.59
N THR F 58 -24.80 -0.02 56.38
CA THR F 58 -25.32 -0.14 55.02
C THR F 58 -26.70 0.51 54.95
N TYR F 59 -26.90 1.32 53.93
CA TYR F 59 -28.17 1.99 53.74
C TYR F 59 -28.73 1.77 52.33
N TYR F 60 -30.04 1.87 52.21
CA TYR F 60 -30.68 1.75 50.92
C TYR F 60 -31.60 2.94 50.63
N ALA F 61 -31.85 3.19 49.34
CA ALA F 61 -32.77 4.22 48.91
C ALA F 61 -34.21 3.73 49.02
N ASP F 62 -35.13 4.60 49.44
CA ASP F 62 -36.53 4.23 49.61
C ASP F 62 -37.08 3.39 48.44
N SER F 63 -36.76 3.81 47.22
CA SER F 63 -37.18 3.12 46.00
C SER F 63 -36.93 1.61 46.02
N VAL F 64 -35.73 1.20 46.42
CA VAL F 64 -35.36 -0.22 46.37
C VAL F 64 -35.43 -0.90 47.73
N LYS F 65 -35.83 -0.16 48.76
CA LYS F 65 -35.89 -0.70 50.11
C LYS F 65 -36.65 -2.02 50.14
N GLY F 66 -35.99 -3.06 50.63
CA GLY F 66 -36.64 -4.34 50.77
C GLY F 66 -36.54 -5.23 49.55
N ARG F 67 -36.15 -4.68 48.41
CA ARG F 67 -36.02 -5.51 47.21
C ARG F 67 -34.55 -5.74 46.83
N PHE F 68 -33.72 -4.73 47.11
CA PHE F 68 -32.30 -4.78 46.75
C PHE F 68 -31.43 -5.14 47.96
N THR F 69 -30.31 -5.78 47.69
CA THR F 69 -29.36 -6.18 48.74
C THR F 69 -27.91 -5.95 48.33
N ILE F 70 -27.21 -5.08 49.07
CA ILE F 70 -25.80 -4.80 48.78
C ILE F 70 -24.85 -5.67 49.63
N SER F 71 -23.70 -6.06 49.06
CA SER F 71 -22.79 -6.98 49.73
C SER F 71 -21.40 -6.86 49.16
N ARG F 72 -20.42 -7.42 49.87
CA ARG F 72 -19.05 -7.41 49.36
C ARG F 72 -18.26 -8.65 49.75
N ASP F 73 -17.08 -8.78 49.19
CA ASP F 73 -16.17 -9.86 49.53
C ASP F 73 -14.75 -9.32 49.41
N ASN F 74 -14.24 -8.76 50.49
CA ASN F 74 -12.99 -8.04 50.38
C ASN F 74 -11.81 -8.88 49.91
N SER F 75 -11.93 -10.21 50.04
CA SER F 75 -10.87 -11.11 49.58
C SER F 75 -10.81 -11.15 48.05
N LYS F 76 -11.86 -10.62 47.41
CA LYS F 76 -11.99 -10.66 45.96
C LYS F 76 -12.12 -9.26 45.33
N ASN F 77 -11.95 -8.21 46.14
CA ASN F 77 -12.18 -6.85 45.66
C ASN F 77 -13.48 -6.75 44.89
N SER F 78 -14.57 -7.23 45.48
CA SER F 78 -15.84 -7.32 44.77
C SER F 78 -17.02 -6.73 45.53
N LEU F 79 -17.87 -6.04 44.80
CA LEU F 79 -19.04 -5.43 45.37
C LEU F 79 -20.19 -6.13 44.66
N TYR F 80 -21.28 -6.39 45.35
CA TYR F 80 -22.40 -7.08 44.69
C TYR F 80 -23.68 -6.31 44.90
N LEU F 81 -24.62 -6.49 43.97
CA LEU F 81 -25.96 -5.94 44.13
C LEU F 81 -27.01 -6.99 43.74
N GLN F 82 -27.88 -7.33 44.68
CA GLN F 82 -28.90 -8.35 44.45
C GLN F 82 -30.26 -7.69 44.28
N MET F 83 -30.73 -7.67 43.03
CA MET F 83 -31.99 -7.03 42.70
C MET F 83 -33.04 -8.11 42.58
N ASN F 84 -34.03 -8.08 43.45
CA ASN F 84 -35.15 -9.03 43.43
C ASN F 84 -36.45 -8.29 43.23
N SER F 85 -37.46 -8.98 42.72
CA SER F 85 -38.77 -8.37 42.58
C SER F 85 -38.65 -7.09 41.76
N LEU F 86 -37.95 -7.21 40.64
CA LEU F 86 -37.68 -6.08 39.74
C LEU F 86 -38.93 -5.43 39.18
N LYS F 87 -38.82 -4.13 38.90
CA LYS F 87 -39.89 -3.40 38.24
C LYS F 87 -39.34 -2.79 36.96
N THR F 88 -40.19 -2.25 36.11
CA THR F 88 -39.68 -1.57 34.92
C THR F 88 -38.94 -0.30 35.34
N GLU F 89 -39.41 0.35 36.40
CA GLU F 89 -38.79 1.56 36.95
C GLU F 89 -37.30 1.34 37.26
N ASP F 90 -36.91 0.09 37.43
CA ASP F 90 -35.54 -0.24 37.79
C ASP F 90 -34.65 -0.32 36.57
N THR F 91 -35.25 -0.22 35.39
CA THR F 91 -34.48 -0.27 34.17
C THR F 91 -33.57 0.94 34.19
N ALA F 92 -32.27 0.70 34.10
CA ALA F 92 -31.29 1.79 34.06
C ALA F 92 -29.84 1.37 33.82
N PHE F 93 -28.96 2.34 33.95
CA PHE F 93 -27.55 2.09 33.93
C PHE F 93 -27.10 1.98 35.36
N TYR F 94 -26.42 0.88 35.68
CA TYR F 94 -25.98 0.71 37.05
C TYR F 94 -24.47 0.95 37.18
N PHE F 95 -24.13 1.93 38.00
CA PHE F 95 -22.76 2.34 38.27
C PHE F 95 -22.34 1.92 39.65
N CYS F 96 -21.11 1.46 39.79
CA CYS F 96 -20.59 1.26 41.12
C CYS F 96 -19.53 2.31 41.37
N ALA F 97 -19.49 2.84 42.59
CA ALA F 97 -18.56 3.91 42.86
C ALA F 97 -17.89 3.78 44.23
N LYS F 98 -16.63 4.20 44.30
CA LYS F 98 -15.86 4.23 45.54
C LYS F 98 -16.04 5.57 46.26
N ASP F 99 -15.92 5.59 47.58
CA ASP F 99 -16.11 6.80 48.36
C ASP F 99 -14.77 7.16 48.94
N LYS F 100 -14.43 8.45 48.99
CA LYS F 100 -13.16 8.88 49.59
C LYS F 100 -12.98 8.37 51.02
N GLY F 101 -14.08 8.26 51.76
CA GLY F 101 -14.09 7.66 53.08
C GLY F 101 -13.76 8.66 54.15
N ASP F 102 -14.14 9.90 53.93
CA ASP F 102 -13.80 10.90 54.91
C ASP F 102 -14.74 10.82 56.11
N SER F 103 -14.15 10.77 57.29
CA SER F 103 -14.92 10.65 58.53
C SER F 103 -14.51 11.69 59.57
N ASP F 104 -14.87 11.45 60.83
CA ASP F 104 -14.71 12.41 61.91
C ASP F 104 -15.30 11.89 63.22
N TYS F 105 -14.56 12.05 64.31
CA TYS F 105 -15.02 11.54 65.61
CB TYS F 105 -14.05 10.46 66.13
CG TYS F 105 -14.41 9.84 67.49
CD1 TYS F 105 -15.72 9.64 67.87
CD2 TYS F 105 -13.40 9.47 68.38
CE1 TYS F 105 -16.03 9.09 69.11
CE2 TYS F 105 -13.71 8.92 69.62
CZ TYS F 105 -15.02 8.71 69.99
OH TYS F 105 -15.38 8.17 71.23
S TYS F 105 -14.53 6.88 71.77
O1 TYS F 105 -13.73 6.24 70.64
O2 TYS F 105 -13.57 7.29 72.88
O3 TYS F 105 -15.47 5.82 72.32
C TYS F 105 -15.16 12.67 66.62
O TYS F 105 -14.59 13.76 66.44
N ASP F 106 -15.94 12.41 67.67
CA ASP F 106 -16.20 13.37 68.75
C ASP F 106 -16.76 12.58 69.92
N TYS F 107 -15.96 12.35 70.96
CA TYS F 107 -16.30 11.26 71.89
CB TYS F 107 -15.13 10.78 72.80
CG TYS F 107 -15.04 11.36 74.20
CD1 TYS F 107 -14.99 12.73 74.38
CD2 TYS F 107 -14.97 10.53 75.31
CE1 TYS F 107 -14.89 13.27 75.64
CE2 TYS F 107 -14.87 11.07 76.60
CZ TYS F 107 -14.83 12.45 76.75
OH TYS F 107 -14.73 13.02 78.01
S TYS F 107 -14.44 14.63 78.05
O1 TYS F 107 -15.42 15.38 77.16
O2 TYS F 107 -13.00 14.93 77.62
O3 TYS F 107 -14.67 15.20 79.45
C TYS F 107 -17.71 11.16 72.49
O TYS F 107 -18.11 10.08 72.91
N ASN F 108 -18.50 12.24 72.45
CA ASN F 108 -19.89 12.21 72.92
C ASN F 108 -20.98 12.33 71.83
N LEU F 109 -20.57 12.71 70.62
CA LEU F 109 -21.51 12.85 69.50
C LEU F 109 -21.49 11.66 68.53
N GLY F 110 -20.56 10.72 68.75
CA GLY F 110 -20.40 9.56 67.89
C GLY F 110 -19.54 9.83 66.67
N TYR F 111 -19.70 8.99 65.65
CA TYR F 111 -19.00 9.22 64.37
C TYR F 111 -19.85 10.02 63.38
N SER F 112 -19.19 10.66 62.42
CA SER F 112 -19.88 11.38 61.35
C SER F 112 -19.20 11.15 60.02
N TYR F 113 -19.95 10.69 59.03
CA TYR F 113 -19.38 10.37 57.74
C TYR F 113 -19.80 11.38 56.69
N PHE F 114 -18.91 11.67 55.74
CA PHE F 114 -19.21 12.64 54.69
C PHE F 114 -19.04 12.02 53.34
N TYR F 115 -20.08 11.33 52.90
CA TYR F 115 -19.96 10.53 51.70
C TYR F 115 -19.87 11.40 50.45
N TYR F 116 -19.12 10.92 49.45
CA TYR F 116 -19.09 11.49 48.12
C TYR F 116 -18.09 10.75 47.26
N MET F 117 -18.28 10.78 45.95
CA MET F 117 -17.60 9.81 45.09
C MET F 117 -16.21 10.20 44.64
N ASP F 118 -15.39 9.18 44.57
CA ASP F 118 -13.97 9.34 44.43
C ASP F 118 -13.57 8.70 43.13
N GLY F 119 -14.35 7.74 42.68
CA GLY F 119 -14.11 7.09 41.41
C GLY F 119 -15.37 6.38 40.95
N TRP F 120 -15.56 6.22 39.64
CA TRP F 120 -16.73 5.51 39.12
C TRP F 120 -16.31 4.46 38.13
N GLY F 121 -17.19 3.51 37.87
CA GLY F 121 -16.94 2.48 36.87
C GLY F 121 -17.55 2.94 35.57
N LYS F 122 -17.53 2.06 34.57
CA LYS F 122 -18.09 2.36 33.25
C LYS F 122 -19.63 2.25 33.20
N GLY F 123 -20.16 1.30 33.97
CA GLY F 123 -21.58 1.03 34.00
C GLY F 123 -21.90 -0.37 33.51
N THR F 124 -23.13 -0.80 33.76
CA THR F 124 -23.65 -2.04 33.18
C THR F 124 -25.15 -1.84 33.02
N THR F 125 -25.70 -2.43 31.97
CA THR F 125 -27.08 -2.11 31.60
C THR F 125 -28.09 -3.12 32.08
N VAL F 126 -29.12 -2.61 32.73
CA VAL F 126 -30.20 -3.45 33.21
C VAL F 126 -31.52 -3.03 32.58
N THR F 127 -32.14 -3.98 31.87
CA THR F 127 -33.44 -3.76 31.23
C THR F 127 -34.51 -4.69 31.79
N VAL F 128 -35.59 -4.08 32.27
CA VAL F 128 -36.71 -4.84 32.80
C VAL F 128 -37.89 -4.67 31.86
N SER F 129 -38.21 -5.73 31.10
CA SER F 129 -39.30 -5.67 30.13
C SER F 129 -40.11 -6.96 30.06
N SER F 130 -41.42 -6.79 29.90
CA SER F 130 -42.33 -7.89 29.67
C SER F 130 -42.08 -8.50 28.29
N ALA F 131 -41.49 -7.69 27.40
CA ALA F 131 -41.44 -8.05 25.99
C ALA F 131 -40.30 -8.99 25.61
N SER F 132 -40.50 -9.70 24.51
CA SER F 132 -39.52 -10.67 24.02
C SER F 132 -39.28 -10.46 22.54
N THR F 133 -38.21 -11.07 22.03
CA THR F 133 -37.79 -10.88 20.64
C THR F 133 -38.97 -10.92 19.69
N LYS F 134 -39.00 -9.95 18.75
CA LYS F 134 -40.04 -9.78 17.75
C LYS F 134 -39.51 -8.98 16.58
N GLY F 135 -39.65 -9.50 15.37
CA GLY F 135 -39.26 -8.78 14.18
C GLY F 135 -40.16 -7.58 13.90
N PRO F 136 -39.71 -6.65 13.06
CA PRO F 136 -40.44 -5.42 12.81
C PRO F 136 -41.48 -5.58 11.67
N SER F 137 -42.54 -4.77 11.73
CA SER F 137 -43.44 -4.58 10.59
C SER F 137 -42.96 -3.35 9.83
N VAL F 138 -43.02 -3.40 8.51
CA VAL F 138 -42.46 -2.30 7.72
C VAL F 138 -43.51 -1.63 6.86
N PHE F 139 -43.72 -0.34 7.09
CA PHE F 139 -44.70 0.38 6.31
C PHE F 139 -44.07 1.49 5.47
N PRO F 140 -44.63 1.72 4.28
CA PRO F 140 -44.23 2.79 3.37
C PRO F 140 -44.69 4.18 3.82
N LEU F 141 -43.74 5.11 3.86
CA LEU F 141 -44.05 6.51 3.99
C LEU F 141 -44.00 7.11 2.60
N ALA F 142 -45.13 7.05 1.89
CA ALA F 142 -45.21 7.45 0.50
C ALA F 142 -45.15 8.96 0.36
N PRO F 143 -44.43 9.46 -0.66
CA PRO F 143 -44.23 10.89 -0.90
C PRO F 143 -45.49 11.54 -1.44
N SER F 144 -45.62 12.83 -1.11
CA SER F 144 -46.85 13.60 -1.23
C SER F 144 -47.36 13.79 -2.67
N SER F 145 -46.80 14.78 -3.37
CA SER F 145 -47.20 15.12 -4.73
C SER F 145 -48.62 15.72 -4.80
N GLY F 151 -39.10 21.86 -4.07
CA GLY F 151 -38.35 21.49 -5.26
C GLY F 151 -38.00 20.02 -5.34
N THR F 152 -37.97 19.40 -4.16
CA THR F 152 -37.74 17.95 -3.97
C THR F 152 -38.87 17.33 -3.15
N ALA F 153 -38.78 16.02 -2.91
CA ALA F 153 -39.79 15.29 -2.15
C ALA F 153 -39.14 14.38 -1.12
N ALA F 154 -39.90 14.05 -0.08
CA ALA F 154 -39.43 13.13 0.95
C ALA F 154 -40.28 11.85 1.03
N LEU F 155 -39.60 10.71 1.10
CA LEU F 155 -40.26 9.42 1.25
C LEU F 155 -39.50 8.57 2.26
N GLY F 156 -40.15 7.56 2.83
CA GLY F 156 -39.52 6.75 3.87
C GLY F 156 -40.15 5.44 4.28
N CYS F 157 -39.67 4.92 5.40
CA CYS F 157 -40.14 3.67 5.98
C CYS F 157 -40.49 3.88 7.43
N LEU F 158 -41.67 3.44 7.80
CA LEU F 158 -42.00 3.28 9.22
C LEU F 158 -41.69 1.84 9.64
N VAL F 159 -40.73 1.69 10.56
CA VAL F 159 -40.33 0.39 11.06
C VAL F 159 -40.95 0.18 12.45
N LYS F 160 -42.06 -0.55 12.47
CA LYS F 160 -42.93 -0.61 13.63
C LYS F 160 -42.79 -1.86 14.50
N ASP F 161 -43.01 -1.66 15.80
CA ASP F 161 -43.17 -2.73 16.80
C ASP F 161 -42.17 -3.89 16.72
N TYR F 162 -40.95 -3.64 17.18
CA TYR F 162 -39.92 -4.66 17.25
C TYR F 162 -39.22 -4.63 18.61
N PHE F 163 -38.31 -5.57 18.81
CA PHE F 163 -37.59 -5.76 20.07
C PHE F 163 -36.67 -6.97 19.90
N PRO F 164 -35.45 -6.90 20.46
CA PRO F 164 -34.92 -5.74 21.15
C PRO F 164 -34.26 -4.89 20.10
N GLU F 165 -33.47 -3.89 20.50
CA GLU F 165 -32.68 -3.10 19.52
C GLU F 165 -31.47 -3.89 19.04
N PRO F 166 -30.85 -3.46 17.94
CA PRO F 166 -31.21 -2.35 17.07
C PRO F 166 -31.68 -2.80 15.69
N VAL F 167 -32.33 -1.89 14.98
CA VAL F 167 -32.63 -2.11 13.58
C VAL F 167 -31.66 -1.29 12.75
N THR F 168 -31.34 -1.76 11.55
CA THR F 168 -30.52 -0.98 10.62
C THR F 168 -31.22 -0.84 9.26
N VAL F 169 -31.16 0.34 8.68
CA VAL F 169 -31.84 0.59 7.42
C VAL F 169 -30.89 1.10 6.37
N SER F 170 -31.01 0.55 5.17
CA SER F 170 -30.29 1.10 4.03
C SER F 170 -31.30 1.29 2.91
N TRP F 171 -30.89 1.93 1.81
CA TRP F 171 -31.79 2.12 0.68
C TRP F 171 -31.12 1.62 -0.56
N ASN F 172 -31.92 1.05 -1.47
CA ASN F 172 -31.42 0.46 -2.71
C ASN F 172 -30.18 -0.41 -2.51
N SER F 173 -30.24 -1.24 -1.47
CA SER F 173 -29.17 -2.18 -1.13
C SER F 173 -27.81 -1.51 -0.90
N GLY F 174 -27.83 -0.32 -0.32
CA GLY F 174 -26.60 0.40 0.00
C GLY F 174 -26.18 1.48 -1.00
N ALA F 175 -26.75 1.44 -2.21
CA ALA F 175 -26.37 2.34 -3.31
C ALA F 175 -27.01 3.74 -3.26
N LEU F 176 -27.75 4.02 -2.19
CA LEU F 176 -28.32 5.35 -2.00
C LEU F 176 -27.97 5.80 -0.59
N THR F 177 -27.17 6.85 -0.51
CA THR F 177 -26.74 7.35 0.79
C THR F 177 -26.97 8.86 0.84
N SER F 178 -26.97 9.47 -0.34
CA SER F 178 -27.18 10.90 -0.44
C SER F 178 -28.63 11.27 -0.11
N GLY F 179 -28.83 11.91 1.05
CA GLY F 179 -30.13 12.44 1.41
C GLY F 179 -30.84 11.61 2.45
N VAL F 180 -30.17 10.54 2.88
CA VAL F 180 -30.75 9.54 3.76
C VAL F 180 -30.55 9.83 5.23
N HIS F 181 -31.61 9.75 6.02
CA HIS F 181 -31.47 9.84 7.46
C HIS F 181 -32.34 8.83 8.18
N THR F 182 -31.70 8.02 9.02
CA THR F 182 -32.40 7.04 9.84
C THR F 182 -32.44 7.55 11.28
N PHE F 183 -33.64 7.76 11.80
CA PHE F 183 -33.78 8.34 13.14
C PHE F 183 -33.49 7.36 14.27
N PRO F 184 -33.50 7.88 15.50
CA PRO F 184 -33.44 7.02 16.67
C PRO F 184 -34.80 6.42 16.91
N ALA F 185 -34.83 5.31 17.65
CA ALA F 185 -36.07 4.62 17.93
C ALA F 185 -36.75 5.26 19.13
N VAL F 186 -38.07 5.21 19.15
CA VAL F 186 -38.80 5.54 20.35
C VAL F 186 -39.29 4.22 20.92
N LEU F 187 -39.47 4.18 22.24
CA LEU F 187 -39.94 2.98 22.90
C LEU F 187 -41.37 3.25 23.36
N GLN F 188 -42.32 2.49 22.83
CA GLN F 188 -43.73 2.76 23.10
C GLN F 188 -44.19 2.07 24.38
N SER F 189 -45.42 2.38 24.81
CA SER F 189 -46.03 1.78 26.00
C SER F 189 -46.00 0.26 25.97
N SER F 190 -46.11 -0.30 24.76
CA SER F 190 -46.15 -1.74 24.54
C SER F 190 -44.83 -2.42 24.89
N GLY F 191 -43.81 -1.62 25.18
CA GLY F 191 -42.50 -2.17 25.44
C GLY F 191 -41.75 -2.47 24.15
N LEU F 192 -42.36 -2.08 23.03
CA LEU F 192 -41.82 -2.32 21.69
C LEU F 192 -41.23 -1.06 21.05
N TYR F 193 -40.20 -1.25 20.22
CA TYR F 193 -39.54 -0.12 19.57
C TYR F 193 -40.10 0.17 18.17
N SER F 194 -39.99 1.43 17.74
CA SER F 194 -40.39 1.89 16.40
C SER F 194 -39.46 3.02 15.95
N LEU F 195 -39.06 3.00 14.68
CA LEU F 195 -38.21 4.06 14.16
C LEU F 195 -38.62 4.37 12.72
N SER F 196 -38.11 5.47 12.18
CA SER F 196 -38.31 5.78 10.76
C SER F 196 -37.02 6.05 9.98
N SER F 197 -37.12 6.00 8.67
CA SER F 197 -36.00 6.36 7.83
C SER F 197 -36.51 7.14 6.63
N VAL F 198 -35.94 8.30 6.38
CA VAL F 198 -36.32 9.09 5.22
C VAL F 198 -35.18 9.30 4.28
N VAL F 199 -35.53 9.59 3.04
CA VAL F 199 -34.55 10.02 2.08
C VAL F 199 -35.23 11.08 1.21
N THR F 200 -34.54 12.19 1.00
CA THR F 200 -35.05 13.27 0.16
C THR F 200 -34.47 13.12 -1.25
N VAL F 201 -35.33 13.31 -2.26
CA VAL F 201 -34.98 12.94 -3.61
C VAL F 201 -35.53 13.92 -4.65
N PRO F 202 -34.81 14.04 -5.77
CA PRO F 202 -35.27 14.77 -6.95
C PRO F 202 -36.75 14.54 -7.22
N SER F 203 -37.54 15.57 -6.93
CA SER F 203 -38.99 15.51 -7.07
C SER F 203 -39.43 14.95 -8.43
N SER F 204 -38.67 15.29 -9.47
CA SER F 204 -38.99 14.89 -10.84
C SER F 204 -38.84 13.40 -11.07
N SER F 205 -37.70 12.85 -10.65
CA SER F 205 -37.38 11.44 -10.82
C SER F 205 -38.13 10.56 -9.83
N LEU F 206 -39.45 10.53 -9.96
CA LEU F 206 -40.28 9.83 -9.00
C LEU F 206 -41.12 8.76 -9.68
N GLY F 207 -41.31 8.91 -10.98
CA GLY F 207 -42.05 7.92 -11.75
C GLY F 207 -41.07 7.00 -12.45
N THR F 208 -39.80 7.39 -12.41
CA THR F 208 -38.75 6.66 -13.10
C THR F 208 -37.83 5.90 -12.13
N GLN F 209 -37.00 6.64 -11.41
CA GLN F 209 -36.11 6.05 -10.43
C GLN F 209 -36.90 5.30 -9.35
N THR F 210 -36.39 4.14 -8.93
CA THR F 210 -37.12 3.25 -8.01
C THR F 210 -36.49 3.09 -6.60
N TYR F 211 -37.26 3.40 -5.57
CA TYR F 211 -36.73 3.45 -4.20
C TYR F 211 -37.19 2.30 -3.32
N ILE F 212 -36.21 1.56 -2.79
CA ILE F 212 -36.46 0.42 -1.94
C ILE F 212 -35.65 0.54 -0.65
N CYS F 213 -36.30 0.35 0.48
CA CYS F 213 -35.55 0.36 1.72
C CYS F 213 -35.38 -1.05 2.22
N ASN F 214 -34.20 -1.34 2.77
CA ASN F 214 -33.90 -2.65 3.32
C ASN F 214 -33.70 -2.53 4.81
N VAL F 215 -34.58 -3.18 5.55
CA VAL F 215 -34.55 -3.20 7.00
C VAL F 215 -33.88 -4.48 7.45
N ASN F 216 -33.03 -4.39 8.47
CA ASN F 216 -32.41 -5.57 9.05
C ASN F 216 -32.53 -5.55 10.59
N HIS F 217 -32.96 -6.68 11.15
CA HIS F 217 -33.11 -6.82 12.59
C HIS F 217 -32.48 -8.13 13.01
N LYS F 218 -31.17 -8.11 13.29
CA LYS F 218 -30.44 -9.34 13.61
C LYS F 218 -30.95 -10.13 14.83
N PRO F 219 -31.41 -9.43 15.89
CA PRO F 219 -31.96 -10.13 17.06
C PRO F 219 -33.04 -11.16 16.76
N SER F 220 -33.75 -11.01 15.64
CA SER F 220 -34.81 -11.95 15.28
C SER F 220 -34.53 -12.59 13.94
N ASN F 221 -33.34 -12.33 13.40
CA ASN F 221 -32.94 -12.87 12.10
C ASN F 221 -33.98 -12.59 11.01
N THR F 222 -34.55 -11.40 11.05
CA THR F 222 -35.50 -10.93 10.06
C THR F 222 -34.79 -9.92 9.16
N LYS F 223 -35.18 -9.92 7.89
CA LYS F 223 -34.71 -8.95 6.92
C LYS F 223 -35.86 -8.66 5.96
N VAL F 224 -36.18 -7.39 5.79
CA VAL F 224 -37.33 -7.00 4.98
C VAL F 224 -36.90 -6.04 3.89
N ASP F 225 -37.47 -6.20 2.71
CA ASP F 225 -37.29 -5.23 1.63
C ASP F 225 -38.67 -4.72 1.25
N LYS F 226 -38.80 -3.40 1.18
CA LYS F 226 -40.07 -2.78 0.83
C LYS F 226 -39.84 -1.68 -0.19
N LYS F 227 -40.58 -1.73 -1.29
CA LYS F 227 -40.52 -0.67 -2.29
C LYS F 227 -41.52 0.41 -1.91
N VAL F 228 -41.06 1.65 -1.92
CA VAL F 228 -41.90 2.78 -1.57
C VAL F 228 -42.27 3.52 -2.85
N GLU F 229 -43.54 3.46 -3.20
CA GLU F 229 -44.03 4.10 -4.39
C GLU F 229 -44.97 5.21 -3.98
N PRO F 230 -45.01 6.28 -4.76
CA PRO F 230 -45.99 7.35 -4.59
C PRO F 230 -47.40 6.77 -4.71
N LYS F 231 -48.42 7.40 -4.13
CA LYS F 231 -49.77 6.80 -4.18
C LYS F 231 -50.60 7.17 -5.44
N SER F 232 -50.84 6.16 -6.29
CA SER F 232 -51.73 6.31 -7.45
C SER F 232 -53.20 6.31 -7.00
N CYS F 233 -53.93 7.34 -7.42
CA CYS F 233 -55.31 7.59 -6.98
C CYS F 233 -56.34 7.19 -8.04
N TYR G 2 -23.40 -17.25 -60.55
CA TYR G 2 -22.93 -18.64 -60.61
C TYR G 2 -21.71 -18.88 -59.73
N VAL G 3 -21.63 -20.09 -59.15
CA VAL G 3 -20.45 -20.45 -58.36
C VAL G 3 -19.79 -21.75 -58.78
N LEU G 4 -18.48 -21.69 -58.96
CA LEU G 4 -17.66 -22.85 -59.27
C LEU G 4 -16.81 -23.17 -58.05
N THR G 5 -16.81 -24.45 -57.65
CA THR G 5 -16.07 -24.87 -56.45
C THR G 5 -15.09 -25.99 -56.75
N GLN G 6 -13.84 -25.81 -56.34
CA GLN G 6 -12.80 -26.80 -56.55
C GLN G 6 -12.17 -27.14 -55.22
N PRO G 7 -11.76 -28.39 -55.06
CA PRO G 7 -10.93 -28.82 -53.93
C PRO G 7 -9.68 -27.95 -53.86
N PRO G 8 -9.34 -27.48 -52.67
CA PRO G 8 -8.16 -26.62 -52.53
C PRO G 8 -6.88 -27.37 -52.86
N SER G 9 -6.73 -28.58 -52.33
CA SER G 9 -5.54 -29.36 -52.61
C SER G 9 -5.85 -30.70 -53.32
N VAL G 10 -4.84 -31.24 -53.99
CA VAL G 10 -4.87 -32.60 -54.53
C VAL G 10 -3.45 -33.10 -54.81
N SER G 11 -3.14 -34.29 -54.29
CA SER G 11 -1.79 -34.85 -54.42
C SER G 11 -1.79 -36.17 -55.17
N VAL G 12 -0.67 -36.47 -55.83
CA VAL G 12 -0.49 -37.73 -56.53
C VAL G 12 0.97 -38.09 -56.63
N ALA G 13 1.23 -39.38 -56.77
CA ALA G 13 2.59 -39.85 -56.88
C ALA G 13 2.91 -39.90 -58.35
N PRO G 14 4.17 -39.64 -58.71
CA PRO G 14 4.61 -39.50 -60.11
C PRO G 14 4.17 -40.71 -60.91
N GLY G 15 3.86 -40.50 -62.18
CA GLY G 15 3.45 -41.61 -63.02
C GLY G 15 1.99 -42.03 -62.84
N LYS G 16 1.43 -41.78 -61.66
CA LYS G 16 0.01 -42.08 -61.44
C LYS G 16 -0.90 -41.13 -62.22
N THR G 17 -2.18 -41.16 -61.89
CA THR G 17 -3.14 -40.30 -62.58
C THR G 17 -3.90 -39.41 -61.62
N ALA G 18 -4.05 -38.13 -61.98
CA ALA G 18 -4.65 -37.11 -61.12
C ALA G 18 -6.00 -36.60 -61.62
N ARG G 19 -6.90 -36.32 -60.69
CA ARG G 19 -8.21 -35.84 -61.04
C ARG G 19 -8.58 -34.58 -60.28
N ILE G 20 -9.03 -33.57 -61.03
CA ILE G 20 -9.43 -32.30 -60.45
C ILE G 20 -10.89 -32.02 -60.80
N THR G 21 -11.69 -31.84 -59.78
CA THR G 21 -13.13 -31.69 -59.95
C THR G 21 -13.52 -30.23 -59.98
N CYS G 22 -14.63 -29.93 -60.65
CA CYS G 22 -15.14 -28.58 -60.71
C CYS G 22 -16.64 -28.61 -60.49
N GLY G 23 -17.05 -28.21 -59.29
CA GLY G 23 -18.45 -28.28 -58.91
C GLY G 23 -19.22 -27.03 -59.25
N GLY G 24 -20.18 -27.20 -60.17
CA GLY G 24 -21.14 -26.14 -60.48
C GLY G 24 -22.47 -26.79 -60.78
N ASN G 25 -23.57 -26.18 -60.37
CA ASN G 25 -24.88 -26.80 -60.55
C ASN G 25 -25.39 -26.68 -61.99
N ASN G 26 -25.77 -27.82 -62.56
CA ASN G 26 -26.16 -27.84 -63.95
C ASN G 26 -25.07 -27.25 -64.82
N ILE G 27 -23.84 -27.63 -64.49
CA ILE G 27 -22.65 -27.14 -65.16
C ILE G 27 -22.46 -27.84 -66.51
N ALA G 28 -23.15 -28.95 -66.71
CA ALA G 28 -23.03 -29.67 -67.97
C ALA G 28 -23.66 -28.83 -69.07
N ASN G 29 -24.49 -27.87 -68.70
CA ASN G 29 -25.13 -26.97 -69.64
C ASN G 29 -24.19 -25.93 -70.20
N LYS G 30 -23.07 -25.72 -69.52
CA LYS G 30 -22.14 -24.66 -69.89
C LYS G 30 -20.84 -25.25 -70.41
N ASN G 31 -20.08 -24.45 -71.17
CA ASN G 31 -18.77 -24.88 -71.63
C ASN G 31 -17.72 -24.60 -70.58
N VAL G 32 -16.97 -25.62 -70.18
CA VAL G 32 -15.95 -25.44 -69.15
C VAL G 32 -14.53 -25.43 -69.72
N HIS G 33 -13.71 -24.49 -69.27
CA HIS G 33 -12.35 -24.40 -69.76
C HIS G 33 -11.39 -24.51 -68.59
N TRP G 34 -10.17 -24.97 -68.83
CA TRP G 34 -9.21 -25.16 -67.74
C TRP G 34 -7.88 -24.45 -67.97
N TYR G 35 -7.41 -23.72 -66.97
CA TYR G 35 -6.10 -23.08 -67.07
C TYR G 35 -5.10 -23.59 -66.01
N GLN G 36 -3.82 -23.61 -66.38
CA GLN G 36 -2.78 -24.05 -65.49
C GLN G 36 -1.87 -22.86 -65.25
N GLN G 37 -1.53 -22.64 -63.98
CA GLN G 37 -0.74 -21.49 -63.60
C GLN G 37 0.37 -21.90 -62.64
N LYS G 38 1.60 -21.83 -63.11
CA LYS G 38 2.75 -22.14 -62.27
C LYS G 38 3.20 -20.87 -61.58
N PRO G 39 3.55 -20.97 -60.28
CA PRO G 39 3.90 -19.84 -59.41
C PRO G 39 4.71 -18.74 -60.12
N GLY G 40 4.25 -17.49 -60.01
CA GLY G 40 4.84 -16.36 -60.69
C GLY G 40 4.83 -16.48 -62.21
N GLN G 41 3.65 -16.58 -62.81
CA GLN G 41 3.60 -16.82 -64.25
C GLN G 41 2.22 -16.73 -64.90
N ALA G 42 2.23 -16.68 -66.23
CA ALA G 42 1.02 -16.52 -66.99
C ALA G 42 0.23 -17.83 -66.96
N PRO G 43 -1.07 -17.73 -66.66
CA PRO G 43 -1.99 -18.86 -66.79
C PRO G 43 -1.91 -19.41 -68.20
N VAL G 44 -2.34 -20.66 -68.41
CA VAL G 44 -2.19 -21.28 -69.71
C VAL G 44 -3.34 -22.22 -70.05
N LEU G 45 -4.02 -21.98 -71.16
CA LEU G 45 -5.13 -22.84 -71.53
C LEU G 45 -4.67 -24.29 -71.70
N VAL G 46 -5.42 -25.23 -71.13
CA VAL G 46 -5.11 -26.64 -71.35
C VAL G 46 -6.26 -27.42 -71.92
N ILE G 47 -7.47 -27.09 -71.50
CA ILE G 47 -8.66 -27.77 -72.01
C ILE G 47 -9.71 -26.71 -72.23
N TYR G 48 -10.26 -26.65 -73.44
CA TYR G 48 -11.38 -25.77 -73.73
C TYR G 48 -12.57 -26.55 -74.27
N TYR G 49 -13.74 -25.91 -74.26
CA TYR G 49 -14.97 -26.57 -74.69
C TYR G 49 -15.08 -27.98 -74.11
N ASP G 50 -14.84 -28.09 -72.80
CA ASP G 50 -15.05 -29.33 -72.04
C ASP G 50 -13.96 -30.39 -72.20
N ASP G 51 -13.90 -31.02 -73.37
CA ASP G 51 -12.97 -32.14 -73.62
C ASP G 51 -11.92 -31.87 -74.70
N ASP G 52 -12.06 -30.76 -75.41
CA ASP G 52 -11.10 -30.35 -76.43
C ASP G 52 -9.77 -29.93 -75.80
N ARG G 53 -8.70 -30.00 -76.58
CA ARG G 53 -7.37 -29.68 -76.08
C ARG G 53 -6.57 -28.92 -77.14
N PRO G 54 -5.91 -27.80 -76.75
CA PRO G 54 -5.14 -27.04 -77.74
C PRO G 54 -3.85 -27.76 -78.13
N SER G 55 -3.50 -27.70 -79.41
CA SER G 55 -2.27 -28.32 -79.91
C SER G 55 -1.08 -27.57 -79.33
N GLY G 56 -0.14 -28.32 -78.75
CA GLY G 56 0.99 -27.72 -78.08
C GLY G 56 1.06 -28.16 -76.64
N ILE G 57 0.03 -28.90 -76.20
CA ILE G 57 0.00 -29.48 -74.86
C ILE G 57 -0.32 -30.99 -74.91
N PRO G 58 0.39 -31.78 -74.09
CA PRO G 58 0.41 -33.26 -74.07
C PRO G 58 -0.97 -33.93 -74.09
N ASP G 59 -1.02 -35.10 -74.72
CA ASP G 59 -2.26 -35.88 -74.81
C ASP G 59 -2.70 -36.43 -73.46
N ARG G 60 -1.92 -36.13 -72.42
CA ARG G 60 -2.20 -36.63 -71.07
C ARG G 60 -3.36 -35.90 -70.42
N PHE G 61 -3.55 -34.64 -70.81
CA PHE G 61 -4.65 -33.82 -70.32
C PHE G 61 -5.95 -34.15 -71.05
N SER G 62 -7.03 -34.36 -70.30
CA SER G 62 -8.31 -34.75 -70.90
C SER G 62 -9.49 -34.23 -70.09
N GLY G 63 -10.59 -33.94 -70.76
CA GLY G 63 -11.71 -33.29 -70.07
C GLY G 63 -13.02 -34.06 -70.02
N SER G 64 -13.74 -33.90 -68.92
CA SER G 64 -15.07 -34.48 -68.79
C SER G 64 -16.03 -33.39 -68.33
N ASN G 65 -17.33 -33.63 -68.50
CA ASN G 65 -18.34 -32.72 -67.98
C ASN G 65 -19.71 -33.37 -67.93
N SER G 66 -20.12 -33.79 -66.74
CA SER G 66 -21.36 -34.53 -66.58
C SER G 66 -22.24 -34.00 -65.46
N GLY G 67 -23.43 -33.54 -65.83
CA GLY G 67 -24.47 -33.19 -64.88
C GLY G 67 -24.10 -32.07 -63.91
N ASN G 68 -23.42 -32.42 -62.83
CA ASN G 68 -23.11 -31.45 -61.81
C ASN G 68 -21.62 -31.29 -61.54
N THR G 69 -20.79 -31.94 -62.34
CA THR G 69 -19.37 -31.93 -62.07
C THR G 69 -18.48 -32.11 -63.32
N ALA G 70 -17.61 -31.14 -63.55
CA ALA G 70 -16.65 -31.20 -64.65
C ALA G 70 -15.29 -31.69 -64.13
N THR G 71 -14.48 -32.31 -64.97
CA THR G 71 -13.24 -32.90 -64.50
C THR G 71 -12.05 -32.82 -65.45
N LEU G 72 -10.97 -32.25 -64.95
CA LEU G 72 -9.69 -32.22 -65.64
C LEU G 72 -8.92 -33.44 -65.17
N THR G 73 -8.48 -34.28 -66.09
CA THR G 73 -7.81 -35.53 -65.74
C THR G 73 -6.43 -35.59 -66.35
N ILE G 74 -5.39 -35.44 -65.52
CA ILE G 74 -4.02 -35.56 -66.00
C ILE G 74 -3.48 -36.95 -65.71
N SER G 75 -3.01 -37.66 -66.73
CA SER G 75 -2.49 -39.01 -66.55
C SER G 75 -0.99 -39.02 -66.72
N ARG G 76 -0.36 -40.07 -66.19
CA ARG G 76 1.10 -40.18 -66.18
C ARG G 76 1.72 -38.85 -65.74
N VAL G 77 1.25 -38.36 -64.60
CA VAL G 77 1.68 -37.11 -64.03
C VAL G 77 3.20 -36.99 -63.93
N GLU G 78 3.73 -35.83 -64.27
CA GLU G 78 5.16 -35.62 -64.12
C GLU G 78 5.42 -34.58 -63.05
N ALA G 79 6.69 -34.37 -62.74
CA ALA G 79 7.08 -33.37 -61.75
C ALA G 79 6.74 -31.97 -62.25
N GLY G 80 6.74 -31.83 -63.57
CA GLY G 80 6.51 -30.55 -64.20
C GLY G 80 5.04 -30.16 -64.23
N ASP G 81 4.16 -31.08 -63.86
CA ASP G 81 2.73 -30.79 -63.89
C ASP G 81 2.27 -30.14 -62.60
N GLU G 82 3.19 -30.00 -61.66
CA GLU G 82 2.92 -29.32 -60.40
C GLU G 82 2.56 -27.86 -60.69
N ALA G 83 1.32 -27.49 -60.43
CA ALA G 83 0.88 -26.10 -60.52
C ALA G 83 -0.53 -25.92 -59.93
N ASP G 84 -1.14 -24.76 -60.19
CA ASP G 84 -2.50 -24.49 -59.73
C ASP G 84 -3.37 -24.59 -60.96
N TYR G 85 -4.56 -25.14 -60.82
CA TYR G 85 -5.44 -25.38 -61.95
C TYR G 85 -6.79 -24.74 -61.70
N TYR G 86 -7.24 -23.89 -62.63
CA TYR G 86 -8.53 -23.22 -62.48
C TYR G 86 -9.48 -23.72 -63.55
N CYS G 87 -10.74 -23.96 -63.20
CA CYS G 87 -11.78 -24.13 -64.20
C CYS G 87 -12.53 -22.80 -64.37
N GLN G 88 -13.16 -22.62 -65.53
CA GLN G 88 -13.79 -21.33 -65.87
C GLN G 88 -15.02 -21.50 -66.75
N VAL G 89 -16.05 -20.69 -66.51
CA VAL G 89 -17.20 -20.68 -67.40
C VAL G 89 -17.69 -19.28 -67.67
N TRP G 90 -18.74 -19.19 -68.49
CA TRP G 90 -19.40 -17.91 -68.78
C TRP G 90 -20.86 -17.95 -68.37
N ASP G 91 -21.24 -17.10 -67.43
CA ASP G 91 -22.62 -17.12 -67.00
C ASP G 91 -23.38 -16.12 -67.83
N SER G 92 -24.13 -16.65 -68.79
CA SER G 92 -24.96 -15.83 -69.68
C SER G 92 -26.03 -15.09 -68.89
N ASN G 93 -26.34 -15.62 -67.71
CA ASN G 93 -27.36 -15.07 -66.84
C ASN G 93 -26.94 -13.81 -66.13
N SER G 94 -25.73 -13.82 -65.58
CA SER G 94 -25.26 -12.69 -64.81
C SER G 94 -24.24 -11.84 -65.55
N ASP G 95 -23.92 -12.25 -66.78
CA ASP G 95 -22.89 -11.60 -67.59
C ASP G 95 -21.59 -11.53 -66.82
N HIS G 96 -21.08 -12.70 -66.43
CA HIS G 96 -19.85 -12.79 -65.67
C HIS G 96 -19.02 -13.94 -66.16
N VAL G 97 -17.73 -13.72 -66.32
CA VAL G 97 -16.82 -14.83 -66.41
C VAL G 97 -16.59 -15.32 -64.99
N VAL G 98 -16.61 -16.62 -64.78
CA VAL G 98 -16.43 -17.16 -63.44
C VAL G 98 -15.29 -18.18 -63.37
N PHE G 99 -14.34 -17.93 -62.47
CA PHE G 99 -13.27 -18.88 -62.22
C PHE G 99 -13.58 -19.63 -60.94
N GLY G 100 -13.03 -20.83 -60.81
CA GLY G 100 -13.16 -21.60 -59.59
C GLY G 100 -12.09 -21.21 -58.60
N GLY G 101 -12.08 -21.84 -57.43
CA GLY G 101 -11.14 -21.47 -56.38
C GLY G 101 -9.71 -21.76 -56.77
N GLY G 102 -9.54 -22.74 -57.65
CA GLY G 102 -8.23 -23.23 -58.00
C GLY G 102 -7.87 -24.41 -57.12
N THR G 103 -7.05 -25.28 -57.68
CA THR G 103 -6.61 -26.48 -56.99
C THR G 103 -5.10 -26.55 -57.15
N GLN G 104 -4.40 -26.68 -56.05
CA GLN G 104 -2.95 -26.81 -56.11
C GLN G 104 -2.62 -28.28 -56.15
N LEU G 105 -2.09 -28.70 -57.29
CA LEU G 105 -1.71 -30.09 -57.53
C LEU G 105 -0.26 -30.34 -57.11
N THR G 106 -0.09 -31.19 -56.10
CA THR G 106 1.24 -31.50 -55.57
C THR G 106 1.66 -32.86 -56.09
N VAL G 107 2.87 -32.95 -56.58
CA VAL G 107 3.40 -34.20 -57.06
C VAL G 107 4.49 -34.64 -56.09
N LEU G 108 4.27 -35.77 -55.44
CA LEU G 108 5.10 -36.19 -54.33
C LEU G 108 6.43 -36.78 -54.80
N GLY G 109 7.38 -35.96 -55.18
CA GLY G 109 8.70 -36.41 -55.64
C GLY G 109 9.81 -36.37 -54.58
N GLN G 110 9.43 -36.48 -53.33
CA GLN G 110 10.41 -36.78 -52.29
C GLN G 110 9.78 -37.35 -51.03
N PRO G 111 10.62 -37.92 -50.15
CA PRO G 111 10.12 -38.54 -48.93
C PRO G 111 9.40 -37.54 -48.03
N LYS G 112 8.32 -37.96 -47.38
CA LYS G 112 7.65 -37.14 -46.39
C LYS G 112 8.63 -36.75 -45.29
N ALA G 113 8.31 -35.67 -44.58
CA ALA G 113 9.20 -35.08 -43.59
C ALA G 113 8.40 -34.33 -42.55
N ALA G 114 8.67 -34.61 -41.28
CA ALA G 114 7.96 -33.95 -40.19
C ALA G 114 8.58 -32.60 -39.94
N PRO G 115 7.73 -31.60 -39.64
CA PRO G 115 8.11 -30.20 -39.42
C PRO G 115 8.89 -30.01 -38.15
N SER G 116 9.94 -29.22 -38.17
CA SER G 116 10.61 -28.90 -36.92
C SER G 116 10.30 -27.47 -36.49
N VAL G 117 9.82 -27.34 -35.25
CA VAL G 117 9.21 -26.10 -34.79
C VAL G 117 10.05 -25.40 -33.74
N THR G 118 10.22 -24.09 -33.91
CA THR G 118 11.01 -23.28 -32.99
C THR G 118 10.20 -22.07 -32.63
N LEU G 119 10.06 -21.78 -31.34
CA LEU G 119 9.19 -20.70 -30.91
C LEU G 119 9.91 -19.65 -30.09
N PHE G 120 10.00 -18.43 -30.60
CA PHE G 120 10.71 -17.40 -29.90
C PHE G 120 9.72 -16.53 -29.12
N PRO G 121 10.09 -16.18 -27.88
CA PRO G 121 9.37 -15.18 -27.08
C PRO G 121 9.80 -13.78 -27.46
N PRO G 122 9.06 -12.76 -27.02
CA PRO G 122 9.40 -11.36 -27.30
C PRO G 122 10.81 -11.02 -26.81
N SER G 123 11.63 -10.35 -27.61
CA SER G 123 12.96 -9.97 -27.14
C SER G 123 12.87 -8.81 -26.15
N SER G 124 13.83 -8.73 -25.25
CA SER G 124 13.81 -7.67 -24.27
C SER G 124 13.70 -6.35 -24.99
N GLU G 125 14.32 -6.31 -26.17
CA GLU G 125 14.41 -5.10 -26.97
C GLU G 125 13.06 -4.67 -27.50
N GLU G 126 12.32 -5.61 -28.08
CA GLU G 126 11.01 -5.28 -28.59
C GLU G 126 10.08 -4.85 -27.48
N LEU G 127 10.17 -5.58 -26.38
CA LEU G 127 9.40 -5.25 -25.20
C LEU G 127 9.64 -3.82 -24.71
N GLN G 128 10.91 -3.41 -24.74
CA GLN G 128 11.32 -2.09 -24.31
C GLN G 128 10.71 -1.04 -25.21
N ALA G 129 10.19 -1.49 -26.35
CA ALA G 129 9.53 -0.63 -27.33
C ALA G 129 8.01 -0.72 -27.20
N ASN G 130 7.57 -1.34 -26.12
CA ASN G 130 6.16 -1.48 -25.83
C ASN G 130 5.34 -2.26 -26.88
N LYS G 131 5.95 -3.29 -27.43
CA LYS G 131 5.23 -4.23 -28.28
C LYS G 131 5.72 -5.61 -27.93
N ALA G 132 4.90 -6.62 -28.18
CA ALA G 132 5.29 -7.99 -27.88
C ALA G 132 4.88 -8.92 -29.01
N THR G 133 5.85 -9.67 -29.52
CA THR G 133 5.60 -10.56 -30.65
C THR G 133 6.20 -11.94 -30.46
N LEU G 134 5.35 -12.96 -30.55
CA LEU G 134 5.77 -14.35 -30.51
C LEU G 134 6.00 -14.83 -31.93
N VAL G 135 7.16 -15.42 -32.21
CA VAL G 135 7.45 -15.90 -33.56
C VAL G 135 7.59 -17.43 -33.61
N CYS G 136 6.69 -18.05 -34.37
CA CYS G 136 6.73 -19.49 -34.53
C CYS G 136 7.27 -19.85 -35.89
N LEU G 137 8.45 -20.49 -35.91
CA LEU G 137 9.11 -20.83 -37.15
C LEU G 137 9.09 -22.32 -37.40
N ILE G 138 8.46 -22.70 -38.50
CA ILE G 138 8.26 -24.10 -38.86
C ILE G 138 9.06 -24.40 -40.12
N SER G 139 9.90 -25.43 -40.10
CA SER G 139 10.73 -25.73 -41.28
C SER G 139 10.98 -27.22 -41.60
N ASP G 140 11.51 -27.47 -42.80
CA ASP G 140 11.94 -28.81 -43.20
C ASP G 140 10.85 -29.85 -43.20
N PHE G 141 9.69 -29.51 -43.73
CA PHE G 141 8.61 -30.47 -43.77
C PHE G 141 8.17 -30.74 -45.22
N TYR G 142 7.45 -31.84 -45.44
CA TYR G 142 6.94 -32.21 -46.73
C TYR G 142 5.81 -33.19 -46.54
N PRO G 143 4.69 -33.04 -47.28
CA PRO G 143 4.47 -32.00 -48.27
C PRO G 143 4.24 -30.64 -47.63
N GLY G 144 4.02 -29.61 -48.45
CA GLY G 144 3.95 -28.24 -47.97
C GLY G 144 2.56 -27.80 -47.60
N ALA G 145 2.05 -28.33 -46.50
CA ALA G 145 0.75 -27.93 -45.99
C ALA G 145 0.67 -28.19 -44.50
N VAL G 146 0.55 -27.11 -43.71
CA VAL G 146 0.43 -27.24 -42.27
C VAL G 146 -0.77 -26.48 -41.71
N THR G 147 -0.99 -26.61 -40.41
CA THR G 147 -2.03 -25.86 -39.71
C THR G 147 -1.44 -25.30 -38.42
N VAL G 148 -1.59 -24.00 -38.18
CA VAL G 148 -1.11 -23.46 -36.91
C VAL G 148 -2.24 -22.99 -36.01
N ALA G 149 -2.08 -23.20 -34.71
CA ALA G 149 -3.07 -22.78 -33.77
C ALA G 149 -2.39 -22.34 -32.49
N TRP G 150 -2.78 -21.18 -31.95
CA TRP G 150 -2.12 -20.65 -30.79
C TRP G 150 -3.00 -20.83 -29.59
N LYS G 151 -2.38 -21.15 -28.47
CA LYS G 151 -3.09 -21.24 -27.20
C LYS G 151 -2.42 -20.32 -26.14
N ALA G 152 -3.24 -19.66 -25.35
CA ALA G 152 -2.77 -19.01 -24.12
C ALA G 152 -3.15 -19.82 -22.85
N ASP G 153 -2.17 -20.37 -22.16
CA ASP G 153 -2.39 -21.09 -20.90
C ASP G 153 -3.07 -22.45 -21.04
N GLY G 154 -4.14 -22.50 -21.82
CA GLY G 154 -4.87 -23.74 -22.00
C GLY G 154 -5.96 -23.53 -23.04
N SER G 155 -6.20 -22.28 -23.41
CA SER G 155 -7.35 -21.91 -24.22
C SER G 155 -7.00 -21.23 -25.53
N PRO G 156 -7.68 -21.62 -26.61
CA PRO G 156 -7.62 -21.08 -27.96
C PRO G 156 -7.52 -19.58 -27.99
N VAL G 157 -6.37 -19.08 -28.45
CA VAL G 157 -6.24 -17.66 -28.69
C VAL G 157 -6.81 -17.33 -30.04
N LYS G 158 -7.83 -16.48 -30.02
CA LYS G 158 -8.61 -16.16 -31.20
C LYS G 158 -7.77 -15.48 -32.27
N ALA G 159 -7.44 -14.21 -32.08
CA ALA G 159 -6.62 -13.52 -33.07
C ALA G 159 -5.65 -12.48 -32.49
N GLY G 160 -5.06 -11.72 -33.40
CA GLY G 160 -3.72 -11.18 -33.22
C GLY G 160 -2.70 -12.10 -33.89
N VAL G 161 -3.18 -13.01 -34.76
CA VAL G 161 -2.35 -14.03 -35.42
C VAL G 161 -2.20 -13.83 -36.92
N GLU G 162 -0.98 -14.00 -37.43
CA GLU G 162 -0.77 -14.00 -38.87
C GLU G 162 0.04 -15.22 -39.20
N THR G 163 -0.24 -15.84 -40.33
CA THR G 163 0.52 -17.02 -40.71
C THR G 163 0.85 -16.99 -42.20
N THR G 164 2.10 -17.28 -42.55
CA THR G 164 2.50 -17.28 -43.94
C THR G 164 2.07 -18.55 -44.66
N LYS G 165 2.01 -18.50 -45.99
CA LYS G 165 1.76 -19.70 -46.78
C LYS G 165 3.07 -20.41 -47.01
N PRO G 166 3.06 -21.72 -46.79
CA PRO G 166 4.29 -22.53 -46.87
C PRO G 166 5.02 -22.24 -48.18
N SER G 167 6.33 -22.44 -48.20
CA SER G 167 7.15 -21.98 -49.32
C SER G 167 8.37 -22.81 -49.46
N LYS G 168 8.75 -23.12 -50.70
CA LYS G 168 9.88 -23.99 -50.94
C LYS G 168 11.14 -23.42 -50.25
N GLN G 169 11.91 -24.27 -49.57
CA GLN G 169 13.19 -23.84 -49.00
C GLN G 169 14.23 -24.05 -50.04
N SER G 170 15.46 -23.69 -49.72
CA SER G 170 16.54 -23.83 -50.68
C SER G 170 16.85 -25.30 -50.95
N ASN G 171 16.16 -26.20 -50.26
CA ASN G 171 16.35 -27.65 -50.45
C ASN G 171 15.03 -28.40 -50.75
N ASN G 172 14.12 -27.69 -51.38
CA ASN G 172 12.84 -28.24 -51.76
C ASN G 172 11.91 -28.78 -50.70
N LYS G 173 12.34 -28.82 -49.44
CA LYS G 173 11.38 -29.00 -48.34
C LYS G 173 10.63 -27.67 -48.10
N TYR G 174 9.62 -27.68 -47.24
CA TYR G 174 8.85 -26.48 -47.00
C TYR G 174 9.10 -25.87 -45.62
N ALA G 175 8.69 -24.61 -45.47
CA ALA G 175 8.77 -23.90 -44.20
C ALA G 175 7.68 -22.85 -44.14
N ALA G 176 7.16 -22.61 -42.95
CA ALA G 176 6.17 -21.53 -42.75
C ALA G 176 6.36 -20.82 -41.42
N SER G 177 5.71 -19.69 -41.27
CA SER G 177 5.87 -18.93 -40.02
C SER G 177 4.53 -18.39 -39.59
N SER G 178 4.39 -18.21 -38.28
CA SER G 178 3.21 -17.60 -37.71
C SER G 178 3.58 -16.70 -36.56
N TYR G 179 3.10 -15.48 -36.62
CA TYR G 179 3.35 -14.53 -35.55
C TYR G 179 2.10 -14.37 -34.69
N LEU G 180 2.26 -14.36 -33.38
CA LEU G 180 1.21 -13.89 -32.47
C LEU G 180 1.57 -12.53 -31.82
N SER G 181 0.74 -11.52 -32.04
CA SER G 181 0.99 -10.18 -31.51
C SER G 181 0.24 -9.85 -30.22
N LEU G 182 0.99 -9.54 -29.17
CA LEU G 182 0.42 -9.14 -27.91
C LEU G 182 0.86 -7.74 -27.52
N THR G 183 0.33 -7.28 -26.39
CA THR G 183 0.83 -6.11 -25.70
C THR G 183 1.68 -6.62 -24.56
N PRO G 184 2.63 -5.82 -24.11
CA PRO G 184 3.53 -6.37 -23.11
C PRO G 184 2.74 -6.77 -21.91
N GLU G 185 1.64 -6.07 -21.64
CA GLU G 185 0.77 -6.40 -20.50
C GLU G 185 0.23 -7.83 -20.62
N GLN G 186 -0.43 -8.12 -21.74
CA GLN G 186 -0.89 -9.48 -22.01
C GLN G 186 0.22 -10.50 -21.89
N TRP G 187 1.39 -10.16 -22.40
CA TRP G 187 2.49 -11.12 -22.40
C TRP G 187 2.83 -11.60 -20.99
N LYS G 188 2.95 -10.70 -20.01
CA LYS G 188 3.37 -11.14 -18.68
C LYS G 188 2.23 -11.47 -17.74
N SER G 189 1.02 -11.43 -18.26
CA SER G 189 -0.16 -11.71 -17.47
C SER G 189 -0.67 -13.15 -17.58
N HIS G 190 -0.06 -13.95 -18.45
CA HIS G 190 -0.43 -15.37 -18.57
C HIS G 190 0.73 -16.23 -18.13
N ARG G 191 0.48 -17.49 -17.83
CA ARG G 191 1.53 -18.36 -17.29
C ARG G 191 2.43 -18.86 -18.42
N SER G 192 1.84 -19.07 -19.59
CA SER G 192 2.54 -19.56 -20.76
C SER G 192 1.73 -19.42 -22.06
N TYR G 193 2.41 -19.33 -23.19
CA TYR G 193 1.78 -19.31 -24.50
C TYR G 193 2.26 -20.50 -25.30
N SER G 194 1.43 -20.98 -26.21
CA SER G 194 1.83 -22.10 -27.05
C SER G 194 1.51 -22.04 -28.53
N CYS G 195 2.43 -22.63 -29.29
CA CYS G 195 2.34 -22.75 -30.74
C CYS G 195 2.06 -24.21 -31.04
N GLN G 196 1.07 -24.47 -31.90
CA GLN G 196 0.71 -25.84 -32.22
C GLN G 196 0.61 -26.09 -33.70
N VAL G 197 1.62 -26.75 -34.26
CA VAL G 197 1.63 -27.08 -35.69
C VAL G 197 1.13 -28.50 -35.95
N THR G 198 0.24 -28.63 -36.92
CA THR G 198 -0.31 -29.92 -37.29
C THR G 198 0.09 -30.19 -38.73
N HIS G 199 0.69 -31.36 -38.97
CA HIS G 199 1.15 -31.72 -40.30
C HIS G 199 0.75 -33.14 -40.64
N GLU G 200 -0.17 -33.28 -41.60
CA GLU G 200 -0.64 -34.59 -42.00
C GLU G 200 -0.97 -35.45 -40.79
N GLY G 201 -1.94 -35.02 -39.99
CA GLY G 201 -2.41 -35.86 -38.90
C GLY G 201 -1.69 -35.71 -37.58
N SER G 202 -0.40 -35.50 -37.61
CA SER G 202 0.37 -35.39 -36.38
C SER G 202 0.50 -33.95 -35.93
N THR G 203 0.59 -33.76 -34.62
CA THR G 203 0.70 -32.42 -34.04
C THR G 203 1.92 -32.22 -33.13
N VAL G 204 2.75 -31.24 -33.49
CA VAL G 204 3.87 -30.83 -32.65
C VAL G 204 3.48 -29.56 -31.92
N GLU G 205 4.10 -29.31 -30.77
CA GLU G 205 3.75 -28.14 -29.97
C GLU G 205 4.87 -27.68 -29.10
N LYS G 206 5.19 -26.39 -29.20
CA LYS G 206 6.21 -25.80 -28.35
C LYS G 206 5.57 -24.72 -27.52
N THR G 207 6.19 -24.42 -26.39
CA THR G 207 5.64 -23.47 -25.43
C THR G 207 6.70 -22.56 -24.89
N VAL G 208 6.32 -21.31 -24.64
CA VAL G 208 7.20 -20.38 -23.93
C VAL G 208 6.44 -19.73 -22.79
N ALA G 209 7.19 -19.33 -21.75
CA ALA G 209 6.62 -18.60 -20.62
C ALA G 209 7.42 -17.37 -20.34
N PRO G 210 6.77 -16.33 -19.82
CA PRO G 210 7.37 -15.02 -19.60
C PRO G 210 8.35 -15.05 -18.46
N THR G 211 8.98 -16.18 -18.20
CA THR G 211 9.88 -16.28 -17.06
C THR G 211 10.84 -17.45 -17.18
N GLU G 212 11.50 -17.58 -18.34
CA GLU G 212 12.38 -18.72 -18.59
C GLU G 212 13.62 -18.40 -19.45
N CYS G 213 13.84 -19.19 -20.50
CA CYS G 213 14.93 -18.97 -21.46
C CYS G 213 14.78 -19.85 -22.71
N GLU H 1 4.29 -16.19 -79.81
CA GLU H 1 3.59 -15.40 -80.82
C GLU H 1 2.77 -14.27 -80.18
N VAL H 2 1.59 -14.59 -79.68
CA VAL H 2 0.80 -13.63 -78.90
C VAL H 2 1.61 -13.00 -77.76
N GLN H 3 1.54 -11.69 -77.65
CA GLN H 3 2.33 -11.02 -76.63
C GLN H 3 1.60 -9.83 -76.04
N LEU H 4 1.46 -9.81 -74.72
CA LEU H 4 0.70 -8.77 -74.01
C LEU H 4 1.49 -8.17 -72.86
N VAL H 5 1.57 -6.86 -72.81
CA VAL H 5 2.41 -6.20 -71.82
C VAL H 5 1.68 -5.15 -70.97
N GLU H 6 1.32 -5.54 -69.75
CA GLU H 6 0.64 -4.63 -68.85
C GLU H 6 1.61 -3.64 -68.28
N SER H 7 1.11 -2.51 -67.84
CA SER H 7 1.95 -1.44 -67.32
C SER H 7 1.12 -0.43 -66.54
N GLY H 8 1.77 0.34 -65.68
CA GLY H 8 1.06 1.38 -64.99
C GLY H 8 0.58 1.01 -63.60
N GLY H 9 0.82 -0.24 -63.22
CA GLY H 9 0.58 -0.64 -61.85
C GLY H 9 1.37 0.25 -60.91
N ASN H 10 0.78 0.58 -59.79
CA ASN H 10 1.51 1.33 -58.78
C ASN H 10 0.92 1.22 -57.37
N VAL H 11 1.17 2.22 -56.56
CA VAL H 11 0.64 2.22 -55.21
C VAL H 11 -0.19 3.47 -55.06
N VAL H 12 -1.39 3.35 -54.49
CA VAL H 12 -2.26 4.51 -54.37
C VAL H 12 -3.04 4.41 -53.10
N GLN H 13 -3.53 5.55 -52.62
CA GLN H 13 -4.29 5.59 -51.38
C GLN H 13 -5.71 5.27 -51.73
N PRO H 14 -6.47 4.73 -50.76
CA PRO H 14 -7.89 4.49 -51.01
C PRO H 14 -8.61 5.77 -51.47
N GLY H 15 -9.56 5.62 -52.39
CA GLY H 15 -10.23 6.75 -53.01
C GLY H 15 -9.54 7.21 -54.28
N GLY H 16 -8.26 6.91 -54.41
CA GLY H 16 -7.48 7.40 -55.54
C GLY H 16 -7.81 6.74 -56.86
N SER H 17 -7.01 7.05 -57.87
CA SER H 17 -7.25 6.56 -59.21
C SER H 17 -5.98 6.06 -59.84
N LEU H 18 -6.13 5.21 -60.85
CA LEU H 18 -4.98 4.64 -61.51
C LEU H 18 -5.37 4.12 -62.88
N ARG H 19 -4.45 4.17 -63.84
CA ARG H 19 -4.80 3.76 -65.21
C ARG H 19 -3.86 2.73 -65.83
N LEU H 20 -4.26 1.47 -65.79
CA LEU H 20 -3.47 0.38 -66.36
C LEU H 20 -3.62 0.34 -67.88
N SER H 21 -2.55 -0.04 -68.57
CA SER H 21 -2.54 -0.14 -70.02
C SER H 21 -1.90 -1.46 -70.42
N CYS H 22 -2.23 -1.95 -71.60
CA CYS H 22 -1.74 -3.25 -72.02
C CYS H 22 -1.44 -3.17 -73.52
N THR H 23 -0.37 -3.82 -73.98
CA THR H 23 0.04 -3.62 -75.35
C THR H 23 0.17 -4.91 -76.08
N ALA H 24 -0.54 -5.05 -77.18
CA ALA H 24 -0.62 -6.34 -77.87
C ALA H 24 0.20 -6.42 -79.14
N SER H 25 0.44 -7.64 -79.60
CA SER H 25 1.13 -7.91 -80.85
C SER H 25 1.11 -9.39 -81.12
N GLY H 26 1.20 -9.77 -82.40
CA GLY H 26 1.31 -11.18 -82.74
C GLY H 26 -0.03 -11.83 -83.02
N PHE H 27 -1.06 -11.01 -83.00
CA PHE H 27 -2.40 -11.44 -83.40
C PHE H 27 -3.16 -10.20 -83.83
N SER H 28 -4.32 -10.41 -84.44
CA SER H 28 -5.17 -9.28 -84.87
C SER H 28 -5.93 -8.62 -83.70
N PHE H 29 -5.35 -7.58 -83.12
CA PHE H 29 -6.00 -6.90 -82.00
C PHE H 29 -7.37 -6.42 -82.43
N ASP H 30 -7.46 -5.96 -83.68
CA ASP H 30 -8.66 -5.35 -84.22
C ASP H 30 -9.84 -6.30 -84.21
N ASP H 31 -9.57 -7.59 -84.35
CA ASP H 31 -10.63 -8.58 -84.41
C ASP H 31 -10.95 -9.21 -83.07
N SER H 32 -10.16 -8.87 -82.05
CA SER H 32 -10.23 -9.61 -80.80
C SER H 32 -10.97 -8.97 -79.62
N THR H 33 -11.61 -9.81 -78.82
CA THR H 33 -12.18 -9.36 -77.55
C THR H 33 -11.12 -9.43 -76.44
N MET H 34 -11.03 -8.41 -75.61
CA MET H 34 -10.04 -8.41 -74.53
C MET H 34 -10.66 -8.55 -73.11
N HIS H 35 -9.84 -8.94 -72.14
CA HIS H 35 -10.27 -9.04 -70.76
C HIS H 35 -9.28 -8.44 -69.78
N TRP H 36 -9.76 -7.98 -68.63
CA TRP H 36 -8.90 -7.81 -67.47
C TRP H 36 -9.28 -8.83 -66.41
N VAL H 37 -8.30 -9.60 -65.96
CA VAL H 37 -8.45 -10.49 -64.84
C VAL H 37 -7.46 -10.09 -63.76
N ARG H 38 -7.90 -10.03 -62.52
CA ARG H 38 -7.00 -9.69 -61.41
C ARG H 38 -6.85 -10.87 -60.45
N GLN H 39 -5.77 -10.83 -59.66
CA GLN H 39 -5.41 -11.92 -58.74
C GLN H 39 -4.81 -11.39 -57.43
N ALA H 40 -5.60 -11.47 -56.34
CA ALA H 40 -5.13 -11.05 -55.03
C ALA H 40 -3.91 -11.85 -54.77
N PRO H 41 -2.86 -11.23 -54.20
CA PRO H 41 -1.61 -11.98 -54.00
C PRO H 41 -1.86 -13.21 -53.13
N GLY H 42 -1.39 -14.37 -53.58
CA GLY H 42 -1.68 -15.61 -52.89
C GLY H 42 -3.03 -16.24 -53.22
N LYS H 43 -4.07 -15.42 -53.36
CA LYS H 43 -5.41 -15.89 -53.73
C LYS H 43 -5.60 -16.28 -55.22
N GLY H 44 -6.86 -16.51 -55.61
CA GLY H 44 -7.20 -17.05 -56.92
C GLY H 44 -7.47 -16.03 -58.01
N LEU H 45 -7.90 -16.49 -59.18
CA LEU H 45 -8.17 -15.58 -60.29
C LEU H 45 -9.57 -14.99 -60.17
N GLN H 46 -9.72 -13.71 -60.51
CA GLN H 46 -11.01 -13.04 -60.45
C GLN H 46 -11.20 -12.21 -61.72
N TRP H 47 -12.21 -12.55 -62.50
CA TRP H 47 -12.45 -11.82 -63.72
C TRP H 47 -12.91 -10.41 -63.35
N VAL H 48 -12.46 -9.42 -64.12
CA VAL H 48 -12.75 -8.02 -63.87
C VAL H 48 -13.65 -7.36 -64.92
N SER H 49 -13.34 -7.55 -66.19
CA SER H 49 -14.06 -6.87 -67.26
C SER H 49 -13.70 -7.42 -68.65
N LEU H 50 -14.63 -7.32 -69.61
CA LEU H 50 -14.30 -7.67 -70.99
C LEU H 50 -14.83 -6.60 -71.94
N ILE H 51 -14.37 -6.61 -73.19
CA ILE H 51 -14.73 -5.57 -74.15
C ILE H 51 -14.48 -6.04 -75.57
N SER H 52 -15.51 -5.98 -76.41
CA SER H 52 -15.41 -6.53 -77.77
C SER H 52 -14.65 -5.56 -78.65
N TRP H 53 -14.36 -6.02 -79.86
CA TRP H 53 -13.45 -5.33 -80.75
C TRP H 53 -13.69 -3.85 -81.00
N ASN H 54 -14.96 -3.45 -81.07
CA ASN H 54 -15.31 -2.05 -81.30
C ASN H 54 -15.85 -1.34 -80.07
N GLY H 55 -16.10 -2.08 -78.99
CA GLY H 55 -16.67 -1.46 -77.81
C GLY H 55 -18.12 -1.83 -77.71
N GLY H 56 -18.59 -2.55 -78.73
CA GLY H 56 -19.97 -3.00 -78.80
C GLY H 56 -20.43 -3.56 -77.47
N ARG H 57 -20.07 -4.81 -77.21
CA ARG H 57 -20.31 -5.42 -75.91
C ARG H 57 -19.23 -5.01 -74.92
N THR H 58 -19.62 -4.56 -73.73
CA THR H 58 -18.68 -4.48 -72.62
C THR H 58 -19.38 -4.79 -71.30
N TYR H 59 -18.80 -5.71 -70.53
CA TYR H 59 -19.37 -6.05 -69.23
C TYR H 59 -18.36 -5.88 -68.09
N TYR H 60 -18.87 -5.68 -66.88
CA TYR H 60 -18.02 -5.54 -65.70
C TYR H 60 -18.49 -6.49 -64.62
N ALA H 61 -17.58 -6.81 -63.70
CA ALA H 61 -17.90 -7.64 -62.55
C ALA H 61 -18.55 -6.80 -61.44
N ASP H 62 -19.47 -7.40 -60.71
CA ASP H 62 -20.21 -6.66 -59.69
C ASP H 62 -19.29 -5.85 -58.77
N SER H 63 -18.17 -6.46 -58.41
CA SER H 63 -17.19 -5.82 -57.53
C SER H 63 -16.74 -4.43 -57.98
N VAL H 64 -16.45 -4.29 -59.26
CA VAL H 64 -15.95 -3.03 -59.75
C VAL H 64 -17.01 -2.20 -60.43
N LYS H 65 -18.24 -2.68 -60.47
CA LYS H 65 -19.28 -2.00 -61.23
C LYS H 65 -19.37 -0.55 -60.80
N GLY H 66 -19.25 0.34 -61.78
CA GLY H 66 -19.41 1.75 -61.51
C GLY H 66 -18.14 2.46 -61.08
N ARG H 67 -17.08 1.72 -60.77
CA ARG H 67 -15.80 2.35 -60.41
C ARG H 67 -14.74 2.18 -61.52
N PHE H 68 -14.81 1.05 -62.21
CA PHE H 68 -13.84 0.73 -63.25
C PHE H 68 -14.41 0.99 -64.65
N THR H 69 -13.50 1.29 -65.58
CA THR H 69 -13.90 1.56 -66.95
C THR H 69 -12.92 0.96 -67.93
N ILE H 70 -13.40 0.02 -68.74
CA ILE H 70 -12.55 -0.60 -69.76
C ILE H 70 -12.63 0.13 -71.13
N SER H 71 -11.50 0.21 -71.85
CA SER H 71 -11.42 0.94 -73.11
C SER H 71 -10.34 0.39 -74.03
N ARG H 72 -10.38 0.77 -75.29
CA ARG H 72 -9.33 0.36 -76.21
C ARG H 72 -9.04 1.41 -77.27
N ASP H 73 -7.96 1.21 -78.03
CA ASP H 73 -7.62 2.08 -79.15
C ASP H 73 -6.98 1.23 -80.22
N ASN H 74 -7.77 0.68 -81.12
CA ASN H 74 -7.24 -0.33 -82.02
C ASN H 74 -6.08 0.13 -82.90
N SER H 75 -5.96 1.45 -83.04
CA SER H 75 -4.88 2.01 -83.85
C SER H 75 -3.56 1.84 -83.13
N LYS H 76 -3.63 1.54 -81.82
CA LYS H 76 -2.44 1.42 -80.98
C LYS H 76 -2.26 0.03 -80.35
N ASN H 77 -3.08 -0.94 -80.75
CA ASN H 77 -3.07 -2.26 -80.12
C ASN H 77 -3.04 -2.14 -78.60
N SER H 78 -3.95 -1.34 -78.06
CA SER H 78 -3.91 -0.98 -76.65
C SER H 78 -5.24 -1.20 -75.93
N LEU H 79 -5.15 -1.71 -74.71
CA LEU H 79 -6.29 -1.97 -73.89
C LEU H 79 -6.05 -1.11 -72.67
N TYR H 80 -7.11 -0.54 -72.11
CA TYR H 80 -6.93 0.31 -70.94
C TYR H 80 -7.89 -0.09 -69.85
N LEU H 81 -7.53 0.21 -68.61
CA LEU H 81 -8.43 0.01 -67.48
C LEU H 81 -8.36 1.20 -66.52
N GLN H 82 -9.49 1.86 -66.33
CA GLN H 82 -9.53 3.06 -65.51
C GLN H 82 -10.15 2.76 -64.16
N MET H 83 -9.32 2.70 -63.13
CA MET H 83 -9.77 2.35 -61.79
C MET H 83 -9.92 3.64 -61.01
N ASN H 84 -11.14 3.95 -60.59
CA ASN H 84 -11.43 5.14 -59.78
C ASN H 84 -12.00 4.69 -58.47
N SER H 85 -11.93 5.58 -57.48
CA SER H 85 -12.53 5.27 -56.19
C SER H 85 -12.05 3.91 -55.66
N LEU H 86 -10.72 3.74 -55.70
CA LEU H 86 -10.07 2.49 -55.32
C LEU H 86 -10.29 2.07 -53.88
N LYS H 87 -10.31 0.76 -53.65
CA LYS H 87 -10.44 0.23 -52.30
C LYS H 87 -9.23 -0.65 -52.03
N THR H 88 -8.98 -1.01 -50.78
CA THR H 88 -7.89 -1.93 -50.51
C THR H 88 -8.17 -3.29 -51.15
N GLU H 89 -9.43 -3.71 -51.17
CA GLU H 89 -9.85 -4.95 -51.81
C GLU H 89 -9.42 -5.02 -53.25
N ASP H 90 -9.09 -3.89 -53.85
CA ASP H 90 -8.69 -3.88 -55.25
C ASP H 90 -7.21 -4.20 -55.42
N THR H 91 -6.49 -4.28 -54.30
CA THR H 91 -5.07 -4.56 -54.33
C THR H 91 -4.89 -5.94 -54.93
N ALA H 92 -4.19 -6.03 -56.05
CA ALA H 92 -3.94 -7.31 -56.71
C ALA H 92 -2.99 -7.28 -57.87
N PHE H 93 -2.90 -8.41 -58.55
CA PHE H 93 -2.13 -8.49 -59.75
C PHE H 93 -3.10 -8.35 -60.87
N TYR H 94 -2.85 -7.42 -61.78
CA TYR H 94 -3.77 -7.22 -62.90
C TYR H 94 -3.22 -7.78 -64.20
N PHE H 95 -3.99 -8.69 -64.77
CA PHE H 95 -3.62 -9.37 -65.99
C PHE H 95 -4.50 -8.91 -67.11
N CYS H 96 -3.95 -8.75 -68.29
CA CYS H 96 -4.81 -8.55 -69.44
C CYS H 96 -4.78 -9.80 -70.31
N ALA H 97 -5.91 -10.16 -70.88
CA ALA H 97 -5.94 -11.39 -71.66
C ALA H 97 -6.78 -11.27 -72.92
N LYS H 98 -6.38 -12.03 -73.95
CA LYS H 98 -7.06 -12.03 -75.21
C LYS H 98 -8.04 -13.19 -75.21
N ASP H 99 -9.14 -13.07 -75.97
CA ASP H 99 -10.17 -14.10 -76.05
C ASP H 99 -10.14 -14.71 -77.45
N LYS H 100 -10.30 -16.04 -77.56
CA LYS H 100 -10.29 -16.71 -78.88
C LYS H 100 -11.32 -16.10 -79.82
N GLY H 101 -12.42 -15.64 -79.23
CA GLY H 101 -13.48 -14.98 -79.97
C GLY H 101 -14.51 -15.93 -80.60
N ASP H 102 -14.76 -17.08 -79.97
CA ASP H 102 -15.66 -18.10 -80.52
C ASP H 102 -17.13 -17.73 -80.31
N SER H 103 -17.89 -17.81 -81.39
CA SER H 103 -19.29 -17.39 -81.40
C SER H 103 -20.23 -18.44 -82.00
N ASP H 104 -21.41 -17.99 -82.41
CA ASP H 104 -22.49 -18.89 -82.77
C ASP H 104 -23.77 -18.10 -83.07
N TYS H 105 -24.43 -18.43 -84.18
CA TYS H 105 -25.62 -17.71 -84.63
CB TYS H 105 -25.34 -17.08 -86.00
CG TYS H 105 -26.51 -16.37 -86.65
CD1 TYS H 105 -26.74 -16.47 -88.03
CD2 TYS H 105 -27.36 -15.58 -85.90
CE1 TYS H 105 -27.80 -15.81 -88.63
CE2 TYS H 105 -28.44 -14.93 -86.50
CZ TYS H 105 -28.65 -15.04 -87.85
OH TYS H 105 -29.71 -14.38 -88.46
S TYS H 105 -30.06 -12.94 -87.80
O1 TYS H 105 -28.92 -12.43 -86.93
O2 TYS H 105 -30.29 -11.91 -88.90
O3 TYS H 105 -31.29 -13.06 -86.92
C TYS H 105 -26.83 -18.64 -84.70
O TYS H 105 -26.68 -19.85 -84.84
N ASP H 106 -28.01 -18.05 -84.63
CA ASP H 106 -29.26 -18.79 -84.64
C ASP H 106 -30.38 -17.79 -84.97
N TYS H 107 -30.74 -17.69 -86.24
CA TYS H 107 -31.83 -16.87 -86.78
CB TYS H 107 -32.68 -17.89 -87.54
CG TYS H 107 -33.94 -17.39 -88.18
CD1 TYS H 107 -34.78 -18.28 -88.82
CD2 TYS H 107 -34.28 -16.05 -88.16
CE1 TYS H 107 -35.93 -17.86 -89.41
CE2 TYS H 107 -35.42 -15.61 -88.75
CZ TYS H 107 -36.25 -16.52 -89.36
OH TYS H 107 -37.38 -16.09 -89.98
S TYS H 107 -36.83 -15.77 -91.45
O1 TYS H 107 -36.32 -17.04 -92.10
O2 TYS H 107 -35.69 -14.75 -91.36
O3 TYS H 107 -37.93 -15.18 -92.31
C TYS H 107 -32.74 -16.09 -85.82
O TYS H 107 -32.92 -14.86 -85.94
N ASN H 108 -33.38 -16.79 -84.88
CA ASN H 108 -34.31 -16.14 -83.96
C ASN H 108 -33.89 -16.10 -82.48
N LEU H 109 -32.75 -16.70 -82.15
CA LEU H 109 -32.20 -16.67 -80.79
C LEU H 109 -31.13 -15.58 -80.60
N GLY H 110 -30.70 -14.96 -81.69
CA GLY H 110 -29.63 -13.97 -81.66
C GLY H 110 -28.24 -14.58 -81.71
N TYR H 111 -27.23 -13.82 -81.30
CA TYR H 111 -25.86 -14.34 -81.20
C TYR H 111 -25.58 -14.94 -79.83
N SER H 112 -24.58 -15.81 -79.77
CA SER H 112 -24.13 -16.40 -78.51
C SER H 112 -22.61 -16.42 -78.45
N TYR H 113 -22.01 -15.80 -77.44
CA TYR H 113 -20.55 -15.79 -77.33
C TYR H 113 -20.05 -16.70 -76.24
N PHE H 114 -18.88 -17.30 -76.47
CA PHE H 114 -18.31 -18.24 -75.52
C PHE H 114 -16.93 -17.77 -75.09
N TYR H 115 -16.90 -16.86 -74.12
CA TYR H 115 -15.64 -16.22 -73.80
C TYR H 115 -14.69 -17.17 -73.07
N TYR H 116 -13.39 -17.05 -73.35
CA TYR H 116 -12.36 -17.72 -72.58
C TYR H 116 -11.02 -17.34 -73.14
N MET H 117 -9.97 -17.43 -72.33
CA MET H 117 -8.69 -16.80 -72.66
C MET H 117 -7.76 -17.67 -73.50
N ASP H 118 -7.08 -16.97 -74.39
CA ASP H 118 -6.35 -17.55 -75.49
C ASP H 118 -4.92 -17.19 -75.29
N GLY H 119 -4.68 -16.09 -74.58
CA GLY H 119 -3.33 -15.66 -74.23
C GLY H 119 -3.37 -14.72 -73.04
N TRP H 120 -2.29 -14.69 -72.24
CA TRP H 120 -2.25 -13.79 -71.08
C TRP H 120 -0.98 -12.98 -71.06
N GLY H 121 -0.96 -11.91 -70.27
CA GLY H 121 0.20 -11.06 -70.15
C GLY H 121 0.96 -11.50 -68.91
N LYS H 122 2.00 -10.76 -68.55
CA LYS H 122 2.82 -11.10 -67.40
C LYS H 122 2.19 -10.62 -66.10
N GLY H 123 1.47 -9.50 -66.18
CA GLY H 123 0.84 -8.91 -65.02
C GLY H 123 1.39 -7.53 -64.71
N THR H 124 0.67 -6.79 -63.87
CA THR H 124 1.20 -5.55 -63.32
C THR H 124 0.62 -5.35 -61.93
N THR H 125 1.39 -4.78 -61.02
CA THR H 125 0.99 -4.82 -59.63
C THR H 125 0.36 -3.56 -59.12
N VAL H 126 -0.82 -3.70 -58.55
CA VAL H 126 -1.54 -2.58 -57.98
C VAL H 126 -1.69 -2.73 -56.48
N THR H 127 -1.24 -1.74 -55.73
CA THR H 127 -1.35 -1.76 -54.28
C THR H 127 -2.10 -0.56 -53.80
N VAL H 128 -3.11 -0.82 -52.99
CA VAL H 128 -3.92 0.25 -52.46
C VAL H 128 -3.70 0.29 -50.96
N SER H 129 -3.01 1.34 -50.49
CA SER H 129 -2.73 1.42 -49.05
C SER H 129 -2.79 2.84 -48.52
N SER H 130 -3.26 2.96 -47.29
CA SER H 130 -3.27 4.24 -46.59
C SER H 130 -1.88 4.62 -46.11
N ALA H 131 -1.12 3.60 -45.75
CA ALA H 131 0.22 3.76 -45.23
C ALA H 131 1.22 4.33 -46.24
N SER H 132 2.34 4.85 -45.75
CA SER H 132 3.37 5.46 -46.59
C SER H 132 4.74 4.91 -46.25
N THR H 133 5.71 5.13 -47.15
CA THR H 133 7.03 4.55 -47.00
C THR H 133 7.54 4.68 -45.57
N LYS H 134 8.09 3.57 -45.06
CA LYS H 134 8.64 3.47 -43.70
C LYS H 134 9.64 2.34 -43.64
N GLY H 135 10.83 2.61 -43.12
CA GLY H 135 11.86 1.58 -42.97
C GLY H 135 11.54 0.61 -41.84
N PRO H 136 12.19 -0.55 -41.86
CA PRO H 136 11.83 -1.59 -40.91
C PRO H 136 12.52 -1.44 -39.56
N SER H 137 11.96 -2.02 -38.50
CA SER H 137 12.68 -2.19 -37.24
C SER H 137 13.16 -3.61 -37.22
N VAL H 138 14.35 -3.84 -36.69
CA VAL H 138 14.94 -5.16 -36.73
C VAL H 138 15.22 -5.72 -35.34
N PHE H 139 14.56 -6.84 -35.03
CA PHE H 139 14.78 -7.47 -33.74
C PHE H 139 15.42 -8.84 -33.83
N PRO H 140 16.28 -9.14 -32.86
CA PRO H 140 16.93 -10.44 -32.76
C PRO H 140 15.99 -11.55 -32.29
N LEU H 141 16.01 -12.66 -33.03
CA LEU H 141 15.43 -13.90 -32.58
C LEU H 141 16.56 -14.76 -32.03
N ALA H 142 16.86 -14.56 -30.76
CA ALA H 142 18.01 -15.20 -30.13
C ALA H 142 17.74 -16.67 -29.91
N PRO H 143 18.78 -17.52 -30.11
CA PRO H 143 18.67 -18.97 -29.99
C PRO H 143 18.60 -19.38 -28.52
N SER H 144 17.95 -20.52 -28.29
CA SER H 144 17.62 -21.04 -26.97
C SER H 144 18.80 -21.78 -26.33
N SER H 145 18.57 -22.28 -25.12
CA SER H 145 19.60 -22.98 -24.34
C SER H 145 19.12 -24.36 -23.82
N GLY H 151 23.74 -31.85 -31.88
CA GLY H 151 22.50 -31.26 -32.38
C GLY H 151 22.65 -29.81 -32.82
N THR H 152 21.57 -29.21 -33.32
CA THR H 152 21.64 -27.83 -33.83
C THR H 152 20.68 -26.83 -33.17
N ALA H 153 20.84 -25.57 -33.54
CA ALA H 153 20.05 -24.45 -33.01
C ALA H 153 19.59 -23.52 -34.12
N ALA H 154 18.48 -22.83 -33.88
CA ALA H 154 17.95 -21.86 -34.82
C ALA H 154 17.97 -20.45 -34.24
N LEU H 155 18.45 -19.50 -35.04
CA LEU H 155 18.42 -18.10 -34.64
C LEU H 155 17.97 -17.25 -35.84
N GLY H 156 17.54 -16.02 -35.58
CA GLY H 156 16.96 -15.22 -36.65
C GLY H 156 16.75 -13.74 -36.43
N CYS H 157 15.99 -13.14 -37.35
CA CYS H 157 15.67 -11.72 -37.34
C CYS H 157 14.20 -11.53 -37.52
N LEU H 158 13.60 -10.73 -36.64
CA LEU H 158 12.28 -10.24 -36.90
C LEU H 158 12.42 -8.88 -37.57
N VAL H 159 11.87 -8.75 -38.76
CA VAL H 159 11.92 -7.47 -39.50
C VAL H 159 10.53 -6.87 -39.45
N LYS H 160 10.34 -5.87 -38.61
CA LYS H 160 9.00 -5.45 -38.24
C LYS H 160 8.61 -4.13 -38.89
N ASP H 161 7.31 -4.01 -39.13
CA ASP H 161 6.64 -2.75 -39.46
C ASP H 161 7.30 -1.90 -40.52
N TYR H 162 7.25 -2.35 -41.76
CA TYR H 162 7.77 -1.57 -42.88
C TYR H 162 6.75 -1.50 -44.03
N PHE H 163 7.12 -0.74 -45.08
CA PHE H 163 6.26 -0.46 -46.22
C PHE H 163 7.02 0.44 -47.16
N PRO H 164 6.88 0.20 -48.47
CA PRO H 164 6.10 -0.89 -49.05
C PRO H 164 7.03 -2.08 -49.16
N GLU H 165 6.67 -3.11 -49.91
CA GLU H 165 7.59 -4.21 -50.12
C GLU H 165 8.63 -3.84 -51.17
N PRO H 166 9.69 -4.64 -51.30
CA PRO H 166 10.10 -5.78 -50.47
C PRO H 166 11.33 -5.50 -49.60
N VAL H 167 11.55 -6.36 -48.62
CA VAL H 167 12.78 -6.37 -47.86
C VAL H 167 13.64 -7.54 -48.32
N THR H 168 14.95 -7.43 -48.23
CA THR H 168 15.78 -8.56 -48.55
C THR H 168 16.72 -8.77 -47.38
N VAL H 169 16.98 -10.03 -47.04
CA VAL H 169 17.86 -10.35 -45.92
C VAL H 169 18.98 -11.26 -46.33
N SER H 170 20.16 -11.00 -45.80
CA SER H 170 21.28 -11.92 -46.00
C SER H 170 21.92 -12.13 -44.65
N TRP H 171 22.87 -13.06 -44.55
CA TRP H 171 23.57 -13.23 -43.31
C TRP H 171 25.06 -13.14 -43.54
N ASN H 172 25.77 -12.60 -42.57
CA ASN H 172 27.21 -12.41 -42.67
C ASN H 172 27.66 -11.82 -44.01
N SER H 173 26.91 -10.81 -44.44
CA SER H 173 27.16 -10.05 -45.64
C SER H 173 27.28 -10.98 -46.84
N GLY H 174 26.44 -12.01 -46.85
CA GLY H 174 26.33 -12.93 -47.96
C GLY H 174 27.08 -14.25 -47.83
N ALA H 175 28.00 -14.32 -46.90
CA ALA H 175 28.86 -15.49 -46.79
C ALA H 175 28.25 -16.67 -46.03
N LEU H 176 26.98 -16.55 -45.65
CA LEU H 176 26.29 -17.64 -45.00
C LEU H 176 25.02 -17.88 -45.76
N THR H 177 24.92 -19.04 -46.38
CA THR H 177 23.75 -19.35 -47.19
C THR H 177 23.21 -20.72 -46.79
N SER H 178 24.10 -21.54 -46.26
CA SER H 178 23.73 -22.86 -45.81
C SER H 178 22.87 -22.81 -44.55
N GLY H 179 21.58 -23.08 -44.71
CA GLY H 179 20.72 -23.22 -43.54
C GLY H 179 19.76 -22.07 -43.42
N VAL H 180 19.85 -21.15 -44.39
CA VAL H 180 19.16 -19.89 -44.30
C VAL H 180 17.82 -19.93 -44.98
N HIS H 181 16.79 -19.40 -44.33
CA HIS H 181 15.50 -19.22 -45.00
C HIS H 181 14.84 -17.92 -44.61
N THR H 182 14.45 -17.17 -45.61
CA THR H 182 13.76 -15.93 -45.38
C THR H 182 12.32 -16.08 -45.82
N PHE H 183 11.38 -15.84 -44.91
CA PHE H 183 9.97 -16.10 -45.14
C PHE H 183 9.31 -15.02 -45.98
N PRO H 184 8.08 -15.29 -46.42
CA PRO H 184 7.23 -14.25 -46.99
C PRO H 184 6.77 -13.29 -45.90
N ALA H 185 6.34 -12.12 -46.32
CA ALA H 185 5.88 -11.12 -45.38
C ALA H 185 4.41 -11.32 -45.11
N VAL H 186 3.99 -10.97 -43.89
CA VAL H 186 2.58 -10.92 -43.58
C VAL H 186 2.24 -9.44 -43.57
N LEU H 187 1.01 -9.10 -43.89
CA LEU H 187 0.59 -7.70 -43.84
C LEU H 187 -0.34 -7.53 -42.66
N GLN H 188 0.03 -6.72 -41.69
CA GLN H 188 -0.76 -6.58 -40.48
C GLN H 188 -1.90 -5.55 -40.62
N SER H 189 -2.73 -5.44 -39.58
CA SER H 189 -3.85 -4.51 -39.53
C SER H 189 -3.41 -3.08 -39.80
N SER H 190 -2.21 -2.77 -39.30
CA SER H 190 -1.62 -1.43 -39.42
C SER H 190 -1.34 -1.02 -40.87
N GLY H 191 -1.44 -1.97 -41.78
CA GLY H 191 -1.14 -1.67 -43.16
C GLY H 191 0.33 -1.82 -43.42
N LEU H 192 1.06 -2.23 -42.38
CA LEU H 192 2.51 -2.43 -42.45
C LEU H 192 2.96 -3.88 -42.58
N TYR H 193 4.08 -4.12 -43.27
CA TYR H 193 4.58 -5.48 -43.45
C TYR H 193 5.59 -5.92 -42.37
N SER H 194 5.69 -7.22 -42.17
CA SER H 194 6.65 -7.80 -41.24
C SER H 194 7.07 -9.16 -41.79
N LEU H 195 8.34 -9.51 -41.64
CA LEU H 195 8.81 -10.83 -42.07
C LEU H 195 9.91 -11.31 -41.13
N SER H 196 10.30 -12.59 -41.24
CA SER H 196 11.43 -13.12 -40.49
C SER H 196 12.44 -13.83 -41.34
N SER H 197 13.61 -14.04 -40.77
CA SER H 197 14.62 -14.85 -41.43
C SER H 197 15.32 -15.70 -40.40
N VAL H 198 15.46 -16.98 -40.69
CA VAL H 198 16.16 -17.88 -39.79
C VAL H 198 17.31 -18.56 -40.45
N VAL H 199 18.25 -18.96 -39.61
CA VAL H 199 19.31 -19.80 -40.08
C VAL H 199 19.62 -20.82 -38.99
N THR H 200 19.73 -22.10 -39.37
CA THR H 200 20.04 -23.18 -38.43
C THR H 200 21.52 -23.49 -38.48
N VAL H 201 22.10 -23.65 -37.30
CA VAL H 201 23.56 -23.65 -37.19
C VAL H 201 24.07 -24.63 -36.15
N PRO H 202 25.28 -25.17 -36.39
CA PRO H 202 25.99 -26.00 -35.42
C PRO H 202 25.82 -25.44 -34.02
N SER H 203 25.05 -26.19 -33.24
CA SER H 203 24.73 -25.83 -31.87
C SER H 203 25.98 -25.46 -31.09
N SER H 204 27.06 -26.19 -31.33
CA SER H 204 28.30 -26.03 -30.59
C SER H 204 28.96 -24.68 -30.85
N SER H 205 29.08 -24.33 -32.13
CA SER H 205 29.73 -23.10 -32.57
C SER H 205 28.83 -21.88 -32.38
N LEU H 206 28.53 -21.54 -31.13
CA LEU H 206 27.58 -20.50 -30.86
C LEU H 206 28.22 -19.46 -30.00
N GLY H 207 29.30 -19.82 -29.32
CA GLY H 207 30.03 -18.89 -28.48
C GLY H 207 31.24 -18.38 -29.24
N THR H 208 31.48 -19.03 -30.36
CA THR H 208 32.64 -18.70 -31.17
C THR H 208 32.26 -18.00 -32.46
N GLN H 209 31.67 -18.75 -33.40
CA GLN H 209 31.26 -18.19 -34.68
C GLN H 209 30.24 -17.08 -34.45
N THR H 210 30.30 -16.02 -35.25
CA THR H 210 29.47 -14.81 -35.05
C THR H 210 28.43 -14.51 -36.17
N TYR H 211 27.16 -14.45 -35.80
CA TYR H 211 26.08 -14.33 -36.78
C TYR H 211 25.42 -12.95 -36.84
N ILE H 212 25.43 -12.38 -38.04
CA ILE H 212 24.90 -11.05 -38.28
C ILE H 212 23.95 -11.10 -39.44
N CYS H 213 22.78 -10.51 -39.29
CA CYS H 213 21.92 -10.46 -40.43
C CYS H 213 21.90 -9.05 -41.00
N ASN H 214 21.83 -8.95 -42.32
CA ASN H 214 21.82 -7.66 -42.95
C ASN H 214 20.50 -7.53 -43.66
N VAL H 215 19.74 -6.50 -43.28
CA VAL H 215 18.42 -6.22 -43.84
C VAL H 215 18.53 -5.07 -44.81
N ASN H 216 17.88 -5.17 -45.97
CA ASN H 216 17.88 -4.07 -46.90
C ASN H 216 16.45 -3.76 -47.34
N HIS H 217 16.07 -2.48 -47.30
CA HIS H 217 14.76 -2.01 -47.73
C HIS H 217 14.90 -0.84 -48.68
N LYS H 218 15.04 -1.10 -49.97
CA LYS H 218 15.34 -0.03 -50.94
C LYS H 218 14.31 1.09 -51.02
N PRO H 219 13.04 0.74 -50.87
CA PRO H 219 12.00 1.78 -50.93
C PRO H 219 12.23 2.93 -49.96
N SER H 220 12.97 2.72 -48.89
CA SER H 220 13.20 3.80 -47.92
C SER H 220 14.68 4.06 -47.75
N ASN H 221 15.48 3.41 -48.58
CA ASN H 221 16.90 3.62 -48.56
C ASN H 221 17.43 3.40 -47.16
N THR H 222 16.91 2.37 -46.50
CA THR H 222 17.39 1.96 -45.19
C THR H 222 18.12 0.65 -45.31
N LYS H 223 19.15 0.46 -44.51
CA LYS H 223 19.92 -0.78 -44.49
C LYS H 223 20.34 -0.96 -43.04
N VAL H 224 20.10 -2.15 -42.50
CA VAL H 224 20.36 -2.38 -41.10
C VAL H 224 21.21 -3.62 -40.94
N ASP H 225 22.16 -3.59 -40.01
CA ASP H 225 22.92 -4.78 -39.65
C ASP H 225 22.71 -5.02 -38.18
N LYS H 226 22.41 -6.26 -37.81
CA LYS H 226 22.16 -6.60 -36.42
C LYS H 226 22.83 -7.92 -36.10
N LYS H 227 23.58 -7.95 -35.00
CA LYS H 227 24.23 -9.19 -34.62
C LYS H 227 23.27 -9.88 -33.69
N VAL H 228 23.07 -11.17 -33.91
CA VAL H 228 22.19 -11.97 -33.09
C VAL H 228 23.03 -12.82 -32.17
N GLU H 229 22.96 -12.55 -30.87
CA GLU H 229 23.72 -13.30 -29.89
C GLU H 229 22.75 -14.02 -29.00
N PRO H 230 23.14 -15.21 -28.53
CA PRO H 230 22.39 -15.98 -27.53
C PRO H 230 22.19 -15.12 -26.28
N LYS H 231 21.14 -15.34 -25.48
CA LYS H 231 20.72 -14.33 -24.47
C LYS H 231 21.58 -14.18 -23.21
N SER H 232 20.96 -13.70 -22.14
CA SER H 232 21.63 -13.60 -20.83
C SER H 232 21.31 -14.82 -19.94
N CYS H 233 21.90 -15.96 -20.31
CA CYS H 233 21.83 -17.20 -19.54
C CYS H 233 23.17 -17.97 -19.52
N TYR I 2 27.11 22.53 5.38
CA TYR I 2 27.68 23.82 5.01
C TYR I 2 27.46 24.02 3.52
N VAL I 3 27.34 25.27 3.08
CA VAL I 3 27.08 25.49 1.66
C VAL I 3 28.01 26.51 1.03
N LEU I 4 28.59 26.12 -0.11
CA LEU I 4 29.43 26.98 -0.92
C LEU I 4 28.69 27.31 -2.21
N THR I 5 28.69 28.59 -2.56
CA THR I 5 27.96 29.05 -3.75
C THR I 5 28.84 29.85 -4.69
N GLN I 6 28.84 29.46 -5.95
CA GLN I 6 29.62 30.14 -6.97
C GLN I 6 28.72 30.56 -8.11
N PRO I 7 29.06 31.69 -8.73
CA PRO I 7 28.40 32.18 -9.94
C PRO I 7 28.51 31.14 -11.02
N PRO I 8 27.41 30.83 -11.69
CA PRO I 8 27.47 29.75 -12.69
C PRO I 8 28.40 30.11 -13.83
N SER I 9 28.31 31.32 -14.35
CA SER I 9 29.16 31.67 -15.45
C SER I 9 30.04 32.86 -15.11
N VAL I 10 31.08 33.08 -15.91
CA VAL I 10 31.91 34.29 -15.85
C VAL I 10 32.78 34.39 -17.09
N SER I 11 32.75 35.55 -17.73
CA SER I 11 33.44 35.74 -19.00
C SER I 11 34.44 36.85 -18.91
N VAL I 12 35.49 36.79 -19.74
CA VAL I 12 36.50 37.84 -19.81
C VAL I 12 37.16 37.81 -21.14
N ALA I 13 37.72 38.96 -21.52
CA ALA I 13 38.41 39.08 -22.79
C ALA I 13 39.86 38.74 -22.55
N PRO I 14 40.51 38.15 -23.57
CA PRO I 14 41.88 37.68 -23.42
C PRO I 14 42.79 38.77 -22.91
N GLY I 15 43.77 38.40 -22.08
CA GLY I 15 44.71 39.36 -21.56
C GLY I 15 44.18 40.10 -20.35
N LYS I 16 42.87 40.18 -20.24
CA LYS I 16 42.28 40.83 -19.08
C LYS I 16 42.41 39.98 -17.83
N THR I 17 41.70 40.34 -16.77
CA THR I 17 41.82 39.62 -15.51
C THR I 17 40.47 39.12 -15.04
N ALA I 18 40.42 37.88 -14.57
CA ALA I 18 39.15 37.24 -14.22
C ALA I 18 39.03 36.97 -12.73
N ARG I 19 37.81 37.08 -12.22
CA ARG I 19 37.57 36.83 -10.80
C ARG I 19 36.43 35.84 -10.56
N ILE I 20 36.68 34.87 -9.71
CA ILE I 20 35.67 33.87 -9.40
C ILE I 20 35.45 33.83 -7.91
N THR I 21 34.21 34.05 -7.50
CA THR I 21 33.88 34.22 -6.10
C THR I 21 33.41 32.90 -5.52
N CYS I 22 33.58 32.72 -4.22
CA CYS I 22 33.07 31.55 -3.54
C CYS I 22 32.37 31.98 -2.27
N GLY I 23 31.06 31.89 -2.27
CA GLY I 23 30.29 32.35 -1.14
C GLY I 23 29.99 31.32 -0.09
N GLY I 24 30.51 31.56 1.10
CA GLY I 24 30.22 30.71 2.24
C GLY I 24 30.24 31.57 3.48
N ASN I 25 29.36 31.29 4.44
CA ASN I 25 29.25 32.14 5.61
C ASN I 25 30.35 31.85 6.63
N ASN I 26 31.07 32.89 7.01
CA ASN I 26 32.20 32.72 7.89
C ASN I 26 33.18 31.74 7.28
N ILE I 27 33.39 31.91 5.98
CA ILE I 27 34.24 31.04 5.21
C ILE I 27 35.70 31.38 5.46
N ALA I 28 35.94 32.57 6.02
CA ALA I 28 37.31 32.97 6.27
C ALA I 28 37.91 32.10 7.36
N ASN I 29 37.04 31.44 8.13
CA ASN I 29 37.47 30.54 9.19
C ASN I 29 37.99 29.23 8.66
N LYS I 30 37.65 28.93 7.42
CA LYS I 30 38.01 27.65 6.83
C LYS I 30 39.10 27.80 5.78
N ASN I 31 39.85 26.72 5.51
CA ASN I 31 40.80 26.74 4.41
C ASN I 31 40.11 26.42 3.09
N VAL I 32 40.26 27.32 2.12
CA VAL I 32 39.63 27.12 0.82
C VAL I 32 40.63 26.67 -0.24
N HIS I 33 40.23 25.67 -1.03
CA HIS I 33 41.10 25.17 -2.09
C HIS I 33 40.38 25.31 -3.44
N TRP I 34 41.11 25.38 -4.53
CA TRP I 34 40.50 25.57 -5.83
C TRP I 34 40.97 24.55 -6.86
N TYR I 35 40.02 23.94 -7.56
CA TYR I 35 40.36 23.03 -8.65
C TYR I 35 39.89 23.52 -10.01
N GLN I 36 40.68 23.20 -11.05
CA GLN I 36 40.34 23.50 -12.43
C GLN I 36 40.04 22.21 -13.15
N GLN I 37 38.95 22.17 -13.91
CA GLN I 37 38.57 20.95 -14.64
C GLN I 37 38.17 21.25 -16.07
N LYS I 38 39.01 20.83 -17.02
CA LYS I 38 38.69 21.01 -18.43
C LYS I 38 37.86 19.83 -18.93
N PRO I 39 36.83 20.13 -19.75
CA PRO I 39 35.88 19.13 -20.23
C PRO I 39 36.53 17.79 -20.55
N GLY I 40 35.96 16.73 -19.98
CA GLY I 40 36.44 15.38 -20.13
C GLY I 40 37.82 15.17 -19.57
N GLN I 41 38.01 15.46 -18.29
CA GLN I 41 39.38 15.39 -17.75
C GLN I 41 39.48 15.49 -16.22
N ALA I 42 40.67 15.18 -15.72
CA ALA I 42 40.93 15.18 -14.28
C ALA I 42 40.99 16.57 -13.73
N PRO I 43 40.29 16.83 -12.63
CA PRO I 43 40.36 18.11 -11.95
C PRO I 43 41.81 18.34 -11.59
N VAL I 44 42.20 19.58 -11.31
CA VAL I 44 43.60 19.92 -11.05
C VAL I 44 43.77 21.03 -10.00
N LEU I 45 44.50 20.73 -8.93
CA LEU I 45 44.68 21.70 -7.86
C LEU I 45 45.37 22.93 -8.41
N VAL I 46 44.83 24.12 -8.12
CA VAL I 46 45.49 25.37 -8.52
C VAL I 46 45.80 26.30 -7.34
N ILE I 47 44.95 26.30 -6.32
CA ILE I 47 45.24 27.11 -5.15
C ILE I 47 44.82 26.30 -3.95
N TYR I 48 45.73 26.14 -3.00
CA TYR I 48 45.38 25.49 -1.75
C TYR I 48 45.67 26.40 -0.56
N TYR I 49 45.09 26.06 0.60
CA TYR I 49 45.25 26.87 1.80
C TYR I 49 45.08 28.36 1.46
N ASP I 50 44.00 28.66 0.74
CA ASP I 50 43.55 30.04 0.51
C ASP I 50 44.35 30.78 -0.55
N ASP I 51 45.61 31.10 -0.26
CA ASP I 51 46.41 31.91 -1.18
C ASP I 51 47.65 31.23 -1.71
N ASP I 52 47.94 30.03 -1.17
CA ASP I 52 49.08 29.20 -1.61
C ASP I 52 48.86 28.59 -2.99
N ARG I 53 49.96 28.31 -3.69
CA ARG I 53 49.89 27.83 -5.06
C ARG I 53 50.92 26.71 -5.31
N PRO I 54 50.49 25.60 -5.95
CA PRO I 54 51.44 24.52 -6.18
C PRO I 54 52.41 24.85 -7.30
N SER I 55 53.67 24.49 -7.10
CA SER I 55 54.67 24.72 -8.12
C SER I 55 54.34 23.87 -9.31
N GLY I 56 54.33 24.48 -10.48
CA GLY I 56 53.90 23.73 -11.65
C GLY I 56 52.66 24.34 -12.31
N ILE I 57 52.12 25.36 -11.64
CA ILE I 57 51.06 26.19 -12.23
C ILE I 57 51.39 27.69 -12.13
N PRO I 58 51.07 28.45 -13.19
CA PRO I 58 51.50 29.83 -13.42
C PRO I 58 51.26 30.82 -12.26
N ASP I 59 52.13 31.82 -12.15
CA ASP I 59 52.02 32.84 -11.11
C ASP I 59 50.79 33.72 -11.29
N ARG I 60 50.05 33.48 -12.37
CA ARG I 60 48.87 34.26 -12.70
C ARG I 60 47.68 33.91 -11.77
N PHE I 61 47.67 32.68 -11.26
CA PHE I 61 46.65 32.26 -10.31
C PHE I 61 46.95 32.71 -8.88
N SER I 62 45.97 33.31 -8.21
CA SER I 62 46.18 33.88 -6.87
C SER I 62 44.93 33.76 -6.02
N GLY I 63 45.09 33.64 -4.70
CA GLY I 63 43.95 33.40 -3.84
C GLY I 63 43.65 34.46 -2.80
N SER I 64 42.38 34.66 -2.51
CA SER I 64 41.94 35.56 -1.44
C SER I 64 40.94 34.82 -0.56
N ASN I 65 40.75 35.30 0.66
CA ASN I 65 39.70 34.78 1.53
C ASN I 65 39.39 35.73 2.70
N SER I 66 38.28 36.47 2.59
CA SER I 66 37.94 37.51 3.55
C SER I 66 36.49 37.44 4.01
N GLY I 67 36.33 37.21 5.30
CA GLY I 67 35.02 37.27 5.93
C GLY I 67 33.98 36.32 5.38
N ASN I 68 33.32 36.72 4.31
CA ASN I 68 32.22 35.91 3.77
C ASN I 68 32.41 35.46 2.34
N THR I 69 33.58 35.75 1.78
CA THR I 69 33.81 35.46 0.38
C THR I 69 35.29 35.20 0.01
N ALA I 70 35.53 34.01 -0.56
CA ALA I 70 36.85 33.60 -1.05
C ALA I 70 36.97 33.86 -2.55
N THR I 71 38.18 34.15 -3.03
CA THR I 71 38.30 34.51 -4.44
C THR I 71 39.53 33.99 -5.17
N LEU I 72 39.27 33.27 -6.26
CA LEU I 72 40.28 32.82 -7.19
C LEU I 72 40.44 33.89 -8.24
N THR I 73 41.65 34.38 -8.44
CA THR I 73 41.87 35.51 -9.35
C THR I 73 42.89 35.15 -10.41
N ILE I 74 42.45 34.98 -11.64
CA ILE I 74 43.38 34.66 -12.73
C ILE I 74 43.69 35.91 -13.54
N SER I 75 44.96 36.26 -13.65
CA SER I 75 45.32 37.46 -14.39
C SER I 75 45.90 37.10 -15.75
N ARG I 76 45.94 38.09 -16.66
CA ARG I 76 46.42 37.87 -18.03
C ARG I 76 45.89 36.57 -18.60
N VAL I 77 44.57 36.42 -18.50
CA VAL I 77 43.86 35.24 -18.95
C VAL I 77 44.21 34.81 -20.37
N GLU I 78 44.40 33.52 -20.56
CA GLU I 78 44.70 33.00 -21.89
C GLU I 78 43.53 32.16 -22.35
N ALA I 79 43.60 31.72 -23.61
CA ALA I 79 42.56 30.88 -24.19
C ALA I 79 42.57 29.53 -23.49
N GLY I 80 43.75 29.12 -23.03
CA GLY I 80 43.90 27.86 -22.37
C GLY I 80 43.31 27.81 -20.98
N ASP I 81 42.92 28.96 -20.44
CA ASP I 81 42.40 29.02 -19.07
C ASP I 81 40.92 28.73 -19.03
N GLU I 82 40.33 28.58 -20.21
CA GLU I 82 38.93 28.24 -20.33
C GLU I 82 38.69 26.87 -19.66
N ALA I 83 37.92 26.86 -18.57
CA ALA I 83 37.51 25.61 -17.92
C ALA I 83 36.47 25.84 -16.84
N ASP I 84 36.17 24.81 -16.05
CA ASP I 84 35.27 24.97 -14.91
C ASP I 84 36.13 25.03 -13.66
N TYR I 85 35.76 25.89 -12.72
CA TYR I 85 36.55 26.06 -11.51
C TYR I 85 35.72 25.79 -10.29
N TYR I 86 36.20 24.94 -9.38
CA TYR I 86 35.45 24.61 -8.16
C TYR I 86 36.23 25.05 -6.94
N CYS I 87 35.55 25.60 -5.96
CA CYS I 87 36.16 25.82 -4.66
C CYS I 87 35.72 24.72 -3.70
N GLN I 88 36.51 24.48 -2.66
CA GLN I 88 36.29 23.33 -1.80
C GLN I 88 36.76 23.59 -0.40
N VAL I 89 36.00 23.08 0.57
CA VAL I 89 36.38 23.18 1.97
C VAL I 89 36.07 21.91 2.73
N TRP I 90 36.51 21.91 3.99
CA TRP I 90 36.21 20.80 4.89
C TRP I 90 35.34 21.24 6.07
N ASP I 91 34.14 20.70 6.18
CA ASP I 91 33.30 21.07 7.31
C ASP I 91 33.54 20.13 8.47
N SER I 92 34.30 20.60 9.44
CA SER I 92 34.63 19.83 10.63
C SER I 92 33.37 19.52 11.42
N ASN I 93 32.33 20.31 11.18
CA ASN I 93 31.09 20.18 11.92
C ASN I 93 30.24 19.04 11.45
N SER I 94 30.15 18.87 10.13
CA SER I 94 29.27 17.87 9.56
C SER I 94 30.06 16.69 9.02
N ASP I 95 31.39 16.79 9.10
CA ASP I 95 32.28 15.77 8.55
C ASP I 95 32.00 15.57 7.06
N HIS I 96 32.13 16.65 6.30
CA HIS I 96 31.86 16.63 4.89
C HIS I 96 32.90 17.44 4.16
N VAL I 97 33.41 16.89 3.05
CA VAL I 97 34.10 17.74 2.09
C VAL I 97 33.00 18.42 1.29
N VAL I 98 33.18 19.69 1.00
CA VAL I 98 32.15 20.39 0.26
C VAL I 98 32.73 21.12 -0.94
N PHE I 99 32.13 20.84 -2.09
CA PHE I 99 32.47 21.58 -3.31
C PHE I 99 31.41 22.63 -3.62
N GLY I 100 31.81 23.67 -4.33
CA GLY I 100 30.87 24.66 -4.80
C GLY I 100 30.22 24.21 -6.09
N GLY I 101 29.32 25.05 -6.61
CA GLY I 101 28.59 24.70 -7.81
C GLY I 101 29.48 24.60 -9.03
N GLY I 102 30.62 25.29 -8.98
CA GLY I 102 31.48 25.38 -10.13
C GLY I 102 31.14 26.59 -10.96
N THR I 103 32.16 27.17 -11.58
CA THR I 103 32.00 28.34 -12.44
C THR I 103 32.66 28.07 -13.79
N GLN I 104 31.91 28.25 -14.86
CA GLN I 104 32.46 28.01 -16.18
C GLN I 104 33.01 29.31 -16.66
N LEU I 105 34.32 29.39 -16.76
CA LEU I 105 35.02 30.57 -17.23
C LEU I 105 35.16 30.60 -18.75
N THR I 106 34.51 31.57 -19.40
CA THR I 106 34.55 31.67 -20.86
C THR I 106 35.53 32.75 -21.25
N VAL I 107 36.39 32.46 -22.22
CA VAL I 107 37.33 33.43 -22.70
C VAL I 107 36.92 33.81 -24.10
N LEU I 108 36.55 35.07 -24.27
CA LEU I 108 35.87 35.55 -25.48
C LEU I 108 36.90 35.75 -26.51
N GLY I 109 37.39 34.66 -26.99
CA GLY I 109 38.45 34.79 -27.93
C GLY I 109 37.89 34.78 -29.33
N GLN I 110 36.64 35.16 -29.51
CA GLN I 110 36.14 35.33 -30.87
C GLN I 110 34.90 36.19 -30.95
N PRO I 111 34.61 36.70 -32.15
CA PRO I 111 33.46 37.60 -32.36
C PRO I 111 32.14 36.95 -31.98
N LYS I 112 31.22 37.73 -31.43
CA LYS I 112 29.88 37.23 -31.19
C LYS I 112 29.23 36.78 -32.51
N ALA I 113 28.24 35.89 -32.37
CA ALA I 113 27.59 35.30 -33.53
C ALA I 113 26.19 34.92 -33.19
N ALA I 114 25.23 35.34 -34.01
CA ALA I 114 23.85 35.02 -33.74
C ALA I 114 23.56 33.61 -34.20
N PRO I 115 22.68 32.91 -33.48
CA PRO I 115 22.31 31.52 -33.73
C PRO I 115 21.46 31.40 -34.98
N SER I 116 21.70 30.36 -35.78
CA SER I 116 20.81 30.06 -36.89
C SER I 116 19.99 28.81 -36.60
N VAL I 117 18.68 28.97 -36.70
CA VAL I 117 17.73 27.99 -36.22
C VAL I 117 16.96 27.30 -37.32
N THR I 118 16.86 25.98 -37.24
CA THR I 118 16.20 25.15 -38.23
C THR I 118 15.23 24.22 -37.54
N LEU I 119 13.99 24.18 -37.97
CA LEU I 119 13.01 23.41 -37.22
C LEU I 119 12.34 22.37 -38.09
N PHE I 120 12.54 21.09 -37.76
CA PHE I 120 11.97 20.01 -38.54
C PHE I 120 10.68 19.47 -37.93
N PRO I 121 9.65 19.30 -38.75
CA PRO I 121 8.40 18.66 -38.33
C PRO I 121 8.58 17.16 -38.32
N PRO I 122 7.64 16.42 -37.74
CA PRO I 122 7.70 14.95 -37.70
C PRO I 122 7.74 14.33 -39.10
N SER I 123 8.62 13.37 -39.37
CA SER I 123 8.67 12.80 -40.71
C SER I 123 7.48 11.90 -40.90
N SER I 124 7.06 11.71 -42.15
CA SER I 124 5.93 10.83 -42.44
C SER I 124 6.21 9.46 -41.83
N GLU I 125 7.49 9.09 -41.85
CA GLU I 125 7.95 7.80 -41.39
C GLU I 125 7.71 7.61 -39.90
N GLU I 126 8.13 8.60 -39.12
CA GLU I 126 7.99 8.53 -37.66
C GLU I 126 6.52 8.50 -37.30
N LEU I 127 5.76 9.29 -38.02
CA LEU I 127 4.33 9.37 -37.80
C LEU I 127 3.67 8.04 -38.03
N GLN I 128 4.11 7.35 -39.08
CA GLN I 128 3.58 6.05 -39.43
C GLN I 128 3.89 5.05 -38.32
N ALA I 129 4.82 5.42 -37.45
CA ALA I 129 5.19 4.61 -36.32
C ALA I 129 4.45 5.08 -35.05
N ASN I 130 3.46 5.94 -35.25
CA ASN I 130 2.64 6.46 -34.16
C ASN I 130 3.41 7.24 -33.09
N LYS I 131 4.39 8.01 -33.51
CA LYS I 131 5.05 8.92 -32.60
C LYS I 131 5.26 10.19 -33.38
N ALA I 132 5.42 11.30 -32.69
CA ALA I 132 5.64 12.56 -33.37
C ALA I 132 6.70 13.38 -32.64
N THR I 133 7.74 13.81 -33.36
CA THR I 133 8.83 14.56 -32.74
C THR I 133 9.22 15.78 -33.55
N LEU I 134 9.16 16.95 -32.90
CA LEU I 134 9.69 18.19 -33.48
C LEU I 134 11.16 18.38 -33.09
N VAL I 135 12.01 18.65 -34.07
CA VAL I 135 13.42 18.81 -33.78
C VAL I 135 13.90 20.22 -34.09
N CYS I 136 14.37 20.91 -33.06
CA CYS I 136 14.86 22.26 -33.23
C CYS I 136 16.39 22.30 -33.15
N LEU I 137 17.03 22.63 -34.26
CA LEU I 137 18.48 22.61 -34.29
C LEU I 137 19.02 24.02 -34.40
N ILE I 138 19.84 24.39 -33.43
CA ILE I 138 20.39 25.72 -33.28
C ILE I 138 21.90 25.62 -33.44
N SER I 139 22.49 26.43 -34.33
CA SER I 139 23.93 26.32 -34.58
C SER I 139 24.67 27.62 -34.88
N ASP I 140 26.00 27.55 -34.83
CA ASP I 140 26.85 28.68 -35.19
C ASP I 140 26.64 29.92 -34.37
N PHE I 141 26.54 29.80 -33.07
CA PHE I 141 26.37 30.97 -32.25
C PHE I 141 27.50 31.11 -31.21
N TYR I 142 27.65 32.30 -30.63
CA TYR I 142 28.68 32.56 -29.65
C TYR I 142 28.31 33.81 -28.91
N PRO I 143 28.46 33.83 -27.59
CA PRO I 143 28.98 32.72 -26.79
C PRO I 143 27.99 31.57 -26.68
N GLY I 144 28.41 30.49 -26.01
CA GLY I 144 27.61 29.28 -25.89
C GLY I 144 26.59 29.23 -24.76
N ALA I 145 25.53 30.02 -24.89
CA ALA I 145 24.46 30.00 -23.93
C ALA I 145 23.17 30.46 -24.57
N VAL I 146 22.19 29.58 -24.68
CA VAL I 146 20.90 29.94 -25.28
C VAL I 146 19.72 29.58 -24.39
N THR I 147 18.53 29.96 -24.82
CA THR I 147 17.30 29.62 -24.11
C THR I 147 16.26 29.16 -25.12
N VAL I 148 15.68 27.99 -24.90
CA VAL I 148 14.63 27.56 -25.82
C VAL I 148 13.28 27.48 -25.16
N ALA I 149 12.24 27.84 -25.90
CA ALA I 149 10.88 27.81 -25.40
C ALA I 149 9.95 27.43 -26.53
N TRP I 150 9.06 26.49 -26.28
CA TRP I 150 8.17 26.01 -27.32
C TRP I 150 6.76 26.55 -27.12
N LYS I 151 6.14 26.94 -28.23
CA LYS I 151 4.76 27.38 -28.18
C LYS I 151 3.92 26.51 -29.10
N ALA I 152 2.71 26.20 -28.67
CA ALA I 152 1.69 25.63 -29.55
C ALA I 152 0.61 26.69 -29.91
N ASP I 153 0.56 27.09 -31.17
CA ASP I 153 -0.47 28.00 -31.64
C ASP I 153 -0.30 29.46 -31.16
N GLY I 154 -0.07 29.65 -29.88
CA GLY I 154 0.08 30.98 -29.33
C GLY I 154 0.47 30.87 -27.89
N SER I 155 0.36 29.67 -27.33
CA SER I 155 0.52 29.47 -25.89
C SER I 155 1.64 28.54 -25.54
N PRO I 156 2.35 28.90 -24.48
CA PRO I 156 3.46 28.11 -23.98
C PRO I 156 3.07 26.65 -23.86
N VAL I 157 4.05 25.80 -24.14
CA VAL I 157 3.94 24.38 -23.93
C VAL I 157 5.17 23.98 -23.17
N LYS I 158 5.01 23.22 -22.09
CA LYS I 158 6.19 22.83 -21.32
C LYS I 158 6.40 21.32 -21.34
N ALA I 159 5.30 20.58 -21.39
CA ALA I 159 5.39 19.13 -21.28
C ALA I 159 6.05 18.50 -22.51
N GLY I 160 7.02 17.62 -22.30
CA GLY I 160 7.57 16.87 -23.41
C GLY I 160 8.72 17.49 -24.19
N VAL I 161 9.44 18.36 -23.50
CA VAL I 161 10.59 19.02 -24.08
C VAL I 161 11.89 18.51 -23.50
N GLU I 162 12.89 18.33 -24.36
CA GLU I 162 14.23 18.09 -23.89
C GLU I 162 15.13 19.05 -24.63
N THR I 163 16.18 19.52 -23.96
CA THR I 163 17.14 20.40 -24.61
C THR I 163 18.58 20.09 -24.25
N THR I 164 19.47 20.04 -25.23
CA THR I 164 20.85 19.73 -24.95
C THR I 164 21.61 20.95 -24.39
N LYS I 165 22.74 20.70 -23.73
CA LYS I 165 23.59 21.80 -23.32
C LYS I 165 24.49 22.13 -24.48
N PRO I 166 24.61 23.42 -24.77
CA PRO I 166 25.42 23.90 -25.91
C PRO I 166 26.81 23.25 -25.92
N SER I 167 27.43 23.12 -27.09
CA SER I 167 28.65 22.33 -27.25
C SER I 167 29.44 22.84 -28.45
N LYS I 168 30.76 22.80 -28.39
CA LYS I 168 31.53 23.36 -29.51
C LYS I 168 31.34 22.57 -30.79
N GLN I 169 31.14 23.28 -31.89
CA GLN I 169 31.23 22.74 -33.23
C GLN I 169 32.70 22.68 -33.63
N SER I 170 32.97 22.32 -34.89
CA SER I 170 34.34 22.15 -35.36
C SER I 170 34.99 23.46 -35.75
N ASN I 171 34.23 24.54 -35.60
CA ASN I 171 34.73 25.91 -35.77
C ASN I 171 34.62 26.71 -34.46
N ASN I 172 34.46 26.00 -33.36
CA ASN I 172 34.51 26.62 -32.05
C ASN I 172 33.41 27.61 -31.81
N LYS I 173 32.45 27.64 -32.71
CA LYS I 173 31.17 28.23 -32.41
C LYS I 173 30.34 27.14 -31.72
N TYR I 174 29.18 27.52 -31.18
CA TYR I 174 28.37 26.58 -30.42
C TYR I 174 27.13 26.15 -31.17
N ALA I 175 26.52 25.07 -30.70
CA ALA I 175 25.28 24.55 -31.25
C ALA I 175 24.53 23.81 -30.17
N ALA I 176 23.20 23.86 -30.24
CA ALA I 176 22.36 23.12 -29.30
C ALA I 176 21.11 22.59 -29.99
N SER I 177 20.42 21.65 -29.35
CA SER I 177 19.21 21.07 -29.92
C SER I 177 18.13 20.97 -28.87
N SER I 178 16.89 21.02 -29.34
CA SER I 178 15.75 20.82 -28.46
C SER I 178 14.66 20.03 -29.17
N TYR I 179 14.23 18.96 -28.54
CA TYR I 179 13.17 18.14 -29.10
C TYR I 179 11.84 18.38 -28.36
N LEU I 180 10.75 18.51 -29.12
CA LEU I 180 9.42 18.47 -28.53
C LEU I 180 8.65 17.21 -28.92
N SER I 181 8.23 16.42 -27.94
CA SER I 181 7.57 15.14 -28.22
C SER I 181 6.07 15.18 -28.09
N LEU I 182 5.37 14.89 -29.19
CA LEU I 182 3.92 14.82 -29.22
C LEU I 182 3.44 13.44 -29.62
N THR I 183 2.13 13.28 -29.61
CA THR I 183 1.47 12.12 -30.18
C THR I 183 0.91 12.61 -31.50
N PRO I 184 0.74 11.70 -32.46
CA PRO I 184 0.34 12.17 -33.78
C PRO I 184 -0.96 12.93 -33.71
N GLU I 185 -1.81 12.56 -32.75
CA GLU I 185 -3.08 13.24 -32.56
C GLU I 185 -2.85 14.72 -32.23
N GLN I 186 -2.06 14.98 -31.18
CA GLN I 186 -1.70 16.35 -30.81
C GLN I 186 -1.10 17.09 -32.00
N TRP I 187 -0.24 16.42 -32.75
CA TRP I 187 0.44 17.08 -33.83
C TRP I 187 -0.52 17.67 -34.85
N LYS I 188 -1.54 16.91 -35.26
CA LYS I 188 -2.44 17.43 -36.29
C LYS I 188 -3.67 18.16 -35.74
N SER I 189 -3.73 18.32 -34.42
CA SER I 189 -4.85 18.99 -33.80
C SER I 189 -4.62 20.50 -33.51
N HIS I 190 -3.41 20.99 -33.79
CA HIS I 190 -3.10 22.41 -33.62
C HIS I 190 -2.80 23.02 -34.98
N ARG I 191 -2.86 24.35 -35.06
CA ARG I 191 -2.67 25.04 -36.34
C ARG I 191 -1.19 25.14 -36.69
N SER I 192 -0.35 25.31 -35.66
CA SER I 192 1.09 25.41 -35.83
C SER I 192 1.84 25.27 -34.51
N TYR I 193 3.08 24.83 -34.60
CA TYR I 193 3.96 24.76 -33.44
C TYR I 193 5.16 25.70 -33.65
N SER I 194 5.72 26.23 -32.56
CA SER I 194 6.87 27.10 -32.71
C SER I 194 8.04 26.88 -31.76
N CYS I 195 9.23 27.07 -32.32
CA CYS I 195 10.48 27.01 -31.59
C CYS I 195 11.00 28.43 -31.40
N GLN I 196 11.42 28.78 -30.19
CA GLN I 196 11.87 30.14 -29.91
C GLN I 196 13.19 30.19 -29.17
N VAL I 197 14.26 30.49 -29.89
CA VAL I 197 15.58 30.57 -29.30
C VAL I 197 15.96 32.00 -28.93
N THR I 198 16.47 32.16 -27.73
CA THR I 198 16.88 33.47 -27.25
C THR I 198 18.37 33.43 -26.95
N HIS I 199 19.12 34.35 -27.55
CA HIS I 199 20.57 34.40 -27.41
C HIS I 199 21.03 35.80 -27.12
N GLU I 200 21.52 36.03 -25.90
CA GLU I 200 21.99 37.35 -25.51
C GLU I 200 20.99 38.43 -25.90
N GLY I 201 19.78 38.36 -25.35
CA GLY I 201 18.83 39.45 -25.52
C GLY I 201 17.92 39.34 -26.73
N SER I 202 18.44 38.83 -27.84
CA SER I 202 17.64 38.75 -29.05
C SER I 202 16.96 37.40 -29.18
N THR I 203 15.80 37.38 -29.80
CA THR I 203 15.01 36.16 -29.96
C THR I 203 14.66 35.80 -31.41
N VAL I 204 15.13 34.65 -31.87
CA VAL I 204 14.75 34.11 -33.17
C VAL I 204 13.63 33.10 -32.97
N GLU I 205 12.83 32.87 -34.01
CA GLU I 205 11.71 31.96 -33.88
C GLU I 205 11.30 31.38 -35.22
N LYS I 206 11.23 30.06 -35.28
CA LYS I 206 10.74 29.38 -36.48
C LYS I 206 9.46 28.64 -36.15
N THR I 207 8.65 28.41 -37.18
CA THR I 207 7.37 27.75 -36.98
C THR I 207 7.13 26.69 -38.04
N VAL I 208 6.48 25.60 -37.64
CA VAL I 208 5.97 24.62 -38.59
C VAL I 208 4.50 24.33 -38.37
N ALA I 209 3.84 23.90 -39.43
CA ALA I 209 2.42 23.54 -39.33
C ALA I 209 2.22 22.20 -40.02
N PRO I 210 1.18 21.45 -39.62
CA PRO I 210 1.01 20.06 -40.04
C PRO I 210 0.51 19.93 -41.47
N THR I 211 0.81 20.92 -42.29
CA THR I 211 0.34 20.86 -43.66
C THR I 211 1.26 21.65 -44.62
N GLU I 212 2.17 22.43 -44.04
CA GLU I 212 3.08 23.30 -44.81
C GLU I 212 4.43 22.64 -45.15
N CYS I 213 4.86 22.79 -46.41
CA CYS I 213 6.21 22.42 -46.84
C CYS I 213 6.42 22.69 -48.32
N GLU J 1 55.37 10.29 -10.78
CA GLU J 1 54.10 10.82 -11.26
C GLU J 1 52.98 10.09 -10.54
N VAL J 2 52.13 10.82 -9.80
CA VAL J 2 50.92 10.22 -9.21
C VAL J 2 49.99 9.69 -10.29
N GLN J 3 49.46 8.49 -10.08
CA GLN J 3 48.64 7.91 -11.11
C GLN J 3 47.58 7.06 -10.48
N LEU J 4 46.34 7.30 -10.88
CA LEU J 4 45.18 6.61 -10.32
C LEU J 4 44.26 6.07 -11.40
N VAL J 5 43.90 4.79 -11.32
CA VAL J 5 43.10 4.19 -12.36
C VAL J 5 41.83 3.52 -11.82
N GLU J 6 40.71 4.17 -12.03
CA GLU J 6 39.45 3.60 -11.60
C GLU J 6 38.99 2.56 -12.57
N SER J 7 38.11 1.66 -12.12
CA SER J 7 37.63 0.55 -12.93
C SER J 7 36.39 -0.05 -12.32
N GLY J 8 35.63 -0.76 -13.14
CA GLY J 8 34.48 -1.47 -12.63
C GLY J 8 33.19 -0.72 -12.74
N GLY J 9 33.25 0.49 -13.27
CA GLY J 9 32.02 1.16 -13.65
C GLY J 9 31.21 0.29 -14.59
N ASN J 10 29.89 0.34 -14.47
CA ASN J 10 29.04 -0.34 -15.41
C ASN J 10 27.61 0.14 -15.40
N VAL J 11 26.69 -0.72 -15.80
CA VAL J 11 25.27 -0.36 -15.80
C VAL J 11 24.53 -1.30 -14.88
N VAL J 12 23.68 -0.80 -14.03
CA VAL J 12 22.96 -1.67 -13.13
C VAL J 12 21.55 -1.15 -12.92
N GLN J 13 20.65 -2.06 -12.53
CA GLN J 13 19.27 -1.70 -12.25
C GLN J 13 19.20 -1.12 -10.87
N PRO J 14 18.23 -0.24 -10.61
CA PRO J 14 18.05 0.28 -9.25
C PRO J 14 17.92 -0.87 -8.26
N GLY J 15 18.43 -0.67 -7.04
CA GLY J 15 18.45 -1.72 -6.05
C GLY J 15 19.71 -2.58 -6.12
N GLY J 16 20.32 -2.63 -7.31
CA GLY J 16 21.51 -3.44 -7.51
C GLY J 16 22.77 -2.99 -6.80
N SER J 17 23.88 -3.67 -7.11
CA SER J 17 25.15 -3.41 -6.44
C SER J 17 26.28 -3.38 -7.44
N LEU J 18 27.36 -2.74 -7.04
CA LEU J 18 28.48 -2.56 -7.93
C LEU J 18 29.72 -2.24 -7.07
N ARG J 19 30.90 -2.67 -7.52
CA ARG J 19 32.11 -2.44 -6.74
C ARG J 19 33.24 -1.79 -7.54
N LEU J 20 33.39 -0.47 -7.40
CA LEU J 20 34.49 0.25 -8.06
C LEU J 20 35.84 -0.01 -7.35
N SER J 21 36.92 0.05 -8.12
CA SER J 21 38.26 -0.16 -7.60
C SER J 21 39.14 0.90 -8.22
N CYS J 22 40.24 1.20 -7.57
CA CYS J 22 41.13 2.25 -8.02
C CYS J 22 42.55 1.82 -7.72
N THR J 23 43.47 2.07 -8.66
CA THR J 23 44.81 1.57 -8.47
C THR J 23 45.88 2.64 -8.51
N ALA J 24 46.66 2.71 -7.42
CA ALA J 24 47.60 3.80 -7.28
C ALA J 24 49.05 3.43 -7.56
N SER J 25 49.86 4.46 -7.76
CA SER J 25 51.29 4.35 -7.95
C SER J 25 51.92 5.74 -8.06
N GLY J 26 53.19 5.84 -7.72
CA GLY J 26 53.92 7.08 -7.91
C GLY J 26 53.96 7.91 -6.66
N PHE J 27 53.37 7.35 -5.60
CA PHE J 27 53.36 7.98 -4.30
C PHE J 27 53.16 6.87 -3.27
N SER J 28 53.41 7.18 -2.01
CA SER J 28 53.21 6.23 -0.92
C SER J 28 51.74 6.04 -0.56
N PHE J 29 51.14 5.00 -1.14
CA PHE J 29 49.73 4.74 -0.88
C PHE J 29 49.50 4.51 0.60
N ASP J 30 50.46 3.85 1.24
CA ASP J 30 50.39 3.49 2.65
C ASP J 30 50.25 4.68 3.58
N ASP J 31 50.80 5.82 3.19
CA ASP J 31 50.75 7.02 4.04
C ASP J 31 49.58 7.92 3.72
N SER J 32 48.84 7.62 2.67
CA SER J 32 47.89 8.57 2.12
C SER J 32 46.42 8.36 2.42
N THR J 33 45.70 9.46 2.56
CA THR J 33 44.26 9.40 2.70
C THR J 33 43.66 9.45 1.31
N MET J 34 42.65 8.62 1.05
CA MET J 34 41.98 8.60 -0.24
C MET J 34 40.52 9.11 -0.21
N HIS J 35 40.00 9.50 -1.39
CA HIS J 35 38.63 9.96 -1.56
C HIS J 35 37.91 9.34 -2.76
N TRP J 36 36.59 9.25 -2.67
CA TRP J 36 35.76 9.08 -3.85
C TRP J 36 34.96 10.35 -4.02
N VAL J 37 35.03 10.92 -5.22
CA VAL J 37 34.24 12.08 -5.63
C VAL J 37 33.48 11.70 -6.87
N ARG J 38 32.18 11.96 -6.92
CA ARG J 38 31.42 11.64 -8.14
C ARG J 38 30.94 12.88 -8.83
N GLN J 39 30.53 12.74 -10.10
CA GLN J 39 30.10 13.89 -10.91
C GLN J 39 29.00 13.49 -11.87
N ALA J 40 27.78 13.92 -11.59
CA ALA J 40 26.65 13.67 -12.48
C ALA J 40 27.04 14.21 -13.84
N PRO J 41 26.67 13.51 -14.91
CA PRO J 41 27.10 13.96 -16.24
C PRO J 41 26.57 15.36 -16.49
N GLY J 42 27.46 16.28 -16.87
CA GLY J 42 27.06 17.67 -17.07
C GLY J 42 27.07 18.53 -15.83
N LYS J 43 26.65 17.96 -14.70
CA LYS J 43 26.65 18.67 -13.42
C LYS J 43 28.03 18.78 -12.74
N GLY J 44 28.04 19.22 -11.48
CA GLY J 44 29.28 19.53 -10.77
C GLY J 44 29.87 18.41 -9.92
N LEU J 45 30.91 18.73 -9.17
CA LEU J 45 31.58 17.70 -8.36
C LEU J 45 30.82 17.48 -7.06
N GLN J 46 30.77 16.26 -6.59
CA GLN J 46 30.12 15.93 -5.34
C GLN J 46 31.00 14.94 -4.58
N TRP J 47 31.45 15.32 -3.39
CA TRP J 47 32.28 14.44 -2.60
C TRP J 47 31.44 13.28 -2.11
N VAL J 48 32.02 12.09 -2.08
CA VAL J 48 31.29 10.87 -1.72
C VAL J 48 31.77 10.23 -0.44
N SER J 49 33.08 10.15 -0.23
CA SER J 49 33.64 9.44 0.94
C SER J 49 35.16 9.64 1.04
N LEU J 50 35.71 9.57 2.24
CA LEU J 50 37.17 9.54 2.41
C LEU J 50 37.57 8.43 3.41
N ILE J 51 38.86 8.10 3.46
CA ILE J 51 39.34 7.02 4.31
C ILE J 51 40.82 7.14 4.58
N SER J 52 41.20 7.13 5.85
CA SER J 52 42.59 7.40 6.19
C SER J 52 43.40 6.15 5.98
N TRP J 53 44.72 6.31 6.12
CA TRP J 53 45.65 5.28 5.73
C TRP J 53 45.39 3.87 6.26
N ASN J 54 44.90 3.77 7.48
CA ASN J 54 44.67 2.45 8.07
C ASN J 54 43.21 2.13 8.24
N GLY J 55 42.34 3.08 7.97
CA GLY J 55 40.92 2.83 8.08
C GLY J 55 40.43 3.51 9.33
N GLY J 56 41.39 4.11 10.03
CA GLY J 56 41.10 4.86 11.24
C GLY J 56 39.90 5.77 11.07
N ARG J 57 40.11 6.93 10.46
CA ARG J 57 39.00 7.80 10.11
C ARG J 57 38.35 7.36 8.81
N THR J 58 37.04 7.23 8.80
CA THR J 58 36.30 7.15 7.52
C THR J 58 34.98 7.90 7.60
N TYR J 59 34.68 8.72 6.61
CA TYR J 59 33.42 9.43 6.63
C TYR J 59 32.68 9.26 5.32
N TYR J 60 31.36 9.44 5.34
CA TYR J 60 30.54 9.35 4.15
C TYR J 60 29.62 10.57 4.02
N ALA J 61 29.20 10.84 2.80
CA ALA J 61 28.27 11.92 2.52
C ALA J 61 26.87 11.48 2.83
N ASP J 62 26.04 12.41 3.29
CA ASP J 62 24.68 12.07 3.70
C ASP J 62 23.94 11.26 2.63
N SER J 63 24.09 11.66 1.39
CA SER J 63 23.46 11.00 0.26
C SER J 63 23.65 9.47 0.23
N VAL J 64 24.88 9.02 0.45
CA VAL J 64 25.18 7.60 0.33
C VAL J 64 25.26 6.90 1.68
N LYS J 65 25.05 7.66 2.75
CA LYS J 65 25.16 7.08 4.11
C LYS J 65 24.35 5.79 4.22
N GLY J 66 25.03 4.74 4.64
CA GLY J 66 24.35 3.48 4.87
C GLY J 66 24.23 2.60 3.65
N ARG J 67 24.51 3.14 2.46
CA ARG J 67 24.44 2.32 1.26
C ARG J 67 25.82 2.03 0.68
N PHE J 68 26.73 3.00 0.85
CA PHE J 68 28.08 2.90 0.32
C PHE J 68 29.10 2.52 1.40
N THR J 69 30.16 1.83 0.98
CA THR J 69 31.22 1.39 1.88
C THR J 69 32.61 1.53 1.29
N ILE J 70 33.42 2.40 1.87
CA ILE J 70 34.78 2.62 1.37
C ILE J 70 35.81 1.72 2.09
N SER J 71 36.82 1.24 1.37
CA SER J 71 37.81 0.27 1.89
C SER J 71 39.12 0.39 1.16
N ARG J 72 40.16 -0.20 1.73
CA ARG J 72 41.44 -0.25 1.03
C ARG J 72 42.24 -1.53 1.30
N ASP J 73 43.32 -1.74 0.54
CA ASP J 73 44.23 -2.85 0.76
C ASP J 73 45.63 -2.38 0.43
N ASN J 74 46.33 -1.86 1.42
CA ASN J 74 47.58 -1.18 1.15
C ASN J 74 48.65 -2.07 0.51
N SER J 75 48.48 -3.36 0.65
CA SER J 75 49.42 -4.29 0.06
C SER J 75 49.25 -4.30 -1.44
N LYS J 76 48.12 -3.76 -1.92
CA LYS J 76 47.78 -3.78 -3.34
C LYS J 76 47.62 -2.38 -3.95
N ASN J 77 47.99 -1.35 -3.19
CA ASN J 77 47.77 0.00 -3.66
C ASN J 77 46.37 0.18 -4.23
N SER J 78 45.34 -0.27 -3.49
CA SER J 78 43.98 -0.28 -4.00
C SER J 78 42.97 0.35 -3.09
N LEU J 79 42.03 1.06 -3.68
CA LEU J 79 40.97 1.72 -2.96
C LEU J 79 39.72 1.09 -3.50
N TYR J 80 38.72 0.88 -2.67
CA TYR J 80 37.51 0.23 -3.16
C TYR J 80 36.31 1.05 -2.77
N LEU J 81 35.23 0.92 -3.53
CA LEU J 81 33.94 1.51 -3.16
C LEU J 81 32.78 0.52 -3.42
N GLN J 82 32.04 0.20 -2.37
CA GLN J 82 30.97 -0.78 -2.47
C GLN J 82 29.62 -0.09 -2.47
N MET J 83 28.97 -0.06 -3.61
CA MET J 83 27.70 0.65 -3.77
C MET J 83 26.62 -0.39 -3.73
N ASN J 84 25.77 -0.31 -2.70
CA ASN J 84 24.63 -1.21 -2.59
C ASN J 84 23.34 -0.41 -2.64
N SER J 85 22.24 -1.08 -2.96
CA SER J 85 20.95 -0.40 -2.95
C SER J 85 21.02 0.90 -3.75
N LEU J 86 21.52 0.77 -4.98
CA LEU J 86 21.74 1.90 -5.89
C LEU J 86 20.47 2.59 -6.30
N LYS J 87 20.57 3.89 -6.56
CA LYS J 87 19.45 4.67 -7.07
C LYS J 87 19.84 5.28 -8.39
N THR J 88 18.88 5.80 -9.14
CA THR J 88 19.26 6.48 -10.37
C THR J 88 20.07 7.71 -10.07
N GLU J 89 19.80 8.39 -8.97
CA GLU J 89 20.55 9.57 -8.56
C GLU J 89 22.03 9.26 -8.44
N ASP J 90 22.38 7.99 -8.32
CA ASP J 90 23.78 7.61 -8.14
C ASP J 90 24.54 7.52 -9.45
N THR J 91 23.79 7.68 -10.54
CA THR J 91 24.34 7.62 -11.88
C THR J 91 25.28 8.78 -12.00
N ALA J 92 26.55 8.49 -12.22
CA ALA J 92 27.55 9.55 -12.42
C ALA J 92 28.95 9.05 -12.84
N PHE J 93 29.90 9.98 -12.83
CA PHE J 93 31.27 9.66 -13.08
C PHE J 93 31.93 9.54 -11.72
N TYR J 94 32.57 8.41 -11.46
CA TYR J 94 33.20 8.24 -10.18
C TYR J 94 34.70 8.42 -10.27
N PHE J 95 35.20 9.39 -9.52
CA PHE J 95 36.62 9.71 -9.46
C PHE J 95 37.25 9.24 -8.15
N CYS J 96 38.48 8.77 -8.21
CA CYS J 96 39.15 8.51 -6.96
C CYS J 96 40.27 9.52 -6.85
N ALA J 97 40.55 10.00 -5.65
CA ALA J 97 41.56 11.05 -5.52
C ALA J 97 42.39 10.86 -4.28
N LYS J 98 43.63 11.32 -4.32
CA LYS J 98 44.54 11.20 -3.21
C LYS J 98 44.57 12.53 -2.48
N ASP J 99 44.84 12.51 -1.17
CA ASP J 99 44.82 13.72 -0.34
C ASP J 99 46.25 14.05 0.09
N LYS J 100 46.65 15.33 0.03
CA LYS J 100 48.01 15.72 0.45
C LYS J 100 48.33 15.15 1.84
N GLY J 101 47.32 15.05 2.70
CA GLY J 101 47.47 14.44 4.01
C GLY J 101 47.91 15.38 5.11
N ASP J 102 47.37 16.58 5.16
CA ASP J 102 47.89 17.53 6.14
C ASP J 102 47.07 17.56 7.44
N SER J 103 47.76 17.45 8.56
CA SER J 103 47.09 17.46 9.85
C SER J 103 47.69 18.47 10.83
N ASP J 104 47.45 18.26 12.12
CA ASP J 104 47.72 19.26 13.15
C ASP J 104 47.22 18.77 14.51
N TYS J 105 48.07 18.88 15.53
CA TYS J 105 47.68 18.45 16.88
CB TYS J 105 48.54 17.29 17.37
CG TYS J 105 48.19 16.79 18.75
CD1 TYS J 105 46.89 16.86 19.23
CD2 TYS J 105 49.16 16.23 19.57
CE1 TYS J 105 46.57 16.39 20.50
CE2 TYS J 105 48.86 15.76 20.84
CZ TYS J 105 47.55 15.84 21.31
OH TYS J 105 47.22 15.38 22.59
S TYS J 105 47.81 13.92 23.02
O1 TYS J 105 48.33 13.13 21.84
O2 TYS J 105 48.93 14.10 24.05
O3 TYS J 105 46.70 13.10 23.66
C TYS J 105 47.73 19.59 17.89
O TYS J 105 48.40 20.61 17.67
N ASP J 106 47.00 19.42 18.98
CA ASP J 106 46.92 20.38 20.08
C ASP J 106 46.40 19.64 21.31
N TYS J 107 47.27 19.37 22.30
CA TYS J 107 46.96 18.38 23.34
CB TYS J 107 48.02 18.29 24.44
CG TYS J 107 47.79 19.21 25.63
CD1 TYS J 107 47.63 20.57 25.45
CD2 TYS J 107 47.78 18.70 26.93
CE1 TYS J 107 47.43 21.42 26.54
CE2 TYS J 107 47.59 19.53 28.03
CZ TYS J 107 47.42 20.90 27.83
OH TYS J 107 47.24 21.76 28.92
S TYS J 107 48.47 22.80 29.16
O1 TYS J 107 48.82 23.53 27.88
O2 TYS J 107 49.72 22.08 29.67
O3 TYS J 107 48.10 23.83 30.21
C TYS J 107 45.57 18.38 23.96
O TYS J 107 45.11 17.33 24.40
N ASN J 108 44.90 19.53 24.01
CA ASN J 108 43.53 19.56 24.56
C ASN J 108 42.38 19.83 23.56
N LEU J 109 42.71 20.18 22.32
CA LEU J 109 41.69 20.38 21.28
C LEU J 109 41.53 19.18 20.33
N GLY J 110 42.38 18.17 20.49
CA GLY J 110 42.35 16.99 19.64
C GLY J 110 43.13 17.18 18.35
N TYR J 111 42.85 16.32 17.37
CA TYR J 111 43.44 16.48 16.04
C TYR J 111 42.60 17.34 15.10
N SER J 112 43.25 17.91 14.10
CA SER J 112 42.56 18.72 13.08
C SER J 112 43.07 18.38 11.68
N TYR J 113 42.18 17.97 10.80
CA TYR J 113 42.61 17.58 9.47
C TYR J 113 42.24 18.61 8.42
N PHE J 114 43.09 18.77 7.42
CA PHE J 114 42.84 19.75 6.36
C PHE J 114 42.75 19.06 5.02
N TYR J 115 41.60 18.50 4.71
CA TYR J 115 41.49 17.69 3.54
C TYR J 115 41.51 18.53 2.24
N TYR J 116 42.16 17.98 1.20
CA TYR J 116 42.13 18.53 -0.15
C TYR J 116 42.95 17.69 -1.08
N MET J 117 42.59 17.70 -2.36
CA MET J 117 43.08 16.73 -3.31
C MET J 117 44.39 17.08 -3.96
N ASP J 118 45.14 16.04 -4.20
CA ASP J 118 46.50 16.24 -4.54
C ASP J 118 46.70 15.61 -5.88
N GLY J 119 45.85 14.63 -6.18
CA GLY J 119 45.82 14.03 -7.50
C GLY J 119 44.49 13.37 -7.82
N TRP J 120 44.13 13.27 -9.09
CA TRP J 120 42.88 12.62 -9.43
C TRP J 120 43.08 11.53 -10.46
N GLY J 121 42.11 10.63 -10.57
CA GLY J 121 42.14 9.62 -11.61
C GLY J 121 41.37 10.09 -12.83
N LYS J 122 41.20 9.24 -13.82
CA LYS J 122 40.51 9.62 -15.05
C LYS J 122 38.98 9.54 -14.89
N GLY J 123 38.52 8.66 -13.99
CA GLY J 123 37.10 8.44 -13.83
C GLY J 123 36.67 7.04 -14.27
N THR J 124 35.47 6.65 -13.87
CA THR J 124 34.86 5.42 -14.35
C THR J 124 33.38 5.67 -14.32
N THR J 125 32.64 5.12 -15.28
CA THR J 125 31.24 5.49 -15.44
C THR J 125 30.25 4.53 -14.84
N VAL J 126 29.35 5.05 -14.02
CA VAL J 126 28.33 4.23 -13.42
C VAL J 126 26.94 4.70 -13.86
N THR J 127 26.17 3.79 -14.45
CA THR J 127 24.82 4.11 -14.90
C THR J 127 23.82 3.22 -14.21
N VAL J 128 22.82 3.84 -13.59
CA VAL J 128 21.77 3.11 -12.93
C VAL J 128 20.49 3.35 -13.71
N SER J 129 19.98 2.28 -14.35
CA SER J 129 18.78 2.39 -15.18
C SER J 129 17.92 1.13 -15.14
N SER J 130 16.61 1.35 -15.17
CA SER J 130 15.65 0.26 -15.22
C SER J 130 15.62 -0.34 -16.62
N ALA J 131 15.88 0.48 -17.64
CA ALA J 131 15.92 0.06 -19.06
C ALA J 131 17.04 -0.91 -19.40
N SER J 132 16.93 -1.59 -20.54
CA SER J 132 17.94 -2.56 -20.96
C SER J 132 18.33 -2.32 -22.42
N THR J 133 19.46 -2.90 -22.81
CA THR J 133 20.01 -2.70 -24.15
C THR J 133 18.93 -2.71 -25.24
N LYS J 134 18.98 -1.71 -26.12
CA LYS J 134 18.05 -1.54 -27.23
C LYS J 134 18.68 -0.65 -28.29
N GLY J 135 18.67 -1.11 -29.54
CA GLY J 135 19.26 -0.37 -30.64
C GLY J 135 18.34 0.75 -31.04
N PRO J 136 18.87 1.72 -31.79
CA PRO J 136 18.14 2.96 -32.10
C PRO J 136 17.22 2.80 -33.30
N SER J 137 16.17 3.62 -33.37
CA SER J 137 15.43 3.82 -34.61
C SER J 137 15.98 5.08 -35.27
N VAL J 138 16.03 5.10 -36.59
CA VAL J 138 16.65 6.21 -37.29
C VAL J 138 15.68 6.87 -38.26
N PHE J 139 15.42 8.15 -38.02
CA PHE J 139 14.53 8.91 -38.89
C PHE J 139 15.22 10.03 -39.61
N PRO J 140 14.80 10.26 -40.84
CA PRO J 140 15.31 11.34 -41.67
C PRO J 140 14.79 12.73 -41.21
N LEU J 141 15.72 13.67 -41.06
CA LEU J 141 15.41 15.09 -40.95
C LEU J 141 15.61 15.70 -42.33
N ALA J 142 14.56 15.64 -43.15
CA ALA J 142 14.64 16.07 -44.54
C ALA J 142 14.69 17.57 -44.63
N PRO J 143 15.50 18.07 -45.58
CA PRO J 143 15.71 19.50 -45.75
C PRO J 143 14.52 20.12 -46.43
N SER J 144 14.30 21.40 -46.09
CA SER J 144 13.23 22.21 -46.65
C SER J 144 13.44 22.49 -48.14
N SER J 145 12.33 22.61 -48.86
CA SER J 145 12.32 22.78 -50.32
C SER J 145 13.57 23.46 -50.92
N SER J 149 15.73 32.32 -49.54
CA SER J 149 16.26 30.98 -49.79
C SER J 149 17.53 31.07 -50.65
N GLY J 150 18.39 32.03 -50.32
CA GLY J 150 19.62 32.27 -51.05
C GLY J 150 20.89 31.87 -50.30
N GLY J 151 21.26 30.60 -50.39
CA GLY J 151 22.43 30.05 -49.72
C GLY J 151 22.37 28.54 -49.58
N THR J 152 22.24 28.09 -48.33
CA THR J 152 22.38 26.66 -48.04
C THR J 152 21.15 26.05 -47.34
N ALA J 153 21.23 24.73 -47.12
CA ALA J 153 20.16 23.97 -46.48
C ALA J 153 20.72 23.03 -45.41
N ALA J 154 19.87 22.65 -44.46
CA ALA J 154 20.26 21.73 -43.39
C ALA J 154 19.45 20.45 -43.42
N LEU J 155 20.13 19.30 -43.34
CA LEU J 155 19.46 18.02 -43.27
C LEU J 155 20.14 17.13 -42.21
N GLY J 156 19.43 16.07 -41.79
CA GLY J 156 19.90 15.29 -40.65
C GLY J 156 19.25 13.96 -40.36
N CYS J 157 19.60 13.42 -39.20
CA CYS J 157 19.12 12.15 -38.70
C CYS J 157 18.64 12.32 -37.28
N LEU J 158 17.42 11.87 -37.04
CA LEU J 158 16.95 11.69 -35.68
C LEU J 158 17.25 10.26 -35.25
N VAL J 159 18.11 10.11 -34.23
CA VAL J 159 18.44 8.79 -33.69
C VAL J 159 17.65 8.51 -32.39
N LYS J 160 16.55 7.79 -32.50
CA LYS J 160 15.59 7.73 -31.43
C LYS J 160 15.67 6.48 -30.58
N ASP J 161 15.31 6.63 -29.31
CA ASP J 161 15.03 5.55 -28.36
C ASP J 161 16.03 4.40 -28.30
N TYR J 162 17.21 4.65 -27.75
CA TYR J 162 18.23 3.61 -27.60
C TYR J 162 18.81 3.61 -26.19
N PHE J 163 19.67 2.63 -25.91
CA PHE J 163 20.27 2.45 -24.60
C PHE J 163 21.18 1.25 -24.68
N PRO J 164 22.35 1.32 -24.03
CA PRO J 164 22.80 2.47 -23.25
C PRO J 164 23.53 3.35 -24.22
N GLU J 165 24.32 4.30 -23.73
CA GLU J 165 25.16 5.10 -24.61
C GLU J 165 26.42 4.32 -24.97
N PRO J 166 27.16 4.74 -25.99
CA PRO J 166 26.89 5.86 -26.88
C PRO J 166 26.54 5.44 -28.30
N VAL J 167 25.99 6.39 -29.05
CA VAL J 167 25.84 6.24 -30.49
C VAL J 167 26.91 7.07 -31.18
N THR J 168 27.32 6.67 -32.37
CA THR J 168 28.23 7.47 -33.17
C THR J 168 27.65 7.63 -34.56
N VAL J 169 27.79 8.80 -35.14
CA VAL J 169 27.22 9.02 -36.46
C VAL J 169 28.27 9.59 -37.39
N SER J 170 28.26 9.11 -38.63
CA SER J 170 29.09 9.68 -39.67
C SER J 170 28.21 9.91 -40.87
N TRP J 171 28.74 10.58 -41.88
CA TRP J 171 28.00 10.77 -43.12
C TRP J 171 28.78 10.26 -44.32
N ASN J 172 28.07 9.74 -45.30
CA ASN J 172 28.73 9.19 -46.47
C ASN J 172 29.96 8.37 -46.14
N SER J 173 29.78 7.45 -45.20
CA SER J 173 30.79 6.50 -44.76
C SER J 173 32.10 7.18 -44.43
N GLY J 174 32.03 8.37 -43.87
CA GLY J 174 33.20 9.06 -43.37
C GLY J 174 33.74 10.14 -44.29
N ALA J 175 33.30 10.13 -45.53
CA ALA J 175 33.79 11.09 -46.53
C ALA J 175 33.15 12.48 -46.50
N LEU J 176 32.28 12.75 -45.54
CA LEU J 176 31.67 14.05 -45.38
C LEU J 176 31.87 14.44 -43.96
N THR J 177 32.65 15.50 -43.76
CA THR J 177 32.95 15.98 -42.42
C THR J 177 32.69 17.48 -42.35
N SER J 178 32.83 18.14 -43.49
CA SER J 178 32.63 19.57 -43.58
C SER J 178 31.16 19.93 -43.38
N GLY J 179 30.85 20.54 -42.25
CA GLY J 179 29.49 21.05 -42.01
C GLY J 179 28.67 20.19 -41.07
N VAL J 180 29.30 19.13 -40.56
CA VAL J 180 28.62 18.09 -39.80
C VAL J 180 28.69 18.35 -38.32
N HIS J 181 27.56 18.22 -37.65
CA HIS J 181 27.58 18.27 -36.20
C HIS J 181 26.66 17.25 -35.59
N THR J 182 27.21 16.44 -34.68
CA THR J 182 26.43 15.45 -33.99
C THR J 182 26.23 15.92 -32.55
N PHE J 183 24.98 16.08 -32.14
CA PHE J 183 24.70 16.63 -30.82
C PHE J 183 24.88 15.64 -29.68
N PRO J 184 24.81 16.14 -28.46
CA PRO J 184 24.74 15.24 -27.31
C PRO J 184 23.35 14.60 -27.25
N ALA J 185 23.26 13.53 -26.48
CA ALA J 185 21.99 12.85 -26.32
C ALA J 185 21.17 13.45 -25.21
N VAL J 186 19.86 13.43 -25.36
CA VAL J 186 19.00 13.74 -24.23
C VAL J 186 18.50 12.40 -23.72
N LEU J 187 18.20 12.33 -22.43
CA LEU J 187 17.63 11.12 -21.85
C LEU J 187 16.15 11.37 -21.54
N GLN J 188 15.26 10.63 -22.18
CA GLN J 188 13.84 10.89 -22.02
C GLN J 188 13.24 10.19 -20.81
N SER J 189 11.96 10.44 -20.56
CA SER J 189 11.23 9.84 -19.43
C SER J 189 11.30 8.33 -19.48
N SER J 190 11.31 7.81 -20.71
CA SER J 190 11.32 6.37 -20.95
C SER J 190 12.59 5.69 -20.49
N GLY J 191 13.59 6.48 -20.10
CA GLY J 191 14.86 5.91 -19.68
C GLY J 191 15.72 5.65 -20.89
N LEU J 192 15.21 6.01 -22.07
CA LEU J 192 15.88 5.80 -23.35
C LEU J 192 16.52 7.07 -23.90
N TYR J 193 17.64 6.92 -24.61
CA TYR J 193 18.34 8.07 -25.17
C TYR J 193 17.92 8.39 -26.61
N SER J 194 18.10 9.65 -27.00
CA SER J 194 17.85 10.11 -28.36
C SER J 194 18.84 11.23 -28.69
N LEU J 195 19.37 11.24 -29.91
CA LEU J 195 20.22 12.35 -30.34
C LEU J 195 19.98 12.68 -31.82
N SER J 196 20.55 13.78 -32.29
CA SER J 196 20.47 14.13 -33.72
C SER J 196 21.82 14.41 -34.34
N SER J 197 21.86 14.37 -35.66
CA SER J 197 23.04 14.81 -36.36
C SER J 197 22.67 15.62 -37.61
N VAL J 198 23.26 16.79 -37.76
CA VAL J 198 22.97 17.59 -38.93
C VAL J 198 24.20 17.85 -39.72
N VAL J 199 23.96 18.19 -40.98
CA VAL J 199 25.02 18.65 -41.84
C VAL J 199 24.42 19.74 -42.74
N THR J 200 25.11 20.85 -42.87
CA THR J 200 24.67 21.93 -43.74
C THR J 200 25.38 21.81 -45.09
N VAL J 201 24.63 22.03 -46.16
CA VAL J 201 25.10 21.67 -47.49
C VAL J 201 24.67 22.63 -48.57
N PRO J 202 25.50 22.79 -49.62
CA PRO J 202 25.18 23.55 -50.81
C PRO J 202 23.74 23.28 -51.21
N SER J 203 22.91 24.30 -51.00
CA SER J 203 21.48 24.23 -51.28
C SER J 203 21.17 23.73 -52.69
N SER J 204 22.01 24.12 -53.65
CA SER J 204 21.85 23.76 -55.06
C SER J 204 22.02 22.27 -55.29
N SER J 205 23.11 21.71 -54.76
CA SER J 205 23.50 20.32 -54.95
C SER J 205 22.66 19.41 -54.06
N LEU J 206 21.37 19.36 -54.34
CA LEU J 206 20.43 18.64 -53.48
C LEU J 206 19.65 17.58 -54.24
N GLY J 207 19.60 17.75 -55.55
CA GLY J 207 18.95 16.76 -56.38
C GLY J 207 20.01 15.88 -57.02
N THR J 208 21.26 16.28 -56.86
CA THR J 208 22.37 15.57 -57.46
C THR J 208 23.18 14.79 -56.41
N GLN J 209 23.93 15.52 -55.58
CA GLN J 209 24.74 14.93 -54.53
C GLN J 209 23.85 14.16 -53.55
N THR J 210 24.34 13.03 -53.07
CA THR J 210 23.54 12.11 -52.27
C THR J 210 24.06 11.93 -50.81
N TYR J 211 23.19 12.21 -49.83
CA TYR J 211 23.58 12.20 -48.41
C TYR J 211 23.03 11.03 -47.61
N ILE J 212 23.96 10.29 -47.02
CA ILE J 212 23.63 9.11 -46.23
C ILE J 212 24.30 9.17 -44.89
N CYS J 213 23.53 9.00 -43.82
CA CYS J 213 24.13 8.95 -42.51
C CYS J 213 24.25 7.51 -42.01
N ASN J 214 25.38 7.22 -41.39
CA ASN J 214 25.63 5.91 -40.84
C ASN J 214 25.71 5.96 -39.32
N VAL J 215 24.75 5.31 -38.67
CA VAL J 215 24.62 5.28 -37.22
C VAL J 215 25.21 3.98 -36.73
N ASN J 216 25.97 4.05 -35.64
CA ASN J 216 26.53 2.87 -35.04
C ASN J 216 26.22 2.87 -33.56
N HIS J 217 25.70 1.73 -33.07
CA HIS J 217 25.43 1.53 -31.65
C HIS J 217 26.06 0.22 -31.14
N LYS J 218 27.30 0.26 -30.69
CA LYS J 218 28.00 -0.97 -30.38
C LYS J 218 27.37 -1.79 -29.25
N PRO J 219 26.80 -1.13 -28.24
CA PRO J 219 26.19 -1.86 -27.12
C PRO J 219 25.16 -2.89 -27.57
N SER J 220 24.56 -2.70 -28.75
CA SER J 220 23.54 -3.63 -29.22
C SER J 220 23.95 -4.23 -30.56
N ASN J 221 25.18 -3.97 -30.97
CA ASN J 221 25.69 -4.50 -32.22
C ASN J 221 24.73 -4.23 -33.36
N THR J 222 24.20 -3.01 -33.36
CA THR J 222 23.35 -2.50 -34.44
C THR J 222 24.14 -1.45 -35.23
N LYS J 223 23.89 -1.40 -36.54
CA LYS J 223 24.49 -0.41 -37.41
C LYS J 223 23.42 -0.11 -38.46
N VAL J 224 23.13 1.16 -38.67
CA VAL J 224 22.06 1.51 -39.59
C VAL J 224 22.56 2.51 -40.60
N ASP J 225 22.12 2.39 -41.86
CA ASP J 225 22.42 3.41 -42.89
C ASP J 225 21.09 3.93 -43.39
N LYS J 226 20.98 5.24 -43.51
CA LYS J 226 19.74 5.84 -43.97
C LYS J 226 20.07 6.96 -44.92
N LYS J 227 19.44 6.95 -46.07
CA LYS J 227 19.63 8.02 -47.04
C LYS J 227 18.58 9.10 -46.78
N VAL J 228 19.04 10.33 -46.67
CA VAL J 228 18.15 11.44 -46.41
C VAL J 228 17.88 12.20 -47.68
N GLU J 229 16.64 12.14 -48.14
CA GLU J 229 16.26 12.82 -49.37
C GLU J 229 15.28 13.89 -49.02
N PRO J 230 15.31 14.96 -49.79
CA PRO J 230 14.36 16.07 -49.65
C PRO J 230 12.97 15.53 -49.89
N LYS J 231 11.97 16.17 -49.29
CA LYS J 231 10.61 15.64 -49.29
C LYS J 231 9.75 16.03 -50.50
N SER J 232 8.69 15.24 -50.73
CA SER J 232 7.84 15.33 -51.93
C SER J 232 6.76 16.44 -51.91
N CYS J 233 7.21 17.66 -52.19
CA CYS J 233 6.36 18.84 -52.28
C CYS J 233 6.61 19.51 -53.61
N TYR K 2 51.42 7.03 66.64
CA TYR K 2 51.13 5.89 67.49
C TYR K 2 49.92 5.14 66.95
N VAL K 3 49.88 3.83 67.18
CA VAL K 3 48.71 3.05 66.77
C VAL K 3 48.03 2.25 67.87
N LEU K 4 46.71 2.46 67.99
CA LEU K 4 45.86 1.73 68.92
C LEU K 4 45.00 0.77 68.13
N THR K 5 44.97 -0.49 68.57
CA THR K 5 44.22 -1.53 67.87
C THR K 5 43.21 -2.22 68.79
N GLN K 6 41.96 -2.24 68.37
CA GLN K 6 40.91 -2.93 69.09
C GLN K 6 40.28 -4.01 68.22
N PRO K 7 39.82 -5.10 68.84
CA PRO K 7 39.00 -6.13 68.18
C PRO K 7 37.76 -5.49 67.59
N PRO K 8 37.44 -5.82 66.34
CA PRO K 8 36.28 -5.17 65.71
C PRO K 8 34.99 -5.52 66.45
N SER K 9 34.79 -6.79 66.74
CA SER K 9 33.57 -7.22 67.40
C SER K 9 33.85 -7.90 68.73
N VAL K 10 32.84 -7.93 69.60
CA VAL K 10 32.86 -8.68 70.86
C VAL K 10 31.43 -8.87 71.38
N SER K 11 31.07 -10.12 71.64
CA SER K 11 29.72 -10.48 72.06
C SER K 11 29.72 -11.09 73.46
N VAL K 12 28.62 -10.89 74.18
CA VAL K 12 28.41 -11.51 75.48
C VAL K 12 26.93 -11.76 75.74
N ALA K 13 26.63 -12.73 76.59
CA ALA K 13 25.25 -12.99 76.98
C ALA K 13 24.92 -12.12 78.19
N PRO K 14 23.66 -11.66 78.31
CA PRO K 14 23.25 -10.71 79.35
C PRO K 14 23.64 -11.19 80.73
N GLY K 15 24.00 -10.27 81.62
CA GLY K 15 24.39 -10.63 82.97
C GLY K 15 25.83 -11.10 83.09
N LYS K 16 26.39 -11.61 82.00
CA LYS K 16 27.80 -12.02 81.99
C LYS K 16 28.72 -10.80 82.05
N THR K 17 30.02 -11.05 81.83
CA THR K 17 31.00 -9.97 81.89
C THR K 17 31.76 -9.84 80.58
N ALA K 18 31.93 -8.60 80.13
CA ALA K 18 32.56 -8.33 78.83
C ALA K 18 33.93 -7.67 78.95
N ARG K 19 34.81 -8.01 78.02
CA ARG K 19 36.15 -7.44 78.03
C ARG K 19 36.53 -6.89 76.68
N ILE K 20 37.02 -5.65 76.67
CA ILE K 20 37.43 -4.99 75.45
C ILE K 20 38.89 -4.58 75.57
N THR K 21 39.70 -5.04 74.64
CA THR K 21 41.13 -4.85 74.71
C THR K 21 41.55 -3.68 73.84
N CYS K 22 42.66 -3.06 74.22
CA CYS K 22 43.22 -1.96 73.45
C CYS K 22 44.72 -2.14 73.30
N GLY K 23 45.14 -2.57 72.11
CA GLY K 23 46.53 -2.88 71.86
C GLY K 23 47.37 -1.70 71.40
N GLY K 24 48.34 -1.33 72.23
CA GLY K 24 49.31 -0.31 71.90
C GLY K 24 50.61 -0.67 72.54
N ASN K 25 51.72 -0.45 71.85
CA ASN K 25 53.02 -0.84 72.38
C ASN K 25 53.53 0.11 73.46
N ASN K 26 53.88 -0.45 74.61
CA ASN K 26 54.28 0.36 75.74
C ASN K 26 53.21 1.37 76.06
N ILE K 27 51.97 0.88 76.03
CA ILE K 27 50.79 1.70 76.26
C ILE K 27 50.59 1.96 77.74
N ALA K 28 51.26 1.17 78.57
CA ALA K 28 51.16 1.35 80.02
C ALA K 28 51.80 2.68 80.44
N ASN K 29 52.65 3.21 79.56
CA ASN K 29 53.31 4.50 79.77
C ASN K 29 52.39 5.69 79.58
N LYS K 30 51.28 5.47 78.88
CA LYS K 30 50.32 6.54 78.53
C LYS K 30 49.01 6.39 79.29
N ASN K 31 48.31 7.50 79.45
CA ASN K 31 46.99 7.47 80.06
C ASN K 31 45.94 7.09 79.03
N VAL K 32 45.19 6.03 79.32
CA VAL K 32 44.16 5.57 78.40
C VAL K 32 42.75 5.96 78.84
N HIS K 33 41.95 6.46 77.91
CA HIS K 33 40.59 6.85 78.21
C HIS K 33 39.63 6.07 77.33
N TRP K 34 38.39 5.90 77.76
CA TRP K 34 37.43 5.10 77.01
C TRP K 34 36.11 5.84 76.77
N TYR K 35 35.64 5.82 75.52
CA TYR K 35 34.35 6.42 75.23
C TYR K 35 33.36 5.40 74.70
N GLN K 36 32.09 5.63 75.03
CA GLN K 36 30.99 4.80 74.54
C GLN K 36 30.10 5.61 73.59
N GLN K 37 29.80 5.04 72.42
CA GLN K 37 29.00 5.75 71.44
C GLN K 37 27.87 4.86 70.90
N LYS K 38 26.64 5.22 71.24
CA LYS K 38 25.48 4.50 70.73
C LYS K 38 25.06 5.10 69.41
N PRO K 39 24.71 4.25 68.43
CA PRO K 39 24.38 4.65 67.06
C PRO K 39 23.60 5.96 66.96
N GLY K 40 24.09 6.88 66.13
CA GLY K 40 23.52 8.20 65.97
C GLY K 40 23.53 8.99 67.27
N GLN K 41 24.70 9.23 67.84
CA GLN K 41 24.77 9.92 69.12
C GLN K 41 26.16 10.35 69.59
N ALA K 42 26.16 11.23 70.60
CA ALA K 42 27.39 11.78 71.15
C ALA K 42 28.15 10.71 71.91
N PRO K 43 29.45 10.57 71.61
CA PRO K 43 30.33 9.71 72.40
C PRO K 43 30.26 10.12 73.87
N VAL K 44 30.63 9.22 74.78
CA VAL K 44 30.49 9.50 76.21
C VAL K 44 31.64 8.92 77.03
N LEU K 45 32.29 9.76 77.83
CA LEU K 45 33.41 9.31 78.64
C LEU K 45 32.92 8.29 79.66
N VAL K 46 33.61 7.15 79.75
CA VAL K 46 33.28 6.14 80.76
C VAL K 46 34.44 5.79 81.68
N ILE K 47 35.65 5.81 81.16
CA ILE K 47 36.82 5.58 81.99
C ILE K 47 37.91 6.55 81.54
N TYR K 48 38.46 7.30 82.48
CA TYR K 48 39.60 8.16 82.18
C TYR K 48 40.77 7.84 83.10
N TYR K 49 41.95 8.31 82.71
CA TYR K 49 43.18 8.02 83.46
C TYR K 49 43.26 6.54 83.84
N ASP K 50 43.00 5.68 82.86
CA ASP K 50 43.19 4.23 83.00
C ASP K 50 42.08 3.49 83.76
N ASP K 51 42.02 3.68 85.08
CA ASP K 51 41.07 2.96 85.93
C ASP K 51 40.00 3.84 86.61
N ASP K 52 40.18 5.16 86.52
CA ASP K 52 39.23 6.11 87.09
C ASP K 52 37.90 6.11 86.32
N ARG K 53 36.85 6.55 86.98
CA ARG K 53 35.52 6.53 86.39
C ARG K 53 34.76 7.79 86.79
N PRO K 54 34.13 8.47 85.81
CA PRO K 54 33.36 9.67 86.14
C PRO K 54 32.05 9.34 86.86
N SER K 55 31.71 10.16 87.86
CA SER K 55 30.46 9.99 88.60
C SER K 55 29.28 10.26 87.69
N GLY K 56 28.33 9.35 87.67
CA GLY K 56 27.21 9.44 86.75
C GLY K 56 27.14 8.23 85.85
N ILE K 57 28.14 7.35 85.97
CA ILE K 57 28.14 6.09 85.23
C ILE K 57 28.44 4.90 86.16
N PRO K 58 27.70 3.79 85.96
CA PRO K 58 27.66 2.60 86.84
C PRO K 58 29.02 2.05 87.26
N ASP K 59 29.06 1.47 88.47
CA ASP K 59 30.27 0.88 89.03
C ASP K 59 30.70 -0.38 88.28
N ARG K 60 29.91 -0.76 87.27
CA ARG K 60 30.18 -1.96 86.49
C ARG K 60 31.33 -1.76 85.52
N PHE K 61 31.55 -0.52 85.09
CA PHE K 61 32.68 -0.16 84.23
C PHE K 61 33.99 -0.01 85.02
N SER K 62 35.05 -0.66 84.56
CA SER K 62 36.32 -0.65 85.27
C SER K 62 37.51 -0.75 84.31
N GLY K 63 38.62 -0.14 84.68
CA GLY K 63 39.75 -0.07 83.76
C GLY K 63 41.04 -0.73 84.19
N SER K 64 41.74 -1.30 83.21
CA SER K 64 43.07 -1.87 83.43
C SER K 64 44.05 -1.28 82.43
N ASN K 65 45.35 -1.37 82.75
CA ASN K 65 46.39 -0.97 81.81
C ASN K 65 47.75 -1.55 82.18
N SER K 66 48.14 -2.60 81.47
CA SER K 66 49.36 -3.33 81.80
C SER K 66 50.25 -3.59 80.58
N GLY K 67 51.46 -3.04 80.64
CA GLY K 67 52.50 -3.34 79.67
C GLY K 67 52.14 -3.00 78.24
N ASN K 68 51.45 -3.91 77.56
CA ASN K 68 51.14 -3.75 76.15
C ASN K 68 49.65 -3.77 75.82
N THR K 69 48.82 -3.77 76.84
CA THR K 69 47.39 -3.90 76.63
C THR K 69 46.52 -3.30 77.75
N ALA K 70 45.66 -2.36 77.35
CA ALA K 70 44.71 -1.72 78.25
C ALA K 70 43.35 -2.40 78.11
N THR K 71 42.55 -2.38 79.17
CA THR K 71 41.28 -3.10 79.13
C THR K 71 40.10 -2.46 79.84
N LEU K 72 39.03 -2.26 79.05
CA LEU K 72 37.74 -1.82 79.55
C LEU K 72 36.95 -3.07 79.91
N THR K 73 36.51 -3.18 81.15
CA THR K 73 35.80 -4.38 81.61
C THR K 73 34.41 -4.05 82.13
N ILE K 74 33.38 -4.39 81.36
CA ILE K 74 31.99 -4.17 81.79
C ILE K 74 31.41 -5.45 82.38
N SER K 75 30.94 -5.37 83.63
CA SER K 75 30.40 -6.55 84.28
C SER K 75 28.87 -6.45 84.39
N ARG K 76 28.23 -7.59 84.58
CA ARG K 76 26.77 -7.68 84.64
C ARG K 76 26.17 -6.88 83.50
N VAL K 77 26.65 -7.18 82.30
CA VAL K 77 26.23 -6.51 81.08
C VAL K 77 24.71 -6.47 80.90
N GLU K 78 24.21 -5.30 80.51
CA GLU K 78 22.79 -5.17 80.23
C GLU K 78 22.57 -4.96 78.75
N ALA K 79 21.32 -4.97 78.35
CA ALA K 79 20.95 -4.74 76.96
C ALA K 79 21.32 -3.32 76.55
N GLY K 80 21.27 -2.40 77.52
CA GLY K 80 21.56 -1.01 77.25
C GLY K 80 23.04 -0.70 77.05
N ASP K 81 23.91 -1.68 77.33
CA ASP K 81 25.35 -1.48 77.18
C ASP K 81 25.82 -1.77 75.76
N GLU K 82 24.88 -2.18 74.91
CA GLU K 82 25.15 -2.39 73.50
C GLU K 82 25.53 -1.06 72.85
N ALA K 83 26.78 -0.95 72.40
CA ALA K 83 27.27 0.21 71.66
C ALA K 83 28.67 -0.03 71.08
N ASP K 84 29.30 1.05 70.62
CA ASP K 84 30.67 1.01 70.13
C ASP K 84 31.57 1.64 71.19
N TYR K 85 32.73 1.05 71.42
CA TYR K 85 33.62 1.53 72.47
C TYR K 85 35.00 1.88 71.92
N TYR K 86 35.45 3.11 72.15
CA TYR K 86 36.75 3.52 71.64
C TYR K 86 37.69 3.80 72.79
N CYS K 87 38.94 3.36 72.67
CA CYS K 87 39.99 3.79 73.59
C CYS K 87 40.77 4.94 72.94
N GLN K 88 41.40 5.78 73.77
CA GLN K 88 42.06 6.98 73.28
C GLN K 88 43.28 7.34 74.10
N VAL K 89 44.32 7.82 73.42
CA VAL K 89 45.50 8.33 74.12
C VAL K 89 46.03 9.61 73.49
N TRP K 90 47.06 10.17 74.12
CA TRP K 90 47.74 11.34 73.61
C TRP K 90 49.20 11.01 73.32
N ASP K 91 49.60 11.09 72.05
CA ASP K 91 50.99 10.84 71.73
C ASP K 91 51.78 12.13 71.82
N SER K 92 52.53 12.28 72.91
CA SER K 92 53.37 13.45 73.14
C SER K 92 54.46 13.54 72.09
N ASN K 93 54.74 12.40 71.45
CA ASN K 93 55.77 12.31 70.42
C ASN K 93 55.37 12.90 69.08
N SER K 94 54.17 12.59 68.62
CA SER K 94 53.73 13.05 67.32
C SER K 94 52.74 14.20 67.42
N ASP K 95 52.41 14.60 68.65
CA ASP K 95 51.39 15.61 68.91
C ASP K 95 50.08 15.22 68.24
N HIS K 96 49.55 14.06 68.64
CA HIS K 96 48.33 13.53 68.07
C HIS K 96 47.47 12.92 69.16
N VAL K 97 46.18 13.24 69.14
CA VAL K 97 45.22 12.44 69.87
C VAL K 97 44.98 11.21 69.00
N VAL K 98 44.94 10.03 69.61
CA VAL K 98 44.74 8.82 68.86
C VAL K 98 43.57 8.00 69.41
N PHE K 99 42.64 7.66 68.52
CA PHE K 99 41.56 6.75 68.86
C PHE K 99 41.87 5.38 68.28
N GLY K 100 41.33 4.34 68.91
CA GLY K 100 41.42 2.98 68.38
C GLY K 100 40.34 2.74 67.34
N GLY K 101 40.31 1.54 66.78
CA GLY K 101 39.38 1.22 65.71
C GLY K 101 37.93 1.23 66.17
N GLY K 102 37.75 0.97 67.46
CA GLY K 102 36.42 0.84 68.01
C GLY K 102 36.01 -0.62 68.04
N THR K 103 35.21 -0.95 69.03
CA THR K 103 34.72 -2.31 69.23
C THR K 103 33.22 -2.26 69.40
N GLN K 104 32.51 -3.00 68.54
CA GLN K 104 31.06 -3.06 68.64
C GLN K 104 30.68 -4.19 69.54
N LEU K 105 30.14 -3.83 70.70
CA LEU K 105 29.73 -4.78 71.72
C LEU K 105 28.30 -5.24 71.51
N THR K 106 28.12 -6.51 71.17
CA THR K 106 26.79 -7.06 70.94
C THR K 106 26.34 -7.84 72.17
N VAL K 107 25.12 -7.57 72.61
CA VAL K 107 24.54 -8.27 73.74
C VAL K 107 23.46 -9.20 73.20
N LEU K 108 23.67 -10.49 73.38
CA LEU K 108 22.84 -11.51 72.72
C LEU K 108 21.54 -11.77 73.45
N GLY K 109 20.51 -11.01 73.22
CA GLY K 109 19.30 -11.19 74.00
C GLY K 109 18.20 -11.80 73.18
N GLN K 110 18.55 -12.64 72.21
CA GLN K 110 17.52 -13.38 71.51
C GLN K 110 18.06 -14.58 70.76
N PRO K 111 17.17 -15.54 70.41
CA PRO K 111 17.57 -16.76 69.73
C PRO K 111 18.26 -16.46 68.40
N LYS K 112 19.26 -17.26 68.05
CA LYS K 112 19.85 -17.20 66.71
C LYS K 112 18.82 -17.44 65.63
N ALA K 113 19.11 -16.96 64.43
CA ALA K 113 18.16 -16.96 63.33
C ALA K 113 18.89 -16.97 62.02
N ALA K 114 18.56 -17.93 61.15
CA ALA K 114 19.18 -18.02 59.85
C ALA K 114 18.58 -17.00 58.88
N PRO K 115 19.42 -16.46 58.02
CA PRO K 115 19.04 -15.41 57.08
C PRO K 115 18.15 -15.96 55.98
N SER K 116 17.14 -15.21 55.57
CA SER K 116 16.41 -15.59 54.38
C SER K 116 16.72 -14.63 53.21
N VAL K 117 17.09 -15.24 52.10
CA VAL K 117 17.71 -14.52 50.99
C VAL K 117 16.82 -14.49 49.77
N THR K 118 16.64 -13.30 49.22
CA THR K 118 15.85 -13.11 48.03
C THR K 118 16.64 -12.33 46.96
N LEU K 119 16.69 -12.85 45.74
CA LEU K 119 17.55 -12.25 44.74
C LEU K 119 16.74 -11.84 43.53
N PHE K 120 16.73 -10.54 43.25
CA PHE K 120 16.03 -10.01 42.09
C PHE K 120 16.95 -9.76 40.93
N PRO K 121 16.53 -10.15 39.73
CA PRO K 121 17.25 -9.86 38.47
C PRO K 121 16.88 -8.47 37.98
N PRO K 122 17.64 -7.92 37.04
CA PRO K 122 17.34 -6.59 36.49
C PRO K 122 15.93 -6.55 35.95
N SER K 123 15.17 -5.49 36.23
CA SER K 123 13.82 -5.40 35.68
C SER K 123 13.90 -5.00 34.23
N SER K 124 12.88 -5.40 33.45
CA SER K 124 12.85 -5.06 32.04
C SER K 124 13.03 -3.56 31.88
N GLU K 125 12.48 -2.83 32.83
CA GLU K 125 12.47 -1.37 32.81
C GLU K 125 13.88 -0.81 32.92
N GLU K 126 14.63 -1.27 33.91
CA GLU K 126 15.98 -0.76 34.10
C GLU K 126 16.85 -1.11 32.92
N LEU K 127 16.65 -2.31 32.40
CA LEU K 127 17.41 -2.76 31.24
C LEU K 127 17.17 -1.84 30.06
N GLN K 128 15.91 -1.43 29.88
CA GLN K 128 15.51 -0.58 28.79
C GLN K 128 16.21 0.73 28.90
N ALA K 129 16.74 0.99 30.09
CA ALA K 129 17.47 2.22 30.41
C ALA K 129 18.97 2.00 30.27
N ASN K 130 19.32 0.83 29.75
CA ASN K 130 20.72 0.47 29.52
C ASN K 130 21.59 0.39 30.77
N LYS K 131 21.04 -0.15 31.84
CA LYS K 131 21.82 -0.45 33.04
C LYS K 131 21.23 -1.75 33.52
N ALA K 132 22.01 -2.49 34.29
CA ALA K 132 21.54 -3.76 34.84
C ALA K 132 22.00 -3.90 36.29
N THR K 133 21.06 -4.19 37.19
CA THR K 133 21.37 -4.30 38.61
C THR K 133 20.73 -5.53 39.24
N LEU K 134 21.55 -6.34 39.90
CA LEU K 134 21.11 -7.48 40.68
C LEU K 134 20.98 -7.04 42.11
N VAL K 135 19.86 -7.34 42.74
CA VAL K 135 19.62 -6.94 44.12
C VAL K 135 19.44 -8.14 45.04
N CYS K 136 20.35 -8.28 45.99
CA CYS K 136 20.30 -9.37 46.93
C CYS K 136 19.82 -8.88 48.28
N LEU K 137 18.63 -9.33 48.68
CA LEU K 137 18.05 -8.90 49.93
C LEU K 137 18.05 -9.98 50.99
N ILE K 138 18.71 -9.69 52.09
CA ILE K 138 18.96 -10.63 53.16
C ILE K 138 18.26 -10.14 54.41
N SER K 139 17.39 -10.96 54.99
CA SER K 139 16.64 -10.52 56.17
C SER K 139 16.40 -11.55 57.28
N ASP K 140 15.93 -11.06 58.43
CA ASP K 140 15.50 -11.90 59.53
C ASP K 140 16.58 -12.81 60.06
N PHE K 141 17.78 -12.30 60.23
CA PHE K 141 18.86 -13.11 60.80
C PHE K 141 19.40 -12.51 62.10
N TYR K 142 20.08 -13.34 62.89
CA TYR K 142 20.68 -12.91 64.15
C TYR K 142 21.79 -13.88 64.49
N PRO K 143 22.93 -13.39 64.99
CA PRO K 143 23.21 -11.98 65.23
C PRO K 143 23.43 -11.27 63.91
N GLY K 144 23.70 -9.97 63.99
CA GLY K 144 23.80 -9.13 62.81
C GLY K 144 25.18 -9.03 62.20
N ALA K 145 25.58 -10.09 61.50
CA ALA K 145 26.87 -10.12 60.83
C ALA K 145 26.87 -11.19 59.73
N VAL K 146 26.94 -10.74 58.48
CA VAL K 146 26.94 -11.67 57.35
C VAL K 146 28.06 -11.38 56.38
N THR K 147 28.19 -12.25 55.40
CA THR K 147 29.24 -12.12 54.38
C THR K 147 28.61 -12.39 53.02
N VAL K 148 28.72 -11.43 52.11
CA VAL K 148 28.20 -11.67 50.77
C VAL K 148 29.28 -11.81 49.71
N ALA K 149 29.05 -12.71 48.77
CA ALA K 149 30.00 -12.97 47.71
C ALA K 149 29.24 -13.35 46.46
N TRP K 150 29.63 -12.72 45.35
CA TRP K 150 28.89 -12.90 44.11
C TRP K 150 29.68 -13.77 43.15
N LYS K 151 28.98 -14.67 42.47
CA LYS K 151 29.61 -15.52 41.48
C LYS K 151 28.91 -15.33 40.14
N ALA K 152 29.69 -15.30 39.06
CA ALA K 152 29.15 -15.40 37.71
C ALA K 152 29.43 -16.79 37.10
N ASP K 153 28.36 -17.56 36.86
CA ASP K 153 28.49 -18.88 36.23
C ASP K 153 29.13 -19.95 37.11
N GLY K 154 30.24 -19.61 37.77
CA GLY K 154 30.95 -20.54 38.61
C GLY K 154 32.13 -19.85 39.27
N SER K 155 32.43 -18.63 38.84
CA SER K 155 33.64 -17.95 39.26
C SER K 155 33.36 -16.63 39.97
N PRO K 156 34.08 -16.36 41.06
CA PRO K 156 34.09 -15.12 41.86
C PRO K 156 34.13 -13.78 41.09
N VAL K 157 33.24 -12.88 41.48
CA VAL K 157 33.08 -11.53 40.93
C VAL K 157 33.47 -10.39 41.90
N LYS K 158 34.45 -9.58 41.55
CA LYS K 158 34.96 -8.58 42.49
C LYS K 158 34.15 -7.29 42.55
N ALA K 159 34.30 -6.44 41.53
CA ALA K 159 33.73 -5.08 41.55
C ALA K 159 32.38 -4.96 40.83
N GLY K 160 31.72 -3.84 41.08
CA GLY K 160 30.33 -3.69 40.71
C GLY K 160 29.50 -3.92 41.96
N VAL K 161 30.18 -4.38 43.00
CA VAL K 161 29.47 -4.83 44.20
C VAL K 161 29.47 -3.82 45.31
N GLU K 162 28.31 -3.62 45.90
CA GLU K 162 28.22 -2.79 47.09
C GLU K 162 27.37 -3.59 48.04
N THR K 163 27.67 -3.44 49.33
CA THR K 163 26.92 -4.17 50.36
C THR K 163 26.70 -3.29 51.58
N THR K 164 25.48 -3.28 52.08
CA THR K 164 25.16 -2.45 53.24
C THR K 164 25.60 -3.12 54.53
N LYS K 165 25.75 -2.32 55.58
CA LYS K 165 26.05 -2.85 56.90
C LYS K 165 24.77 -3.23 57.56
N PRO K 166 24.71 -4.46 58.11
CA PRO K 166 23.49 -5.00 58.70
C PRO K 166 22.84 -3.98 59.64
N SER K 167 21.53 -4.07 59.83
CA SER K 167 20.79 -3.03 60.54
C SER K 167 19.52 -3.62 61.09
N LYS K 168 19.16 -3.28 62.32
CA LYS K 168 17.97 -3.89 62.88
C LYS K 168 16.75 -3.56 62.03
N GLN K 169 15.99 -4.59 61.62
CA GLN K 169 14.63 -4.39 61.11
C GLN K 169 13.64 -4.28 62.29
N SER K 170 12.34 -4.42 62.02
CA SER K 170 11.35 -4.10 63.06
C SER K 170 10.96 -5.20 64.07
N ASN K 171 11.34 -6.44 63.79
CA ASN K 171 11.25 -7.54 64.77
C ASN K 171 12.57 -7.75 65.53
N ASN K 172 13.41 -6.72 65.50
CA ASN K 172 14.68 -6.70 66.22
C ASN K 172 15.77 -7.63 65.69
N LYS K 173 15.45 -8.34 64.60
CA LYS K 173 16.40 -9.15 63.85
C LYS K 173 17.13 -8.25 62.86
N TYR K 174 18.11 -8.79 62.14
CA TYR K 174 18.88 -7.97 61.22
C TYR K 174 18.56 -8.23 59.77
N ALA K 175 18.95 -7.29 58.90
CA ALA K 175 18.79 -7.44 57.46
C ALA K 175 19.88 -6.65 56.76
N ALA K 176 20.28 -7.13 55.59
CA ALA K 176 21.29 -6.44 54.79
C ALA K 176 21.01 -6.59 53.30
N SER K 177 21.65 -5.76 52.50
CA SER K 177 21.50 -5.82 51.05
C SER K 177 22.84 -5.70 50.31
N SER K 178 22.89 -6.30 49.13
CA SER K 178 24.07 -6.20 48.32
C SER K 178 23.64 -6.11 46.88
N TYR K 179 24.14 -5.09 46.19
CA TYR K 179 23.82 -4.92 44.79
C TYR K 179 25.02 -5.31 43.95
N LEU K 180 24.77 -6.00 42.85
CA LEU K 180 25.79 -6.20 41.83
C LEU K 180 25.43 -5.45 40.53
N SER K 181 26.29 -4.53 40.12
CA SER K 181 26.04 -3.71 38.93
C SER K 181 26.70 -4.21 37.65
N LEU K 182 25.89 -4.56 36.66
CA LEU K 182 26.38 -4.95 35.34
C LEU K 182 25.96 -3.98 34.24
N THR K 183 26.40 -4.29 33.04
CA THR K 183 25.90 -3.67 31.84
C THR K 183 24.95 -4.71 31.23
N PRO K 184 23.96 -4.26 30.47
CA PRO K 184 23.01 -5.24 29.95
C PRO K 184 23.72 -6.30 29.14
N GLU K 185 24.82 -5.92 28.49
CA GLU K 185 25.62 -6.86 27.70
C GLU K 185 26.10 -7.99 28.60
N GLN K 186 26.81 -7.65 29.68
CA GLN K 186 27.31 -8.64 30.64
C GLN K 186 26.17 -9.50 31.15
N TRP K 187 25.04 -8.88 31.44
CA TRP K 187 23.92 -9.61 32.01
C TRP K 187 23.46 -10.79 31.15
N LYS K 188 23.29 -10.57 29.85
CA LYS K 188 22.78 -11.65 29.02
C LYS K 188 23.87 -12.52 28.38
N SER K 189 25.13 -12.24 28.73
CA SER K 189 26.26 -12.98 28.17
C SER K 189 26.75 -14.13 29.07
N HIS K 190 26.17 -14.25 30.26
CA HIS K 190 26.49 -15.37 31.14
C HIS K 190 25.27 -16.28 31.30
N ARG K 191 25.50 -17.50 31.76
CA ARG K 191 24.41 -18.47 31.88
C ARG K 191 23.57 -18.19 33.14
N SER K 192 24.24 -17.73 34.20
CA SER K 192 23.59 -17.43 35.48
C SER K 192 24.51 -16.66 36.42
N TYR K 193 23.90 -15.91 37.33
CA TYR K 193 24.64 -15.18 38.35
C TYR K 193 24.18 -15.69 39.71
N SER K 194 25.05 -15.59 40.71
CA SER K 194 24.66 -16.04 42.03
C SER K 194 25.05 -15.17 43.22
N CYS K 195 24.18 -15.19 44.21
CA CYS K 195 24.35 -14.47 45.45
C CYS K 195 24.62 -15.47 46.53
N GLN K 196 25.66 -15.24 47.33
CA GLN K 196 26.07 -16.19 48.38
C GLN K 196 26.25 -15.56 49.77
N VAL K 197 25.25 -15.75 50.64
CA VAL K 197 25.33 -15.20 51.98
C VAL K 197 25.81 -16.24 52.97
N THR K 198 26.78 -15.86 53.78
CA THR K 198 27.33 -16.73 54.81
C THR K 198 27.02 -16.12 56.16
N HIS K 199 26.37 -16.93 57.02
CA HIS K 199 26.00 -16.48 58.37
C HIS K 199 26.40 -17.48 59.43
N GLU K 200 27.34 -17.11 60.29
CA GLU K 200 27.81 -18.00 61.34
C GLU K 200 28.05 -19.40 60.81
N GLY K 201 28.95 -19.54 59.85
CA GLY K 201 29.37 -20.86 59.40
C GLY K 201 28.60 -21.44 58.24
N SER K 202 27.31 -21.16 58.20
CA SER K 202 26.50 -21.77 57.15
C SER K 202 26.36 -20.81 55.99
N THR K 203 26.19 -21.40 54.80
CA THR K 203 26.07 -20.64 53.56
C THR K 203 24.78 -20.90 52.74
N VAL K 204 23.98 -19.85 52.56
CA VAL K 204 22.82 -19.92 51.68
C VAL K 204 23.21 -19.34 50.33
N GLU K 205 22.53 -19.76 49.27
CA GLU K 205 22.85 -19.25 47.97
C GLU K 205 21.63 -19.31 47.05
N LYS K 206 21.33 -18.17 46.42
CA LYS K 206 20.29 -18.10 45.38
C LYS K 206 20.91 -17.72 44.05
N THR K 207 20.22 -18.13 42.99
CA THR K 207 20.72 -17.89 41.64
C THR K 207 19.61 -17.37 40.72
N VAL K 208 20.01 -16.50 39.80
CA VAL K 208 19.12 -16.09 38.73
C VAL K 208 19.83 -16.23 37.38
N ALA K 209 19.04 -16.43 36.32
CA ALA K 209 19.58 -16.50 34.97
C ALA K 209 18.75 -15.59 34.07
N PRO K 210 19.37 -15.07 32.99
CA PRO K 210 18.71 -14.16 32.05
C PRO K 210 17.30 -14.62 31.66
N THR K 211 17.19 -15.86 31.23
CA THR K 211 15.88 -16.45 30.93
C THR K 211 15.28 -16.98 32.24
N GLU K 212 14.03 -16.59 32.53
CA GLU K 212 13.41 -16.99 33.81
C GLU K 212 11.99 -16.43 34.05
N CYS K 213 11.24 -17.12 34.90
CA CYS K 213 9.90 -16.70 35.32
C CYS K 213 9.64 -17.06 36.79
N GLU L 1 24.32 22.84 81.96
CA GLU L 1 25.43 21.92 81.78
C GLU L 1 25.93 21.97 80.34
N VAL L 2 26.90 21.11 80.00
CA VAL L 2 27.69 21.32 78.79
C VAL L 2 26.89 21.15 77.51
N GLN L 3 27.02 22.12 76.61
CA GLN L 3 26.27 22.06 75.36
C GLN L 3 27.05 22.64 74.20
N LEU L 4 27.19 21.86 73.14
CA LEU L 4 27.98 22.25 71.97
C LEU L 4 27.22 22.04 70.67
N VAL L 5 27.18 23.07 69.83
CA VAL L 5 26.34 23.04 68.63
C VAL L 5 27.10 23.35 67.34
N GLU L 6 27.50 22.31 66.63
CA GLU L 6 28.20 22.50 65.37
C GLU L 6 27.23 22.98 64.31
N SER L 7 27.76 23.62 63.28
CA SER L 7 26.97 24.18 62.20
C SER L 7 27.84 24.46 61.00
N GLY L 8 27.23 24.60 59.83
CA GLY L 8 27.97 25.01 58.65
C GLY L 8 28.42 23.84 57.80
N GLY L 9 28.14 22.63 58.24
CA GLY L 9 28.37 21.47 57.41
C GLY L 9 27.61 21.64 56.09
N ASN L 10 28.20 21.17 55.00
CA ASN L 10 27.51 21.19 53.73
C ASN L 10 28.11 20.27 52.69
N VAL L 11 27.87 20.58 51.42
CA VAL L 11 28.42 19.80 50.32
C VAL L 11 29.30 20.68 49.47
N VAL L 12 30.49 20.21 49.10
CA VAL L 12 31.40 21.04 48.34
C VAL L 12 32.19 20.16 47.41
N GLN L 13 32.73 20.77 46.36
CA GLN L 13 33.50 20.05 45.37
C GLN L 13 34.91 19.92 45.89
N PRO L 14 35.64 18.88 45.46
CA PRO L 14 37.07 18.80 45.82
C PRO L 14 37.83 20.07 45.45
N GLY L 15 38.79 20.47 46.28
CA GLY L 15 39.48 21.74 46.09
C GLY L 15 38.81 22.89 46.81
N GLY L 16 37.51 22.77 47.07
CA GLY L 16 36.74 23.84 47.69
C GLY L 16 37.04 24.11 49.16
N SER L 17 36.24 24.99 49.75
CA SER L 17 36.47 25.40 51.12
C SER L 17 35.19 25.44 51.91
N LEU L 18 35.31 25.36 53.23
CA LEU L 18 34.16 25.33 54.09
C LEU L 18 34.57 25.73 55.51
N ARG L 19 33.66 26.35 56.25
CA ARG L 19 33.97 26.85 57.57
C ARG L 19 32.97 26.44 58.65
N LEU L 20 33.30 25.37 59.36
CA LEU L 20 32.48 24.88 60.47
C LEU L 20 32.62 25.76 61.70
N SER L 21 31.53 25.88 62.46
CA SER L 21 31.50 26.67 63.68
C SER L 21 30.84 25.86 64.77
N CYS L 22 31.15 26.19 66.02
CA CYS L 22 30.62 25.42 67.14
C CYS L 22 30.32 26.39 68.27
N THR L 23 29.23 26.16 68.99
CA THR L 23 28.81 27.14 69.98
C THR L 23 28.60 26.54 71.34
N ALA L 24 29.31 27.07 72.33
CA ALA L 24 29.35 26.46 73.64
C ALA L 24 28.53 27.20 74.67
N SER L 25 28.25 26.51 75.78
CA SER L 25 27.56 27.08 76.92
C SER L 25 27.50 26.05 78.04
N GLY L 26 27.37 26.50 79.27
CA GLY L 26 27.23 25.59 80.40
C GLY L 26 28.55 25.24 81.05
N PHE L 27 29.63 25.84 80.56
CA PHE L 27 30.96 25.68 81.14
C PHE L 27 31.77 26.92 80.76
N SER L 28 32.92 27.10 81.40
CA SER L 28 33.78 28.24 81.09
C SER L 28 34.56 28.01 79.81
N PHE L 29 34.04 28.53 78.70
CA PHE L 29 34.71 28.38 77.41
C PHE L 29 36.11 28.97 77.47
N ASP L 30 36.22 30.10 78.19
CA ASP L 30 37.46 30.86 78.29
C ASP L 30 38.60 30.05 78.88
N ASP L 31 38.28 29.11 79.77
CA ASP L 31 39.31 28.30 80.44
C ASP L 31 39.62 27.01 79.70
N SER L 32 38.84 26.69 78.68
CA SER L 32 38.84 25.33 78.15
C SER L 32 39.59 25.12 76.83
N THR L 33 40.22 23.96 76.72
CA THR L 33 40.81 23.55 75.46
C THR L 33 39.72 22.86 74.60
N MET L 34 39.71 23.14 73.30
CA MET L 34 38.72 22.52 72.43
C MET L 34 39.34 21.56 71.38
N HIS L 35 38.49 20.68 70.82
CA HIS L 35 38.90 19.75 69.78
C HIS L 35 37.95 19.72 68.59
N TRP L 36 38.48 19.32 67.44
CA TRP L 36 37.65 18.81 66.35
C TRP L 36 37.97 17.35 66.15
N VAL L 37 36.93 16.51 66.22
CA VAL L 37 37.04 15.11 65.88
C VAL L 37 36.06 14.80 64.76
N ARG L 38 36.52 14.10 63.73
CA ARG L 38 35.62 13.75 62.63
C ARG L 38 35.40 12.24 62.56
N GLN L 39 34.32 11.84 61.89
CA GLN L 39 33.96 10.42 61.77
C GLN L 39 33.38 10.08 60.41
N ALA L 40 34.17 9.37 59.59
CA ALA L 40 33.71 8.90 58.29
C ALA L 40 32.44 8.13 58.54
N PRO L 41 31.43 8.27 57.66
CA PRO L 41 30.14 7.62 57.92
C PRO L 41 30.34 6.11 57.97
N GLY L 42 29.86 5.47 59.04
CA GLY L 42 30.09 4.05 59.25
C GLY L 42 31.41 3.68 59.93
N LYS L 43 32.48 4.39 59.56
CA LYS L 43 33.81 4.16 60.16
C LYS L 43 33.99 4.75 61.57
N GLY L 44 35.23 4.74 62.07
CA GLY L 44 35.54 5.14 63.44
C GLY L 44 35.85 6.61 63.68
N LEU L 45 36.28 6.92 64.91
CA LEU L 45 36.60 8.30 65.28
C LEU L 45 38.02 8.66 64.84
N GLN L 46 38.21 9.88 64.37
CA GLN L 46 39.53 10.36 63.93
C GLN L 46 39.71 11.76 64.48
N TRP L 47 40.75 11.94 65.28
CA TRP L 47 41.02 13.25 65.84
C TRP L 47 41.53 14.15 64.72
N VAL L 48 41.08 15.41 64.73
CA VAL L 48 41.45 16.38 63.70
C VAL L 48 42.41 17.50 64.18
N SER L 49 42.06 18.14 65.30
CA SER L 49 42.80 19.30 65.77
C SER L 49 42.38 19.69 67.18
N LEU L 50 43.30 20.32 67.93
CA LEU L 50 42.95 20.91 69.23
C LEU L 50 43.53 22.32 69.35
N ILE L 51 43.07 23.06 70.35
CA ILE L 51 43.48 24.44 70.52
C ILE L 51 43.22 24.93 71.94
N SER L 52 44.27 25.45 72.58
CA SER L 52 44.17 25.85 73.98
C SER L 52 43.43 27.16 74.11
N TRP L 53 43.15 27.52 75.35
CA TRP L 53 42.24 28.62 75.64
C TRP L 53 42.53 29.94 74.91
N ASN L 54 43.81 30.24 74.70
CA ASN L 54 44.20 31.52 74.12
C ASN L 54 44.78 31.37 72.72
N GLY L 55 45.00 30.13 72.31
CA GLY L 55 45.60 29.89 71.02
C GLY L 55 47.06 29.51 71.20
N GLY L 56 47.49 29.53 72.46
CA GLY L 56 48.86 29.14 72.82
C GLY L 56 49.28 27.88 72.10
N ARG L 57 48.86 26.74 72.62
CA ARG L 57 49.10 25.47 71.95
C ARG L 57 48.01 25.23 70.90
N THR L 58 48.42 24.85 69.68
CA THR L 58 47.49 24.26 68.71
C THR L 58 48.19 23.21 67.85
N TYR L 59 47.58 22.04 67.73
CA TYR L 59 48.15 20.98 66.92
C TYR L 59 47.15 20.47 65.91
N TYR L 60 47.65 19.86 64.85
CA TYR L 60 46.79 19.31 63.81
C TYR L 60 47.23 17.89 63.49
N ALA L 61 46.31 17.12 62.92
CA ALA L 61 46.57 15.75 62.50
C ALA L 61 47.27 15.74 61.15
N ASP L 62 48.17 14.79 60.94
CA ASP L 62 48.94 14.74 59.70
C ASP L 62 48.06 14.86 58.46
N SER L 63 46.94 14.17 58.49
CA SER L 63 45.98 14.19 57.39
C SER L 63 45.60 15.59 56.91
N VAL L 64 45.29 16.48 57.84
CA VAL L 64 44.82 17.81 57.47
C VAL L 64 45.90 18.88 57.58
N LYS L 65 47.12 18.46 57.92
CA LYS L 65 48.20 19.41 58.12
C LYS L 65 48.34 20.34 56.91
N GLY L 66 48.23 21.63 57.17
CA GLY L 66 48.46 22.61 56.14
C GLY L 66 47.20 22.97 55.35
N ARG L 67 46.14 22.20 55.51
CA ARG L 67 44.89 22.51 54.81
C ARG L 67 43.84 23.06 55.77
N PHE L 68 43.87 22.56 57.01
CA PHE L 68 42.89 22.96 58.00
C PHE L 68 43.46 24.00 58.96
N THR L 69 42.56 24.79 59.54
CA THR L 69 42.95 25.85 60.47
C THR L 69 41.95 26.03 61.60
N ILE L 70 42.39 25.76 62.83
CA ILE L 70 41.49 25.88 63.97
C ILE L 70 41.61 27.26 64.60
N SER L 71 40.51 27.77 65.15
CA SER L 71 40.49 29.13 65.73
C SER L 71 39.38 29.26 66.77
N ARG L 72 39.43 30.33 67.55
CA ARG L 72 38.34 30.60 68.49
C ARG L 72 38.09 32.09 68.73
N ASP L 73 37.01 32.40 69.43
CA ASP L 73 36.68 33.77 69.78
C ASP L 73 35.97 33.75 71.12
N ASN L 74 36.75 33.81 72.19
CA ASN L 74 36.19 33.55 73.52
C ASN L 74 35.07 34.51 73.93
N SER L 75 34.99 35.64 73.24
CA SER L 75 33.92 36.61 73.51
C SER L 75 32.58 36.09 73.00
N LYS L 76 32.63 35.07 72.15
CA LYS L 76 31.43 34.53 71.52
C LYS L 76 31.19 33.04 71.84
N ASN L 77 31.99 32.48 72.74
CA ASN L 77 31.94 31.04 73.02
C ASN L 77 31.91 30.24 71.73
N SER L 78 32.87 30.50 70.85
CA SER L 78 32.84 29.93 69.52
C SER L 78 34.16 29.26 69.13
N LEU L 79 34.06 28.11 68.49
CA LEU L 79 35.19 27.40 68.00
C LEU L 79 35.01 27.37 66.49
N TYR L 80 36.08 27.45 65.72
CA TYR L 80 35.94 27.46 64.26
C TYR L 80 36.87 26.45 63.64
N LEU L 81 36.50 25.98 62.46
CA LEU L 81 37.39 25.11 61.69
C LEU L 81 37.37 25.51 60.21
N GLN L 82 38.54 25.84 59.69
CA GLN L 82 38.65 26.30 58.31
C GLN L 82 39.25 25.23 57.43
N MET L 83 38.41 24.59 56.63
CA MET L 83 38.85 23.52 55.77
C MET L 83 39.03 24.08 54.37
N ASN L 84 40.26 24.04 53.87
CA ASN L 84 40.59 24.49 52.51
C ASN L 84 41.13 23.32 51.74
N SER L 85 41.11 23.43 50.42
CA SER L 85 41.70 22.39 49.58
C SER L 85 41.19 21.03 49.99
N LEU L 86 39.87 20.95 50.14
CA LEU L 86 39.17 19.74 50.56
C LEU L 86 39.39 18.53 49.65
N LYS L 87 39.33 17.33 50.23
CA LYS L 87 39.41 16.10 49.46
C LYS L 87 38.16 15.29 49.73
N THR L 88 37.92 14.24 48.97
CA THR L 88 36.79 13.38 49.26
C THR L 88 37.03 12.68 50.60
N GLU L 89 38.28 12.36 50.90
CA GLU L 89 38.65 11.70 52.15
C GLU L 89 38.20 12.50 53.36
N ASP L 90 37.94 13.79 53.16
CA ASP L 90 37.53 14.64 54.26
C ASP L 90 36.03 14.57 54.53
N THR L 91 35.33 13.82 53.69
CA THR L 91 33.90 13.65 53.85
C THR L 91 33.67 12.88 55.13
N ALA L 92 32.96 13.52 56.06
CA ALA L 92 32.65 12.91 57.34
C ALA L 92 31.71 13.69 58.26
N PHE L 93 31.55 13.17 59.46
CA PHE L 93 30.80 13.85 60.48
C PHE L 93 31.80 14.62 61.32
N TYR L 94 31.58 15.92 61.48
CA TYR L 94 32.51 16.72 62.25
C TYR L 94 31.94 17.04 63.62
N PHE L 95 32.66 16.62 64.65
CA PHE L 95 32.29 16.82 66.03
C PHE L 95 33.20 17.83 66.67
N CYS L 96 32.65 18.71 67.49
CA CYS L 96 33.50 19.55 68.31
C CYS L 96 33.39 19.07 69.75
N ALA L 97 34.50 19.07 70.46
CA ALA L 97 34.50 18.55 71.82
C ALA L 97 35.34 19.40 72.76
N LYS L 98 34.91 19.45 74.02
CA LYS L 98 35.61 20.17 75.07
C LYS L 98 36.53 19.20 75.81
N ASP L 99 37.63 19.71 76.35
CA ASP L 99 38.63 18.90 77.05
C ASP L 99 38.57 19.24 78.54
N LYS L 100 38.67 18.24 79.43
CA LYS L 100 38.64 18.50 80.88
C LYS L 100 39.69 19.52 81.29
N GLY L 101 40.83 19.50 80.59
CA GLY L 101 41.88 20.48 80.78
C GLY L 101 42.92 20.12 81.83
N ASP L 102 43.42 18.89 81.82
CA ASP L 102 44.37 18.48 82.86
C ASP L 102 45.83 18.57 82.44
N SER L 103 46.62 19.22 83.31
CA SER L 103 48.03 19.51 83.04
C SER L 103 48.95 19.06 84.17
N ASP L 104 50.16 19.63 84.21
CA ASP L 104 51.24 19.08 85.01
C ASP L 104 52.53 19.89 84.77
N TYS L 105 53.18 20.36 85.83
CA TYS L 105 54.41 21.12 85.67
CB TYS L 105 54.25 22.54 86.19
CG TYS L 105 55.46 23.42 85.96
CD1 TYS L 105 55.90 23.71 84.67
CD2 TYS L 105 56.17 23.97 87.03
CE1 TYS L 105 57.01 24.52 84.46
CE2 TYS L 105 57.28 24.78 86.83
CZ TYS L 105 57.69 25.06 85.54
OH TYS L 105 58.81 25.86 85.31
S TYS L 105 58.65 27.36 85.89
O1 TYS L 105 57.27 27.89 85.59
O2 TYS L 105 58.90 27.37 87.39
O3 TYS L 105 59.68 28.26 85.23
C TYS L 105 55.58 20.44 86.37
O TYS L 105 55.39 19.62 87.27
N ASP L 106 56.79 20.78 85.94
CA ASP L 106 58.04 20.21 86.46
C ASP L 106 59.18 21.15 86.06
N TYS L 107 59.65 21.96 87.00
CA TYS L 107 60.63 23.05 86.75
CB TYS L 107 61.40 23.34 88.06
CG TYS L 107 62.31 24.56 88.08
CD1 TYS L 107 62.23 25.56 87.13
CD2 TYS L 107 63.28 24.70 89.09
CE1 TYS L 107 63.09 26.67 87.16
CE2 TYS L 107 64.14 25.78 89.14
CZ TYS L 107 64.04 26.78 88.17
OH TYS L 107 64.91 27.86 88.26
S TYS L 107 64.93 28.90 87.02
O1 TYS L 107 65.43 28.22 85.75
O2 TYS L 107 65.89 30.04 87.34
O3 TYS L 107 63.55 29.49 86.77
C TYS L 107 61.60 22.90 85.56
O TYS L 107 61.87 23.87 84.85
N ASN L 108 62.15 21.69 85.34
CA ASN L 108 63.13 21.48 84.27
C ASN L 108 62.68 20.58 83.10
N LEU L 109 61.52 19.95 83.24
CA LEU L 109 60.95 19.10 82.16
C LEU L 109 59.90 19.83 81.32
N GLY L 110 59.52 21.04 81.74
CA GLY L 110 58.48 21.82 81.07
C GLY L 110 57.07 21.44 81.52
N TYR L 111 56.09 21.79 80.69
CA TYR L 111 54.71 21.40 80.94
C TYR L 111 54.38 20.05 80.29
N SER L 112 53.35 19.39 80.80
CA SER L 112 52.85 18.14 80.21
C SER L 112 51.32 18.14 80.21
N TYR L 113 50.74 17.95 79.03
CA TYR L 113 49.28 17.99 78.91
C TYR L 113 48.69 16.60 78.69
N PHE L 114 47.53 16.36 79.28
CA PHE L 114 46.88 15.06 79.18
C PHE L 114 45.51 15.22 78.55
N TYR L 115 45.48 15.28 77.23
CA TYR L 115 44.23 15.57 76.53
C TYR L 115 43.26 14.38 76.55
N TYR L 116 41.97 14.70 76.66
CA TYR L 116 40.90 13.71 76.55
C TYR L 116 39.57 14.46 76.72
N MET L 117 38.50 13.93 76.16
CA MET L 117 37.28 14.72 76.02
C MET L 117 36.24 14.59 77.15
N ASP L 118 35.52 15.69 77.35
CA ASP L 118 34.72 15.93 78.53
C ASP L 118 33.27 16.13 78.13
N GLY L 119 33.07 16.58 76.89
CA GLY L 119 31.75 16.74 76.33
C GLY L 119 31.82 16.76 74.82
N TRP L 120 30.74 16.36 74.16
CA TRP L 120 30.71 16.39 72.71
C TRP L 120 29.47 17.09 72.18
N GLY L 121 29.53 17.52 70.94
CA GLY L 121 28.37 18.12 70.29
C GLY L 121 27.61 17.04 69.54
N LYS L 122 26.59 17.45 68.78
CA LYS L 122 25.76 16.51 68.04
C LYS L 122 26.40 16.10 66.71
N GLY L 123 27.15 17.03 66.13
CA GLY L 123 27.80 16.77 64.86
C GLY L 123 27.27 17.70 63.77
N THR L 124 28.00 17.76 62.67
CA THR L 124 27.55 18.47 61.48
C THR L 124 28.16 17.76 60.27
N THR L 125 27.40 17.68 59.18
CA THR L 125 27.80 16.81 58.09
C THR L 125 28.51 17.51 56.95
N VAL L 126 29.68 16.98 56.59
CA VAL L 126 30.44 17.55 55.50
C VAL L 126 30.62 16.51 54.40
N THR L 127 30.15 16.86 53.20
CA THR L 127 30.26 16.00 52.04
C THR L 127 31.09 16.65 50.95
N VAL L 128 32.09 15.92 50.49
CA VAL L 128 32.94 16.41 49.42
C VAL L 128 32.74 15.53 48.19
N SER L 129 32.09 16.09 47.17
CA SER L 129 31.78 15.33 45.96
C SER L 129 31.86 16.16 44.69
N SER L 130 32.39 15.53 43.64
CA SER L 130 32.45 16.12 42.31
C SER L 130 31.08 16.13 41.67
N ALA L 131 30.40 15.00 41.79
CA ALA L 131 29.02 14.90 41.37
C ALA L 131 28.18 16.11 41.86
N SER L 132 27.06 16.32 41.20
CA SER L 132 26.17 17.42 41.51
C SER L 132 24.74 16.92 41.59
N THR L 133 23.87 17.75 42.15
CA THR L 133 22.48 17.34 42.37
C THR L 133 21.89 16.60 41.17
N LYS L 134 21.19 15.50 41.45
CA LYS L 134 20.53 14.66 40.46
C LYS L 134 19.43 13.85 41.15
N GLY L 135 18.21 13.89 40.61
CA GLY L 135 17.11 13.10 41.15
C GLY L 135 17.27 11.62 40.84
N PRO L 136 16.53 10.76 41.56
CA PRO L 136 16.73 9.31 41.46
C PRO L 136 15.93 8.69 40.35
N SER L 137 16.39 7.55 39.83
CA SER L 137 15.56 6.72 38.96
C SER L 137 14.95 5.65 39.84
N VAL L 138 13.71 5.29 39.57
CA VAL L 138 13.03 4.33 40.44
C VAL L 138 12.60 3.08 39.71
N PHE L 139 13.10 1.94 40.17
CA PHE L 139 12.78 0.65 39.56
C PHE L 139 12.05 -0.29 40.50
N PRO L 140 11.11 -1.04 39.93
CA PRO L 140 10.32 -2.03 40.65
C PRO L 140 11.11 -3.29 40.98
N LEU L 141 11.08 -3.68 42.24
CA LEU L 141 11.51 -4.99 42.68
C LEU L 141 10.28 -5.88 42.79
N ALA L 142 9.92 -6.50 41.67
CA ALA L 142 8.68 -7.26 41.59
C ALA L 142 8.81 -8.58 42.32
N PRO L 143 7.76 -8.97 43.06
CA PRO L 143 7.73 -10.23 43.83
C PRO L 143 7.54 -11.44 42.93
N SER L 144 7.80 -12.66 43.42
CA SER L 144 7.44 -13.86 42.64
C SER L 144 7.02 -15.08 43.47
N SER L 149 5.45 -16.91 46.73
CA SER L 149 4.07 -17.41 46.83
C SER L 149 3.93 -18.65 47.74
N GLY L 150 4.20 -18.47 49.04
CA GLY L 150 4.05 -19.54 50.03
C GLY L 150 3.33 -19.10 51.31
N GLY L 151 4.09 -18.56 52.26
CA GLY L 151 3.51 -17.97 53.46
C GLY L 151 3.34 -16.47 53.26
N THR L 152 4.41 -15.83 52.81
CA THR L 152 4.38 -14.43 52.38
C THR L 152 5.36 -14.15 51.22
N ALA L 153 5.33 -12.91 50.72
CA ALA L 153 6.17 -12.47 49.60
C ALA L 153 6.78 -11.11 49.89
N ALA L 154 7.90 -10.84 49.24
CA ALA L 154 8.56 -9.56 49.37
C ALA L 154 8.61 -8.81 48.04
N LEU L 155 8.32 -7.53 48.10
CA LEU L 155 8.43 -6.66 46.94
C LEU L 155 9.06 -5.31 47.36
N GLY L 156 9.56 -4.56 46.38
CA GLY L 156 10.28 -3.34 46.70
C GLY L 156 10.59 -2.37 45.58
N CYS L 157 11.43 -1.40 45.92
CA CYS L 157 11.84 -0.32 45.03
C CYS L 157 13.35 -0.23 45.05
N LEU L 158 13.94 -0.26 43.86
CA LEU L 158 15.33 0.13 43.71
C LEU L 158 15.35 1.63 43.41
N VAL L 159 15.94 2.41 44.29
CA VAL L 159 16.08 3.85 44.07
C VAL L 159 17.51 4.17 43.63
N LYS L 160 17.70 4.31 42.31
CA LYS L 160 19.03 4.35 41.69
C LYS L 160 19.59 5.75 41.38
N ASP L 161 20.91 5.85 41.48
CA ASP L 161 21.72 6.97 41.00
C ASP L 161 21.20 8.37 41.31
N TYR L 162 21.34 8.79 42.56
CA TYR L 162 20.96 10.13 42.96
C TYR L 162 22.07 10.79 43.80
N PHE L 163 21.84 12.03 44.18
CA PHE L 163 22.81 12.83 44.90
C PHE L 163 22.22 14.22 45.09
N PRO L 164 22.44 14.82 46.26
CA PRO L 164 23.17 14.23 47.37
C PRO L 164 22.13 13.47 48.18
N GLU L 165 22.49 13.08 49.40
CA GLU L 165 21.50 12.48 50.30
C GLU L 165 20.61 13.55 50.92
N PRO L 166 19.49 13.14 51.52
CA PRO L 166 18.92 11.78 51.57
C PRO L 166 17.64 11.58 50.73
N VAL L 167 17.32 10.32 50.50
CA VAL L 167 16.02 9.97 49.93
C VAL L 167 15.12 9.46 51.06
N THR L 168 13.82 9.67 50.93
CA THR L 168 12.87 9.06 51.86
C THR L 168 11.82 8.24 51.10
N VAL L 169 11.47 7.08 51.61
CA VAL L 169 10.50 6.25 50.95
C VAL L 169 9.34 5.89 51.85
N SER L 170 8.12 5.97 51.31
CA SER L 170 6.96 5.47 52.03
C SER L 170 6.21 4.52 51.11
N TRP L 171 5.19 3.83 51.61
CA TRP L 171 4.36 3.01 50.75
C TRP L 171 2.91 3.41 50.88
N ASN L 172 2.16 3.31 49.78
CA ASN L 172 0.75 3.68 49.76
C ASN L 172 0.45 5.00 50.48
N SER L 173 1.29 5.98 50.19
CA SER L 173 1.16 7.34 50.71
C SER L 173 1.11 7.38 52.23
N GLY L 174 1.87 6.50 52.87
CA GLY L 174 1.98 6.52 54.32
C GLY L 174 1.14 5.48 55.02
N ALA L 175 0.14 4.95 54.33
CA ALA L 175 -0.80 4.04 54.96
C ALA L 175 -0.34 2.59 55.09
N LEU L 176 0.90 2.32 54.71
CA LEU L 176 1.47 0.99 54.87
C LEU L 176 2.79 1.15 55.60
N THR L 177 2.84 0.61 56.81
CA THR L 177 4.06 0.71 57.61
C THR L 177 4.42 -0.67 58.10
N SER L 178 3.41 -1.54 58.21
CA SER L 178 3.65 -2.89 58.67
C SER L 178 4.41 -3.71 57.61
N GLY L 179 5.69 -4.00 57.89
CA GLY L 179 6.46 -4.94 57.09
C GLY L 179 7.48 -4.25 56.24
N VAL L 180 7.55 -2.93 56.43
CA VAL L 180 8.35 -2.04 55.60
C VAL L 180 9.74 -1.81 56.14
N HIS L 181 10.74 -2.01 55.28
CA HIS L 181 12.09 -1.62 55.65
C HIS L 181 12.81 -0.90 54.51
N THR L 182 13.28 0.30 54.81
CA THR L 182 14.06 1.08 53.88
C THR L 182 15.50 1.01 54.31
N PHE L 183 16.37 0.47 53.47
CA PHE L 183 17.78 0.33 53.80
C PHE L 183 18.61 1.62 53.77
N PRO L 184 19.86 1.54 54.24
CA PRO L 184 20.80 2.64 54.05
C PRO L 184 21.27 2.69 52.60
N ALA L 185 21.82 3.82 52.20
CA ALA L 185 22.27 3.99 50.83
C ALA L 185 23.69 3.49 50.71
N VAL L 186 24.03 2.93 49.55
CA VAL L 186 25.42 2.66 49.24
C VAL L 186 25.88 3.78 48.31
N LEU L 187 27.16 4.11 48.32
CA LEU L 187 27.69 5.12 47.42
C LEU L 187 28.55 4.43 46.37
N GLN L 188 28.15 4.52 45.11
CA GLN L 188 28.83 3.77 44.05
C GLN L 188 30.04 4.54 43.51
N SER L 189 30.78 3.87 42.61
CA SER L 189 31.98 4.43 41.99
C SER L 189 31.66 5.76 41.33
N SER L 190 30.46 5.84 40.77
CA SER L 190 30.01 7.02 40.06
C SER L 190 29.87 8.26 40.95
N GLY L 191 30.02 8.08 42.26
CA GLY L 191 29.84 9.18 43.18
C GLY L 191 28.37 9.42 43.45
N LEU L 192 27.55 8.51 42.92
CA LEU L 192 26.10 8.55 43.07
C LEU L 192 25.56 7.53 44.09
N TYR L 193 24.48 7.88 44.77
CA TYR L 193 23.87 7.01 45.78
C TYR L 193 22.73 6.14 45.23
N SER L 194 22.51 5.00 45.87
CA SER L 194 21.43 4.07 45.54
C SER L 194 20.96 3.41 46.82
N LEU L 195 19.65 3.23 46.97
CA LEU L 195 19.12 2.49 48.11
C LEU L 195 17.94 1.66 47.69
N SER L 196 17.46 0.78 48.56
CA SER L 196 16.24 0.01 48.28
C SER L 196 15.23 0.13 49.42
N SER L 197 14.01 -0.28 49.13
CA SER L 197 13.00 -0.38 50.16
C SER L 197 12.16 -1.62 49.89
N VAL L 198 11.93 -2.42 50.92
CA VAL L 198 11.08 -3.58 50.78
C VAL L 198 9.93 -3.56 51.74
N VAL L 199 8.91 -4.29 51.39
CA VAL L 199 7.83 -4.53 52.30
C VAL L 199 7.41 -6.00 52.09
N THR L 200 7.18 -6.72 53.19
CA THR L 200 6.72 -8.10 53.11
C THR L 200 5.21 -8.13 53.32
N VAL L 201 4.53 -8.93 52.52
CA VAL L 201 3.08 -8.85 52.44
C VAL L 201 2.43 -10.20 52.27
N PRO L 202 1.18 -10.33 52.78
CA PRO L 202 0.33 -11.50 52.57
C PRO L 202 0.40 -12.00 51.13
N SER L 203 1.08 -13.14 50.97
CA SER L 203 1.32 -13.72 49.66
C SER L 203 0.05 -13.79 48.84
N SER L 204 -1.07 -14.05 49.50
CA SER L 204 -2.36 -14.24 48.83
C SER L 204 -2.89 -12.95 48.20
N SER L 205 -2.89 -11.89 49.01
CA SER L 205 -3.39 -10.59 48.58
C SER L 205 -2.42 -9.87 47.65
N LEU L 206 -2.20 -10.43 46.47
CA LEU L 206 -1.19 -9.91 45.57
C LEU L 206 -1.82 -9.54 44.23
N GLY L 207 -2.97 -10.13 43.93
CA GLY L 207 -3.67 -9.82 42.71
C GLY L 207 -4.75 -8.81 43.02
N THR L 208 -4.97 -8.60 44.32
CA THR L 208 -6.03 -7.72 44.78
C THR L 208 -5.50 -6.41 45.35
N GLN L 209 -4.91 -6.48 46.54
CA GLN L 209 -4.32 -5.32 47.18
C GLN L 209 -3.21 -4.70 46.28
N THR L 210 -3.14 -3.37 46.24
CA THR L 210 -2.25 -2.64 45.33
C THR L 210 -1.14 -1.82 46.03
N TYR L 211 0.12 -2.09 45.66
CA TYR L 211 1.29 -1.54 46.37
C TYR L 211 2.05 -0.50 45.54
N ILE L 212 2.16 0.68 46.09
CA ILE L 212 2.82 1.80 45.44
C ILE L 212 3.83 2.38 46.40
N CYS L 213 5.04 2.60 45.92
CA CYS L 213 6.00 3.28 46.77
C CYS L 213 6.20 4.71 46.32
N ASN L 214 6.34 5.60 47.30
CA ASN L 214 6.54 7.00 47.02
C ASN L 214 7.92 7.39 47.50
N VAL L 215 8.74 7.82 46.54
CA VAL L 215 10.10 8.25 46.79
C VAL L 215 10.11 9.77 46.83
N ASN L 216 10.89 10.34 47.73
CA ASN L 216 11.03 11.78 47.79
C ASN L 216 12.49 12.15 47.93
N HIS L 217 12.97 13.04 47.06
CA HIS L 217 14.34 13.53 47.11
C HIS L 217 14.36 15.05 47.15
N LYS L 218 14.30 15.65 48.34
CA LYS L 218 14.17 17.11 48.44
C LYS L 218 15.31 17.93 47.80
N PRO L 219 16.55 17.42 47.86
CA PRO L 219 17.69 18.11 47.24
C PRO L 219 17.50 18.48 45.77
N SER L 220 16.68 17.73 45.06
CA SER L 220 16.43 18.00 43.64
C SER L 220 14.96 18.30 43.38
N ASN L 221 14.18 18.43 44.45
CA ASN L 221 12.75 18.70 44.32
C ASN L 221 12.06 17.72 43.38
N THR L 222 12.46 16.46 43.47
CA THR L 222 11.84 15.38 42.73
C THR L 222 10.97 14.55 43.69
N LYS L 223 9.89 14.00 43.15
CA LYS L 223 9.03 13.11 43.89
C LYS L 223 8.46 12.11 42.88
N VAL L 224 8.58 10.82 43.17
CA VAL L 224 8.20 9.80 42.23
C VAL L 224 7.26 8.84 42.90
N ASP L 225 6.26 8.38 42.15
CA ASP L 225 5.37 7.32 42.61
C ASP L 225 5.46 6.18 41.64
N LYS L 226 5.64 4.96 42.13
CA LYS L 226 5.76 3.82 41.26
C LYS L 226 4.94 2.66 41.83
N LYS L 227 4.12 2.05 40.99
CA LYS L 227 3.32 0.93 41.43
C LYS L 227 4.14 -0.30 41.12
N VAL L 228 4.25 -1.17 42.10
CA VAL L 228 4.98 -2.41 41.95
C VAL L 228 3.98 -3.55 41.76
N GLU L 229 4.01 -4.14 40.57
CA GLU L 229 3.12 -5.25 40.27
C GLU L 229 3.95 -6.48 40.02
N PRO L 230 3.41 -7.64 40.40
CA PRO L 230 4.03 -8.93 40.10
C PRO L 230 4.24 -9.06 38.60
N LYS L 231 5.28 -9.81 38.21
CA LYS L 231 5.72 -9.87 36.81
C LYS L 231 5.01 -11.00 36.09
N SER L 232 4.79 -10.82 34.79
CA SER L 232 3.95 -11.76 34.01
C SER L 232 4.67 -12.56 32.91
N CYS L 233 5.57 -11.90 32.19
CA CYS L 233 6.33 -12.49 31.08
C CYS L 233 5.56 -13.52 30.24
C1 PEG M . -26.24 -23.36 -25.38
O1 PEG M . -27.57 -23.46 -24.85
C2 PEG M . -26.17 -22.59 -26.71
O2 PEG M . -25.06 -21.69 -26.74
C3 PEG M . -24.47 -21.47 -28.03
C4 PEG M . -23.35 -20.41 -27.95
O4 PEG M . -22.59 -20.30 -29.18
C1 PEG N . 0.59 15.90 5.11
O1 PEG N . 1.27 15.29 3.99
C2 PEG N . 0.08 14.90 6.16
O2 PEG N . -0.47 15.54 7.34
C3 PEG N . -0.92 14.66 8.41
C4 PEG N . -1.37 15.42 9.68
O4 PEG N . -2.16 14.65 10.62
C1 PEG O . -28.21 14.73 28.90
O1 PEG O . -27.81 13.68 28.00
C2 PEG O . -29.32 14.26 29.84
O2 PEG O . -29.40 14.99 31.08
C3 PEG O . -30.73 15.01 31.59
C4 PEG O . -30.83 15.74 32.92
O4 PEG O . -30.42 17.11 32.83
C1 PEG P . 0.29 -20.39 -54.92
O1 PEG P . 1.22 -19.32 -55.22
C2 PEG P . -1.17 -19.93 -54.81
O2 PEG P . -2.08 -21.03 -54.55
C3 PEG P . -3.49 -20.70 -54.69
C4 PEG P . -4.40 -21.92 -54.46
O4 PEG P . -5.80 -21.58 -54.58
C1 PEG Q . 29.11 23.04 -14.49
O1 PEG Q . 28.56 24.25 -13.94
C2 PEG Q . 29.04 23.03 -16.03
O2 PEG Q . 30.19 22.42 -16.68
C3 PEG Q . 29.90 21.52 -17.78
C4 PEG Q . 31.16 20.96 -18.48
O4 PEG Q . 30.86 19.91 -19.42
C1 PEG R . 28.55 1.31 63.82
O1 PEG R . 27.75 2.25 63.08
C2 PEG R . 29.87 0.99 63.11
O2 PEG R . 30.95 0.64 64.01
C3 PEG R . 32.22 0.53 63.33
C4 PEG R . 33.38 0.46 64.32
O4 PEG R . 34.10 -0.78 64.17
#